data_8STA
#
_entry.id   8STA
#
_cell.length_a   1.00
_cell.length_b   1.00
_cell.length_c   1.00
_cell.angle_alpha   90.00
_cell.angle_beta   90.00
_cell.angle_gamma   90.00
#
_symmetry.space_group_name_H-M   'P 1'
#
_entity_poly.entity_id   1
_entity_poly.type   'polypeptide(L)'
_entity_poly.pdbx_seq_one_letter_code
;MGSSHHHHHHSSGLVPRGSHMTDLSDVSRTAAAKPPAVPGRGPANKVRFVTAASLFDGHDASINIMRRILQSQGCEVIHL
GHNRSVQEVVTAALQEDVQGIAISSYQGGHVEYFKYMIDLLREHGGEHIQVFGGGGGVIVPDEIRELQAYGVARIYSPED
GQRMGLAGMITDMAQRCDIDLTRYAPTTLDTVVAGDRRALAQLITALENGKADPELVSALHAQAKAAAVPVLGITGTGGA
GKSSLTDELIRRFRLDQDDALSIAVISIDPSRRKSGGALLGDRIRMNAINHPNIFMRSLATREAGSEISQALPDVIAACK
AARFDLVIVETSGIGQGDAAIVPHVDLSLYVMTPEFGAASQLEKIDMLDFADFVAINKFDRKGAQDAWRDVAKQVQRNRE
QWHSRAEDMPVYGTQASRFNDDGVTMLYQGLVGALGARGMSLKPGTLPNLEGRISTGQNVIVPPARSRYLAELADTVRAY
HRRVVAQSKLARERQQLRAAHDMLQGAGHESAALETLASERDVSLGAVERKLLAMWPQMQQAYSGDEYVVKIRDKEIRTG
LISTTLSGTKIRKVVLPRFEDEGEILKWLMRENVPGSFPYTAGVFAFKREGEDPTRMFAGEGDAFRTNRRFKLVSEGMEA
KRLSTAFDSVTLYGEDPHERPDIYGKVGNSGVSIATLEDMKVLYDGFDLTNPSTSVSMTINGPAPTILAMFMNTAIDQQI
DRFRADNGRDPTADEEAKIRAWVLQNVRGTVQADILKEDQGQNTCIFSTEFSLKVMGDIQEYFVHHQVRNFYSVSISGYH
IAEAGANPISQLAFTLANGFTYVEAYLARGMHIDDFAPNLSFFFSNGMDPEYSVLGRVARRIWAVTMRDKYGANDRSQKL
KYHIQTSGRSLHAQEIDFNDIRTTLQALIAIYDNCNSLHTNAYDEAITTPTAESVRRALAIQLIINREWGVAKCENPNQG
SFLIEELTDLVEEAVLQEFERIAERGGVLGAMETGYQRGKIQEESLYYEQLKHDGTLPIIGVNTFRNPNGDPTPQTLELA
RSSEDEKQSQLHRLTEFHGAHQADAEAMLARLRQAVIDNRNVFAVLMDAVRVCSLGQITHALFEVGGQYRRNM
;
_entity_poly.pdbx_strand_id   A,B,C,D
#
# COMPACT_ATOMS: atom_id res chain seq x y z
N GLY A 42 13.14 -68.03 -16.60
CA GLY A 42 14.08 -69.04 -17.02
C GLY A 42 13.68 -69.74 -18.30
N PRO A 43 13.85 -69.07 -19.44
CA PRO A 43 13.48 -69.66 -20.72
C PRO A 43 14.41 -70.80 -21.10
N ALA A 44 13.83 -71.75 -21.85
CA ALA A 44 14.63 -72.85 -22.38
C ALA A 44 15.64 -72.35 -23.41
N ASN A 45 15.23 -71.41 -24.26
CA ASN A 45 16.07 -70.82 -25.29
C ASN A 45 16.30 -69.35 -25.00
N LYS A 46 17.10 -68.72 -25.86
CA LYS A 46 17.23 -67.26 -25.83
C LYS A 46 15.97 -66.65 -26.42
N VAL A 47 15.26 -65.86 -25.62
CA VAL A 47 13.96 -65.33 -26.02
C VAL A 47 14.06 -63.83 -26.22
N ARG A 48 13.73 -63.37 -27.43
CA ARG A 48 13.84 -61.98 -27.80
C ARG A 48 12.47 -61.34 -27.76
N PHE A 49 12.41 -60.06 -27.39
CA PHE A 49 11.16 -59.34 -27.24
C PHE A 49 11.31 -57.90 -27.66
N VAL A 50 10.18 -57.26 -27.97
CA VAL A 50 10.13 -55.85 -28.32
C VAL A 50 9.01 -55.20 -27.54
N THR A 51 9.30 -54.06 -26.92
CA THR A 51 8.32 -53.28 -26.18
C THR A 51 8.31 -51.86 -26.72
N ALA A 52 7.13 -51.27 -26.81
CA ALA A 52 6.99 -49.90 -27.28
C ALA A 52 5.57 -49.40 -27.02
N ALA A 53 5.34 -48.15 -27.40
CA ALA A 53 4.04 -47.53 -27.36
C ALA A 53 3.64 -47.09 -28.76
N SER A 54 2.40 -46.63 -28.89
CA SER A 54 1.86 -46.28 -30.19
C SER A 54 2.46 -44.98 -30.72
N LEU A 55 2.16 -44.69 -31.98
CA LEU A 55 2.54 -43.41 -32.56
C LEU A 55 1.76 -42.28 -31.92
N PHE A 56 2.35 -41.08 -31.96
CA PHE A 56 1.76 -39.88 -31.35
C PHE A 56 1.59 -40.05 -29.84
N ASP A 57 2.66 -40.49 -29.16
CA ASP A 57 2.64 -40.69 -27.72
C ASP A 57 3.63 -39.72 -27.07
N GLY A 58 3.27 -39.22 -25.90
CA GLY A 58 4.07 -38.20 -25.25
C GLY A 58 4.80 -38.63 -24.00
N HIS A 59 4.20 -39.53 -23.21
CA HIS A 59 4.75 -39.91 -21.91
C HIS A 59 5.10 -41.39 -21.91
N ASP A 60 6.27 -41.72 -21.38
CA ASP A 60 6.81 -43.07 -21.47
C ASP A 60 7.43 -43.58 -20.17
N ALA A 61 7.41 -42.78 -19.10
CA ALA A 61 8.12 -43.16 -17.89
C ALA A 61 7.56 -44.44 -17.28
N SER A 62 6.24 -44.59 -17.26
CA SER A 62 5.64 -45.78 -16.67
C SER A 62 6.06 -47.03 -17.42
N ILE A 63 5.92 -47.00 -18.75
CA ILE A 63 6.33 -48.14 -19.56
C ILE A 63 7.84 -48.32 -19.48
N ASN A 64 8.59 -47.24 -19.25
CA ASN A 64 10.02 -47.37 -19.08
C ASN A 64 10.36 -48.16 -17.83
N ILE A 65 9.69 -47.86 -16.72
CA ILE A 65 9.87 -48.64 -15.50
C ILE A 65 9.43 -50.08 -15.70
N MET A 66 8.31 -50.29 -16.40
CA MET A 66 7.89 -51.64 -16.72
C MET A 66 8.99 -52.40 -17.45
N ARG A 67 9.57 -51.78 -18.47
CA ARG A 67 10.66 -52.39 -19.21
C ARG A 67 11.87 -52.64 -18.32
N ARG A 68 12.11 -51.75 -17.35
CA ARG A 68 13.19 -51.99 -16.40
C ARG A 68 12.94 -53.27 -15.62
N ILE A 69 11.70 -53.46 -15.17
CA ILE A 69 11.34 -54.70 -14.48
C ILE A 69 11.55 -55.89 -15.40
N LEU A 70 11.11 -55.78 -16.64
CA LEU A 70 11.19 -56.92 -17.57
C LEU A 70 12.63 -57.31 -17.83
N GLN A 71 13.49 -56.33 -18.13
CA GLN A 71 14.89 -56.63 -18.39
C GLN A 71 15.58 -57.12 -17.13
N SER A 72 15.16 -56.64 -15.96
CA SER A 72 15.69 -57.17 -14.71
C SER A 72 15.31 -58.64 -14.55
N GLN A 73 14.14 -59.03 -15.05
CA GLN A 73 13.76 -60.44 -15.03
C GLN A 73 14.67 -61.28 -15.92
N GLY A 74 15.41 -60.67 -16.84
CA GLY A 74 16.30 -61.42 -17.69
C GLY A 74 15.74 -61.73 -19.05
N CYS A 75 15.20 -60.73 -19.73
CA CYS A 75 14.56 -60.89 -21.02
C CYS A 75 15.34 -60.11 -22.08
N GLU A 76 15.51 -60.71 -23.25
CA GLU A 76 16.20 -60.06 -24.36
C GLU A 76 15.23 -59.14 -25.08
N VAL A 77 15.42 -57.84 -24.93
CA VAL A 77 14.45 -56.84 -25.38
C VAL A 77 15.16 -55.78 -26.21
N ILE A 78 14.52 -55.37 -27.31
CA ILE A 78 14.96 -54.23 -28.11
C ILE A 78 13.84 -53.21 -28.03
N HIS A 79 14.13 -52.07 -27.43
CA HIS A 79 13.14 -50.99 -27.29
C HIS A 79 13.57 -49.79 -28.12
N LEU A 80 12.59 -49.11 -28.71
CA LEU A 80 12.85 -47.96 -29.57
C LEU A 80 12.20 -46.67 -29.08
N GLY A 81 11.27 -46.73 -28.13
CA GLY A 81 10.66 -45.53 -27.61
C GLY A 81 9.33 -45.19 -28.24
N HIS A 82 8.94 -43.94 -28.05
CA HIS A 82 7.61 -43.46 -28.41
C HIS A 82 7.51 -43.19 -29.91
N ASN A 83 6.27 -43.16 -30.40
CA ASN A 83 5.95 -42.76 -31.77
C ASN A 83 6.72 -43.61 -32.78
N ARG A 84 6.44 -44.91 -32.75
CA ARG A 84 7.12 -45.88 -33.60
C ARG A 84 6.14 -46.42 -34.63
N SER A 85 6.53 -46.33 -35.89
CA SER A 85 5.66 -46.75 -36.98
C SER A 85 5.33 -48.23 -36.87
N VAL A 86 4.03 -48.53 -36.95
CA VAL A 86 3.57 -49.91 -36.84
C VAL A 86 4.18 -50.75 -37.96
N GLN A 87 4.20 -50.22 -39.17
CA GLN A 87 4.85 -50.92 -40.27
C GLN A 87 6.35 -51.06 -40.03
N GLU A 88 7.00 -49.99 -39.58
CA GLU A 88 8.43 -50.05 -39.29
C GLU A 88 8.70 -51.03 -38.17
N VAL A 89 7.88 -51.01 -37.13
CA VAL A 89 8.04 -51.95 -36.03
C VAL A 89 7.87 -53.38 -36.53
N VAL A 90 6.87 -53.62 -37.39
CA VAL A 90 6.62 -54.95 -37.92
C VAL A 90 7.82 -55.42 -38.73
N THR A 91 8.36 -54.56 -39.58
CA THR A 91 9.50 -54.92 -40.39
C THR A 91 10.72 -55.21 -39.54
N ALA A 92 10.96 -54.37 -38.52
CA ALA A 92 12.08 -54.58 -37.62
C ALA A 92 11.94 -55.91 -36.89
N ALA A 93 10.73 -56.22 -36.41
CA ALA A 93 10.52 -57.49 -35.72
C ALA A 93 10.72 -58.67 -36.65
N LEU A 94 10.17 -58.59 -37.87
CA LEU A 94 10.31 -59.68 -38.82
C LEU A 94 11.77 -59.89 -39.21
N GLN A 95 12.57 -58.83 -39.21
CA GLN A 95 13.98 -58.98 -39.53
C GLN A 95 14.78 -59.46 -38.32
N GLU A 96 14.31 -59.14 -37.11
CA GLU A 96 15.00 -59.56 -35.90
C GLU A 96 14.45 -60.85 -35.32
N ASP A 97 13.20 -61.19 -35.63
CA ASP A 97 12.59 -62.46 -35.24
C ASP A 97 12.58 -62.64 -33.72
N VAL A 98 11.85 -61.75 -33.05
CA VAL A 98 11.71 -61.81 -31.61
C VAL A 98 10.49 -62.65 -31.26
N GLN A 99 10.44 -63.12 -30.01
CA GLN A 99 9.40 -64.06 -29.60
C GLN A 99 8.11 -63.37 -29.17
N GLY A 100 8.19 -62.42 -28.25
CA GLY A 100 7.00 -61.80 -27.71
C GLY A 100 7.07 -60.30 -27.85
N ILE A 101 5.91 -59.67 -27.77
CA ILE A 101 5.78 -58.22 -27.94
C ILE A 101 5.05 -57.67 -26.73
N ALA A 102 5.62 -56.63 -26.12
CA ALA A 102 4.95 -55.88 -25.06
C ALA A 102 4.48 -54.56 -25.63
N ILE A 103 3.22 -54.22 -25.36
CA ILE A 103 2.60 -53.03 -25.91
C ILE A 103 2.03 -52.18 -24.78
N SER A 104 2.27 -50.89 -24.83
CA SER A 104 1.64 -49.92 -23.95
C SER A 104 0.80 -48.97 -24.79
N SER A 105 -0.51 -48.98 -24.57
CA SER A 105 -1.45 -48.18 -25.36
C SER A 105 -2.24 -47.31 -24.40
N TYR A 106 -1.69 -46.14 -24.06
CA TYR A 106 -2.34 -45.21 -23.15
C TYR A 106 -3.15 -44.14 -23.84
N GLN A 107 -3.24 -44.18 -25.18
CA GLN A 107 -3.94 -43.15 -25.93
C GLN A 107 -5.12 -43.69 -26.74
N GLY A 108 -5.39 -44.99 -26.67
CA GLY A 108 -6.48 -45.57 -27.41
C GLY A 108 -6.20 -45.60 -28.91
N GLY A 109 -7.24 -45.94 -29.67
CA GLY A 109 -7.11 -46.05 -31.11
C GLY A 109 -6.12 -47.11 -31.56
N HIS A 110 -5.48 -47.80 -30.63
CA HIS A 110 -4.51 -48.83 -30.95
C HIS A 110 -5.12 -50.01 -31.66
N VAL A 111 -6.43 -50.22 -31.51
CA VAL A 111 -7.08 -51.42 -32.03
C VAL A 111 -6.82 -51.56 -33.53
N GLU A 112 -6.77 -50.43 -34.24
CA GLU A 112 -6.42 -50.47 -35.65
C GLU A 112 -5.05 -51.11 -35.85
N TYR A 113 -4.04 -50.64 -35.10
CA TYR A 113 -2.72 -51.25 -35.19
C TYR A 113 -2.78 -52.72 -34.85
N PHE A 114 -3.50 -53.05 -33.78
CA PHE A 114 -3.60 -54.45 -33.35
C PHE A 114 -4.11 -55.33 -34.47
N LYS A 115 -5.33 -55.08 -34.94
CA LYS A 115 -5.93 -55.94 -35.95
C LYS A 115 -5.14 -55.92 -37.25
N TYR A 116 -4.70 -54.74 -37.66
CA TYR A 116 -3.99 -54.59 -38.93
C TYR A 116 -2.66 -55.35 -38.91
N MET A 117 -1.87 -55.17 -37.85
CA MET A 117 -0.63 -55.90 -37.71
C MET A 117 -0.87 -57.39 -37.53
N ILE A 118 -1.97 -57.77 -36.88
CA ILE A 118 -2.29 -59.19 -36.75
C ILE A 118 -2.52 -59.81 -38.11
N ASP A 119 -3.30 -59.13 -38.95
CA ASP A 119 -3.50 -59.62 -40.32
C ASP A 119 -2.18 -59.71 -41.06
N LEU A 120 -1.34 -58.67 -40.93
CA LEU A 120 -0.07 -58.65 -41.64
C LEU A 120 0.85 -59.79 -41.21
N LEU A 121 0.95 -60.05 -39.91
CA LEU A 121 1.94 -61.01 -39.44
C LEU A 121 1.43 -62.45 -39.53
N ARG A 122 0.13 -62.66 -39.31
CA ARG A 122 -0.44 -63.95 -39.65
C ARG A 122 -0.26 -64.23 -41.13
N GLU A 123 -0.33 -63.20 -41.96
CA GLU A 123 0.06 -63.34 -43.36
C GLU A 123 1.56 -63.54 -43.51
N HIS A 124 2.36 -62.94 -42.62
CA HIS A 124 3.81 -63.03 -42.69
C HIS A 124 4.34 -64.07 -41.71
N GLY A 125 3.50 -65.01 -41.32
CA GLY A 125 3.93 -66.09 -40.44
C GLY A 125 4.45 -65.64 -39.10
N GLY A 126 3.78 -64.65 -38.50
CA GLY A 126 4.17 -64.19 -37.17
C GLY A 126 3.23 -64.69 -36.10
N GLU A 127 2.44 -65.71 -36.43
CA GLU A 127 1.45 -66.23 -35.50
C GLU A 127 2.10 -66.80 -34.24
N HIS A 128 3.16 -67.59 -34.40
CA HIS A 128 3.90 -68.10 -33.26
C HIS A 128 4.60 -66.99 -32.47
N ILE A 129 4.83 -65.85 -33.10
CA ILE A 129 5.44 -64.72 -32.41
C ILE A 129 4.40 -64.09 -31.50
N GLN A 130 4.65 -64.12 -30.20
CA GLN A 130 3.69 -63.67 -29.20
C GLN A 130 3.63 -62.14 -29.19
N VAL A 131 2.47 -61.61 -28.79
CA VAL A 131 2.26 -60.18 -28.64
C VAL A 131 1.43 -59.97 -27.38
N PHE A 132 1.80 -58.97 -26.59
CA PHE A 132 1.07 -58.63 -25.38
C PHE A 132 0.93 -57.13 -25.27
N GLY A 133 -0.24 -56.69 -24.80
CA GLY A 133 -0.51 -55.28 -24.68
C GLY A 133 -1.20 -54.95 -23.38
N GLY A 134 -0.91 -53.74 -22.90
CA GLY A 134 -1.57 -53.21 -21.72
C GLY A 134 -1.50 -51.70 -21.69
N GLY A 135 -2.64 -51.05 -21.51
CA GLY A 135 -2.68 -49.60 -21.57
C GLY A 135 -3.40 -48.94 -20.42
N GLY A 136 -3.38 -49.59 -19.25
CA GLY A 136 -4.01 -49.01 -18.09
C GLY A 136 -5.52 -48.98 -18.23
N GLY A 137 -6.14 -47.91 -17.72
CA GLY A 137 -7.58 -47.79 -17.70
C GLY A 137 -8.21 -47.31 -18.99
N VAL A 138 -7.41 -47.06 -20.02
CA VAL A 138 -7.97 -46.62 -21.30
C VAL A 138 -8.91 -47.66 -21.87
N ILE A 139 -8.57 -48.94 -21.70
CA ILE A 139 -9.35 -50.04 -22.25
C ILE A 139 -10.64 -50.17 -21.43
N VAL A 140 -11.76 -49.85 -22.05
CA VAL A 140 -13.09 -50.03 -21.45
C VAL A 140 -13.32 -51.52 -21.27
N PRO A 141 -13.96 -51.97 -20.18
CA PRO A 141 -14.28 -53.40 -20.06
C PRO A 141 -15.09 -53.91 -21.25
N ASP A 142 -15.99 -53.11 -21.79
CA ASP A 142 -16.63 -53.46 -23.05
C ASP A 142 -15.60 -53.56 -24.17
N GLU A 143 -14.69 -52.59 -24.24
CA GLU A 143 -13.63 -52.65 -25.23
C GLU A 143 -12.71 -53.84 -25.00
N ILE A 144 -12.42 -54.17 -23.74
CA ILE A 144 -11.63 -55.35 -23.44
C ILE A 144 -12.33 -56.60 -23.95
N ARG A 145 -13.63 -56.70 -23.70
CA ARG A 145 -14.39 -57.86 -24.17
C ARG A 145 -14.38 -57.94 -25.69
N GLU A 146 -14.57 -56.80 -26.36
CA GLU A 146 -14.57 -56.80 -27.82
C GLU A 146 -13.21 -57.18 -28.38
N LEU A 147 -12.14 -56.70 -27.76
CA LEU A 147 -10.79 -57.10 -28.18
C LEU A 147 -10.59 -58.58 -28.03
N GLN A 148 -10.91 -59.13 -26.85
CA GLN A 148 -10.72 -60.56 -26.62
C GLN A 148 -11.53 -61.39 -27.58
N ALA A 149 -12.79 -60.99 -27.84
CA ALA A 149 -13.62 -61.71 -28.79
C ALA A 149 -13.09 -61.60 -30.22
N TYR A 150 -12.43 -60.48 -30.55
CA TYR A 150 -11.82 -60.36 -31.87
C TYR A 150 -10.75 -61.42 -32.07
N GLY A 151 -9.93 -61.65 -31.04
CA GLY A 151 -8.84 -62.59 -31.16
C GLY A 151 -7.51 -61.95 -30.83
N VAL A 152 -7.53 -60.85 -30.07
CA VAL A 152 -6.28 -60.24 -29.61
C VAL A 152 -5.48 -61.28 -28.84
N ALA A 153 -4.15 -61.22 -29.02
CA ALA A 153 -3.28 -62.18 -28.34
C ALA A 153 -3.44 -62.11 -26.83
N ARG A 154 -3.17 -60.95 -26.25
CA ARG A 154 -3.36 -60.76 -24.81
C ARG A 154 -3.39 -59.27 -24.50
N ILE A 155 -4.47 -58.81 -23.89
CA ILE A 155 -4.59 -57.44 -23.41
C ILE A 155 -4.73 -57.48 -21.90
N TYR A 156 -3.96 -56.66 -21.20
CA TYR A 156 -3.92 -56.66 -19.75
C TYR A 156 -4.77 -55.52 -19.20
N SER A 157 -5.76 -55.86 -18.40
CA SER A 157 -6.68 -54.94 -17.77
C SER A 157 -6.06 -54.34 -16.50
N PRO A 158 -6.53 -53.17 -16.08
CA PRO A 158 -6.05 -52.63 -14.80
C PRO A 158 -6.33 -53.56 -13.63
N GLU A 159 -7.54 -54.13 -13.57
CA GLU A 159 -7.88 -55.05 -12.49
C GLU A 159 -7.02 -56.30 -12.56
N ASP A 160 -6.86 -56.88 -13.75
CA ASP A 160 -6.05 -58.09 -13.89
C ASP A 160 -4.59 -57.80 -13.55
N GLY A 161 -4.06 -56.67 -14.02
CA GLY A 161 -2.68 -56.34 -13.73
C GLY A 161 -2.42 -56.10 -12.26
N GLN A 162 -3.34 -55.39 -11.59
CA GLN A 162 -3.18 -55.15 -10.16
C GLN A 162 -3.35 -56.43 -9.35
N ARG A 163 -4.27 -57.31 -9.77
CA ARG A 163 -4.55 -58.51 -9.00
C ARG A 163 -3.44 -59.55 -9.18
N MET A 164 -3.22 -59.99 -10.41
CA MET A 164 -2.19 -61.01 -10.66
C MET A 164 -0.79 -60.46 -10.39
N GLY A 165 -0.55 -59.20 -10.70
CA GLY A 165 0.77 -58.63 -10.56
C GLY A 165 1.58 -58.74 -11.85
N LEU A 166 2.51 -57.80 -12.00
CA LEU A 166 3.35 -57.79 -13.19
C LEU A 166 4.21 -59.04 -13.28
N ALA A 167 4.87 -59.40 -12.18
CA ALA A 167 5.82 -60.51 -12.19
C ALA A 167 5.15 -61.82 -12.59
N GLY A 168 3.91 -62.03 -12.14
CA GLY A 168 3.22 -63.25 -12.51
C GLY A 168 3.01 -63.37 -14.00
N MET A 169 2.56 -62.29 -14.64
CA MET A 169 2.39 -62.30 -16.09
C MET A 169 3.73 -62.45 -16.80
N ILE A 170 4.78 -61.79 -16.28
CA ILE A 170 6.10 -61.93 -16.86
C ILE A 170 6.54 -63.40 -16.85
N THR A 171 6.39 -64.05 -15.71
CA THR A 171 6.80 -65.45 -15.59
C THR A 171 5.96 -66.35 -16.49
N ASP A 172 4.65 -66.11 -16.52
CA ASP A 172 3.78 -66.91 -17.37
C ASP A 172 4.16 -66.78 -18.84
N MET A 173 4.39 -65.55 -19.29
CA MET A 173 4.79 -65.35 -20.69
C MET A 173 6.14 -65.96 -20.97
N ALA A 174 7.10 -65.81 -20.06
CA ALA A 174 8.44 -66.34 -20.28
C ALA A 174 8.41 -67.87 -20.37
N GLN A 175 7.68 -68.52 -19.47
CA GLN A 175 7.51 -69.95 -19.55
C GLN A 175 6.68 -70.34 -20.78
N ARG A 176 5.87 -69.41 -21.29
CA ARG A 176 5.01 -69.70 -22.43
C ARG A 176 5.75 -69.54 -23.75
N CYS A 177 6.96 -68.98 -23.72
CA CYS A 177 7.75 -68.74 -24.94
C CYS A 177 8.77 -69.84 -25.21
N ASP A 178 8.74 -70.95 -24.46
CA ASP A 178 9.66 -72.06 -24.69
C ASP A 178 9.11 -72.91 -25.83
N ILE A 179 9.17 -72.36 -27.04
CA ILE A 179 8.69 -73.02 -28.23
C ILE A 179 9.87 -73.32 -29.14
N ASP A 180 9.69 -74.29 -30.02
CA ASP A 180 10.75 -74.74 -30.92
C ASP A 180 10.79 -73.83 -32.13
N LEU A 181 11.95 -73.22 -32.38
CA LEU A 181 12.15 -72.34 -33.53
C LEU A 181 13.03 -72.96 -34.60
N THR A 182 13.77 -74.02 -34.27
CA THR A 182 14.62 -74.67 -35.26
C THR A 182 13.82 -75.32 -36.38
N ARG A 183 12.53 -75.57 -36.19
CA ARG A 183 11.69 -76.05 -37.27
C ARG A 183 11.60 -75.03 -38.41
N TYR A 184 11.85 -73.75 -38.12
CA TYR A 184 11.84 -72.71 -39.12
C TYR A 184 13.17 -72.57 -39.85
N ALA A 185 14.18 -73.32 -39.45
CA ALA A 185 15.47 -73.25 -40.12
C ALA A 185 15.33 -73.76 -41.55
N PRO A 186 15.85 -73.05 -42.54
CA PRO A 186 15.67 -73.47 -43.93
C PRO A 186 16.35 -74.80 -44.22
N THR A 187 15.73 -75.56 -45.11
CA THR A 187 16.30 -76.81 -45.59
C THR A 187 17.27 -76.61 -46.74
N THR A 188 17.30 -75.42 -47.34
CA THR A 188 18.18 -75.12 -48.45
C THR A 188 18.69 -73.69 -48.32
N LEU A 189 19.79 -73.42 -49.01
CA LEU A 189 20.42 -72.11 -48.99
C LEU A 189 19.83 -71.15 -50.01
N ASP A 190 18.89 -71.61 -50.82
CA ASP A 190 18.34 -70.77 -51.89
C ASP A 190 17.76 -69.48 -51.32
N THR A 191 17.00 -69.59 -50.24
CA THR A 191 16.56 -68.39 -49.53
C THR A 191 17.75 -67.62 -48.98
N VAL A 192 18.70 -68.32 -48.38
CA VAL A 192 19.87 -67.66 -47.80
C VAL A 192 20.74 -67.04 -48.89
N VAL A 193 20.93 -67.77 -49.99
CA VAL A 193 21.71 -67.24 -51.11
C VAL A 193 21.03 -65.99 -51.66
N ALA A 194 19.71 -66.03 -51.82
CA ALA A 194 18.97 -64.83 -52.21
C ALA A 194 19.09 -63.74 -51.14
N GLY A 195 19.40 -64.12 -49.91
CA GLY A 195 19.57 -63.15 -48.85
C GLY A 195 18.38 -63.06 -47.93
N ASP A 196 17.63 -64.16 -47.78
CA ASP A 196 16.43 -64.11 -46.95
C ASP A 196 16.84 -63.87 -45.51
N ARG A 197 16.63 -62.65 -45.04
CA ARG A 197 17.04 -62.28 -43.70
C ARG A 197 16.22 -62.98 -42.63
N ARG A 198 15.02 -63.45 -42.97
CA ARG A 198 14.35 -64.41 -42.10
C ARG A 198 15.15 -65.70 -42.01
N ALA A 199 15.60 -66.21 -43.17
CA ALA A 199 16.50 -67.36 -43.16
C ALA A 199 17.80 -67.02 -42.47
N LEU A 200 18.25 -65.77 -42.57
CA LEU A 200 19.44 -65.34 -41.85
C LEU A 200 19.24 -65.45 -40.35
N ALA A 201 18.09 -65.00 -39.85
CA ALA A 201 17.79 -65.14 -38.43
C ALA A 201 17.68 -66.59 -38.03
N GLN A 202 17.08 -67.43 -38.88
CA GLN A 202 17.00 -68.85 -38.59
C GLN A 202 18.39 -69.46 -38.47
N LEU A 203 19.30 -69.09 -39.37
CA LEU A 203 20.67 -69.59 -39.30
C LEU A 203 21.40 -69.06 -38.08
N ILE A 204 21.15 -67.82 -37.68
CA ILE A 204 21.76 -67.30 -36.46
C ILE A 204 21.30 -68.11 -35.26
N THR A 205 20.00 -68.40 -35.19
CA THR A 205 19.49 -69.23 -34.10
C THR A 205 20.06 -70.63 -34.13
N ALA A 206 20.17 -71.22 -35.33
CA ALA A 206 20.71 -72.59 -35.43
C ALA A 206 22.18 -72.63 -35.05
N LEU A 207 22.97 -71.66 -35.49
CA LEU A 207 24.38 -71.61 -35.11
C LEU A 207 24.52 -71.34 -33.62
N GLU A 208 23.58 -70.60 -33.04
CA GLU A 208 23.54 -70.47 -31.58
C GLU A 208 23.29 -71.84 -30.95
N ASN A 209 22.42 -72.63 -31.55
CA ASN A 209 22.20 -74.02 -31.15
C ASN A 209 23.25 -74.97 -31.74
N GLY A 210 23.94 -74.56 -32.79
CA GLY A 210 24.95 -75.41 -33.41
C GLY A 210 24.39 -76.65 -34.09
N LYS A 211 23.23 -76.53 -34.73
CA LYS A 211 22.60 -77.65 -35.42
C LYS A 211 22.96 -77.70 -36.91
N ALA A 212 23.68 -76.70 -37.41
CA ALA A 212 24.05 -76.68 -38.81
C ALA A 212 25.08 -77.77 -39.12
N ASP A 213 24.99 -78.32 -40.32
CA ASP A 213 25.94 -79.33 -40.74
C ASP A 213 27.33 -78.71 -40.87
N PRO A 214 28.35 -79.25 -40.20
CA PRO A 214 29.67 -78.61 -40.25
C PRO A 214 30.23 -78.50 -41.65
N GLU A 215 29.98 -79.49 -42.51
CA GLU A 215 30.36 -79.36 -43.91
C GLU A 215 29.60 -78.22 -44.58
N LEU A 216 28.33 -78.04 -44.23
CA LEU A 216 27.56 -76.93 -44.78
C LEU A 216 28.16 -75.59 -44.35
N VAL A 217 28.55 -75.47 -43.08
CA VAL A 217 29.13 -74.22 -42.60
C VAL A 217 30.49 -73.97 -43.25
N SER A 218 31.26 -75.05 -43.46
CA SER A 218 32.54 -74.91 -44.13
C SER A 218 32.37 -74.44 -45.58
N ALA A 219 31.38 -75.00 -46.28
CA ALA A 219 31.06 -74.54 -47.62
C ALA A 219 30.59 -73.09 -47.61
N LEU A 220 29.82 -72.72 -46.58
CA LEU A 220 29.43 -71.32 -46.39
C LEU A 220 30.66 -70.42 -46.29
N HIS A 221 31.65 -70.82 -45.49
CA HIS A 221 32.86 -70.03 -45.33
C HIS A 221 33.65 -69.95 -46.63
N ALA A 222 33.71 -71.07 -47.38
CA ALA A 222 34.41 -71.07 -48.64
C ALA A 222 33.75 -70.12 -49.65
N GLN A 223 32.42 -70.17 -49.72
CA GLN A 223 31.69 -69.26 -50.61
C GLN A 223 31.85 -67.82 -50.16
N ALA A 224 31.97 -67.58 -48.85
CA ALA A 224 32.26 -66.24 -48.37
C ALA A 224 33.64 -65.77 -48.81
N LYS A 225 34.64 -66.63 -48.69
CA LYS A 225 35.99 -66.29 -49.14
C LYS A 225 35.99 -66.00 -50.64
N ALA A 226 35.20 -66.75 -51.40
CA ALA A 226 35.02 -66.45 -52.81
C ALA A 226 34.32 -65.12 -53.05
N ALA A 227 33.35 -64.76 -52.20
CA ALA A 227 32.63 -63.50 -52.39
C ALA A 227 33.53 -62.30 -52.09
N ALA A 228 34.23 -62.33 -50.96
CA ALA A 228 35.16 -61.28 -50.55
C ALA A 228 34.50 -59.90 -50.61
N VAL A 229 33.34 -59.79 -49.97
CA VAL A 229 32.62 -58.52 -49.91
C VAL A 229 33.24 -57.68 -48.80
N PRO A 230 33.14 -56.36 -48.86
CA PRO A 230 33.74 -55.54 -47.81
C PRO A 230 33.12 -55.80 -46.45
N VAL A 231 33.97 -55.85 -45.42
CA VAL A 231 33.56 -56.02 -44.05
C VAL A 231 34.31 -55.00 -43.21
N LEU A 232 33.57 -54.13 -42.51
CA LEU A 232 34.16 -53.07 -41.72
C LEU A 232 34.00 -53.40 -40.23
N GLY A 233 35.10 -53.33 -39.49
CA GLY A 233 35.06 -53.45 -38.05
C GLY A 233 35.05 -52.07 -37.41
N ILE A 234 34.06 -51.84 -36.57
CA ILE A 234 33.86 -50.55 -35.90
C ILE A 234 33.94 -50.77 -34.40
N THR A 235 34.91 -50.14 -33.76
CA THR A 235 35.19 -50.36 -32.35
C THR A 235 35.05 -49.07 -31.56
N GLY A 236 34.56 -49.20 -30.34
CA GLY A 236 34.33 -48.06 -29.48
C GLY A 236 33.29 -48.39 -28.42
N THR A 237 32.96 -47.37 -27.63
CA THR A 237 31.99 -47.54 -26.56
C THR A 237 30.57 -47.55 -27.10
N GLY A 238 29.77 -48.46 -26.57
CA GLY A 238 28.40 -48.62 -27.05
C GLY A 238 27.52 -47.46 -26.64
N GLY A 239 26.59 -47.10 -27.52
CA GLY A 239 25.61 -46.07 -27.21
C GLY A 239 26.18 -44.68 -27.04
N ALA A 240 27.46 -44.48 -27.34
CA ALA A 240 28.07 -43.18 -27.12
C ALA A 240 27.59 -42.13 -28.11
N GLY A 241 26.87 -42.52 -29.15
CA GLY A 241 26.51 -41.61 -30.21
C GLY A 241 27.16 -42.02 -31.50
N LYS A 242 27.91 -43.12 -31.45
CA LYS A 242 28.48 -43.70 -32.67
C LYS A 242 27.39 -44.03 -33.67
N SER A 243 26.18 -44.29 -33.17
CA SER A 243 25.05 -44.54 -34.04
C SER A 243 24.73 -43.33 -34.90
N SER A 244 24.89 -42.13 -34.35
CA SER A 244 24.67 -40.91 -35.14
C SER A 244 25.65 -40.85 -36.30
N LEU A 245 26.93 -41.13 -36.04
CA LEU A 245 27.91 -41.14 -37.11
C LEU A 245 27.58 -42.19 -38.15
N THR A 246 27.21 -43.39 -37.69
CA THR A 246 26.85 -44.46 -38.61
C THR A 246 25.67 -44.05 -39.48
N ASP A 247 24.67 -43.42 -38.87
CA ASP A 247 23.49 -42.99 -39.61
C ASP A 247 23.87 -41.94 -40.64
N GLU A 248 24.69 -40.96 -40.26
CA GLU A 248 25.07 -39.92 -41.20
C GLU A 248 25.84 -40.52 -42.37
N LEU A 249 26.80 -41.38 -42.09
CA LEU A 249 27.61 -41.97 -43.15
C LEU A 249 26.77 -42.84 -44.06
N ILE A 250 25.84 -43.61 -43.49
CA ILE A 250 25.02 -44.51 -44.29
C ILE A 250 24.04 -43.70 -45.14
N ARG A 251 23.45 -42.64 -44.58
CA ARG A 251 22.58 -41.78 -45.37
C ARG A 251 23.35 -41.08 -46.47
N ARG A 252 24.57 -40.63 -46.18
CA ARG A 252 25.40 -40.03 -47.21
C ARG A 252 25.74 -41.04 -48.30
N PHE A 253 25.97 -42.30 -47.90
CA PHE A 253 26.17 -43.37 -48.87
C PHE A 253 24.93 -43.57 -49.72
N ARG A 254 23.76 -43.51 -49.10
CA ARG A 254 22.52 -43.60 -49.85
C ARG A 254 22.42 -42.48 -50.89
N LEU A 255 22.71 -41.25 -50.48
CA LEU A 255 22.52 -40.12 -51.36
C LEU A 255 23.55 -40.11 -52.48
N ASP A 256 24.82 -40.37 -52.17
CA ASP A 256 25.85 -40.40 -53.20
C ASP A 256 25.67 -41.59 -54.14
N GLN A 257 25.37 -42.76 -53.58
CA GLN A 257 25.28 -44.00 -54.32
C GLN A 257 23.85 -44.33 -54.73
N ASP A 258 22.92 -43.39 -54.53
CA ASP A 258 21.54 -43.54 -54.99
C ASP A 258 20.87 -44.74 -54.33
N ASP A 259 21.15 -44.96 -53.04
CA ASP A 259 20.56 -46.04 -52.26
C ASP A 259 20.82 -47.41 -52.91
N ALA A 260 22.00 -47.58 -53.50
CA ALA A 260 22.33 -48.80 -54.22
C ALA A 260 23.33 -49.69 -53.49
N LEU A 261 23.28 -49.74 -52.17
CA LEU A 261 24.19 -50.59 -51.40
C LEU A 261 23.40 -51.61 -50.60
N SER A 262 23.76 -52.89 -50.76
CA SER A 262 23.19 -53.97 -49.97
C SER A 262 24.01 -54.11 -48.71
N ILE A 263 23.51 -53.56 -47.61
CA ILE A 263 24.30 -53.36 -46.39
C ILE A 263 23.87 -54.38 -45.35
N ALA A 264 24.84 -55.03 -44.73
CA ALA A 264 24.62 -55.91 -43.59
C ALA A 264 25.20 -55.22 -42.36
N VAL A 265 24.35 -54.97 -41.37
CA VAL A 265 24.76 -54.34 -40.13
C VAL A 265 24.45 -55.30 -38.98
N ILE A 266 25.42 -55.50 -38.10
CA ILE A 266 25.29 -56.44 -36.99
C ILE A 266 25.88 -55.80 -35.74
N SER A 267 25.18 -55.92 -34.62
CA SER A 267 25.67 -55.42 -33.34
C SER A 267 25.77 -56.57 -32.34
N ILE A 268 26.92 -56.65 -31.67
CA ILE A 268 27.15 -57.59 -30.58
C ILE A 268 27.31 -56.79 -29.31
N ASP A 269 26.62 -57.21 -28.26
CA ASP A 269 26.61 -56.46 -27.01
C ASP A 269 26.88 -57.41 -25.83
N PRO A 270 27.46 -56.88 -24.76
CA PRO A 270 27.78 -57.75 -23.61
C PRO A 270 26.53 -58.25 -22.91
N SER A 271 26.66 -59.43 -22.31
CA SER A 271 25.57 -60.06 -21.59
C SER A 271 25.74 -59.86 -20.09
N ARG A 272 24.65 -59.48 -19.44
CA ARG A 272 24.67 -59.33 -17.99
C ARG A 272 24.87 -60.69 -17.33
N ARG A 273 26.00 -60.84 -16.64
CA ARG A 273 26.37 -62.15 -16.10
C ARG A 273 25.38 -62.63 -15.06
N LYS A 274 24.95 -61.72 -14.16
CA LYS A 274 24.05 -62.13 -13.09
C LYS A 274 22.66 -62.44 -13.63
N SER A 275 22.01 -61.45 -14.24
CA SER A 275 20.65 -61.63 -14.73
C SER A 275 20.58 -62.67 -15.83
N GLY A 276 21.52 -62.62 -16.77
CA GLY A 276 21.50 -63.45 -17.95
C GLY A 276 20.72 -62.86 -19.11
N GLY A 277 19.87 -61.88 -18.86
CA GLY A 277 19.15 -61.17 -19.90
C GLY A 277 19.87 -59.90 -20.29
N ALA A 278 19.31 -59.22 -21.29
CA ALA A 278 19.94 -58.01 -21.79
C ALA A 278 18.91 -57.16 -22.51
N LEU A 279 19.11 -55.84 -22.46
CA LEU A 279 18.29 -54.88 -23.17
C LEU A 279 19.12 -54.33 -24.32
N LEU A 280 18.64 -54.52 -25.55
CA LEU A 280 19.40 -54.15 -26.75
C LEU A 280 19.07 -52.70 -27.10
N GLY A 281 19.92 -51.79 -26.62
CA GLY A 281 19.71 -50.36 -26.79
C GLY A 281 20.69 -49.65 -27.70
N ASP A 282 21.06 -50.26 -28.82
CA ASP A 282 21.92 -49.57 -29.77
C ASP A 282 21.26 -49.40 -31.13
N ARG A 283 20.50 -50.41 -31.59
CA ARG A 283 19.77 -50.27 -32.85
C ARG A 283 18.68 -49.22 -32.76
N ILE A 284 18.29 -48.83 -31.54
CA ILE A 284 17.22 -47.85 -31.35
C ILE A 284 17.55 -46.54 -32.03
N ARG A 285 18.81 -46.10 -31.97
CA ARG A 285 19.19 -44.84 -32.56
C ARG A 285 19.23 -44.87 -34.09
N MET A 286 19.15 -46.05 -34.70
CA MET A 286 19.23 -46.17 -36.16
C MET A 286 17.86 -45.86 -36.74
N ASN A 287 17.81 -44.95 -37.72
CA ASN A 287 16.58 -44.60 -38.41
C ASN A 287 16.72 -44.49 -39.92
N ALA A 288 17.95 -44.45 -40.45
CA ALA A 288 18.18 -44.42 -41.89
C ALA A 288 18.09 -45.81 -42.52
N ILE A 289 17.52 -46.78 -41.81
CA ILE A 289 17.47 -48.16 -42.25
C ILE A 289 16.29 -48.37 -43.20
N ASN A 290 15.64 -47.28 -43.59
CA ASN A 290 14.41 -47.34 -44.38
C ASN A 290 14.76 -47.79 -45.80
N HIS A 291 15.05 -49.08 -45.93
CA HIS A 291 15.32 -49.68 -47.23
C HIS A 291 15.20 -51.19 -47.14
N PRO A 292 14.51 -51.83 -48.09
CA PRO A 292 14.35 -53.29 -48.03
C PRO A 292 15.66 -54.05 -48.08
N ASN A 293 16.64 -53.56 -48.83
CA ASN A 293 17.91 -54.26 -49.00
C ASN A 293 18.88 -53.98 -47.85
N ILE A 294 18.51 -53.10 -46.93
CA ILE A 294 19.34 -52.80 -45.76
C ILE A 294 18.79 -53.60 -44.58
N PHE A 295 19.65 -54.44 -44.00
CA PHE A 295 19.28 -55.28 -42.88
C PHE A 295 20.24 -55.04 -41.72
N MET A 296 19.69 -54.97 -40.51
CA MET A 296 20.49 -54.78 -39.32
C MET A 296 19.98 -55.71 -38.23
N ARG A 297 20.88 -56.54 -37.70
CA ARG A 297 20.52 -57.52 -36.69
C ARG A 297 21.20 -57.15 -35.38
N SER A 298 20.44 -57.18 -34.29
CA SER A 298 20.97 -56.90 -32.96
C SER A 298 21.10 -58.23 -32.22
N LEU A 299 22.33 -58.56 -31.84
CA LEU A 299 22.63 -59.80 -31.13
C LEU A 299 23.56 -59.51 -29.96
N ALA A 300 23.74 -60.52 -29.11
CA ALA A 300 24.65 -60.40 -27.99
C ALA A 300 25.88 -61.28 -28.20
N THR A 301 26.84 -61.15 -27.28
CA THR A 301 27.99 -62.05 -27.27
C THR A 301 27.53 -63.48 -27.04
N ARG A 302 26.49 -63.68 -26.23
CA ARG A 302 25.98 -65.00 -25.88
C ARG A 302 27.08 -65.90 -25.34
N GLU A 303 28.09 -65.31 -24.72
CA GLU A 303 29.20 -66.03 -24.13
C GLU A 303 29.40 -65.55 -22.71
N ALA A 304 29.41 -66.49 -21.77
CA ALA A 304 29.51 -66.13 -20.36
C ALA A 304 30.83 -65.43 -20.06
N GLY A 305 31.91 -65.91 -20.67
CA GLY A 305 33.21 -65.33 -20.43
C GLY A 305 33.64 -64.33 -21.49
N SER A 306 33.28 -64.61 -22.74
CA SER A 306 33.66 -63.72 -23.83
C SER A 306 32.67 -62.57 -23.96
N GLU A 307 33.21 -61.39 -24.22
CA GLU A 307 32.43 -60.18 -24.45
C GLU A 307 32.05 -60.01 -25.91
N ILE A 308 32.40 -60.98 -26.76
CA ILE A 308 32.09 -60.97 -28.17
C ILE A 308 31.53 -62.34 -28.54
N SER A 309 30.76 -62.38 -29.61
CA SER A 309 30.19 -63.64 -30.06
C SER A 309 31.22 -64.46 -30.81
N GLN A 310 31.36 -65.73 -30.44
CA GLN A 310 32.35 -66.61 -31.05
C GLN A 310 31.92 -67.12 -32.41
N ALA A 311 30.65 -67.01 -32.77
CA ALA A 311 30.14 -67.42 -34.07
C ALA A 311 30.19 -66.28 -35.07
N LEU A 312 30.80 -65.16 -34.70
CA LEU A 312 30.86 -64.00 -35.59
C LEU A 312 31.49 -64.30 -36.94
N PRO A 313 32.62 -65.03 -37.06
CA PRO A 313 33.14 -65.33 -38.40
C PRO A 313 32.15 -66.04 -39.29
N ASP A 314 31.36 -66.97 -38.73
CA ASP A 314 30.34 -67.65 -39.54
C ASP A 314 29.24 -66.68 -39.96
N VAL A 315 28.88 -65.75 -39.07
CA VAL A 315 27.89 -64.75 -39.42
C VAL A 315 28.38 -63.88 -40.56
N ILE A 316 29.63 -63.44 -40.50
CA ILE A 316 30.19 -62.63 -41.58
C ILE A 316 30.30 -63.45 -42.86
N ALA A 317 30.60 -64.73 -42.73
CA ALA A 317 30.61 -65.62 -43.89
C ALA A 317 29.23 -65.67 -44.54
N ALA A 318 28.19 -65.77 -43.73
CA ALA A 318 26.83 -65.72 -44.25
C ALA A 318 26.55 -64.40 -44.93
N CYS A 319 26.99 -63.30 -44.32
CA CYS A 319 26.77 -61.97 -44.91
C CYS A 319 27.42 -61.86 -46.28
N LYS A 320 28.65 -62.37 -46.40
CA LYS A 320 29.29 -62.43 -47.72
C LYS A 320 28.50 -63.30 -48.68
N ALA A 321 28.04 -64.47 -48.20
CA ALA A 321 27.26 -65.36 -49.04
C ALA A 321 25.83 -64.87 -49.24
N ALA A 322 25.37 -63.92 -48.44
CA ALA A 322 24.02 -63.38 -48.57
C ALA A 322 23.86 -62.45 -49.75
N ARG A 323 24.89 -62.33 -50.60
CA ARG A 323 24.88 -61.42 -51.73
C ARG A 323 24.66 -59.99 -51.27
N PHE A 324 25.21 -59.66 -50.10
CA PHE A 324 25.11 -58.31 -49.56
C PHE A 324 26.37 -57.52 -49.88
N ASP A 325 26.16 -56.33 -50.44
CA ASP A 325 27.26 -55.50 -50.91
C ASP A 325 28.17 -55.03 -49.78
N LEU A 326 27.68 -54.94 -48.55
CA LEU A 326 28.49 -54.41 -47.47
C LEU A 326 28.11 -55.09 -46.16
N VAL A 327 29.12 -55.38 -45.34
CA VAL A 327 28.94 -55.92 -44.00
C VAL A 327 29.55 -54.94 -43.01
N ILE A 328 28.77 -54.54 -42.02
CA ILE A 328 29.20 -53.60 -40.99
C ILE A 328 28.90 -54.21 -39.63
N VAL A 329 29.84 -54.11 -38.70
CA VAL A 329 29.73 -54.71 -37.38
C VAL A 329 29.94 -53.63 -36.33
N GLU A 330 29.06 -53.59 -35.33
CA GLU A 330 29.24 -52.75 -34.16
C GLU A 330 29.76 -53.61 -33.01
N THR A 331 30.69 -53.05 -32.24
CA THR A 331 31.33 -53.80 -31.17
C THR A 331 30.53 -53.70 -29.87
N SER A 332 30.91 -54.54 -28.91
CA SER A 332 30.37 -54.51 -27.56
C SER A 332 31.24 -53.60 -26.71
N GLY A 333 31.05 -53.65 -25.40
CA GLY A 333 31.98 -53.00 -24.50
C GLY A 333 33.36 -53.60 -24.67
N ILE A 334 34.36 -52.76 -24.93
CA ILE A 334 35.70 -53.21 -25.26
C ILE A 334 36.62 -52.97 -24.07
N GLY A 335 37.77 -53.64 -24.09
CA GLY A 335 38.76 -53.48 -23.06
C GLY A 335 39.87 -52.54 -23.48
N GLN A 336 41.13 -52.96 -23.30
CA GLN A 336 42.27 -52.12 -23.63
C GLN A 336 43.11 -52.73 -24.76
N GLY A 337 43.56 -53.97 -24.60
CA GLY A 337 44.39 -54.64 -25.56
C GLY A 337 43.69 -55.65 -26.44
N ASP A 338 42.36 -55.68 -26.45
CA ASP A 338 41.63 -56.66 -27.23
C ASP A 338 41.47 -56.19 -28.67
N ALA A 339 42.03 -56.95 -29.61
CA ALA A 339 41.93 -56.66 -31.03
C ALA A 339 41.68 -57.93 -31.81
N ALA A 340 41.02 -58.90 -31.18
CA ALA A 340 40.76 -60.20 -31.81
C ALA A 340 39.87 -60.08 -33.04
N ILE A 341 38.90 -59.17 -33.03
CA ILE A 341 38.04 -58.98 -34.18
C ILE A 341 38.80 -58.40 -35.36
N VAL A 342 39.89 -57.69 -35.12
CA VAL A 342 40.59 -56.99 -36.20
C VAL A 342 41.06 -57.95 -37.29
N PRO A 343 41.74 -59.06 -36.99
CA PRO A 343 42.06 -60.02 -38.06
C PRO A 343 40.84 -60.65 -38.70
N HIS A 344 39.68 -60.60 -38.05
CA HIS A 344 38.46 -61.19 -38.57
C HIS A 344 37.73 -60.27 -39.53
N VAL A 345 38.11 -59.00 -39.61
CA VAL A 345 37.42 -58.04 -40.46
C VAL A 345 38.37 -57.59 -41.57
N ASP A 346 37.79 -57.20 -42.70
CA ASP A 346 38.55 -56.61 -43.79
C ASP A 346 39.12 -55.25 -43.45
N LEU A 347 38.36 -54.41 -42.75
CA LEU A 347 38.81 -53.09 -42.33
C LEU A 347 38.41 -52.87 -40.89
N SER A 348 39.33 -52.29 -40.11
CA SER A 348 39.10 -52.00 -38.70
C SER A 348 39.01 -50.49 -38.51
N LEU A 349 37.98 -50.06 -37.79
CA LEU A 349 37.75 -48.64 -37.51
C LEU A 349 37.57 -48.50 -36.00
N TYR A 350 38.34 -47.58 -35.40
CA TYR A 350 38.26 -47.33 -33.97
C TYR A 350 37.66 -45.95 -33.72
N VAL A 351 36.88 -45.85 -32.64
CA VAL A 351 36.30 -44.60 -32.18
C VAL A 351 36.80 -44.33 -30.77
N MET A 352 37.27 -43.11 -30.53
CA MET A 352 37.77 -42.73 -29.22
C MET A 352 37.01 -41.52 -28.70
N THR A 353 37.05 -41.35 -27.40
CA THR A 353 36.43 -40.27 -26.66
C THR A 353 37.46 -39.21 -26.33
N PRO A 354 37.06 -37.93 -26.28
CA PRO A 354 38.01 -36.88 -25.90
C PRO A 354 38.60 -37.09 -24.52
N GLU A 355 37.84 -37.64 -23.58
CA GLU A 355 38.35 -37.94 -22.25
C GLU A 355 39.06 -39.29 -22.30
N PHE A 356 40.37 -39.28 -22.07
CA PHE A 356 41.14 -40.51 -21.99
C PHE A 356 42.15 -40.50 -20.85
N GLY A 357 42.23 -39.43 -20.07
CA GLY A 357 43.22 -39.34 -19.02
C GLY A 357 44.59 -38.93 -19.51
N ALA A 358 45.63 -39.36 -18.82
CA ALA A 358 46.99 -38.95 -19.17
C ALA A 358 47.42 -39.61 -20.48
N ALA A 359 48.42 -38.99 -21.12
CA ALA A 359 48.93 -39.50 -22.38
C ALA A 359 49.49 -40.92 -22.25
N SER A 360 49.88 -41.32 -21.03
CA SER A 360 50.43 -42.66 -20.84
C SER A 360 49.40 -43.74 -21.09
N GLN A 361 48.11 -43.40 -21.10
CA GLN A 361 47.08 -44.40 -21.32
C GLN A 361 47.19 -45.02 -22.71
N LEU A 362 47.72 -44.26 -23.68
CA LEU A 362 47.91 -44.78 -25.02
C LEU A 362 48.96 -45.88 -25.07
N GLU A 363 49.86 -45.93 -24.09
CA GLU A 363 50.86 -46.99 -24.05
C GLU A 363 50.24 -48.34 -23.71
N LYS A 364 48.98 -48.36 -23.31
CA LYS A 364 48.31 -49.60 -22.93
C LYS A 364 47.33 -50.10 -23.98
N ILE A 365 46.81 -49.24 -24.84
CA ILE A 365 45.82 -49.63 -25.83
C ILE A 365 46.51 -50.40 -26.96
N ASP A 366 46.44 -51.73 -26.90
CA ASP A 366 47.10 -52.54 -27.92
C ASP A 366 46.31 -52.55 -29.22
N MET A 367 44.98 -52.47 -29.14
CA MET A 367 44.18 -52.35 -30.36
C MET A 367 44.46 -51.06 -31.10
N LEU A 368 44.88 -50.01 -30.38
CA LEU A 368 45.35 -48.79 -31.01
C LEU A 368 46.56 -49.01 -31.89
N ASP A 369 47.40 -50.00 -31.54
CA ASP A 369 48.54 -50.33 -32.38
C ASP A 369 48.12 -50.90 -33.74
N PHE A 370 46.87 -51.35 -33.85
CA PHE A 370 46.39 -51.97 -35.07
C PHE A 370 45.13 -51.35 -35.64
N ALA A 371 44.63 -50.25 -35.07
CA ALA A 371 43.45 -49.60 -35.62
C ALA A 371 43.79 -48.94 -36.95
N ASP A 372 43.12 -49.40 -38.02
CA ASP A 372 43.35 -48.84 -39.34
C ASP A 372 42.82 -47.41 -39.45
N PHE A 373 41.64 -47.16 -38.90
CA PHE A 373 41.06 -45.82 -38.89
C PHE A 373 40.63 -45.49 -37.47
N VAL A 374 40.86 -44.25 -37.06
CA VAL A 374 40.55 -43.79 -35.72
C VAL A 374 39.72 -42.53 -35.82
N ALA A 375 38.76 -42.35 -34.90
CA ALA A 375 37.91 -41.18 -34.88
C ALA A 375 37.66 -40.78 -33.43
N ILE A 376 37.63 -39.47 -33.18
CA ILE A 376 37.42 -38.94 -31.83
C ILE A 376 35.98 -38.45 -31.75
N ASN A 377 35.16 -39.18 -31.02
CA ASN A 377 33.74 -38.86 -30.90
C ASN A 377 33.54 -37.61 -30.05
N LYS A 378 32.42 -36.93 -30.29
CA LYS A 378 31.95 -35.83 -29.44
C LYS A 378 32.99 -34.72 -29.33
N PHE A 379 33.20 -34.03 -30.44
CA PHE A 379 34.15 -32.92 -30.56
C PHE A 379 33.66 -31.66 -29.87
N ASP A 380 32.58 -31.76 -29.09
CA ASP A 380 32.01 -30.60 -28.41
C ASP A 380 32.68 -30.30 -27.08
N ARG A 381 33.56 -31.16 -26.60
CA ARG A 381 34.16 -31.02 -25.28
C ARG A 381 35.52 -30.33 -25.37
N LYS A 382 35.97 -29.82 -24.22
CA LYS A 382 37.24 -29.12 -24.16
C LYS A 382 38.41 -30.10 -24.18
N GLY A 383 39.55 -29.61 -24.64
CA GLY A 383 40.78 -30.39 -24.66
C GLY A 383 40.91 -31.32 -25.84
N ALA A 384 39.86 -31.49 -26.64
CA ALA A 384 39.89 -32.48 -27.72
C ALA A 384 40.96 -32.15 -28.76
N GLN A 385 41.11 -30.87 -29.09
CA GLN A 385 42.08 -30.46 -30.10
C GLN A 385 43.51 -30.81 -29.67
N ASP A 386 43.88 -30.42 -28.45
CA ASP A 386 45.21 -30.72 -27.94
C ASP A 386 45.46 -32.21 -27.89
N ALA A 387 44.50 -32.98 -27.38
CA ALA A 387 44.64 -34.42 -27.32
C ALA A 387 44.79 -35.03 -28.70
N TRP A 388 44.03 -34.52 -29.68
CA TRP A 388 44.20 -34.97 -31.06
C TRP A 388 45.63 -34.75 -31.52
N ARG A 389 46.16 -33.55 -31.28
CA ARG A 389 47.54 -33.27 -31.68
C ARG A 389 48.51 -34.22 -30.99
N ASP A 390 48.31 -34.47 -29.71
CA ASP A 390 49.22 -35.32 -28.95
C ASP A 390 49.17 -36.75 -29.46
N VAL A 391 47.97 -37.27 -29.70
CA VAL A 391 47.83 -38.62 -30.22
C VAL A 391 48.42 -38.73 -31.61
N ALA A 392 48.28 -37.68 -32.41
CA ALA A 392 48.90 -37.66 -33.73
C ALA A 392 50.41 -37.74 -33.61
N LYS A 393 50.99 -37.01 -32.66
CA LYS A 393 52.42 -37.13 -32.40
C LYS A 393 52.78 -38.55 -31.96
N GLN A 394 51.96 -39.12 -31.08
CA GLN A 394 52.21 -40.47 -30.60
C GLN A 394 52.24 -41.48 -31.74
N VAL A 395 51.25 -41.39 -32.64
CA VAL A 395 51.20 -42.28 -33.79
C VAL A 395 52.38 -42.02 -34.72
N GLN A 396 52.74 -40.74 -34.88
CA GLN A 396 53.92 -40.41 -35.67
C GLN A 396 55.15 -41.13 -35.15
N ARG A 397 55.31 -41.16 -33.82
CA ARG A 397 56.41 -41.92 -33.22
C ARG A 397 56.24 -43.42 -33.46
N ASN A 398 55.03 -43.93 -33.29
CA ASN A 398 54.81 -45.37 -33.39
C ASN A 398 55.13 -45.90 -34.78
N ARG A 399 54.63 -45.23 -35.82
CA ARG A 399 54.94 -45.60 -37.19
C ARG A 399 56.30 -45.10 -37.64
N GLU A 400 56.96 -44.27 -36.83
CA GLU A 400 58.26 -43.69 -37.17
C GLU A 400 58.21 -42.93 -38.49
N GLN A 401 57.07 -42.32 -38.78
CA GLN A 401 56.87 -41.59 -40.04
C GLN A 401 57.20 -40.12 -39.84
N TRP A 402 58.42 -39.88 -39.34
CA TRP A 402 58.87 -38.51 -39.10
C TRP A 402 58.81 -37.66 -40.36
N HIS A 403 58.99 -38.29 -41.53
CA HIS A 403 58.88 -37.58 -42.80
C HIS A 403 57.44 -37.19 -43.13
N SER A 404 56.46 -37.70 -42.39
CA SER A 404 55.06 -37.37 -42.61
C SER A 404 54.60 -36.32 -41.60
N ARG A 405 53.50 -35.66 -41.93
CA ARG A 405 52.90 -34.69 -41.03
C ARG A 405 51.76 -35.34 -40.26
N ALA A 406 51.65 -34.97 -38.99
CA ALA A 406 50.73 -35.65 -38.09
C ALA A 406 49.27 -35.44 -38.49
N GLU A 407 48.94 -34.25 -38.98
CA GLU A 407 47.56 -33.90 -39.25
C GLU A 407 46.94 -34.73 -40.37
N ASP A 408 47.75 -35.22 -41.32
CA ASP A 408 47.24 -35.98 -42.45
C ASP A 408 46.76 -37.38 -42.08
N MET A 409 47.08 -37.85 -40.87
CA MET A 409 46.79 -39.23 -40.50
C MET A 409 45.28 -39.48 -40.51
N PRO A 410 44.85 -40.75 -40.71
CA PRO A 410 43.42 -41.08 -40.77
C PRO A 410 42.77 -41.12 -39.40
N VAL A 411 43.02 -40.09 -38.61
CA VAL A 411 42.43 -39.93 -37.28
C VAL A 411 41.78 -38.57 -37.24
N TYR A 412 40.46 -38.54 -37.04
CA TYR A 412 39.70 -37.30 -37.06
C TYR A 412 38.96 -37.11 -35.75
N GLY A 413 38.77 -35.85 -35.37
CA GLY A 413 37.97 -35.50 -34.21
C GLY A 413 36.58 -35.10 -34.66
N THR A 414 35.58 -35.75 -34.08
CA THR A 414 34.22 -35.67 -34.59
C THR A 414 33.23 -35.42 -33.45
N GLN A 415 32.04 -34.95 -33.83
CA GLN A 415 30.95 -34.66 -32.88
C GLN A 415 29.66 -35.19 -33.49
N ALA A 416 29.04 -36.15 -32.80
CA ALA A 416 27.86 -36.82 -33.33
C ALA A 416 26.58 -35.99 -33.20
N SER A 417 26.50 -35.10 -32.21
CA SER A 417 25.22 -34.47 -31.89
C SER A 417 24.76 -33.52 -32.98
N ARG A 418 25.67 -32.88 -33.70
CA ARG A 418 25.30 -31.86 -34.67
C ARG A 418 25.24 -32.47 -36.07
N PHE A 419 24.19 -32.11 -36.81
CA PHE A 419 24.02 -32.58 -38.18
C PHE A 419 25.10 -32.00 -39.09
N ASN A 420 25.29 -32.66 -40.23
CA ASN A 420 26.16 -32.17 -41.30
C ASN A 420 27.58 -31.88 -40.82
N ASP A 421 28.12 -32.77 -39.99
CA ASP A 421 29.48 -32.58 -39.49
C ASP A 421 30.47 -32.62 -40.65
N ASP A 422 31.33 -31.60 -40.73
CA ASP A 422 32.32 -31.55 -41.79
C ASP A 422 33.34 -32.67 -41.66
N GLY A 423 33.81 -32.91 -40.43
CA GLY A 423 34.73 -34.03 -40.21
C GLY A 423 34.10 -35.36 -40.57
N VAL A 424 32.78 -35.47 -40.43
CA VAL A 424 32.08 -36.66 -40.90
C VAL A 424 32.25 -36.83 -42.39
N THR A 425 32.06 -35.74 -43.15
CA THR A 425 32.25 -35.80 -44.59
C THR A 425 33.68 -36.19 -44.93
N MET A 426 34.64 -35.59 -44.23
CA MET A 426 36.04 -35.88 -44.49
C MET A 426 36.36 -37.34 -44.19
N LEU A 427 35.80 -37.87 -43.11
CA LEU A 427 36.04 -39.26 -42.75
C LEU A 427 35.42 -40.20 -43.76
N TYR A 428 34.19 -39.91 -44.19
CA TYR A 428 33.56 -40.71 -45.23
C TYR A 428 34.40 -40.68 -46.51
N GLN A 429 34.91 -39.50 -46.86
CA GLN A 429 35.71 -39.37 -48.07
C GLN A 429 37.00 -40.16 -47.96
N GLY A 430 37.68 -40.06 -46.83
CA GLY A 430 38.89 -40.83 -46.63
C GLY A 430 38.64 -42.32 -46.65
N LEU A 431 37.51 -42.74 -46.09
CA LEU A 431 37.16 -44.16 -46.10
C LEU A 431 36.86 -44.62 -47.51
N VAL A 432 36.23 -43.78 -48.32
CA VAL A 432 35.98 -44.12 -49.72
C VAL A 432 37.31 -44.25 -50.46
N GLY A 433 38.24 -43.33 -50.18
CA GLY A 433 39.57 -43.44 -50.75
C GLY A 433 40.25 -44.73 -50.34
N ALA A 434 40.03 -45.15 -49.10
CA ALA A 434 40.56 -46.44 -48.63
C ALA A 434 39.90 -47.59 -49.39
N LEU A 435 38.60 -47.52 -49.60
CA LEU A 435 37.89 -48.56 -50.33
C LEU A 435 38.44 -48.70 -51.74
N GLY A 436 38.66 -47.57 -52.42
CA GLY A 436 39.35 -47.61 -53.70
C GLY A 436 40.73 -48.22 -53.57
N ALA A 437 41.46 -47.80 -52.53
CA ALA A 437 42.75 -48.43 -52.23
C ALA A 437 42.57 -49.88 -51.83
N ARG A 438 41.46 -50.22 -51.19
CA ARG A 438 41.12 -51.59 -50.87
C ARG A 438 40.47 -52.30 -52.05
N GLY A 439 40.46 -51.66 -53.22
CA GLY A 439 39.88 -52.23 -54.42
C GLY A 439 38.40 -52.54 -54.27
N MET A 440 37.60 -51.50 -54.05
CA MET A 440 36.17 -51.66 -53.85
C MET A 440 35.44 -51.01 -55.03
N SER A 441 34.78 -51.84 -55.84
CA SER A 441 34.00 -51.33 -56.96
C SER A 441 32.82 -50.52 -56.42
N LEU A 442 32.89 -49.20 -56.59
CA LEU A 442 31.91 -48.30 -56.02
C LEU A 442 31.50 -47.27 -57.06
N LYS A 443 30.27 -46.78 -56.94
CA LYS A 443 29.79 -45.74 -57.83
C LYS A 443 30.61 -44.46 -57.64
N PRO A 444 30.79 -43.68 -58.71
CA PRO A 444 31.58 -42.45 -58.59
C PRO A 444 30.96 -41.49 -57.60
N GLY A 445 31.80 -40.80 -56.85
CA GLY A 445 31.31 -39.87 -55.85
C GLY A 445 30.58 -38.70 -56.47
N THR A 446 29.31 -38.57 -56.12
CA THR A 446 28.46 -37.50 -56.61
C THR A 446 28.42 -36.31 -55.69
N LEU A 447 29.10 -36.37 -54.59
CA LEU A 447 29.06 -35.31 -53.60
C LEU A 447 30.27 -34.39 -53.72
N PRO A 448 30.14 -33.15 -53.29
CA PRO A 448 31.27 -32.22 -53.36
C PRO A 448 32.46 -32.75 -52.58
N ASN A 449 33.65 -32.54 -53.14
CA ASN A 449 34.89 -32.96 -52.51
C ASN A 449 35.27 -32.00 -51.40
N LEU A 450 34.63 -32.14 -50.24
CA LEU A 450 34.97 -31.28 -49.12
C LEU A 450 36.35 -31.61 -48.60
N GLU A 451 37.11 -30.57 -48.27
CA GLU A 451 38.49 -30.72 -47.85
C GLU A 451 38.63 -30.58 -46.34
N GLY A 452 39.80 -30.91 -45.85
CA GLY A 452 40.11 -30.83 -44.43
C GLY A 452 40.10 -32.19 -43.77
N ARG A 453 40.52 -32.18 -42.50
CA ARG A 453 40.48 -33.37 -41.66
C ARG A 453 39.89 -33.13 -40.28
N ILE A 454 39.64 -31.88 -39.90
CA ILE A 454 39.16 -31.54 -38.57
C ILE A 454 37.78 -30.91 -38.70
N SER A 455 36.84 -31.40 -37.90
CA SER A 455 35.53 -30.76 -37.84
C SER A 455 35.66 -29.38 -37.25
N THR A 456 34.96 -28.41 -37.86
CA THR A 456 35.07 -27.01 -37.48
C THR A 456 33.88 -26.53 -36.67
N GLY A 457 32.80 -27.31 -36.59
CA GLY A 457 31.62 -26.86 -35.87
C GLY A 457 30.97 -25.64 -36.46
N GLN A 458 30.91 -25.54 -37.78
CA GLN A 458 30.29 -24.39 -38.43
C GLN A 458 28.78 -24.40 -38.18
N ASN A 459 28.18 -23.21 -38.25
CA ASN A 459 26.76 -23.00 -37.99
C ASN A 459 26.38 -23.34 -36.55
N VAL A 460 27.27 -23.06 -35.60
CA VAL A 460 27.00 -23.35 -34.18
C VAL A 460 25.67 -22.80 -33.68
N ILE A 461 25.00 -23.57 -32.83
CA ILE A 461 23.72 -23.12 -32.35
C ILE A 461 23.88 -21.84 -31.57
N VAL A 462 24.96 -21.77 -30.84
CA VAL A 462 25.23 -20.58 -30.10
C VAL A 462 26.67 -20.59 -29.70
N PRO A 463 27.18 -19.42 -29.35
CA PRO A 463 28.57 -19.40 -28.93
C PRO A 463 28.62 -20.16 -27.65
N PRO A 464 29.52 -21.15 -27.58
CA PRO A 464 29.73 -21.95 -26.39
C PRO A 464 30.23 -21.06 -25.27
N ALA A 465 31.12 -20.13 -25.61
CA ALA A 465 31.61 -19.22 -24.60
C ALA A 465 30.51 -18.35 -24.05
N ARG A 466 29.60 -17.91 -24.90
CA ARG A 466 28.54 -17.01 -24.47
C ARG A 466 27.65 -17.57 -23.38
N SER A 467 27.34 -18.85 -23.53
CA SER A 467 26.49 -19.61 -22.61
C SER A 467 26.22 -19.17 -21.18
N ARG A 468 27.18 -18.55 -20.50
CA ARG A 468 26.86 -18.26 -19.10
C ARG A 468 26.15 -16.93 -18.95
N TYR A 469 25.35 -16.55 -19.95
CA TYR A 469 24.75 -15.22 -19.96
C TYR A 469 23.73 -15.04 -18.84
N LEU A 470 23.17 -16.13 -18.33
CA LEU A 470 22.20 -16.03 -17.25
C LEU A 470 22.80 -15.35 -16.03
N ALA A 471 24.01 -15.74 -15.66
CA ALA A 471 24.69 -15.10 -14.55
C ALA A 471 24.93 -13.62 -14.82
N GLU A 472 25.31 -13.29 -16.05
CA GLU A 472 25.50 -11.89 -16.41
C GLU A 472 24.24 -11.09 -16.19
N LEU A 473 23.10 -11.60 -16.66
CA LEU A 473 21.84 -10.89 -16.50
C LEU A 473 21.46 -10.77 -15.03
N ALA A 474 21.64 -11.86 -14.26
CA ALA A 474 21.28 -11.84 -12.85
C ALA A 474 22.12 -10.81 -12.10
N ASP A 475 23.43 -10.79 -12.36
CA ASP A 475 24.29 -9.81 -11.70
C ASP A 475 23.97 -8.41 -12.18
N THR A 476 23.53 -8.26 -13.43
CA THR A 476 23.09 -6.96 -13.92
C THR A 476 21.91 -6.46 -13.10
N VAL A 477 20.95 -7.34 -12.85
CA VAL A 477 19.80 -6.99 -12.02
C VAL A 477 20.26 -6.59 -10.62
N ARG A 478 21.17 -7.40 -10.05
CA ARG A 478 21.67 -7.13 -8.71
C ARG A 478 22.35 -5.77 -8.65
N ALA A 479 23.18 -5.46 -9.65
CA ALA A 479 23.90 -4.19 -9.66
C ALA A 479 22.96 -3.02 -9.88
N TYR A 480 21.92 -3.22 -10.69
CA TYR A 480 20.90 -2.18 -10.85
C TYR A 480 20.24 -1.88 -9.51
N HIS A 481 19.90 -2.93 -8.76
CA HIS A 481 19.34 -2.73 -7.43
C HIS A 481 20.32 -2.02 -6.51
N ARG A 482 21.60 -2.40 -6.59
CA ARG A 482 22.62 -1.77 -5.78
C ARG A 482 22.70 -0.28 -6.05
N ARG A 483 22.76 0.09 -7.33
CA ARG A 483 22.83 1.51 -7.69
C ARG A 483 21.57 2.24 -7.26
N VAL A 484 20.40 1.62 -7.43
CA VAL A 484 19.16 2.24 -7.02
C VAL A 484 19.20 2.57 -5.53
N VAL A 485 19.58 1.58 -4.71
CA VAL A 485 19.61 1.78 -3.27
C VAL A 485 20.62 2.87 -2.91
N ALA A 486 21.81 2.81 -3.52
CA ALA A 486 22.85 3.78 -3.22
C ALA A 486 22.39 5.20 -3.55
N GLN A 487 21.85 5.39 -4.75
CA GLN A 487 21.42 6.72 -5.16
C GLN A 487 20.25 7.21 -4.33
N SER A 488 19.34 6.31 -3.94
CA SER A 488 18.26 6.72 -3.05
C SER A 488 18.82 7.21 -1.72
N LYS A 489 19.79 6.47 -1.17
CA LYS A 489 20.44 6.90 0.06
C LYS A 489 21.07 8.27 -0.11
N LEU A 490 21.82 8.47 -1.19
CA LEU A 490 22.50 9.74 -1.40
C LEU A 490 21.50 10.88 -1.55
N ALA A 491 20.41 10.64 -2.29
CA ALA A 491 19.39 11.66 -2.47
C ALA A 491 18.73 12.02 -1.16
N ARG A 492 18.45 11.02 -0.32
CA ARG A 492 17.88 11.31 0.99
C ARG A 492 18.85 12.13 1.83
N GLU A 493 20.13 11.77 1.79
CA GLU A 493 21.14 12.56 2.48
C GLU A 493 21.10 14.01 2.01
N ARG A 494 21.10 14.21 0.70
CA ARG A 494 21.16 15.56 0.15
C ARG A 494 19.92 16.36 0.49
N GLN A 495 18.75 15.73 0.39
CA GLN A 495 17.51 16.43 0.71
C GLN A 495 17.44 16.80 2.19
N GLN A 496 17.85 15.86 3.05
CA GLN A 496 17.88 16.16 4.47
C GLN A 496 18.83 17.30 4.77
N LEU A 497 20.01 17.28 4.15
CA LEU A 497 20.98 18.35 4.34
C LEU A 497 20.41 19.68 3.87
N ARG A 498 19.74 19.68 2.72
CA ARG A 498 19.14 20.89 2.19
C ARG A 498 18.12 21.47 3.15
N ALA A 499 17.17 20.65 3.60
CA ALA A 499 16.13 21.14 4.49
C ALA A 499 16.73 21.62 5.81
N ALA A 500 17.71 20.88 6.34
CA ALA A 500 18.35 21.29 7.59
C ALA A 500 19.07 22.62 7.42
N HIS A 501 19.75 22.80 6.29
CA HIS A 501 20.39 24.08 6.01
C HIS A 501 19.37 25.20 5.97
N ASP A 502 18.21 24.95 5.34
CA ASP A 502 17.15 25.94 5.33
C ASP A 502 16.70 26.27 6.74
N MET A 503 16.62 25.26 7.61
CA MET A 503 16.24 25.51 9.00
C MET A 503 17.29 26.34 9.72
N LEU A 504 18.56 25.94 9.63
CA LEU A 504 19.61 26.62 10.37
C LEU A 504 19.89 28.00 9.80
N GLN A 505 20.00 28.11 8.48
CA GLN A 505 20.14 29.43 7.88
C GLN A 505 18.87 30.24 8.08
N GLY A 506 17.72 29.57 8.20
CA GLY A 506 16.54 30.25 8.65
C GLY A 506 16.58 30.65 10.12
N ALA A 507 17.45 30.01 10.91
CA ALA A 507 17.66 30.40 12.29
C ALA A 507 18.63 31.57 12.43
N GLY A 508 19.31 31.96 11.37
CA GLY A 508 20.16 33.14 11.34
C GLY A 508 21.62 32.86 11.62
N HIS A 509 21.93 31.66 12.11
CA HIS A 509 23.31 31.32 12.43
C HIS A 509 24.16 31.26 11.17
N GLU A 510 25.39 31.76 11.25
CA GLU A 510 26.30 31.87 10.11
C GLU A 510 27.25 30.68 10.12
N SER A 511 26.91 29.65 9.34
CA SER A 511 27.76 28.50 9.12
C SER A 511 27.77 28.20 7.63
N ALA A 512 28.84 28.62 6.95
CA ALA A 512 28.94 28.41 5.51
C ALA A 512 29.17 26.95 5.15
N ALA A 513 29.44 26.10 6.13
CA ALA A 513 29.63 24.69 5.85
C ALA A 513 28.37 24.05 5.26
N LEU A 514 27.20 24.66 5.48
CA LEU A 514 25.96 24.04 5.03
C LEU A 514 25.88 23.98 3.51
N GLU A 515 26.11 25.11 2.85
CA GLU A 515 26.05 25.13 1.39
C GLU A 515 27.14 24.24 0.78
N THR A 516 28.32 24.25 1.37
CA THR A 516 29.39 23.37 0.90
C THR A 516 28.98 21.91 1.02
N LEU A 517 28.38 21.55 2.14
CA LEU A 517 27.93 20.17 2.34
C LEU A 517 26.85 19.80 1.34
N ALA A 518 25.91 20.71 1.09
CA ALA A 518 24.85 20.44 0.12
C ALA A 518 25.46 20.21 -1.27
N SER A 519 26.30 21.14 -1.73
CA SER A 519 26.95 20.99 -3.02
C SER A 519 27.81 19.73 -3.08
N GLU A 520 28.31 19.26 -1.93
CA GLU A 520 29.11 18.04 -1.91
C GLU A 520 28.32 16.86 -2.44
N ARG A 521 27.06 16.72 -2.02
CA ARG A 521 26.20 15.67 -2.54
C ARG A 521 25.54 16.06 -3.86
N ASP A 522 25.44 17.36 -4.15
CA ASP A 522 24.84 17.78 -5.42
C ASP A 522 25.61 17.20 -6.60
N VAL A 523 26.93 17.37 -6.61
CA VAL A 523 27.75 16.73 -7.64
C VAL A 523 27.77 15.23 -7.42
N SER A 524 27.76 14.79 -6.16
CA SER A 524 27.72 13.36 -5.88
C SER A 524 26.43 12.73 -6.39
N LEU A 525 25.35 13.50 -6.43
CA LEU A 525 24.10 13.03 -7.00
C LEU A 525 24.31 12.64 -8.46
N GLY A 526 23.76 11.51 -8.86
CA GLY A 526 23.85 11.08 -10.23
C GLY A 526 23.03 11.95 -11.16
N ALA A 527 23.41 11.94 -12.44
CA ALA A 527 22.74 12.78 -13.42
C ALA A 527 21.34 12.29 -13.75
N VAL A 528 21.19 10.99 -14.03
CA VAL A 528 19.89 10.48 -14.46
C VAL A 528 18.87 10.59 -13.34
N GLU A 529 19.28 10.26 -12.11
CA GLU A 529 18.38 10.41 -10.97
C GLU A 529 17.98 11.86 -10.76
N ARG A 530 18.95 12.78 -10.89
CA ARG A 530 18.64 14.20 -10.75
C ARG A 530 17.64 14.65 -11.79
N LYS A 531 17.80 14.19 -13.04
CA LYS A 531 16.81 14.45 -14.07
C LYS A 531 15.45 13.89 -13.67
N LEU A 532 15.42 12.65 -13.19
CA LEU A 532 14.17 12.07 -12.72
C LEU A 532 13.62 12.83 -11.52
N LEU A 533 14.52 13.28 -10.64
CA LEU A 533 14.09 14.12 -9.53
C LEU A 533 13.49 15.43 -10.02
N ALA A 534 14.08 16.03 -11.05
CA ALA A 534 13.56 17.29 -11.58
C ALA A 534 12.16 17.15 -12.12
N MET A 535 11.78 15.96 -12.61
CA MET A 535 10.45 15.76 -13.15
C MET A 535 9.39 15.56 -12.09
N TRP A 536 9.79 15.45 -10.82
CA TRP A 536 8.82 15.19 -9.76
C TRP A 536 7.76 16.28 -9.65
N PRO A 537 8.10 17.57 -9.55
CA PRO A 537 7.05 18.57 -9.31
C PRO A 537 5.98 18.62 -10.38
N GLN A 538 6.38 18.48 -11.65
CA GLN A 538 5.41 18.61 -12.73
C GLN A 538 4.44 17.44 -12.75
N MET A 539 4.97 16.22 -12.77
CA MET A 539 4.10 15.04 -12.77
C MET A 539 3.25 14.99 -11.52
N GLN A 540 3.82 15.39 -10.38
CA GLN A 540 3.04 15.56 -9.16
C GLN A 540 1.88 16.51 -9.41
N GLN A 541 2.15 17.65 -10.04
CA GLN A 541 1.08 18.57 -10.37
C GLN A 541 0.25 18.07 -11.55
N ALA A 542 0.89 17.52 -12.58
CA ALA A 542 0.17 17.08 -13.76
C ALA A 542 -0.85 16.01 -13.42
N TYR A 543 -0.53 15.16 -12.45
CA TYR A 543 -1.45 14.14 -12.00
C TYR A 543 -2.28 14.60 -10.82
N SER A 544 -2.03 15.81 -10.32
CA SER A 544 -2.86 16.39 -9.28
C SER A 544 -4.22 16.83 -9.82
N GLY A 545 -4.31 17.08 -11.13
CA GLY A 545 -5.54 17.54 -11.74
C GLY A 545 -6.54 16.42 -11.95
N ASP A 546 -7.76 16.83 -12.30
CA ASP A 546 -8.84 15.91 -12.60
C ASP A 546 -8.94 15.59 -14.09
N GLU A 547 -8.03 16.11 -14.90
CA GLU A 547 -7.98 15.80 -16.32
C GLU A 547 -6.56 16.03 -16.81
N TYR A 548 -6.10 15.13 -17.67
CA TYR A 548 -4.76 15.19 -18.24
C TYR A 548 -4.89 15.61 -19.70
N VAL A 549 -4.15 16.65 -20.08
CA VAL A 549 -4.17 17.19 -21.43
C VAL A 549 -2.77 17.10 -22.02
N VAL A 550 -2.66 16.57 -23.22
CA VAL A 550 -1.37 16.46 -23.89
C VAL A 550 -1.52 16.84 -25.37
N LYS A 551 -0.80 17.87 -25.80
CA LYS A 551 -0.73 18.24 -27.21
C LYS A 551 0.37 17.41 -27.86
N ILE A 552 -0.03 16.34 -28.54
CA ILE A 552 0.89 15.36 -29.10
C ILE A 552 1.14 15.71 -30.55
N ARG A 553 2.41 15.93 -30.90
CA ARG A 553 2.81 16.44 -32.22
C ARG A 553 2.02 17.72 -32.44
N ASP A 554 1.13 17.79 -33.42
CA ASP A 554 0.22 18.93 -33.57
C ASP A 554 -1.15 18.66 -33.00
N LYS A 555 -1.56 17.40 -32.87
CA LYS A 555 -2.86 17.05 -32.35
C LYS A 555 -2.83 17.14 -30.82
N GLU A 556 -4.00 17.03 -30.19
CA GLU A 556 -4.10 17.11 -28.75
C GLU A 556 -5.08 16.05 -28.25
N ILE A 557 -4.73 15.43 -27.13
CA ILE A 557 -5.56 14.40 -26.54
C ILE A 557 -5.68 14.64 -25.04
N ARG A 558 -6.76 15.27 -24.61
CA ARG A 558 -7.02 15.54 -23.21
C ARG A 558 -7.93 14.46 -22.63
N THR A 559 -7.52 13.89 -21.49
CA THR A 559 -8.26 12.81 -20.88
C THR A 559 -8.57 13.16 -19.43
N GLY A 560 -9.84 13.03 -19.06
CA GLY A 560 -10.23 13.31 -17.69
C GLY A 560 -9.69 12.28 -16.71
N LEU A 561 -9.36 12.75 -15.51
CA LEU A 561 -8.80 11.90 -14.46
C LEU A 561 -9.78 11.67 -13.33
N ILE A 562 -10.92 12.35 -13.31
CA ILE A 562 -11.87 12.29 -12.21
C ILE A 562 -12.91 11.22 -12.51
N SER A 563 -13.24 10.42 -11.50
CA SER A 563 -14.29 9.43 -11.60
C SER A 563 -15.31 9.71 -10.50
N THR A 564 -16.59 9.48 -10.81
CA THR A 564 -17.69 9.82 -9.92
C THR A 564 -18.47 8.57 -9.56
N THR A 565 -18.81 8.43 -8.28
CA THR A 565 -19.60 7.31 -7.82
C THR A 565 -21.06 7.73 -7.63
N LEU A 566 -21.89 6.79 -7.18
CA LEU A 566 -23.30 7.09 -6.94
C LEU A 566 -23.47 8.17 -5.89
N SER A 567 -22.66 8.13 -4.83
CA SER A 567 -22.65 9.21 -3.85
C SER A 567 -21.98 10.47 -4.38
N GLY A 568 -21.58 10.47 -5.65
CA GLY A 568 -20.95 11.64 -6.22
C GLY A 568 -19.51 11.84 -5.86
N THR A 569 -18.88 10.85 -5.23
CA THR A 569 -17.51 11.01 -4.76
C THR A 569 -16.55 11.04 -5.95
N LYS A 570 -15.68 12.04 -5.96
CA LYS A 570 -14.70 12.21 -7.02
C LYS A 570 -13.59 11.19 -6.82
N ILE A 571 -13.28 10.43 -7.86
CA ILE A 571 -12.29 9.37 -7.80
C ILE A 571 -11.21 9.65 -8.83
N ARG A 572 -9.96 9.70 -8.40
CA ARG A 572 -8.85 9.76 -9.33
C ARG A 572 -8.38 8.34 -9.65
N LYS A 573 -8.29 8.04 -10.94
CA LYS A 573 -8.08 6.65 -11.37
C LYS A 573 -6.75 6.12 -10.87
N VAL A 574 -5.70 6.93 -10.89
CA VAL A 574 -4.40 6.59 -10.32
C VAL A 574 -3.97 7.71 -9.39
N VAL A 575 -3.67 7.36 -8.15
CA VAL A 575 -3.22 8.32 -7.15
C VAL A 575 -1.83 7.91 -6.68
N LEU A 576 -0.90 8.84 -6.76
CA LEU A 576 0.47 8.71 -6.30
C LEU A 576 0.55 8.93 -4.81
N PRO A 577 1.63 8.49 -4.16
CA PRO A 577 1.82 8.82 -2.75
C PRO A 577 1.99 10.31 -2.54
N ARG A 578 1.65 10.75 -1.34
CA ARG A 578 1.78 12.14 -0.92
C ARG A 578 2.84 12.27 0.16
N PHE A 579 3.96 11.57 0.00
CA PHE A 579 5.00 11.54 1.01
C PHE A 579 5.66 12.91 1.13
N GLU A 580 6.27 13.15 2.30
CA GLU A 580 6.95 14.39 2.57
C GLU A 580 8.45 14.32 2.27
N ASP A 581 9.14 13.28 2.74
CA ASP A 581 10.55 13.10 2.45
C ASP A 581 10.74 12.85 0.97
N GLU A 582 11.87 13.30 0.43
CA GLU A 582 12.15 13.10 -0.99
C GLU A 582 13.01 11.86 -1.23
N GLY A 583 13.77 11.41 -0.24
CA GLY A 583 14.64 10.25 -0.47
C GLY A 583 13.85 9.00 -0.79
N GLU A 584 12.84 8.70 0.03
CA GLU A 584 12.00 7.54 -0.25
C GLU A 584 11.17 7.75 -1.50
N ILE A 585 10.84 9.00 -1.81
CA ILE A 585 10.16 9.30 -3.06
C ILE A 585 11.02 8.85 -4.24
N LEU A 586 12.30 9.24 -4.23
CA LEU A 586 13.22 8.83 -5.28
C LEU A 586 13.41 7.32 -5.28
N LYS A 587 13.48 6.73 -4.09
CA LYS A 587 13.56 5.28 -3.99
C LYS A 587 12.40 4.62 -4.72
N TRP A 588 11.18 5.08 -4.45
CA TRP A 588 10.03 4.53 -5.13
C TRP A 588 10.13 4.75 -6.63
N LEU A 589 10.42 5.99 -7.04
CA LEU A 589 10.42 6.33 -8.46
C LEU A 589 11.42 5.48 -9.22
N MET A 590 12.61 5.28 -8.67
CA MET A 590 13.56 4.37 -9.27
C MET A 590 13.03 2.94 -9.28
N ARG A 591 12.44 2.50 -8.18
CA ARG A 591 11.94 1.13 -8.10
C ARG A 591 10.57 0.97 -8.76
N GLU A 592 9.70 1.98 -8.67
CA GLU A 592 8.35 1.93 -9.25
C GLU A 592 8.03 3.30 -9.83
N ASN A 593 7.78 3.34 -11.13
CA ASN A 593 7.37 4.58 -11.77
C ASN A 593 5.87 4.57 -12.05
N VAL A 594 5.39 5.62 -12.69
CA VAL A 594 4.01 5.69 -13.15
C VAL A 594 3.85 4.70 -14.29
N PRO A 595 2.63 4.21 -14.54
CA PRO A 595 2.42 3.43 -15.77
C PRO A 595 2.77 4.26 -16.99
N GLY A 596 3.34 3.62 -17.99
CA GLY A 596 3.89 4.32 -19.12
C GLY A 596 5.26 4.90 -18.89
N SER A 597 5.94 4.51 -17.82
CA SER A 597 7.29 4.98 -17.55
C SER A 597 8.18 3.79 -17.21
N PHE A 598 9.44 3.88 -17.59
CA PHE A 598 10.37 2.77 -17.35
C PHE A 598 10.50 2.53 -15.85
N PRO A 599 10.58 1.27 -15.41
CA PRO A 599 10.57 0.04 -16.20
C PRO A 599 9.18 -0.52 -16.43
N TYR A 600 8.15 0.32 -16.38
CA TYR A 600 6.77 -0.07 -16.72
C TYR A 600 6.30 -1.24 -15.87
N THR A 601 6.68 -1.26 -14.59
CA THR A 601 6.12 -2.24 -13.68
C THR A 601 4.61 -2.12 -13.63
N ALA A 602 4.10 -0.90 -13.63
CA ALA A 602 2.66 -0.62 -13.63
C ALA A 602 2.04 -0.79 -15.02
N GLY A 603 2.74 -1.43 -15.95
CA GLY A 603 2.19 -1.67 -17.27
C GLY A 603 2.73 -0.74 -18.34
N VAL A 604 2.74 -1.23 -19.59
CA VAL A 604 3.24 -0.43 -20.69
C VAL A 604 2.34 0.78 -20.94
N PHE A 605 1.03 0.57 -21.03
CA PHE A 605 0.09 1.66 -21.25
C PHE A 605 -0.03 2.51 -19.98
N ALA A 606 0.20 3.81 -20.13
CA ALA A 606 0.03 4.72 -19.01
C ALA A 606 -1.44 4.76 -18.58
N PHE A 607 -2.34 4.80 -19.54
CA PHE A 607 -3.77 4.80 -19.26
C PHE A 607 -4.36 3.49 -19.78
N LYS A 608 -5.38 3.02 -19.08
CA LYS A 608 -5.98 1.74 -19.42
C LYS A 608 -6.60 1.81 -20.82
N ARG A 609 -6.52 0.69 -21.52
CA ARG A 609 -7.16 0.57 -22.83
C ARG A 609 -8.66 0.78 -22.69
N GLU A 610 -9.23 1.51 -23.65
CA GLU A 610 -10.66 1.82 -23.65
C GLU A 610 -11.38 0.84 -24.56
N GLY A 611 -12.47 0.27 -24.05
CA GLY A 611 -13.25 -0.69 -24.82
C GLY A 611 -14.04 -1.65 -23.95
N ASP A 613 -14.36 -4.71 -26.55
CA ASP A 613 -15.04 -6.00 -26.58
C ASP A 613 -14.15 -7.07 -27.21
N PRO A 614 -13.19 -7.60 -26.44
CA PRO A 614 -12.25 -8.60 -26.93
C PRO A 614 -12.83 -10.01 -27.02
N THR A 615 -13.84 -10.20 -27.85
CA THR A 615 -14.45 -11.50 -28.07
C THR A 615 -13.68 -12.23 -29.15
N ARG A 616 -12.62 -12.94 -28.75
CA ARG A 616 -11.81 -13.68 -29.71
C ARG A 616 -12.61 -14.85 -30.29
N MET A 617 -12.60 -14.95 -31.61
CA MET A 617 -13.37 -15.97 -32.33
C MET A 617 -12.48 -17.18 -32.55
N PHE A 618 -12.45 -18.05 -31.55
CA PHE A 618 -11.73 -19.32 -31.67
C PHE A 618 -12.63 -20.33 -32.37
N ALA A 619 -12.25 -20.72 -33.58
CA ALA A 619 -13.15 -21.52 -34.41
C ALA A 619 -12.41 -22.27 -35.50
N GLY A 620 -12.46 -23.60 -35.45
CA GLY A 620 -11.97 -24.43 -36.54
C GLY A 620 -12.20 -25.91 -36.32
N GLU A 621 -12.78 -26.58 -37.31
CA GLU A 621 -13.03 -28.02 -37.29
C GLU A 621 -13.63 -28.43 -38.63
N GLY A 622 -13.41 -29.68 -39.00
CA GLY A 622 -14.01 -30.18 -40.21
C GLY A 622 -13.36 -29.60 -41.46
N ASP A 623 -14.12 -29.64 -42.55
CA ASP A 623 -13.62 -29.18 -43.83
C ASP A 623 -13.67 -27.66 -43.91
N ALA A 624 -13.28 -27.13 -45.06
CA ALA A 624 -13.32 -25.68 -45.26
C ALA A 624 -14.74 -25.15 -45.25
N PHE A 625 -15.68 -25.89 -45.83
CA PHE A 625 -17.04 -25.39 -45.97
C PHE A 625 -17.72 -25.25 -44.61
N ARG A 626 -17.62 -26.30 -43.78
CA ARG A 626 -18.21 -26.25 -42.45
C ARG A 626 -17.60 -25.15 -41.61
N THR A 627 -16.28 -24.99 -41.69
CA THR A 627 -15.61 -23.94 -40.94
C THR A 627 -16.07 -22.55 -41.40
N ASN A 628 -16.21 -22.36 -42.71
CA ASN A 628 -16.66 -21.07 -43.21
C ASN A 628 -18.10 -20.78 -42.77
N ARG A 629 -18.95 -21.81 -42.78
CA ARG A 629 -20.30 -21.63 -42.24
C ARG A 629 -20.26 -21.25 -40.77
N ARG A 630 -19.37 -21.89 -40.00
CA ARG A 630 -19.21 -21.56 -38.60
C ARG A 630 -18.78 -20.10 -38.43
N PHE A 631 -17.83 -19.65 -39.24
CA PHE A 631 -17.41 -18.26 -39.18
C PHE A 631 -18.56 -17.32 -39.53
N LYS A 632 -19.35 -17.71 -40.53
CA LYS A 632 -20.55 -16.95 -40.88
C LYS A 632 -21.48 -16.85 -39.68
N LEU A 633 -21.58 -17.92 -38.91
CA LEU A 633 -22.36 -17.86 -37.67
C LEU A 633 -21.74 -16.88 -36.68
N VAL A 634 -20.41 -16.91 -36.56
CA VAL A 634 -19.75 -16.15 -35.51
C VAL A 634 -19.44 -14.73 -35.98
N SER A 635 -18.85 -14.61 -37.17
CA SER A 635 -18.38 -13.33 -37.67
C SER A 635 -19.39 -12.66 -38.60
N GLU A 636 -20.68 -12.82 -38.34
CA GLU A 636 -21.70 -12.24 -39.20
C GLU A 636 -21.70 -10.73 -39.08
N GLY A 637 -21.14 -10.06 -40.09
CA GLY A 637 -21.13 -8.61 -40.14
C GLY A 637 -20.45 -7.95 -38.96
N MET A 638 -19.29 -8.47 -38.56
CA MET A 638 -18.55 -7.96 -37.42
C MET A 638 -17.48 -6.98 -37.90
N GLU A 639 -17.39 -5.85 -37.20
CA GLU A 639 -16.44 -4.82 -37.58
C GLU A 639 -15.00 -5.33 -37.48
N ALA A 640 -14.65 -5.93 -36.36
CA ALA A 640 -13.32 -6.48 -36.14
C ALA A 640 -13.36 -7.98 -36.38
N LYS A 641 -12.57 -8.45 -37.35
CA LYS A 641 -12.50 -9.87 -37.68
C LYS A 641 -11.29 -10.45 -36.96
N ARG A 642 -11.49 -10.94 -35.75
CA ARG A 642 -10.43 -11.58 -34.97
C ARG A 642 -10.78 -13.07 -34.87
N LEU A 643 -10.38 -13.83 -35.88
CA LEU A 643 -10.66 -15.25 -35.96
C LEU A 643 -9.44 -16.05 -35.51
N SER A 644 -9.70 -17.11 -34.75
CA SER A 644 -8.64 -17.96 -34.21
C SER A 644 -8.83 -19.36 -34.79
N THR A 645 -7.73 -20.01 -35.15
CA THR A 645 -7.77 -21.25 -35.90
C THR A 645 -7.17 -22.39 -35.08
N ALA A 646 -7.86 -23.52 -35.05
CA ALA A 646 -7.41 -24.72 -34.37
C ALA A 646 -7.07 -25.79 -35.39
N PHE A 647 -6.16 -26.69 -35.02
CA PHE A 647 -5.66 -27.69 -35.94
C PHE A 647 -5.70 -29.08 -35.31
N ASP A 648 -5.63 -30.10 -36.17
CA ASP A 648 -5.57 -31.47 -35.72
C ASP A 648 -4.12 -31.94 -35.61
N SER A 649 -3.92 -32.99 -34.81
CA SER A 649 -2.57 -33.46 -34.50
C SER A 649 -1.81 -33.89 -35.74
N VAL A 650 -2.46 -34.64 -36.63
CA VAL A 650 -1.82 -35.06 -37.87
C VAL A 650 -1.29 -33.85 -38.63
N THR A 651 -2.10 -32.79 -38.71
CA THR A 651 -1.60 -31.54 -39.25
C THR A 651 -0.59 -30.90 -38.30
N LEU A 652 -0.90 -30.87 -37.01
CA LEU A 652 0.01 -30.26 -36.05
C LEU A 652 1.34 -31.00 -35.96
N TYR A 653 1.31 -32.32 -36.12
CA TYR A 653 2.53 -33.10 -36.26
C TYR A 653 3.11 -32.97 -37.66
N GLY A 654 2.39 -32.33 -38.58
CA GLY A 654 2.83 -32.27 -39.96
C GLY A 654 2.84 -33.62 -40.65
N GLU A 655 1.81 -34.42 -40.43
CA GLU A 655 1.75 -35.78 -40.97
C GLU A 655 0.93 -35.82 -42.25
N ASP A 656 1.47 -36.49 -43.26
CA ASP A 656 0.77 -36.66 -44.52
C ASP A 656 -0.39 -37.65 -44.37
N PRO A 657 -1.54 -37.32 -44.95
CA PRO A 657 -2.63 -38.31 -44.98
C PRO A 657 -2.20 -39.56 -45.72
N HIS A 658 -2.53 -40.70 -45.14
CA HIS A 658 -1.99 -41.97 -45.61
C HIS A 658 -3.10 -43.00 -45.71
N GLU A 659 -2.95 -43.91 -46.66
CA GLU A 659 -3.94 -44.96 -46.86
C GLU A 659 -3.95 -45.95 -45.71
N ARG A 660 -2.93 -45.93 -44.85
CA ARG A 660 -2.92 -46.80 -43.69
C ARG A 660 -4.05 -46.42 -42.74
N PRO A 661 -4.67 -47.40 -42.07
CA PRO A 661 -5.74 -47.06 -41.12
C PRO A 661 -5.26 -46.25 -39.93
N ASP A 662 -3.94 -46.18 -39.71
CA ASP A 662 -3.36 -45.55 -38.53
C ASP A 662 -3.88 -44.13 -38.32
N ILE A 663 -3.89 -43.32 -39.37
CA ILE A 663 -4.40 -41.96 -39.27
C ILE A 663 -5.85 -41.84 -39.68
N TYR A 664 -6.45 -42.91 -40.21
CA TYR A 664 -7.82 -42.84 -40.71
C TYR A 664 -8.78 -42.40 -39.62
N GLY A 665 -8.64 -42.95 -38.42
CA GLY A 665 -9.47 -42.50 -37.31
C GLY A 665 -9.18 -41.09 -36.85
N LYS A 666 -8.11 -40.47 -37.37
CA LYS A 666 -7.70 -39.15 -36.96
C LYS A 666 -8.02 -38.07 -37.99
N VAL A 667 -8.61 -38.43 -39.13
CA VAL A 667 -8.74 -37.48 -40.22
C VAL A 667 -9.85 -36.49 -39.92
N GLY A 668 -9.57 -35.20 -40.10
CA GLY A 668 -10.56 -34.16 -39.92
C GLY A 668 -11.14 -34.06 -38.54
N ASN A 669 -10.50 -34.65 -37.54
CA ASN A 669 -11.02 -34.69 -36.18
C ASN A 669 -10.15 -33.83 -35.28
N SER A 670 -10.81 -33.12 -34.35
CA SER A 670 -10.15 -32.24 -33.39
C SER A 670 -9.31 -31.17 -34.08
N GLY A 671 -9.71 -30.78 -35.29
CA GLY A 671 -8.93 -29.86 -36.09
C GLY A 671 -9.18 -30.08 -37.55
N VAL A 672 -8.78 -29.11 -38.38
CA VAL A 672 -9.03 -29.20 -39.81
C VAL A 672 -7.81 -29.74 -40.51
N SER A 673 -8.00 -30.78 -41.31
CA SER A 673 -6.90 -31.42 -42.03
C SER A 673 -6.73 -30.74 -43.39
N ILE A 674 -5.54 -30.22 -43.64
CA ILE A 674 -5.23 -29.48 -44.85
C ILE A 674 -4.36 -30.35 -45.74
N ALA A 675 -4.73 -30.44 -47.01
CA ALA A 675 -3.94 -31.16 -48.01
C ALA A 675 -3.29 -30.26 -49.04
N THR A 676 -3.98 -29.20 -49.48
CA THR A 676 -3.44 -28.29 -50.47
C THR A 676 -3.85 -26.87 -50.12
N LEU A 677 -3.24 -25.91 -50.82
CA LEU A 677 -3.49 -24.50 -50.54
C LEU A 677 -4.95 -24.12 -50.82
N GLU A 678 -5.52 -24.65 -51.90
CA GLU A 678 -6.88 -24.27 -52.28
C GLU A 678 -7.87 -24.56 -51.16
N ASP A 679 -7.62 -25.61 -50.38
CA ASP A 679 -8.47 -25.87 -49.22
C ASP A 679 -8.46 -24.69 -48.26
N MET A 680 -7.27 -24.15 -47.98
CA MET A 680 -7.17 -22.97 -47.13
C MET A 680 -7.84 -21.77 -47.77
N LYS A 681 -7.60 -21.56 -49.07
CA LYS A 681 -8.15 -20.38 -49.74
C LYS A 681 -9.68 -20.41 -49.72
N VAL A 682 -10.27 -21.57 -49.97
CA VAL A 682 -11.71 -21.71 -49.79
C VAL A 682 -12.08 -21.47 -48.33
N LEU A 683 -11.28 -22.00 -47.41
CA LEU A 683 -11.46 -21.71 -45.99
C LEU A 683 -11.27 -20.22 -45.71
N TYR A 684 -10.59 -19.52 -46.62
CA TYR A 684 -10.33 -18.09 -46.44
C TYR A 684 -11.09 -17.24 -47.44
N ASP A 685 -12.13 -17.79 -48.07
CA ASP A 685 -12.89 -17.04 -49.06
C ASP A 685 -13.72 -15.96 -48.38
N GLY A 686 -13.66 -14.75 -48.92
CA GLY A 686 -14.45 -13.65 -48.43
C GLY A 686 -14.00 -13.05 -47.12
N PHE A 687 -12.99 -13.63 -46.48
CA PHE A 687 -12.44 -13.11 -45.23
C PHE A 687 -11.28 -12.20 -45.60
N ASP A 688 -11.55 -10.90 -45.71
CA ASP A 688 -10.60 -9.96 -46.27
C ASP A 688 -9.49 -9.72 -45.25
N LEU A 689 -8.47 -10.57 -45.31
CA LEU A 689 -7.30 -10.42 -44.45
C LEU A 689 -6.58 -9.09 -44.65
N THR A 690 -6.72 -8.48 -45.84
CA THR A 690 -6.05 -7.22 -46.11
C THR A 690 -6.56 -6.08 -45.26
N ASN A 691 -7.77 -6.19 -44.72
CA ASN A 691 -8.29 -5.13 -43.86
C ASN A 691 -7.52 -5.09 -42.55
N PRO A 692 -7.10 -3.90 -42.11
CA PRO A 692 -6.30 -3.81 -40.88
C PRO A 692 -7.02 -4.30 -39.65
N SER A 693 -8.35 -4.31 -39.64
CA SER A 693 -9.13 -4.80 -38.51
C SER A 693 -9.45 -6.28 -38.63
N THR A 694 -8.90 -6.94 -39.65
CA THR A 694 -9.05 -8.38 -39.82
C THR A 694 -7.84 -9.05 -39.19
N SER A 695 -8.06 -9.76 -38.09
CA SER A 695 -6.99 -10.39 -37.33
C SER A 695 -7.19 -11.90 -37.33
N VAL A 696 -6.14 -12.64 -37.64
CA VAL A 696 -6.18 -14.10 -37.64
C VAL A 696 -4.99 -14.60 -36.84
N SER A 697 -5.26 -15.47 -35.87
CA SER A 697 -4.22 -16.12 -35.06
C SER A 697 -4.37 -17.62 -35.29
N MET A 698 -3.29 -18.26 -35.70
CA MET A 698 -3.33 -19.67 -36.05
C MET A 698 -2.38 -20.48 -35.18
N THR A 699 -2.81 -21.69 -34.84
CA THR A 699 -2.12 -22.55 -33.89
C THR A 699 -1.37 -23.62 -34.67
N ILE A 700 -0.05 -23.44 -34.78
CA ILE A 700 0.83 -24.45 -35.33
C ILE A 700 2.26 -24.09 -34.95
N ASN A 701 3.11 -25.10 -34.83
CA ASN A 701 4.50 -24.88 -34.40
C ASN A 701 5.52 -25.24 -35.46
N GLY A 702 5.51 -26.46 -35.99
CA GLY A 702 6.56 -26.93 -36.85
C GLY A 702 6.54 -26.34 -38.24
N PRO A 703 5.55 -26.75 -39.04
CA PRO A 703 5.51 -26.33 -40.46
C PRO A 703 4.96 -24.93 -40.64
N ALA A 704 4.95 -24.15 -39.57
CA ALA A 704 4.41 -22.79 -39.61
C ALA A 704 4.94 -21.95 -40.78
N PRO A 705 6.22 -21.98 -41.13
CA PRO A 705 6.64 -21.25 -42.34
C PRO A 705 5.90 -21.68 -43.59
N THR A 706 5.63 -22.97 -43.74
CA THR A 706 4.88 -23.44 -44.90
C THR A 706 3.48 -22.83 -44.92
N ILE A 707 2.80 -22.87 -43.79
CA ILE A 707 1.44 -22.35 -43.72
C ILE A 707 1.45 -20.84 -43.92
N LEU A 708 2.49 -20.17 -43.44
CA LEU A 708 2.61 -18.73 -43.64
C LEU A 708 2.80 -18.39 -45.11
N ALA A 709 3.63 -19.17 -45.80
CA ALA A 709 3.78 -18.98 -47.24
C ALA A 709 2.47 -19.24 -47.96
N MET A 710 1.73 -20.25 -47.54
CA MET A 710 0.41 -20.50 -48.09
C MET A 710 -0.52 -19.31 -47.85
N PHE A 711 -0.43 -18.72 -46.66
CA PHE A 711 -1.23 -17.53 -46.35
C PHE A 711 -0.86 -16.38 -47.28
N MET A 712 0.44 -16.17 -47.50
CA MET A 712 0.89 -15.19 -48.46
C MET A 712 0.30 -15.44 -49.82
N ASN A 713 0.35 -16.70 -50.27
CA ASN A 713 -0.18 -17.05 -51.58
C ASN A 713 -1.68 -16.78 -51.67
N THR A 714 -2.42 -17.12 -50.60
CA THR A 714 -3.86 -16.86 -50.59
C THR A 714 -4.15 -15.37 -50.72
N ALA A 715 -3.46 -14.56 -49.91
CA ALA A 715 -3.68 -13.13 -49.95
C ALA A 715 -3.34 -12.55 -51.31
N ILE A 716 -2.24 -13.00 -51.89
CA ILE A 716 -1.82 -12.48 -53.19
C ILE A 716 -2.78 -12.93 -54.28
N ASP A 717 -3.23 -14.19 -54.22
CA ASP A 717 -4.16 -14.69 -55.22
C ASP A 717 -5.47 -13.92 -55.19
N GLN A 718 -5.97 -13.63 -53.99
CA GLN A 718 -7.19 -12.85 -53.89
C GLN A 718 -7.05 -11.53 -54.63
N GLN A 719 -5.99 -10.77 -54.32
CA GLN A 719 -5.79 -9.48 -54.97
C GLN A 719 -5.57 -9.63 -56.47
N ILE A 720 -4.76 -10.60 -56.89
CA ILE A 720 -4.41 -10.73 -58.30
C ILE A 720 -5.64 -11.10 -59.12
N ASP A 721 -6.42 -12.07 -58.66
CA ASP A 721 -7.62 -12.45 -59.38
C ASP A 721 -8.65 -11.33 -59.36
N ARG A 722 -8.75 -10.61 -58.25
CA ARG A 722 -9.69 -9.50 -58.18
C ARG A 722 -9.32 -8.44 -59.21
N PHE A 723 -8.03 -8.10 -59.30
CA PHE A 723 -7.58 -7.15 -60.31
C PHE A 723 -7.81 -7.69 -61.72
N ARG A 724 -7.56 -8.99 -61.92
CA ARG A 724 -7.75 -9.59 -63.23
C ARG A 724 -9.20 -9.50 -63.68
N ALA A 725 -10.14 -9.78 -62.78
CA ALA A 725 -11.55 -9.60 -63.09
C ALA A 725 -11.89 -8.13 -63.28
N ASP A 726 -11.24 -7.25 -62.52
CA ASP A 726 -11.41 -5.81 -62.68
C ASP A 726 -10.90 -5.30 -64.02
N ASN A 727 -10.02 -6.04 -64.68
CA ASN A 727 -9.47 -5.62 -65.97
C ASN A 727 -9.71 -6.60 -67.09
N GLY A 728 -10.14 -7.82 -66.81
CA GLY A 728 -10.25 -8.83 -67.85
C GLY A 728 -8.92 -9.23 -68.43
N ARG A 729 -7.84 -9.04 -67.69
CA ARG A 729 -6.51 -9.41 -68.17
C ARG A 729 -5.63 -9.74 -66.97
N ASP A 730 -4.58 -10.49 -67.25
CA ASP A 730 -3.69 -10.93 -66.19
C ASP A 730 -2.83 -9.77 -65.69
N PRO A 731 -2.78 -9.57 -64.37
CA PRO A 731 -1.82 -8.62 -63.82
C PRO A 731 -0.39 -8.99 -64.19
N THR A 732 0.37 -8.00 -64.64
CA THR A 732 1.69 -8.25 -65.19
C THR A 732 2.74 -8.34 -64.07
N ALA A 733 4.01 -8.39 -64.49
CA ALA A 733 5.10 -8.37 -63.53
C ALA A 733 5.13 -7.08 -62.74
N ASP A 734 4.82 -5.96 -63.38
CA ASP A 734 4.69 -4.70 -62.65
C ASP A 734 3.55 -4.76 -61.66
N GLU A 735 2.40 -5.28 -62.09
CA GLU A 735 1.29 -5.47 -61.17
C GLU A 735 1.63 -6.50 -60.10
N GLU A 736 2.42 -7.51 -60.47
CA GLU A 736 2.86 -8.49 -59.47
C GLU A 736 3.69 -7.81 -58.39
N ALA A 737 4.59 -6.91 -58.80
CA ALA A 737 5.41 -6.19 -57.82
C ALA A 737 4.55 -5.24 -57.00
N LYS A 738 3.55 -4.63 -57.63
CA LYS A 738 2.64 -3.76 -56.89
C LYS A 738 1.90 -4.54 -55.81
N ILE A 739 1.40 -5.72 -56.16
CA ILE A 739 0.71 -6.57 -55.19
C ILE A 739 1.69 -7.02 -54.11
N ARG A 740 2.93 -7.30 -54.50
CA ARG A 740 3.95 -7.69 -53.53
C ARG A 740 4.15 -6.59 -52.49
N ALA A 741 4.38 -5.36 -52.94
CA ALA A 741 4.55 -4.25 -52.02
C ALA A 741 3.28 -4.01 -51.22
N TRP A 742 2.12 -4.22 -51.83
CA TRP A 742 0.86 -4.03 -51.12
C TRP A 742 0.72 -5.00 -49.96
N VAL A 743 1.06 -6.27 -50.19
CA VAL A 743 1.00 -7.26 -49.12
C VAL A 743 2.05 -6.95 -48.07
N LEU A 744 3.26 -6.54 -48.51
CA LEU A 744 4.29 -6.15 -47.56
C LEU A 744 3.82 -5.03 -46.65
N GLN A 745 3.06 -4.08 -47.19
CA GLN A 745 2.48 -3.04 -46.37
C GLN A 745 1.36 -3.58 -45.49
N ASN A 746 0.61 -4.57 -45.99
CA ASN A 746 -0.59 -5.04 -45.33
C ASN A 746 -0.48 -6.46 -44.79
N VAL A 747 0.73 -6.99 -44.64
CA VAL A 747 0.88 -8.32 -44.06
C VAL A 747 0.59 -8.27 -42.57
N ARG A 748 -0.51 -8.90 -42.15
CA ARG A 748 -0.93 -8.88 -40.75
C ARG A 748 -1.34 -10.28 -40.32
N GLY A 749 -0.97 -10.65 -39.10
CA GLY A 749 -1.39 -11.93 -38.56
C GLY A 749 -0.55 -12.34 -37.37
N THR A 750 -1.02 -13.40 -36.71
CA THR A 750 -0.40 -13.92 -35.51
C THR A 750 -0.31 -15.43 -35.60
N VAL A 751 0.80 -15.99 -35.10
CA VAL A 751 1.07 -17.42 -35.18
C VAL A 751 1.38 -17.94 -33.78
N GLN A 752 0.83 -19.11 -33.45
CA GLN A 752 1.11 -19.75 -32.15
C GLN A 752 2.24 -20.76 -32.33
N ALA A 753 3.43 -20.21 -32.61
CA ALA A 753 4.63 -21.01 -32.87
C ALA A 753 5.54 -20.97 -31.66
N ASP A 754 5.62 -22.09 -30.94
CA ASP A 754 6.58 -22.28 -29.86
C ASP A 754 7.22 -23.66 -30.07
N ILE A 755 8.43 -23.66 -30.62
CA ILE A 755 9.10 -24.92 -30.93
C ILE A 755 9.53 -25.64 -29.66
N LEU A 756 10.06 -24.90 -28.69
CA LEU A 756 10.73 -25.52 -27.56
C LEU A 756 9.75 -26.31 -26.69
N LYS A 757 8.53 -25.79 -26.52
CA LYS A 757 7.64 -26.30 -25.48
C LYS A 757 7.29 -27.77 -25.68
N GLU A 758 7.16 -28.22 -26.93
CA GLU A 758 6.82 -29.62 -27.18
C GLU A 758 7.87 -30.57 -26.63
N ASP A 759 9.15 -30.23 -26.79
CA ASP A 759 10.22 -31.05 -26.24
C ASP A 759 10.14 -31.15 -24.73
N GLN A 760 9.60 -30.13 -24.06
CA GLN A 760 9.58 -30.12 -22.60
C GLN A 760 8.60 -31.16 -22.06
N GLY A 761 7.38 -31.19 -22.58
CA GLY A 761 6.37 -32.08 -22.05
C GLY A 761 5.98 -33.23 -22.95
N GLN A 762 5.95 -32.98 -24.26
CA GLN A 762 5.58 -34.03 -25.21
C GLN A 762 6.74 -34.99 -25.48
N ASN A 763 7.97 -34.49 -25.52
CA ASN A 763 9.15 -35.29 -25.87
C ASN A 763 8.96 -35.92 -27.24
N THR A 764 8.23 -35.24 -28.11
CA THR A 764 7.89 -35.75 -29.43
C THR A 764 8.59 -35.01 -30.56
N CYS A 765 9.62 -34.22 -30.25
CA CYS A 765 10.27 -33.42 -31.29
C CYS A 765 10.92 -34.33 -32.33
N ILE A 766 10.81 -33.93 -33.60
CA ILE A 766 11.42 -34.66 -34.69
C ILE A 766 12.56 -33.89 -35.34
N PHE A 767 12.58 -32.57 -35.23
CA PHE A 767 13.64 -31.79 -35.85
C PHE A 767 14.64 -31.31 -34.82
N SER A 768 15.90 -31.29 -35.22
CA SER A 768 16.92 -30.68 -34.40
C SER A 768 16.60 -29.21 -34.20
N THR A 769 16.47 -28.80 -32.93
CA THR A 769 16.06 -27.43 -32.64
C THR A 769 17.06 -26.43 -33.19
N GLU A 770 18.30 -26.86 -33.40
CA GLU A 770 19.26 -26.01 -34.08
C GLU A 770 18.78 -25.66 -35.48
N PHE A 771 18.42 -26.67 -36.27
CA PHE A 771 17.97 -26.42 -37.64
C PHE A 771 16.65 -25.65 -37.64
N SER A 772 15.74 -25.97 -36.73
CA SER A 772 14.48 -25.25 -36.65
C SER A 772 14.71 -23.78 -36.33
N LEU A 773 15.61 -23.50 -35.39
CA LEU A 773 15.96 -22.13 -35.06
C LEU A 773 16.59 -21.44 -36.26
N LYS A 774 17.41 -22.17 -37.03
CA LYS A 774 17.99 -21.59 -38.23
C LYS A 774 16.91 -21.21 -39.24
N VAL A 775 15.90 -22.06 -39.39
CA VAL A 775 14.80 -21.74 -40.30
C VAL A 775 14.05 -20.51 -39.82
N MET A 776 13.80 -20.43 -38.51
CA MET A 776 13.14 -19.26 -37.95
C MET A 776 13.96 -18.00 -38.19
N GLY A 777 15.27 -18.10 -38.00
CA GLY A 777 16.13 -16.97 -38.28
C GLY A 777 16.09 -16.56 -39.74
N ASP A 778 16.08 -17.55 -40.64
CA ASP A 778 15.98 -17.25 -42.07
C ASP A 778 14.70 -16.49 -42.37
N ILE A 779 13.58 -16.97 -41.84
CA ILE A 779 12.31 -16.33 -42.15
C ILE A 779 12.24 -14.95 -41.53
N GLN A 780 12.78 -14.78 -40.33
CA GLN A 780 12.80 -13.47 -39.68
C GLN A 780 13.69 -12.50 -40.44
N GLU A 781 14.86 -12.98 -40.89
CA GLU A 781 15.75 -12.15 -41.69
C GLU A 781 15.08 -11.74 -42.99
N TYR A 782 14.33 -12.65 -43.60
CA TYR A 782 13.56 -12.30 -44.78
C TYR A 782 12.55 -11.20 -44.47
N PHE A 783 11.83 -11.35 -43.35
CA PHE A 783 10.83 -10.36 -42.97
C PHE A 783 11.45 -8.98 -42.77
N VAL A 784 12.60 -8.94 -42.10
CA VAL A 784 13.33 -7.68 -41.97
C VAL A 784 13.73 -7.17 -43.35
N HIS A 785 14.24 -8.07 -44.18
CA HIS A 785 14.59 -7.71 -45.56
C HIS A 785 13.37 -7.37 -46.38
N HIS A 786 12.18 -7.78 -45.92
CA HIS A 786 10.95 -7.49 -46.63
C HIS A 786 10.01 -6.60 -45.82
N GLN A 787 10.53 -5.94 -44.79
CA GLN A 787 9.85 -4.83 -44.12
C GLN A 787 8.49 -5.25 -43.56
N VAL A 788 8.44 -6.47 -43.04
CA VAL A 788 7.23 -6.97 -42.39
C VAL A 788 7.12 -6.31 -41.03
N ARG A 789 6.10 -5.47 -40.85
CA ARG A 789 5.96 -4.67 -39.64
C ARG A 789 4.63 -4.87 -38.92
N ASN A 790 3.75 -5.70 -39.49
CA ASN A 790 2.43 -5.90 -38.90
C ASN A 790 2.10 -7.36 -38.64
N PHE A 791 3.08 -8.24 -38.66
CA PHE A 791 2.85 -9.65 -38.36
C PHE A 791 3.49 -9.99 -37.02
N TYR A 792 2.89 -10.95 -36.33
CA TYR A 792 3.31 -11.33 -34.99
C TYR A 792 3.39 -12.86 -34.94
N SER A 793 4.51 -13.40 -35.37
CA SER A 793 4.71 -14.84 -35.42
C SER A 793 5.30 -15.42 -34.14
N VAL A 794 5.85 -14.58 -33.27
CA VAL A 794 6.46 -15.00 -32.02
C VAL A 794 5.34 -15.48 -31.11
N SER A 795 5.54 -16.63 -30.46
CA SER A 795 4.56 -17.20 -29.54
C SER A 795 5.32 -17.94 -28.44
N ILE A 796 5.40 -17.34 -27.26
CA ILE A 796 6.10 -17.94 -26.13
C ILE A 796 5.10 -18.09 -24.98
N SER A 797 5.01 -19.31 -24.45
CA SER A 797 4.02 -19.62 -23.43
C SER A 797 4.58 -20.59 -22.40
N GLY A 798 3.80 -20.80 -21.35
CA GLY A 798 4.09 -21.81 -20.36
C GLY A 798 2.84 -22.60 -20.03
N TYR A 799 1.85 -22.48 -20.90
CA TYR A 799 0.54 -23.08 -20.63
C TYR A 799 0.64 -24.60 -20.51
N HIS A 800 1.33 -25.25 -21.45
CA HIS A 800 1.58 -26.67 -21.31
C HIS A 800 2.51 -26.94 -20.13
N ILE A 801 3.49 -26.07 -19.92
CA ILE A 801 4.37 -26.20 -18.77
C ILE A 801 3.57 -26.06 -17.48
N ALA A 802 2.66 -25.08 -17.44
CA ALA A 802 1.83 -24.89 -16.26
C ALA A 802 0.94 -26.10 -16.02
N GLU A 803 0.27 -26.60 -17.06
CA GLU A 803 -0.55 -27.79 -16.90
C GLU A 803 0.27 -28.98 -16.45
N ALA A 804 1.55 -29.03 -16.84
CA ALA A 804 2.45 -30.06 -16.37
C ALA A 804 2.70 -29.98 -14.87
N GLY A 805 2.39 -28.84 -14.25
CA GLY A 805 2.55 -28.72 -12.81
C GLY A 805 3.72 -27.84 -12.44
N ALA A 806 4.26 -27.12 -13.42
CA ALA A 806 5.44 -26.30 -13.18
C ALA A 806 5.16 -25.22 -12.14
N ASN A 807 6.06 -25.14 -11.16
CA ASN A 807 5.99 -24.06 -10.19
C ASN A 807 6.11 -22.71 -10.89
N PRO A 808 5.33 -21.72 -10.45
CA PRO A 808 5.34 -20.43 -11.16
C PRO A 808 6.72 -19.83 -11.29
N ILE A 809 7.52 -19.92 -10.23
CA ILE A 809 8.87 -19.36 -10.27
C ILE A 809 9.68 -20.09 -11.33
N SER A 810 9.68 -21.42 -11.28
CA SER A 810 10.45 -22.20 -12.26
C SER A 810 9.92 -22.00 -13.66
N GLN A 811 8.60 -22.00 -13.83
CA GLN A 811 8.03 -21.82 -15.16
C GLN A 811 8.45 -20.49 -15.75
N LEU A 812 8.30 -19.42 -14.96
CA LEU A 812 8.68 -18.09 -15.44
C LEU A 812 10.16 -18.03 -15.78
N ALA A 813 11.00 -18.59 -14.90
CA ALA A 813 12.44 -18.55 -15.15
C ALA A 813 12.78 -19.28 -16.44
N PHE A 814 12.17 -20.45 -16.65
CA PHE A 814 12.43 -21.19 -17.88
C PHE A 814 12.01 -20.38 -19.09
N THR A 815 10.85 -19.73 -19.02
CA THR A 815 10.40 -18.91 -20.14
C THR A 815 11.40 -17.79 -20.44
N LEU A 816 11.88 -17.11 -19.39
CA LEU A 816 12.84 -16.04 -19.58
C LEU A 816 14.11 -16.56 -20.22
N ALA A 817 14.60 -17.70 -19.75
CA ALA A 817 15.81 -18.29 -20.31
C ALA A 817 15.62 -18.59 -21.79
N ASN A 818 14.49 -19.20 -22.14
CA ASN A 818 14.24 -19.53 -23.54
C ASN A 818 14.21 -18.28 -24.40
N GLY A 819 13.48 -17.26 -23.94
CA GLY A 819 13.39 -16.03 -24.72
C GLY A 819 14.73 -15.36 -24.93
N PHE A 820 15.52 -15.24 -23.87
CA PHE A 820 16.83 -14.61 -24.00
C PHE A 820 17.78 -15.45 -24.83
N THR A 821 17.63 -16.78 -24.79
CA THR A 821 18.39 -17.63 -25.69
C THR A 821 18.02 -17.36 -27.14
N TYR A 822 16.72 -17.18 -27.41
CA TYR A 822 16.29 -16.83 -28.76
C TYR A 822 16.89 -15.50 -29.19
N VAL A 823 16.89 -14.52 -28.29
CA VAL A 823 17.48 -13.22 -28.57
C VAL A 823 18.95 -13.37 -28.92
N GLU A 824 19.68 -14.16 -28.13
CA GLU A 824 21.09 -14.41 -28.41
C GLU A 824 21.27 -15.07 -29.76
N ALA A 825 20.40 -16.03 -30.09
CA ALA A 825 20.49 -16.70 -31.39
C ALA A 825 20.29 -15.70 -32.53
N TYR A 826 19.32 -14.80 -32.39
CA TYR A 826 19.12 -13.77 -33.41
C TYR A 826 20.29 -12.81 -33.43
N LEU A 827 20.88 -12.52 -32.27
CA LEU A 827 22.13 -11.79 -32.25
C LEU A 827 23.25 -12.63 -32.87
N ALA A 828 23.26 -13.93 -32.61
CA ALA A 828 24.16 -14.83 -33.32
C ALA A 828 23.88 -14.84 -34.82
N ARG A 829 22.66 -14.49 -35.23
CA ARG A 829 22.34 -14.27 -36.63
C ARG A 829 22.85 -12.93 -37.13
N GLY A 830 23.40 -12.11 -36.24
CA GLY A 830 23.88 -10.79 -36.63
C GLY A 830 22.78 -9.77 -36.80
N MET A 831 21.64 -9.95 -36.14
CA MET A 831 20.51 -9.04 -36.28
C MET A 831 20.48 -8.06 -35.10
N HIS A 832 20.17 -6.81 -35.42
CA HIS A 832 20.06 -5.78 -34.40
C HIS A 832 18.88 -6.07 -33.48
N ILE A 833 19.12 -5.94 -32.18
CA ILE A 833 18.16 -6.36 -31.18
C ILE A 833 16.83 -5.61 -31.34
N ASP A 834 16.90 -4.30 -31.52
CA ASP A 834 15.73 -3.44 -31.60
C ASP A 834 14.79 -3.80 -32.73
N ASP A 835 15.30 -4.40 -33.79
CA ASP A 835 14.53 -4.60 -35.01
C ASP A 835 13.35 -5.55 -34.83
N PHE A 836 13.37 -6.40 -33.82
CA PHE A 836 12.35 -7.43 -33.66
C PHE A 836 11.69 -7.45 -32.30
N ALA A 837 12.25 -6.78 -31.30
CA ALA A 837 11.75 -6.90 -29.93
C ALA A 837 10.25 -6.60 -29.80
N PRO A 838 9.69 -5.55 -30.42
CA PRO A 838 8.24 -5.35 -30.31
C PRO A 838 7.43 -6.52 -30.84
N ASN A 839 7.92 -7.21 -31.86
CA ASN A 839 7.19 -8.33 -32.42
C ASN A 839 7.24 -9.58 -31.55
N LEU A 840 8.08 -9.58 -30.52
CA LEU A 840 8.20 -10.74 -29.65
C LEU A 840 7.04 -10.78 -28.67
N SER A 841 6.39 -11.95 -28.57
CA SER A 841 5.13 -12.09 -27.86
C SER A 841 5.25 -13.07 -26.71
N PHE A 842 4.33 -12.97 -25.76
CA PHE A 842 4.30 -13.82 -24.58
C PHE A 842 2.89 -14.33 -24.31
N PHE A 843 2.83 -15.50 -23.68
CA PHE A 843 1.56 -16.07 -23.22
C PHE A 843 1.83 -16.66 -21.84
N PHE A 844 0.93 -16.40 -20.89
CA PHE A 844 1.13 -16.80 -19.51
C PHE A 844 -0.06 -17.63 -19.02
N SER A 845 0.20 -18.44 -17.99
CA SER A 845 -0.82 -19.16 -17.27
C SER A 845 -0.58 -18.99 -15.78
N ASN A 846 -1.64 -18.67 -15.04
CA ASN A 846 -1.51 -18.22 -13.66
C ASN A 846 -2.36 -19.08 -12.74
N GLY A 847 -1.75 -19.61 -11.69
CA GLY A 847 -2.38 -20.52 -10.77
C GLY A 847 -2.80 -19.87 -9.47
N MET A 848 -3.03 -20.71 -8.45
CA MET A 848 -3.68 -20.30 -7.22
C MET A 848 -2.77 -19.57 -6.25
N ASP A 849 -1.48 -19.86 -6.25
CA ASP A 849 -0.62 -19.42 -5.17
C ASP A 849 -0.54 -17.89 -5.08
N PRO A 850 -0.32 -17.36 -3.89
CA PRO A 850 -0.15 -15.90 -3.77
C PRO A 850 1.06 -15.37 -4.53
N GLU A 851 1.98 -16.25 -4.92
CA GLU A 851 3.09 -15.83 -5.77
C GLU A 851 2.59 -15.24 -7.08
N TYR A 852 1.47 -15.76 -7.60
CA TYR A 852 0.93 -15.25 -8.85
C TYR A 852 0.41 -13.83 -8.72
N SER A 853 0.29 -13.34 -7.48
CA SER A 853 -0.31 -12.03 -7.26
C SER A 853 0.48 -10.92 -7.94
N VAL A 854 1.80 -11.08 -8.06
CA VAL A 854 2.66 -10.06 -8.63
C VAL A 854 3.57 -10.63 -9.72
N LEU A 855 3.45 -11.93 -10.00
CA LEU A 855 4.39 -12.61 -10.88
C LEU A 855 4.53 -11.90 -12.21
N GLY A 856 3.40 -11.60 -12.85
CA GLY A 856 3.45 -10.89 -14.12
C GLY A 856 4.12 -9.54 -13.99
N ARG A 857 3.79 -8.79 -12.93
CA ARG A 857 4.41 -7.48 -12.74
C ARG A 857 5.91 -7.60 -12.51
N VAL A 858 6.35 -8.60 -11.74
CA VAL A 858 7.78 -8.79 -11.52
C VAL A 858 8.47 -9.11 -12.84
N ALA A 859 7.85 -9.97 -13.65
CA ALA A 859 8.41 -10.30 -14.94
C ALA A 859 8.51 -9.07 -15.83
N ARG A 860 7.48 -8.23 -15.81
CA ARG A 860 7.54 -6.98 -16.56
C ARG A 860 8.65 -6.09 -16.06
N ARG A 861 8.80 -5.96 -14.75
CA ARG A 861 9.80 -5.08 -14.16
C ARG A 861 11.21 -5.52 -14.53
N ILE A 862 11.48 -6.82 -14.44
CA ILE A 862 12.82 -7.31 -14.79
C ILE A 862 13.04 -7.23 -16.30
N TRP A 863 11.97 -7.40 -17.08
CA TRP A 863 12.10 -7.41 -18.53
C TRP A 863 12.67 -6.10 -19.05
N ALA A 864 12.10 -4.98 -18.60
CA ALA A 864 12.50 -3.69 -19.12
C ALA A 864 13.95 -3.39 -18.77
N VAL A 865 14.37 -3.68 -17.54
CA VAL A 865 15.75 -3.41 -17.16
C VAL A 865 16.70 -4.33 -17.92
N THR A 866 16.30 -5.58 -18.16
CA THR A 866 17.14 -6.46 -18.97
C THR A 866 17.33 -5.89 -20.37
N MET A 867 16.25 -5.41 -20.99
CA MET A 867 16.36 -4.82 -22.32
C MET A 867 17.22 -3.56 -22.30
N ARG A 868 17.04 -2.72 -21.29
CA ARG A 868 17.74 -1.44 -21.24
C ARG A 868 19.23 -1.62 -21.01
N ASP A 869 19.60 -2.45 -20.02
CA ASP A 869 21.00 -2.50 -19.61
C ASP A 869 21.83 -3.34 -20.58
N LYS A 870 21.34 -4.51 -20.95
CA LYS A 870 22.13 -5.40 -21.79
C LYS A 870 22.35 -4.81 -23.18
N TYR A 871 21.31 -4.24 -23.78
CA TYR A 871 21.39 -3.84 -25.17
C TYR A 871 21.00 -2.40 -25.44
N GLY A 872 20.35 -1.73 -24.49
CA GLY A 872 19.98 -0.33 -24.70
C GLY A 872 19.07 -0.10 -25.88
N ALA A 873 18.12 -1.01 -26.10
CA ALA A 873 17.16 -0.84 -27.17
C ALA A 873 16.22 0.32 -26.85
N ASN A 874 15.47 0.76 -27.87
CA ASN A 874 14.51 1.82 -27.67
C ASN A 874 13.36 1.33 -26.79
N ASP A 875 12.68 2.28 -26.15
CA ASP A 875 11.57 1.94 -25.26
C ASP A 875 10.49 1.18 -26.01
N ARG A 876 10.23 1.55 -27.26
CA ARG A 876 9.26 0.82 -28.07
C ARG A 876 9.61 -0.64 -28.19
N SER A 877 10.89 -0.97 -28.29
CA SER A 877 11.31 -2.37 -28.25
C SER A 877 11.28 -2.92 -26.84
N GLN A 878 11.56 -2.09 -25.83
CA GLN A 878 11.68 -2.57 -24.47
C GLN A 878 10.33 -2.95 -23.85
N LYS A 879 9.22 -2.50 -24.41
CA LYS A 879 7.90 -2.79 -23.85
C LYS A 879 7.60 -4.27 -24.04
N LEU A 880 6.89 -4.86 -23.07
CA LEU A 880 6.57 -6.28 -23.11
C LEU A 880 5.09 -6.48 -23.37
N LYS A 881 4.77 -7.36 -24.32
CA LYS A 881 3.42 -7.82 -24.57
C LYS A 881 3.26 -9.23 -24.02
N TYR A 882 2.05 -9.59 -23.64
CA TYR A 882 1.81 -10.92 -23.09
C TYR A 882 0.34 -11.29 -23.18
N HIS A 883 0.07 -12.58 -22.96
CA HIS A 883 -1.27 -13.10 -22.79
C HIS A 883 -1.29 -13.95 -21.52
N ILE A 884 -2.43 -13.96 -20.84
CA ILE A 884 -2.54 -14.59 -19.52
C ILE A 884 -3.68 -15.61 -19.55
N GLN A 885 -3.42 -16.79 -18.99
CA GLN A 885 -4.40 -17.87 -18.93
C GLN A 885 -4.71 -18.20 -17.48
N THR A 886 -5.97 -18.54 -17.22
CA THR A 886 -6.40 -18.89 -15.87
C THR A 886 -5.70 -20.15 -15.38
N SER A 887 -5.90 -20.45 -14.09
CA SER A 887 -5.35 -21.67 -13.52
C SER A 887 -6.04 -22.88 -14.13
N GLY A 888 -5.25 -23.74 -14.78
CA GLY A 888 -5.81 -24.90 -15.43
C GLY A 888 -5.47 -26.22 -14.73
N ARG A 889 -4.25 -26.33 -14.20
CA ARG A 889 -3.87 -27.57 -13.52
C ARG A 889 -4.65 -27.74 -12.22
N SER A 890 -4.75 -26.67 -11.42
CA SER A 890 -5.57 -26.73 -10.22
C SER A 890 -7.06 -26.82 -10.57
N LEU A 891 -7.44 -26.36 -11.76
CA LEU A 891 -8.81 -26.48 -12.22
C LEU A 891 -9.10 -27.94 -12.57
N HIS A 892 -10.13 -28.51 -11.95
CA HIS A 892 -10.53 -29.88 -12.20
C HIS A 892 -12.04 -29.96 -12.38
N ALA A 893 -12.47 -30.96 -13.14
CA ALA A 893 -13.90 -31.20 -13.30
C ALA A 893 -14.55 -31.58 -11.99
N GLN A 894 -13.78 -32.12 -11.04
CA GLN A 894 -14.32 -32.47 -9.75
C GLN A 894 -14.84 -31.24 -9.04
N GLU A 895 -16.17 -31.15 -8.91
CA GLU A 895 -16.85 -29.98 -8.36
C GLU A 895 -16.32 -28.69 -8.98
N ILE A 896 -16.56 -28.57 -10.30
CA ILE A 896 -16.12 -27.39 -11.02
C ILE A 896 -16.84 -26.13 -10.56
N ASP A 897 -17.97 -26.27 -9.86
CA ASP A 897 -18.71 -25.10 -9.41
C ASP A 897 -17.88 -24.24 -8.46
N PHE A 898 -17.22 -24.88 -7.49
CA PHE A 898 -16.35 -24.12 -6.60
C PHE A 898 -15.10 -23.68 -7.32
N ASN A 899 -14.67 -24.46 -8.31
CA ASN A 899 -13.56 -24.05 -9.16
C ASN A 899 -13.85 -22.75 -9.86
N ASP A 900 -15.12 -22.50 -10.20
CA ASP A 900 -15.50 -21.21 -10.78
C ASP A 900 -15.22 -20.07 -9.80
N ILE A 901 -15.55 -20.27 -8.53
CA ILE A 901 -15.29 -19.23 -7.53
C ILE A 901 -13.79 -19.04 -7.35
N ARG A 902 -13.04 -20.14 -7.40
CA ARG A 902 -11.58 -20.02 -7.37
C ARG A 902 -11.09 -19.21 -8.54
N THR A 903 -11.68 -19.43 -9.72
CA THR A 903 -11.33 -18.70 -10.92
C THR A 903 -11.63 -17.22 -10.77
N THR A 904 -12.63 -16.86 -9.97
CA THR A 904 -12.87 -15.46 -9.68
C THR A 904 -11.62 -14.82 -9.09
N LEU A 905 -11.10 -15.41 -8.02
CA LEU A 905 -9.89 -14.89 -7.39
C LEU A 905 -8.73 -14.94 -8.36
N GLN A 906 -8.67 -15.98 -9.18
CA GLN A 906 -7.64 -16.07 -10.20
C GLN A 906 -7.65 -14.85 -11.11
N ALA A 907 -8.83 -14.47 -11.59
CA ALA A 907 -8.94 -13.32 -12.47
C ALA A 907 -8.66 -12.02 -11.72
N LEU A 908 -8.93 -11.99 -10.42
CA LEU A 908 -8.75 -10.76 -9.66
C LEU A 908 -7.32 -10.25 -9.76
N ILE A 909 -6.34 -11.12 -9.50
CA ILE A 909 -4.94 -10.67 -9.51
C ILE A 909 -4.54 -10.23 -10.91
N ALA A 910 -4.99 -10.95 -11.93
CA ALA A 910 -4.67 -10.55 -13.30
C ALA A 910 -5.24 -9.17 -13.61
N ILE A 911 -6.43 -8.88 -13.08
CA ILE A 911 -6.97 -7.53 -13.19
C ILE A 911 -6.06 -6.54 -12.49
N TYR A 912 -5.60 -6.89 -11.29
CA TYR A 912 -4.71 -6.01 -10.55
C TYR A 912 -3.38 -5.83 -11.28
N ASP A 913 -2.88 -6.89 -11.89
CA ASP A 913 -1.71 -6.79 -12.75
C ASP A 913 -2.06 -6.37 -14.16
N ASN A 914 -3.34 -6.14 -14.42
CA ASN A 914 -3.81 -5.48 -15.65
C ASN A 914 -3.34 -6.23 -16.90
N CYS A 915 -3.81 -7.46 -17.04
CA CYS A 915 -3.48 -8.23 -18.22
C CYS A 915 -4.03 -7.54 -19.46
N ASN A 916 -3.16 -7.39 -20.46
CA ASN A 916 -3.61 -6.93 -21.77
C ASN A 916 -4.45 -7.97 -22.50
N SER A 917 -4.33 -9.23 -22.11
CA SER A 917 -5.14 -10.30 -22.68
C SER A 917 -5.29 -11.40 -21.65
N LEU A 918 -6.50 -11.93 -21.53
CA LEU A 918 -6.81 -13.01 -20.60
C LEU A 918 -7.34 -14.19 -21.39
N HIS A 919 -6.94 -15.40 -20.99
CA HIS A 919 -7.39 -16.62 -21.63
C HIS A 919 -8.08 -17.51 -20.61
N THR A 920 -9.23 -18.05 -21.00
CA THR A 920 -9.91 -19.11 -20.24
C THR A 920 -9.79 -20.40 -21.03
N ASN A 921 -9.32 -21.45 -20.35
CA ASN A 921 -8.95 -22.69 -21.04
C ASN A 921 -10.15 -23.32 -21.74
N ALA A 922 -9.90 -23.91 -22.89
CA ALA A 922 -10.93 -24.54 -23.71
C ALA A 922 -10.62 -26.00 -23.96
N TYR A 923 -11.67 -26.81 -24.02
CA TYR A 923 -11.51 -28.23 -24.32
C TYR A 923 -11.49 -28.51 -25.81
N ASP A 924 -11.63 -27.48 -26.65
CA ASP A 924 -11.59 -27.64 -28.09
C ASP A 924 -10.22 -28.13 -28.55
N ILE A 927 -12.15 -34.53 -27.28
CA ILE A 927 -12.60 -33.98 -26.01
C ILE A 927 -13.99 -33.37 -26.16
N THR A 928 -14.57 -32.96 -25.04
CA THR A 928 -15.88 -32.33 -25.07
C THR A 928 -15.80 -30.98 -25.77
N THR A 929 -16.91 -30.58 -26.39
CA THR A 929 -16.95 -29.33 -27.11
C THR A 929 -16.90 -28.14 -26.15
N PRO A 930 -16.29 -27.04 -26.58
CA PRO A 930 -16.29 -25.84 -25.73
C PRO A 930 -17.67 -25.19 -25.69
N THR A 931 -18.52 -25.71 -24.81
CA THR A 931 -19.92 -25.31 -24.79
C THR A 931 -20.07 -23.82 -24.53
N ALA A 932 -21.12 -23.23 -25.11
CA ALA A 932 -21.36 -21.80 -24.99
C ALA A 932 -21.65 -21.37 -23.56
N GLU A 933 -22.06 -22.30 -22.69
CA GLU A 933 -22.27 -21.95 -21.30
C GLU A 933 -20.98 -21.50 -20.63
N SER A 934 -19.88 -22.20 -20.91
CA SER A 934 -18.60 -21.84 -20.31
C SER A 934 -18.16 -20.44 -20.72
N VAL A 935 -18.23 -20.14 -22.02
CA VAL A 935 -17.83 -18.82 -22.47
C VAL A 935 -18.82 -17.77 -21.99
N ARG A 936 -20.10 -18.12 -21.85
CA ARG A 936 -21.06 -17.20 -21.26
C ARG A 936 -20.66 -16.84 -19.84
N ARG A 937 -20.29 -17.83 -19.05
CA ARG A 937 -19.87 -17.57 -17.67
C ARG A 937 -18.59 -16.74 -17.64
N ALA A 938 -17.63 -17.07 -18.51
CA ALA A 938 -16.39 -16.30 -18.55
C ALA A 938 -16.64 -14.86 -18.94
N LEU A 939 -17.49 -14.63 -19.94
CA LEU A 939 -17.83 -13.28 -20.35
C LEU A 939 -18.58 -12.53 -19.25
N ALA A 940 -19.46 -13.22 -18.53
CA ALA A 940 -20.11 -12.60 -17.39
C ALA A 940 -19.09 -12.17 -16.36
N ILE A 941 -18.10 -13.02 -16.10
CA ILE A 941 -17.01 -12.66 -15.18
C ILE A 941 -16.31 -11.41 -15.66
N GLN A 942 -15.94 -11.39 -16.94
CA GLN A 942 -15.22 -10.25 -17.50
C GLN A 942 -16.02 -8.97 -17.38
N LEU A 943 -17.31 -9.03 -17.71
CA LEU A 943 -18.13 -7.84 -17.68
C LEU A 943 -18.38 -7.36 -16.26
N ILE A 944 -18.58 -8.30 -15.33
CA ILE A 944 -18.73 -7.94 -13.92
C ILE A 944 -17.48 -7.24 -13.43
N ILE A 945 -16.32 -7.76 -13.80
CA ILE A 945 -15.06 -7.10 -13.44
C ILE A 945 -15.02 -5.70 -14.03
N ASN A 946 -15.31 -5.58 -15.32
CA ASN A 946 -15.13 -4.31 -16.02
C ASN A 946 -16.05 -3.23 -15.48
N ARG A 947 -17.34 -3.52 -15.37
CA ARG A 947 -18.33 -2.51 -15.04
C ARG A 947 -18.60 -2.38 -13.56
N GLU A 948 -19.07 -3.45 -12.92
CA GLU A 948 -19.67 -3.37 -11.59
C GLU A 948 -18.66 -3.03 -10.50
N TRP A 949 -17.42 -3.52 -10.64
CA TRP A 949 -16.51 -3.50 -9.50
C TRP A 949 -15.98 -2.09 -9.24
N GLY A 950 -16.12 -1.64 -7.99
CA GLY A 950 -15.67 -0.31 -7.64
C GLY A 950 -14.16 -0.15 -7.72
N VAL A 951 -13.42 -1.13 -7.18
CA VAL A 951 -11.97 -1.05 -7.24
C VAL A 951 -11.49 -1.12 -8.68
N ALA A 952 -12.27 -1.75 -9.57
CA ALA A 952 -11.94 -1.76 -10.98
C ALA A 952 -11.90 -0.36 -11.57
N LYS A 953 -12.66 0.58 -11.01
CA LYS A 953 -12.57 1.97 -11.45
C LYS A 953 -11.19 2.57 -11.17
N CYS A 954 -10.54 2.18 -10.08
CA CYS A 954 -9.16 2.54 -9.83
C CYS A 954 -8.26 1.79 -10.79
N GLU A 955 -7.13 2.39 -11.14
CA GLU A 955 -6.21 1.74 -12.05
C GLU A 955 -4.87 1.39 -11.40
N ASN A 956 -4.75 1.57 -10.08
CA ASN A 956 -3.54 1.20 -9.35
C ASN A 956 -3.89 0.42 -8.08
N PRO A 957 -4.49 -0.77 -8.23
CA PRO A 957 -4.88 -1.53 -7.03
C PRO A 957 -3.71 -2.19 -6.33
N ASN A 958 -2.49 -2.06 -6.87
CA ASN A 958 -1.38 -2.84 -6.35
C ASN A 958 -0.45 -2.00 -5.48
N GLN A 959 -0.10 -0.80 -5.93
CA GLN A 959 0.94 -0.03 -5.27
C GLN A 959 0.54 0.38 -3.87
N GLY A 960 1.51 0.31 -2.95
CA GLY A 960 1.33 0.73 -1.59
C GLY A 960 1.60 -0.38 -0.59
N SER A 961 1.18 -1.60 -0.93
CA SER A 961 1.33 -2.73 -0.02
C SER A 961 2.80 -3.10 0.14
N PHE A 962 3.31 -2.94 1.37
CA PHE A 962 4.66 -3.41 1.68
C PHE A 962 4.76 -4.91 1.48
N LEU A 963 3.67 -5.63 1.79
CA LEU A 963 3.62 -7.06 1.50
C LEU A 963 3.93 -7.33 0.04
N ILE A 964 3.33 -6.55 -0.86
CA ILE A 964 3.48 -6.79 -2.29
C ILE A 964 4.94 -6.64 -2.70
N GLU A 965 5.57 -5.53 -2.31
CA GLU A 965 6.95 -5.30 -2.72
C GLU A 965 7.91 -6.29 -2.08
N GLU A 966 7.68 -6.66 -0.82
CA GLU A 966 8.53 -7.66 -0.19
C GLU A 966 8.44 -9.00 -0.90
N LEU A 967 7.21 -9.46 -1.16
CA LEU A 967 7.02 -10.70 -1.90
C LEU A 967 7.69 -10.61 -3.27
N THR A 968 7.53 -9.46 -3.93
CA THR A 968 8.14 -9.26 -5.25
C THR A 968 9.65 -9.44 -5.19
N ASP A 969 10.29 -8.77 -4.24
CA ASP A 969 11.75 -8.83 -4.18
C ASP A 969 12.23 -10.24 -3.83
N LEU A 970 11.53 -10.90 -2.89
CA LEU A 970 11.92 -12.26 -2.54
C LEU A 970 11.77 -13.20 -3.72
N VAL A 971 10.67 -13.06 -4.46
CA VAL A 971 10.45 -13.90 -5.63
C VAL A 971 11.53 -13.66 -6.67
N GLU A 972 11.88 -12.41 -6.89
CA GLU A 972 12.93 -12.10 -7.86
C GLU A 972 14.26 -12.69 -7.41
N GLU A 973 14.54 -12.64 -6.12
CA GLU A 973 15.78 -13.24 -5.61
C GLU A 973 15.80 -14.74 -5.86
N ALA A 974 14.69 -15.42 -5.58
CA ALA A 974 14.63 -16.85 -5.85
C ALA A 974 14.77 -17.12 -7.35
N VAL A 975 14.21 -16.24 -8.17
CA VAL A 975 14.35 -16.36 -9.63
C VAL A 975 15.82 -16.29 -10.02
N LEU A 976 16.54 -15.32 -9.45
CA LEU A 976 17.97 -15.19 -9.74
C LEU A 976 18.72 -16.42 -9.28
N GLN A 977 18.36 -16.97 -8.13
CA GLN A 977 19.02 -18.17 -7.64
C GLN A 977 18.82 -19.33 -8.61
N GLU A 978 17.59 -19.51 -9.10
CA GLU A 978 17.34 -20.57 -10.07
C GLU A 978 18.13 -20.32 -11.36
N PHE A 979 18.21 -19.05 -11.78
CA PHE A 979 18.98 -18.73 -12.97
C PHE A 979 20.45 -19.10 -12.80
N GLU A 980 21.01 -18.80 -11.63
CA GLU A 980 22.38 -19.20 -11.34
C GLU A 980 22.52 -20.71 -11.38
N ARG A 981 21.54 -21.42 -10.81
CA ARG A 981 21.59 -22.88 -10.82
C ARG A 981 21.63 -23.42 -12.24
N ILE A 982 20.72 -22.93 -13.10
CA ILE A 982 20.68 -23.42 -14.47
C ILE A 982 21.92 -22.98 -15.23
N ALA A 983 22.37 -21.74 -15.01
CA ALA A 983 23.61 -21.29 -15.62
C ALA A 983 24.78 -22.17 -15.21
N GLU A 984 24.78 -22.65 -13.96
CA GLU A 984 25.80 -23.59 -13.51
C GLU A 984 25.63 -24.98 -14.09
N ARG A 985 24.48 -25.27 -14.70
CA ARG A 985 24.21 -26.60 -15.24
C ARG A 985 24.41 -26.67 -16.75
N GLY A 986 25.27 -25.84 -17.31
CA GLY A 986 25.63 -25.94 -18.71
C GLY A 986 24.81 -25.11 -19.67
N GLY A 987 24.06 -24.13 -19.17
CA GLY A 987 23.24 -23.32 -20.04
C GLY A 987 21.95 -24.00 -20.45
N VAL A 988 21.17 -23.29 -21.26
CA VAL A 988 19.90 -23.83 -21.72
C VAL A 988 20.11 -25.10 -22.52
N LEU A 989 21.02 -25.04 -23.50
CA LEU A 989 21.26 -26.20 -24.35
C LEU A 989 21.86 -27.35 -23.56
N GLY A 990 22.74 -27.02 -22.60
CA GLY A 990 23.28 -28.06 -21.74
C GLY A 990 22.21 -28.76 -20.91
N ALA A 991 21.30 -27.98 -20.31
CA ALA A 991 20.22 -28.58 -19.55
C ALA A 991 19.31 -29.42 -20.44
N MET A 992 19.06 -28.95 -21.66
CA MET A 992 18.29 -29.75 -22.62
C MET A 992 18.99 -31.06 -22.91
N GLU A 993 20.31 -31.03 -23.08
CA GLU A 993 21.08 -32.25 -23.22
C GLU A 993 20.98 -33.10 -21.97
N THR A 994 20.72 -32.46 -20.83
CA THR A 994 20.69 -33.15 -19.54
C THR A 994 19.30 -33.58 -19.12
N GLY A 995 18.27 -32.79 -19.41
CA GLY A 995 16.93 -33.06 -18.92
C GLY A 995 16.64 -32.45 -17.57
N TYR A 996 17.18 -31.26 -17.30
CA TYR A 996 17.01 -30.63 -15.99
C TYR A 996 15.55 -30.39 -15.68
N GLN A 997 14.80 -29.83 -16.63
CA GLN A 997 13.41 -29.52 -16.39
C GLN A 997 12.59 -30.77 -16.11
N ARG A 998 12.98 -31.91 -16.69
CA ARG A 998 12.29 -33.16 -16.41
C ARG A 998 12.41 -33.52 -14.93
N GLY A 999 13.62 -33.44 -14.38
CA GLY A 999 13.76 -33.69 -12.96
C GLY A 999 13.04 -32.66 -12.12
N LYS A 1000 13.05 -31.40 -12.56
CA LYS A 1000 12.33 -30.35 -11.84
C LYS A 1000 10.85 -30.69 -11.73
N ILE A 1001 10.22 -31.00 -12.86
CA ILE A 1001 8.80 -31.30 -12.86
C ILE A 1001 8.52 -32.60 -12.10
N GLN A 1002 9.44 -33.56 -12.19
CA GLN A 1002 9.26 -34.79 -11.45
C GLN A 1002 9.21 -34.52 -9.96
N GLU A 1003 10.15 -33.71 -9.46
CA GLU A 1003 10.16 -33.36 -8.05
C GLU A 1003 8.92 -32.55 -7.67
N GLU A 1004 8.53 -31.60 -8.52
CA GLU A 1004 7.35 -30.80 -8.23
C GLU A 1004 6.11 -31.67 -8.11
N SER A 1005 5.92 -32.58 -9.06
CA SER A 1005 4.76 -33.46 -9.06
C SER A 1005 4.78 -34.39 -7.85
N LEU A 1006 5.96 -34.96 -7.53
CA LEU A 1006 6.03 -35.86 -6.39
C LEU A 1006 5.71 -35.13 -5.10
N TYR A 1007 6.28 -33.94 -4.91
CA TYR A 1007 6.00 -33.19 -3.69
C TYR A 1007 4.53 -32.79 -3.61
N TYR A 1008 3.96 -32.34 -4.73
CA TYR A 1008 2.56 -31.96 -4.74
C TYR A 1008 1.67 -33.15 -4.41
N GLU A 1009 1.97 -34.31 -4.99
CA GLU A 1009 1.15 -35.50 -4.72
C GLU A 1009 1.31 -35.96 -3.28
N GLN A 1010 2.51 -35.81 -2.71
CA GLN A 1010 2.69 -36.16 -1.30
C GLN A 1010 1.86 -35.25 -0.41
N LEU A 1011 1.84 -33.95 -0.71
CA LEU A 1011 0.98 -33.05 0.04
C LEU A 1011 -0.50 -33.38 -0.15
N LYS A 1012 -0.89 -33.74 -1.37
CA LYS A 1012 -2.28 -34.04 -1.65
C LYS A 1012 -2.75 -35.28 -0.89
N HIS A 1013 -2.02 -36.38 -1.03
CA HIS A 1013 -2.41 -37.61 -0.36
C HIS A 1013 -2.23 -37.54 1.14
N ASP A 1014 -1.22 -36.79 1.60
CA ASP A 1014 -1.00 -36.64 3.03
C ASP A 1014 -2.11 -35.83 3.68
N GLY A 1015 -2.89 -35.10 2.90
CA GLY A 1015 -3.89 -34.22 3.44
C GLY A 1015 -3.35 -32.91 3.98
N THR A 1016 -2.03 -32.74 3.97
CA THR A 1016 -1.42 -31.48 4.41
C THR A 1016 -1.87 -30.33 3.53
N LEU A 1017 -1.91 -30.52 2.22
CA LEU A 1017 -2.45 -29.52 1.31
C LEU A 1017 -3.95 -29.46 1.53
N PRO A 1018 -4.50 -28.33 1.96
CA PRO A 1018 -5.95 -28.27 2.22
C PRO A 1018 -6.71 -28.11 0.91
N ILE A 1019 -7.56 -29.09 0.61
CA ILE A 1019 -8.34 -29.11 -0.62
C ILE A 1019 -9.80 -29.16 -0.25
N ILE A 1020 -10.55 -28.12 -0.63
CA ILE A 1020 -11.98 -28.10 -0.39
C ILE A 1020 -12.65 -29.04 -1.39
N GLY A 1021 -13.74 -29.68 -0.96
CA GLY A 1021 -14.45 -30.60 -1.80
C GLY A 1021 -13.79 -31.94 -2.01
N VAL A 1022 -12.51 -32.07 -1.68
CA VAL A 1022 -11.83 -33.36 -1.77
C VAL A 1022 -11.27 -33.72 -0.41
N ASN A 1023 -10.34 -32.90 0.08
CA ASN A 1023 -9.77 -33.09 1.41
C ASN A 1023 -10.62 -32.47 2.50
N THR A 1024 -11.57 -31.60 2.14
CA THR A 1024 -12.39 -30.93 3.12
C THR A 1024 -13.71 -30.54 2.48
N PHE A 1025 -14.68 -30.20 3.33
CA PHE A 1025 -16.02 -29.80 2.90
C PHE A 1025 -16.61 -30.83 1.94
N ARG A 1026 -16.48 -32.10 2.31
CA ARG A 1026 -16.97 -33.17 1.46
C ARG A 1026 -18.48 -33.05 1.26
N ASN A 1027 -18.93 -33.30 0.05
CA ASN A 1027 -20.34 -33.20 -0.28
C ASN A 1027 -21.13 -34.21 0.54
N PRO A 1028 -22.13 -33.79 1.31
CA PRO A 1028 -22.86 -34.73 2.17
C PRO A 1028 -23.55 -35.84 1.40
N ASN A 1029 -24.06 -35.56 0.21
CA ASN A 1029 -24.71 -36.56 -0.62
C ASN A 1029 -23.80 -37.12 -1.69
N GLY A 1030 -22.96 -36.29 -2.30
CA GLY A 1030 -22.04 -36.75 -3.33
C GLY A 1030 -20.85 -37.48 -2.74
N LEU A 1039 -16.23 -34.05 -29.29
CA LEU A 1039 -16.44 -35.28 -30.06
C LEU A 1039 -16.91 -34.96 -31.48
N ALA A 1040 -16.03 -34.32 -32.25
CA ALA A 1040 -16.34 -33.97 -33.63
C ALA A 1040 -15.83 -35.05 -34.58
N ARG A 1041 -16.67 -35.39 -35.55
CA ARG A 1041 -16.36 -36.46 -36.47
C ARG A 1041 -16.55 -35.97 -37.91
N SER A 1042 -15.85 -36.65 -38.82
CA SER A 1042 -15.98 -36.41 -40.24
C SER A 1042 -16.28 -37.72 -40.94
N SER A 1043 -17.13 -37.66 -41.96
CA SER A 1043 -17.42 -38.86 -42.73
C SER A 1043 -16.17 -39.32 -43.47
N GLU A 1044 -16.01 -40.64 -43.55
CA GLU A 1044 -14.87 -41.22 -44.26
C GLU A 1044 -14.80 -40.73 -45.70
N ASP A 1045 -15.96 -40.60 -46.34
CA ASP A 1045 -15.99 -40.22 -47.75
C ASP A 1045 -15.48 -38.81 -47.98
N GLU A 1046 -15.69 -37.91 -47.01
CA GLU A 1046 -15.10 -36.58 -47.11
C GLU A 1046 -13.58 -36.67 -47.10
N LYS A 1047 -13.03 -37.53 -46.24
CA LYS A 1047 -11.60 -37.77 -46.21
C LYS A 1047 -11.13 -38.34 -47.54
N GLN A 1048 -11.91 -39.26 -48.11
CA GLN A 1048 -11.57 -39.82 -49.42
C GLN A 1048 -11.53 -38.74 -50.49
N SER A 1049 -12.52 -37.85 -50.48
CA SER A 1049 -12.56 -36.77 -51.46
C SER A 1049 -11.36 -35.83 -51.30
N GLN A 1050 -11.04 -35.47 -50.06
CA GLN A 1050 -9.89 -34.59 -49.82
C GLN A 1050 -8.59 -35.26 -50.26
N LEU A 1051 -8.44 -36.56 -49.96
CA LEU A 1051 -7.26 -37.29 -50.39
C LEU A 1051 -7.19 -37.37 -51.91
N HIS A 1052 -8.32 -37.59 -52.57
CA HIS A 1052 -8.32 -37.63 -54.02
C HIS A 1052 -7.95 -36.28 -54.60
N ARG A 1053 -8.44 -35.20 -53.99
CA ARG A 1053 -8.02 -33.87 -54.40
C ARG A 1053 -6.52 -33.70 -54.27
N LEU A 1054 -5.95 -34.15 -53.16
CA LEU A 1054 -4.51 -34.05 -52.96
C LEU A 1054 -3.75 -34.86 -54.01
N THR A 1055 -4.22 -36.07 -54.29
CA THR A 1055 -3.57 -36.92 -55.30
C THR A 1055 -3.67 -36.33 -56.69
N GLU A 1056 -4.83 -35.77 -57.04
CA GLU A 1056 -4.98 -35.09 -58.32
C GLU A 1056 -4.06 -33.88 -58.40
N PHE A 1057 -3.87 -33.19 -57.28
CA PHE A 1057 -2.85 -32.15 -57.21
C PHE A 1057 -1.47 -32.74 -57.48
N HIS A 1058 -1.19 -33.91 -56.91
CA HIS A 1058 0.00 -34.65 -57.33
C HIS A 1058 -0.08 -35.02 -58.80
N GLY A 1059 -1.24 -35.49 -59.24
CA GLY A 1059 -1.44 -35.76 -60.66
C GLY A 1059 -1.37 -34.52 -61.53
N ALA A 1060 -1.64 -33.34 -60.95
CA ALA A 1060 -1.39 -32.10 -61.66
C ALA A 1060 0.11 -31.83 -61.76
N HIS A 1061 0.87 -32.20 -60.73
CA HIS A 1061 2.29 -31.91 -60.64
C HIS A 1061 3.14 -33.18 -60.65
N GLN A 1062 2.61 -34.26 -61.22
CA GLN A 1062 3.35 -35.52 -61.25
C GLN A 1062 4.61 -35.40 -62.10
N ALA A 1063 4.49 -34.89 -63.32
CA ALA A 1063 5.64 -34.81 -64.21
C ALA A 1063 6.62 -33.74 -63.74
N ASP A 1064 6.10 -32.64 -63.20
CA ASP A 1064 6.94 -31.56 -62.69
C ASP A 1064 7.41 -31.81 -61.26
N ALA A 1065 6.98 -32.92 -60.65
CA ALA A 1065 7.49 -33.27 -59.33
C ALA A 1065 9.00 -33.43 -59.34
N GLU A 1066 9.56 -33.81 -60.49
CA GLU A 1066 11.02 -33.90 -60.60
C GLU A 1066 11.67 -32.54 -60.38
N ALA A 1067 11.09 -31.50 -60.97
CA ALA A 1067 11.60 -30.15 -60.75
C ALA A 1067 11.51 -29.78 -59.28
N MET A 1068 10.41 -30.16 -58.63
CA MET A 1068 10.26 -29.88 -57.20
C MET A 1068 11.31 -30.60 -56.38
N LEU A 1069 11.61 -31.85 -56.72
CA LEU A 1069 12.65 -32.59 -56.01
C LEU A 1069 14.02 -31.96 -56.22
N ALA A 1070 14.31 -31.53 -57.45
CA ALA A 1070 15.58 -30.86 -57.72
C ALA A 1070 15.69 -29.57 -56.92
N ARG A 1071 14.61 -28.80 -56.88
CA ARG A 1071 14.58 -27.58 -56.07
C ARG A 1071 14.82 -27.90 -54.60
N LEU A 1072 14.15 -28.94 -54.11
CA LEU A 1072 14.32 -29.34 -52.71
C LEU A 1072 15.77 -29.69 -52.42
N ARG A 1073 16.41 -30.49 -53.27
CA ARG A 1073 17.75 -30.93 -52.97
C ARG A 1073 18.75 -29.79 -53.12
N GLN A 1074 18.52 -28.89 -54.07
CA GLN A 1074 19.37 -27.72 -54.21
C GLN A 1074 19.28 -26.83 -52.98
N ALA A 1075 18.06 -26.64 -52.46
CA ALA A 1075 17.92 -25.95 -51.18
C ALA A 1075 18.62 -26.70 -50.07
N VAL A 1076 18.55 -28.04 -50.10
CA VAL A 1076 19.08 -28.85 -49.02
C VAL A 1076 20.59 -28.71 -48.92
N ILE A 1077 21.28 -28.82 -50.05
CA ILE A 1077 22.74 -28.99 -50.00
C ILE A 1077 23.41 -27.74 -49.44
N ASP A 1078 23.02 -26.57 -49.94
CA ASP A 1078 23.71 -25.35 -49.57
C ASP A 1078 23.34 -24.86 -48.17
N ASN A 1079 22.23 -25.33 -47.60
CA ASN A 1079 21.79 -24.91 -46.27
C ASN A 1079 21.60 -23.40 -46.20
N ARG A 1080 20.99 -22.84 -47.24
CA ARG A 1080 20.70 -21.41 -47.30
C ARG A 1080 19.29 -21.14 -46.76
N ASN A 1081 18.78 -19.93 -47.01
CA ASN A 1081 17.43 -19.59 -46.58
C ASN A 1081 16.44 -20.46 -47.34
N VAL A 1082 15.92 -21.49 -46.65
CA VAL A 1082 15.04 -22.42 -47.31
C VAL A 1082 13.68 -21.79 -47.59
N PHE A 1083 13.26 -20.85 -46.73
CA PHE A 1083 11.96 -20.22 -46.93
C PHE A 1083 11.85 -19.59 -48.30
N ALA A 1084 12.94 -19.02 -48.81
CA ALA A 1084 12.95 -18.55 -50.19
C ALA A 1084 12.58 -19.67 -51.14
N VAL A 1085 13.18 -20.86 -50.95
CA VAL A 1085 12.76 -22.02 -51.71
C VAL A 1085 11.35 -22.44 -51.34
N LEU A 1086 11.00 -22.34 -50.06
CA LEU A 1086 9.65 -22.73 -49.62
C LEU A 1086 8.58 -21.87 -50.28
N MET A 1087 8.84 -20.58 -50.44
CA MET A 1087 7.84 -19.67 -50.98
C MET A 1087 7.33 -20.14 -52.33
N ASP A 1088 8.15 -20.80 -53.12
CA ASP A 1088 7.72 -21.35 -54.41
C ASP A 1088 7.40 -22.83 -54.35
N ALA A 1089 8.06 -23.58 -53.47
CA ALA A 1089 7.81 -25.01 -53.38
C ALA A 1089 6.37 -25.28 -52.93
N VAL A 1090 5.81 -24.41 -52.11
CA VAL A 1090 4.45 -24.62 -51.60
C VAL A 1090 3.40 -24.62 -52.69
N ARG A 1091 3.58 -23.82 -53.74
CA ARG A 1091 2.61 -23.73 -54.82
C ARG A 1091 2.48 -25.01 -55.62
N VAL A 1092 3.47 -25.91 -55.54
CA VAL A 1092 3.50 -27.10 -56.37
C VAL A 1092 3.72 -28.37 -55.57
N CYS A 1093 3.90 -28.29 -54.26
CA CYS A 1093 4.18 -29.45 -53.43
C CYS A 1093 3.21 -29.48 -52.25
N SER A 1094 2.78 -30.68 -51.90
CA SER A 1094 1.98 -30.87 -50.71
C SER A 1094 2.89 -30.90 -49.49
N LEU A 1095 2.34 -30.45 -48.36
CA LEU A 1095 3.14 -30.33 -47.15
C LEU A 1095 3.63 -31.70 -46.69
N GLY A 1096 2.87 -32.76 -46.96
CA GLY A 1096 3.31 -34.10 -46.62
C GLY A 1096 4.61 -34.47 -47.30
N GLN A 1097 4.71 -34.22 -48.60
CA GLN A 1097 5.95 -34.48 -49.33
C GLN A 1097 7.08 -33.64 -48.76
N ILE A 1098 6.80 -32.39 -48.43
CA ILE A 1098 7.82 -31.50 -47.88
C ILE A 1098 8.38 -32.06 -46.58
N THR A 1099 7.51 -32.44 -45.66
CA THR A 1099 7.96 -33.00 -44.39
C THR A 1099 8.69 -34.32 -44.61
N HIS A 1100 8.21 -35.14 -45.54
CA HIS A 1100 8.89 -36.39 -45.84
C HIS A 1100 10.31 -36.13 -46.32
N ALA A 1101 10.50 -35.14 -47.18
CA ALA A 1101 11.84 -34.78 -47.63
C ALA A 1101 12.67 -34.23 -46.48
N LEU A 1102 12.03 -33.50 -45.56
CA LEU A 1102 12.73 -33.00 -44.38
C LEU A 1102 13.28 -34.14 -43.56
N PHE A 1103 12.49 -35.19 -43.37
CA PHE A 1103 12.99 -36.38 -42.70
C PHE A 1103 14.05 -37.07 -43.56
N GLU A 1104 13.85 -37.04 -44.88
CA GLU A 1104 14.73 -37.72 -45.82
C GLU A 1104 16.14 -37.17 -45.79
N VAL A 1105 16.28 -35.85 -45.57
CA VAL A 1105 17.60 -35.25 -45.46
C VAL A 1105 18.30 -35.60 -44.16
N GLY A 1106 17.59 -36.20 -43.21
CA GLY A 1106 18.11 -36.43 -41.88
C GLY A 1106 17.65 -35.44 -40.83
N GLY A 1107 16.71 -34.56 -41.17
CA GLY A 1107 16.13 -33.68 -40.18
C GLY A 1107 15.38 -34.38 -39.07
N GLN A 1108 15.08 -35.66 -39.26
CA GLN A 1108 14.40 -36.43 -38.22
C GLN A 1108 15.27 -36.58 -36.98
N TYR A 1109 14.66 -36.37 -35.82
CA TYR A 1109 15.35 -36.64 -34.56
C TYR A 1109 15.48 -38.13 -34.34
N ARG A 1110 16.58 -38.53 -33.70
CA ARG A 1110 16.83 -39.93 -33.37
C ARG A 1110 16.71 -40.09 -31.86
N ARG A 1111 15.99 -41.11 -31.43
CA ARG A 1111 15.82 -41.37 -30.00
C ARG A 1111 17.17 -41.85 -29.48
N ASN A 1112 17.92 -40.92 -28.88
CA ASN A 1112 19.31 -41.13 -28.51
C ASN A 1112 19.54 -40.98 -27.01
N MET A 1113 18.51 -40.62 -26.26
CA MET A 1113 18.66 -40.33 -24.84
C MET A 1113 18.23 -41.52 -23.98
N GLY B 42 -69.90 14.74 -8.41
CA GLY B 42 -70.78 15.76 -7.89
C GLY B 42 -71.95 15.20 -7.09
N PRO B 43 -71.69 14.85 -5.84
CA PRO B 43 -72.75 14.28 -4.99
C PRO B 43 -73.83 15.32 -4.67
N ALA B 44 -75.06 14.80 -4.54
CA ALA B 44 -76.16 15.66 -4.14
C ALA B 44 -76.06 16.06 -2.67
N ASN B 45 -75.58 15.14 -1.84
CA ASN B 45 -75.41 15.35 -0.41
C ASN B 45 -73.92 15.37 -0.06
N LYS B 46 -73.64 15.48 1.24
CA LYS B 46 -72.26 15.40 1.73
C LYS B 46 -71.87 13.93 1.86
N VAL B 47 -70.88 13.51 1.09
CA VAL B 47 -70.44 12.12 1.06
C VAL B 47 -69.25 11.95 2.00
N ARG B 48 -69.29 10.89 2.81
CA ARG B 48 -68.24 10.60 3.77
C ARG B 48 -67.56 9.28 3.39
N PHE B 49 -66.24 9.27 3.39
CA PHE B 49 -65.46 8.09 3.04
C PHE B 49 -64.38 7.87 4.08
N VAL B 50 -63.90 6.63 4.16
CA VAL B 50 -62.86 6.26 5.11
C VAL B 50 -61.77 5.48 4.37
N THR B 51 -60.53 5.93 4.51
CA THR B 51 -59.36 5.21 4.03
C THR B 51 -58.54 4.76 5.22
N ALA B 52 -57.99 3.55 5.16
CA ALA B 52 -57.19 3.02 6.25
C ALA B 52 -56.33 1.89 5.74
N ALA B 53 -55.39 1.46 6.58
CA ALA B 53 -54.51 0.35 6.29
C ALA B 53 -54.73 -0.76 7.31
N SER B 54 -54.40 -1.99 6.90
CA SER B 54 -54.59 -3.14 7.76
C SER B 54 -53.60 -3.14 8.92
N LEU B 55 -53.85 -4.02 9.88
CA LEU B 55 -52.93 -4.18 11.00
C LEU B 55 -51.59 -4.73 10.51
N PHE B 56 -50.53 -4.33 11.20
CA PHE B 56 -49.16 -4.75 10.90
C PHE B 56 -48.73 -4.32 9.50
N ASP B 57 -49.00 -3.06 9.14
CA ASP B 57 -48.61 -2.50 7.86
C ASP B 57 -47.70 -1.30 8.09
N GLY B 58 -46.58 -1.26 7.37
CA GLY B 58 -45.63 -0.17 7.51
C GLY B 58 -45.62 0.80 6.34
N HIS B 59 -46.14 0.37 5.19
CA HIS B 59 -46.11 1.17 3.98
C HIS B 59 -47.49 1.77 3.72
N ASP B 60 -47.57 3.10 3.76
CA ASP B 60 -48.84 3.79 3.58
C ASP B 60 -48.72 5.02 2.66
N ALA B 61 -47.56 5.27 2.09
CA ALA B 61 -47.39 6.43 1.21
C ALA B 61 -48.28 6.33 -0.01
N SER B 62 -48.46 5.11 -0.55
CA SER B 62 -49.37 4.93 -1.68
C SER B 62 -50.79 5.31 -1.28
N ILE B 63 -51.26 4.80 -0.14
CA ILE B 63 -52.58 5.17 0.36
C ILE B 63 -52.61 6.65 0.70
N ASN B 64 -51.47 7.22 1.09
CA ASN B 64 -51.42 8.66 1.36
C ASN B 64 -51.70 9.47 0.09
N ILE B 65 -51.00 9.16 -1.00
CA ILE B 65 -51.27 9.83 -2.26
C ILE B 65 -52.68 9.56 -2.75
N MET B 66 -53.18 8.34 -2.56
CA MET B 66 -54.56 8.02 -2.91
C MET B 66 -55.53 8.94 -2.18
N ARG B 67 -55.37 9.07 -0.86
CA ARG B 67 -56.27 9.94 -0.10
C ARG B 67 -56.08 11.39 -0.47
N ARG B 68 -54.86 11.79 -0.86
CA ARG B 68 -54.64 13.14 -1.37
C ARG B 68 -55.50 13.40 -2.60
N ILE B 69 -55.47 12.46 -3.55
CA ILE B 69 -56.29 12.59 -4.75
C ILE B 69 -57.77 12.61 -4.38
N LEU B 70 -58.17 11.77 -3.42
CA LEU B 70 -59.57 11.71 -3.02
C LEU B 70 -60.04 13.04 -2.47
N GLN B 71 -59.31 13.61 -1.51
CA GLN B 71 -59.70 14.89 -0.95
C GLN B 71 -59.59 15.99 -1.99
N SER B 72 -58.67 15.86 -2.95
CA SER B 72 -58.60 16.81 -4.04
C SER B 72 -59.86 16.78 -4.88
N GLN B 73 -60.44 15.60 -5.08
CA GLN B 73 -61.69 15.49 -5.83
C GLN B 73 -62.86 16.15 -5.12
N GLY B 74 -62.74 16.43 -3.82
CA GLY B 74 -63.83 17.01 -3.07
C GLY B 74 -64.54 15.98 -2.23
N CYS B 75 -63.79 15.03 -1.70
CA CYS B 75 -64.33 13.93 -0.91
C CYS B 75 -63.99 14.16 0.56
N GLU B 76 -64.99 14.03 1.42
CA GLU B 76 -64.79 14.12 2.86
C GLU B 76 -64.35 12.76 3.39
N VAL B 77 -63.11 12.67 3.85
CA VAL B 77 -62.49 11.40 4.21
C VAL B 77 -61.97 11.51 5.64
N ILE B 78 -62.19 10.45 6.41
CA ILE B 78 -61.64 10.33 7.76
C ILE B 78 -60.66 9.16 7.72
N HIS B 79 -59.38 9.47 7.59
CA HIS B 79 -58.34 8.46 7.47
C HIS B 79 -57.80 8.09 8.84
N LEU B 80 -57.55 6.81 9.06
CA LEU B 80 -57.11 6.30 10.36
C LEU B 80 -55.66 5.83 10.37
N GLY B 81 -54.93 5.96 9.26
CA GLY B 81 -53.55 5.54 9.25
C GLY B 81 -53.40 4.02 9.16
N HIS B 82 -52.22 3.55 9.55
CA HIS B 82 -51.89 2.13 9.44
C HIS B 82 -52.09 1.42 10.78
N ASN B 83 -52.23 0.09 10.70
CA ASN B 83 -52.34 -0.78 11.86
C ASN B 83 -53.53 -0.38 12.74
N ARG B 84 -54.72 -0.50 12.15
CA ARG B 84 -55.96 -0.15 12.82
C ARG B 84 -56.81 -1.40 12.99
N SER B 85 -57.33 -1.59 14.20
CA SER B 85 -58.12 -2.78 14.49
C SER B 85 -59.39 -2.81 13.65
N VAL B 86 -59.73 -4.02 13.19
CA VAL B 86 -60.94 -4.19 12.38
C VAL B 86 -62.17 -3.79 13.17
N GLN B 87 -62.27 -4.24 14.42
CA GLN B 87 -63.39 -3.84 15.27
C GLN B 87 -63.40 -2.35 15.52
N GLU B 88 -62.23 -1.76 15.76
CA GLU B 88 -62.15 -0.32 15.99
C GLU B 88 -62.60 0.45 14.75
N VAL B 89 -62.12 0.03 13.57
CA VAL B 89 -62.49 0.72 12.34
C VAL B 89 -63.99 0.59 12.07
N VAL B 90 -64.54 -0.60 12.27
CA VAL B 90 -65.97 -0.80 12.06
C VAL B 90 -66.77 0.07 13.01
N THR B 91 -66.38 0.11 14.28
CA THR B 91 -67.08 0.93 15.26
C THR B 91 -67.01 2.41 14.90
N ALA B 92 -65.84 2.87 14.48
CA ALA B 92 -65.67 4.27 14.10
C ALA B 92 -66.55 4.61 12.90
N ALA B 93 -66.56 3.74 11.89
CA ALA B 93 -67.37 3.99 10.71
C ALA B 93 -68.86 4.00 11.05
N LEU B 94 -69.30 3.05 11.89
CA LEU B 94 -70.70 3.00 12.28
C LEU B 94 -71.12 4.21 13.08
N GLN B 95 -70.27 4.67 14.00
CA GLN B 95 -70.64 5.81 14.82
C GLN B 95 -70.54 7.13 14.05
N GLU B 96 -69.68 7.18 13.03
CA GLU B 96 -69.56 8.38 12.21
C GLU B 96 -70.55 8.41 11.06
N ASP B 97 -71.14 7.27 10.71
CA ASP B 97 -72.11 7.16 9.62
C ASP B 97 -71.53 7.70 8.31
N VAL B 98 -70.46 7.04 7.88
CA VAL B 98 -69.81 7.38 6.63
C VAL B 98 -70.48 6.61 5.50
N GLN B 99 -70.34 7.13 4.28
CA GLN B 99 -71.04 6.56 3.13
C GLN B 99 -70.21 5.52 2.38
N GLY B 100 -68.90 5.71 2.29
CA GLY B 100 -68.06 4.79 1.55
C GLY B 100 -66.86 4.39 2.39
N ILE B 101 -66.29 3.25 2.04
CA ILE B 101 -65.12 2.71 2.72
C ILE B 101 -64.05 2.44 1.66
N ALA B 102 -62.86 2.99 1.88
CA ALA B 102 -61.73 2.80 0.99
C ALA B 102 -60.65 2.01 1.72
N ILE B 103 -60.18 0.94 1.10
CA ILE B 103 -59.25 0.00 1.73
C ILE B 103 -58.05 -0.19 0.81
N SER B 104 -56.85 -0.13 1.39
CA SER B 104 -55.62 -0.48 0.69
C SER B 104 -54.95 -1.62 1.43
N SER B 105 -54.92 -2.80 0.81
CA SER B 105 -54.40 -4.02 1.42
C SER B 105 -53.08 -4.36 0.74
N TYR B 106 -51.98 -3.86 1.29
CA TYR B 106 -50.66 -4.08 0.72
C TYR B 106 -49.89 -5.22 1.37
N GLN B 107 -50.48 -5.91 2.36
CA GLN B 107 -49.76 -6.90 3.13
C GLN B 107 -50.40 -8.29 3.08
N GLY B 108 -51.49 -8.45 2.36
CA GLY B 108 -52.16 -9.74 2.32
C GLY B 108 -52.95 -10.02 3.58
N GLY B 109 -53.51 -11.22 3.64
CA GLY B 109 -54.36 -11.60 4.74
C GLY B 109 -55.61 -10.77 4.87
N HIS B 110 -55.88 -9.92 3.89
CA HIS B 110 -57.02 -9.01 3.93
C HIS B 110 -58.34 -9.73 3.86
N VAL B 111 -58.39 -10.92 3.26
CA VAL B 111 -59.66 -11.58 2.97
C VAL B 111 -60.44 -11.81 4.26
N GLU B 112 -59.73 -12.20 5.34
CA GLU B 112 -60.40 -12.37 6.62
C GLU B 112 -61.06 -11.07 7.07
N TYR B 113 -60.34 -9.96 6.95
CA TYR B 113 -60.89 -8.67 7.38
C TYR B 113 -62.09 -8.28 6.53
N PHE B 114 -61.99 -8.48 5.22
CA PHE B 114 -63.10 -8.17 4.33
C PHE B 114 -64.34 -8.99 4.68
N LYS B 115 -64.16 -10.30 4.86
CA LYS B 115 -65.30 -11.16 5.17
C LYS B 115 -65.92 -10.79 6.52
N TYR B 116 -65.07 -10.58 7.53
CA TYR B 116 -65.58 -10.22 8.86
C TYR B 116 -66.32 -8.89 8.81
N MET B 117 -65.75 -7.91 8.11
CA MET B 117 -66.39 -6.60 8.00
C MET B 117 -67.72 -6.69 7.27
N ILE B 118 -67.78 -7.46 6.19
CA ILE B 118 -69.04 -7.63 5.47
C ILE B 118 -70.08 -8.31 6.36
N ASP B 119 -69.66 -9.33 7.10
CA ASP B 119 -70.59 -10.01 8.01
C ASP B 119 -71.12 -9.04 9.06
N LEU B 120 -70.25 -8.20 9.62
CA LEU B 120 -70.68 -7.26 10.64
C LEU B 120 -71.58 -6.17 10.06
N LEU B 121 -71.27 -5.70 8.85
CA LEU B 121 -72.09 -4.66 8.22
C LEU B 121 -73.48 -5.18 7.89
N ARG B 122 -73.57 -6.36 7.28
CA ARG B 122 -74.87 -6.99 7.09
C ARG B 122 -75.54 -7.28 8.43
N GLU B 123 -74.73 -7.47 9.47
CA GLU B 123 -75.27 -7.71 10.80
C GLU B 123 -75.77 -6.42 11.45
N HIS B 124 -75.12 -5.28 11.17
CA HIS B 124 -75.45 -4.03 11.83
C HIS B 124 -75.86 -2.95 10.83
N GLY B 125 -76.57 -3.35 9.78
CA GLY B 125 -77.11 -2.40 8.81
C GLY B 125 -76.07 -1.59 8.07
N GLY B 126 -74.97 -2.25 7.69
CA GLY B 126 -73.92 -1.57 6.95
C GLY B 126 -73.83 -2.06 5.52
N GLU B 127 -74.86 -2.75 5.06
CA GLU B 127 -74.89 -3.24 3.69
C GLU B 127 -74.96 -2.08 2.69
N HIS B 128 -75.72 -1.04 3.02
CA HIS B 128 -75.84 0.13 2.14
C HIS B 128 -74.61 1.01 2.17
N ILE B 129 -73.70 0.81 3.11
CA ILE B 129 -72.45 1.57 3.15
C ILE B 129 -71.44 0.89 2.25
N GLN B 130 -71.00 1.59 1.21
CA GLN B 130 -70.14 1.03 0.19
C GLN B 130 -68.73 0.83 0.74
N VAL B 131 -68.12 -0.29 0.37
CA VAL B 131 -66.77 -0.64 0.80
C VAL B 131 -65.94 -0.89 -0.45
N PHE B 132 -64.81 -0.19 -0.56
CA PHE B 132 -63.94 -0.32 -1.72
C PHE B 132 -62.53 -0.67 -1.27
N GLY B 133 -61.87 -1.51 -2.07
CA GLY B 133 -60.53 -1.97 -1.73
C GLY B 133 -59.66 -2.10 -2.95
N GLY B 134 -58.36 -1.90 -2.73
CA GLY B 134 -57.35 -2.10 -3.75
C GLY B 134 -55.96 -2.06 -3.16
N GLY B 135 -55.15 -3.06 -3.47
CA GLY B 135 -53.84 -3.18 -2.86
C GLY B 135 -52.74 -3.59 -3.81
N GLY B 136 -52.93 -3.32 -5.09
CA GLY B 136 -51.90 -3.65 -6.06
C GLY B 136 -51.90 -5.13 -6.40
N GLY B 137 -50.71 -5.68 -6.61
CA GLY B 137 -50.55 -7.04 -7.11
C GLY B 137 -50.63 -8.14 -6.09
N VAL B 138 -50.84 -7.81 -4.81
CA VAL B 138 -50.96 -8.84 -3.79
C VAL B 138 -52.16 -9.73 -4.08
N ILE B 139 -53.28 -9.14 -4.48
CA ILE B 139 -54.46 -9.89 -4.86
C ILE B 139 -54.20 -10.53 -6.22
N VAL B 140 -53.95 -11.82 -6.23
CA VAL B 140 -53.77 -12.61 -7.45
C VAL B 140 -55.07 -12.55 -8.24
N PRO B 141 -55.03 -12.53 -9.58
CA PRO B 141 -56.30 -12.53 -10.33
C PRO B 141 -57.20 -13.71 -9.97
N ASP B 142 -56.63 -14.83 -9.57
CA ASP B 142 -57.43 -15.90 -8.97
C ASP B 142 -58.08 -15.43 -7.68
N GLU B 143 -57.32 -14.75 -6.82
CA GLU B 143 -57.92 -14.15 -5.63
C GLU B 143 -58.93 -13.07 -5.99
N ILE B 144 -58.69 -12.35 -7.09
CA ILE B 144 -59.65 -11.36 -7.55
C ILE B 144 -60.98 -12.03 -7.90
N ARG B 145 -60.91 -13.14 -8.64
CA ARG B 145 -62.13 -13.87 -8.97
C ARG B 145 -62.79 -14.44 -7.73
N GLU B 146 -62.00 -14.93 -6.78
CA GLU B 146 -62.57 -15.45 -5.54
C GLU B 146 -63.32 -14.36 -4.79
N LEU B 147 -62.73 -13.17 -4.69
CA LEU B 147 -63.42 -12.06 -4.04
C LEU B 147 -64.69 -11.67 -4.80
N GLN B 148 -64.59 -11.56 -6.13
CA GLN B 148 -65.74 -11.15 -6.93
C GLN B 148 -66.90 -12.13 -6.78
N ALA B 149 -66.61 -13.43 -6.83
CA ALA B 149 -67.67 -14.42 -6.65
C ALA B 149 -68.11 -14.53 -5.21
N TYR B 150 -67.27 -14.11 -4.26
CA TYR B 150 -67.66 -14.12 -2.85
C TYR B 150 -68.83 -13.18 -2.59
N GLY B 151 -68.77 -11.98 -3.17
CA GLY B 151 -69.78 -10.98 -2.91
C GLY B 151 -69.20 -9.69 -2.38
N VAL B 152 -67.89 -9.51 -2.56
CA VAL B 152 -67.25 -8.27 -2.16
C VAL B 152 -67.91 -7.11 -2.89
N ALA B 153 -67.95 -5.96 -2.22
CA ALA B 153 -68.58 -4.78 -2.83
C ALA B 153 -67.84 -4.35 -4.08
N ARG B 154 -66.53 -4.16 -3.98
CA ARG B 154 -65.71 -3.81 -5.14
C ARG B 154 -64.24 -4.00 -4.80
N ILE B 155 -63.53 -4.72 -5.67
CA ILE B 155 -62.09 -4.88 -5.58
C ILE B 155 -61.47 -4.40 -6.90
N TYR B 156 -60.46 -3.55 -6.82
CA TYR B 156 -59.83 -2.97 -7.99
C TYR B 156 -58.57 -3.74 -8.34
N SER B 157 -58.57 -4.36 -9.51
CA SER B 157 -57.43 -5.13 -9.98
C SER B 157 -56.33 -4.20 -10.47
N PRO B 158 -55.07 -4.64 -10.41
CA PRO B 158 -53.99 -3.80 -10.97
C PRO B 158 -54.20 -3.48 -12.43
N GLU B 159 -54.67 -4.45 -13.22
CA GLU B 159 -55.04 -4.16 -14.60
C GLU B 159 -56.19 -3.17 -14.67
N ASP B 160 -57.19 -3.34 -13.82
CA ASP B 160 -58.29 -2.39 -13.76
C ASP B 160 -57.81 -1.01 -13.32
N GLY B 161 -56.93 -0.96 -12.33
CA GLY B 161 -56.40 0.32 -11.89
C GLY B 161 -55.60 1.03 -12.95
N GLN B 162 -54.81 0.28 -13.73
CA GLN B 162 -54.03 0.90 -14.79
C GLN B 162 -54.91 1.33 -15.96
N ARG B 163 -55.93 0.53 -16.30
CA ARG B 163 -56.73 0.80 -17.49
C ARG B 163 -57.79 1.86 -17.22
N MET B 164 -58.68 1.59 -16.27
CA MET B 164 -59.78 2.51 -16.00
C MET B 164 -59.29 3.85 -15.47
N GLY B 165 -58.25 3.83 -14.64
CA GLY B 165 -57.75 5.04 -14.03
C GLY B 165 -58.41 5.32 -12.69
N LEU B 166 -57.70 6.09 -11.86
CA LEU B 166 -58.19 6.37 -10.52
C LEU B 166 -59.33 7.38 -10.55
N ALA B 167 -59.22 8.41 -11.38
CA ALA B 167 -60.24 9.46 -11.40
C ALA B 167 -61.58 8.92 -11.86
N GLY B 168 -61.59 8.06 -12.88
CA GLY B 168 -62.83 7.48 -13.33
C GLY B 168 -63.50 6.63 -12.26
N MET B 169 -62.70 5.84 -11.55
CA MET B 169 -63.22 5.05 -10.45
C MET B 169 -63.80 5.94 -9.35
N ILE B 170 -63.09 7.03 -9.03
CA ILE B 170 -63.57 7.96 -8.01
C ILE B 170 -64.91 8.56 -8.42
N THR B 171 -65.02 9.00 -9.68
CA THR B 171 -66.27 9.58 -10.15
C THR B 171 -67.39 8.55 -10.14
N ASP B 172 -67.10 7.32 -10.57
CA ASP B 172 -68.10 6.27 -10.55
C ASP B 172 -68.59 5.99 -9.14
N MET B 173 -67.68 5.89 -8.19
CA MET B 173 -68.08 5.66 -6.80
C MET B 173 -68.87 6.83 -6.23
N ALA B 174 -68.43 8.05 -6.50
CA ALA B 174 -69.10 9.23 -5.96
C ALA B 174 -70.52 9.35 -6.50
N GLN B 175 -70.68 9.17 -7.81
CA GLN B 175 -72.03 9.18 -8.38
C GLN B 175 -72.82 7.96 -7.93
N ARG B 176 -72.12 6.89 -7.53
CA ARG B 176 -72.79 5.70 -7.03
C ARG B 176 -73.31 5.91 -5.61
N CYS B 177 -72.64 6.74 -4.83
CA CYS B 177 -73.03 7.01 -3.44
C CYS B 177 -74.22 7.96 -3.34
N ASP B 178 -74.90 8.24 -4.45
CA ASP B 178 -76.09 9.11 -4.43
C ASP B 178 -77.25 8.29 -3.87
N ILE B 179 -77.25 8.14 -2.55
CA ILE B 179 -78.30 7.42 -1.83
C ILE B 179 -78.91 8.36 -0.80
N ASP B 180 -80.21 8.18 -0.58
CA ASP B 180 -80.96 9.04 0.33
C ASP B 180 -80.97 8.42 1.71
N LEU B 181 -80.41 9.15 2.68
CA LEU B 181 -80.37 8.68 4.07
C LEU B 181 -81.51 9.23 4.91
N THR B 182 -82.41 10.03 4.33
CA THR B 182 -83.51 10.64 5.08
C THR B 182 -84.50 9.61 5.61
N ARG B 183 -84.66 8.46 4.93
CA ARG B 183 -85.51 7.41 5.45
C ARG B 183 -84.92 6.77 6.71
N TYR B 184 -83.62 6.95 6.95
CA TYR B 184 -82.97 6.43 8.14
C TYR B 184 -83.13 7.36 9.34
N ALA B 185 -83.73 8.53 9.15
CA ALA B 185 -83.93 9.45 10.26
C ALA B 185 -84.93 8.88 11.26
N PRO B 186 -84.65 8.95 12.56
CA PRO B 186 -85.60 8.44 13.54
C PRO B 186 -86.91 9.20 13.50
N THR B 187 -88.01 8.44 13.59
CA THR B 187 -89.34 9.04 13.59
C THR B 187 -89.88 9.27 15.00
N THR B 188 -89.30 8.63 16.00
CA THR B 188 -89.72 8.79 17.39
C THR B 188 -88.57 9.37 18.20
N LEU B 189 -88.81 9.54 19.49
CA LEU B 189 -87.79 10.06 20.39
C LEU B 189 -87.20 9.01 21.32
N ASP B 190 -87.53 7.73 21.11
CA ASP B 190 -86.98 6.68 21.97
C ASP B 190 -85.48 6.54 21.76
N THR B 191 -85.05 6.48 20.50
CA THR B 191 -83.63 6.31 20.20
C THR B 191 -82.82 7.51 20.67
N VAL B 192 -83.36 8.71 20.50
CA VAL B 192 -82.64 9.92 20.93
C VAL B 192 -82.47 9.93 22.44
N VAL B 193 -83.55 9.62 23.17
CA VAL B 193 -83.48 9.60 24.63
C VAL B 193 -82.53 8.52 25.11
N ALA B 194 -82.59 7.34 24.51
CA ALA B 194 -81.69 6.25 24.92
C ALA B 194 -80.23 6.58 24.66
N GLY B 195 -79.95 7.25 23.54
CA GLY B 195 -78.59 7.64 23.23
C GLY B 195 -78.01 6.92 22.04
N ASP B 196 -78.87 6.47 21.13
CA ASP B 196 -78.41 5.81 19.91
C ASP B 196 -77.64 6.82 19.07
N ARG B 197 -76.31 6.68 19.04
CA ARG B 197 -75.49 7.61 18.28
C ARG B 197 -75.67 7.47 16.78
N ARG B 198 -76.17 6.33 16.31
CA ARG B 198 -76.64 6.25 14.93
C ARG B 198 -77.86 7.14 14.74
N ALA B 199 -78.80 7.11 15.68
CA ALA B 199 -79.94 8.01 15.63
C ALA B 199 -79.51 9.46 15.74
N LEU B 200 -78.54 9.75 16.60
CA LEU B 200 -78.02 11.11 16.72
C LEU B 200 -77.34 11.56 15.43
N ALA B 201 -76.64 10.64 14.76
CA ALA B 201 -76.03 10.98 13.47
C ALA B 201 -77.09 11.25 12.41
N GLN B 202 -78.15 10.45 12.39
CA GLN B 202 -79.26 10.74 11.49
C GLN B 202 -79.91 12.08 11.83
N LEU B 203 -79.95 12.42 13.11
CA LEU B 203 -80.42 13.75 13.52
C LEU B 203 -79.51 14.85 13.00
N ILE B 204 -78.19 14.64 13.04
CA ILE B 204 -77.26 15.61 12.48
C ILE B 204 -77.50 15.78 10.98
N THR B 205 -77.73 14.66 10.28
CA THR B 205 -78.04 14.74 8.86
C THR B 205 -79.33 15.50 8.61
N ALA B 206 -80.34 15.29 9.47
CA ALA B 206 -81.58 16.04 9.35
C ALA B 206 -81.34 17.54 9.58
N LEU B 207 -80.51 17.87 10.57
CA LEU B 207 -80.15 19.27 10.80
C LEU B 207 -79.49 19.87 9.57
N GLU B 208 -78.58 19.11 8.95
CA GLU B 208 -77.92 19.58 7.73
C GLU B 208 -78.93 19.79 6.61
N ASN B 209 -79.87 18.85 6.46
CA ASN B 209 -80.90 18.95 5.43
C ASN B 209 -82.08 19.81 5.86
N GLY B 210 -82.16 20.17 7.14
CA GLY B 210 -83.27 20.99 7.61
C GLY B 210 -84.61 20.31 7.56
N LYS B 211 -84.64 18.99 7.42
CA LYS B 211 -85.88 18.22 7.33
C LYS B 211 -86.41 17.82 8.69
N ALA B 212 -85.67 18.09 9.76
CA ALA B 212 -86.17 17.83 11.11
C ALA B 212 -87.32 18.78 11.43
N ASP B 213 -88.26 18.28 12.22
CA ASP B 213 -89.40 19.10 12.62
C ASP B 213 -88.90 20.22 13.54
N PRO B 214 -88.97 21.48 13.11
CA PRO B 214 -88.37 22.56 13.93
C PRO B 214 -88.97 22.66 15.31
N GLU B 215 -90.26 22.38 15.44
CA GLU B 215 -90.86 22.30 16.77
C GLU B 215 -90.23 21.19 17.59
N LEU B 216 -89.98 20.04 16.97
CA LEU B 216 -89.29 18.96 17.67
C LEU B 216 -87.88 19.38 18.08
N VAL B 217 -87.23 20.21 17.25
CA VAL B 217 -85.88 20.67 17.59
C VAL B 217 -85.92 21.61 18.79
N SER B 218 -86.90 22.52 18.81
CA SER B 218 -87.02 23.41 19.96
C SER B 218 -87.43 22.63 21.21
N ALA B 219 -88.19 21.56 21.04
CA ALA B 219 -88.47 20.66 22.16
C ALA B 219 -87.21 19.97 22.65
N LEU B 220 -86.34 19.57 21.74
CA LEU B 220 -85.03 19.05 22.12
C LEU B 220 -84.23 20.10 22.89
N HIS B 221 -84.32 21.36 22.46
CA HIS B 221 -83.68 22.44 23.20
C HIS B 221 -84.25 22.56 24.60
N ALA B 222 -85.57 22.42 24.75
CA ALA B 222 -86.18 22.46 26.08
C ALA B 222 -85.70 21.29 26.94
N GLN B 223 -85.63 20.10 26.34
CA GLN B 223 -85.11 18.95 27.08
C GLN B 223 -83.67 19.16 27.51
N ALA B 224 -82.86 19.79 26.65
CA ALA B 224 -81.49 20.12 27.04
C ALA B 224 -81.45 21.16 28.14
N LYS B 225 -82.37 22.13 28.11
CA LYS B 225 -82.47 23.11 29.18
C LYS B 225 -82.81 22.44 30.50
N ALA B 226 -83.62 21.39 30.45
CA ALA B 226 -83.87 20.56 31.61
C ALA B 226 -82.70 19.64 31.95
N ALA B 227 -81.81 19.38 30.98
CA ALA B 227 -80.70 18.45 31.22
C ALA B 227 -79.46 19.19 31.72
N ALA B 228 -78.94 20.12 30.93
CA ALA B 228 -77.79 20.96 31.30
C ALA B 228 -76.60 20.10 31.72
N VAL B 229 -76.10 19.31 30.78
CA VAL B 229 -74.89 18.52 30.99
C VAL B 229 -73.71 19.39 30.57
N PRO B 230 -72.53 19.20 31.15
CA PRO B 230 -71.41 20.10 30.84
C PRO B 230 -71.02 20.07 29.37
N VAL B 231 -70.71 21.25 28.84
CA VAL B 231 -70.22 21.40 27.47
C VAL B 231 -68.95 22.23 27.54
N LEU B 232 -67.84 21.66 27.07
CA LEU B 232 -66.54 22.32 27.10
C LEU B 232 -66.21 22.85 25.72
N GLY B 233 -65.94 24.15 25.64
CA GLY B 233 -65.47 24.76 24.40
C GLY B 233 -63.96 24.80 24.39
N ILE B 234 -63.37 24.12 23.39
CA ILE B 234 -61.93 24.07 23.22
C ILE B 234 -61.59 24.89 21.98
N THR B 235 -60.84 25.97 22.17
CA THR B 235 -60.55 26.91 21.10
C THR B 235 -59.04 27.02 20.91
N GLY B 236 -58.65 27.13 19.65
CA GLY B 236 -57.25 27.19 19.28
C GLY B 236 -57.00 26.67 17.89
N THR B 237 -55.75 26.70 17.44
CA THR B 237 -55.42 26.25 16.11
C THR B 237 -55.55 24.74 15.99
N GLY B 238 -56.02 24.30 14.83
CA GLY B 238 -56.19 22.87 14.59
C GLY B 238 -54.87 22.16 14.45
N GLY B 239 -54.82 20.93 14.97
CA GLY B 239 -53.64 20.11 14.85
C GLY B 239 -52.45 20.56 15.66
N ALA B 240 -52.61 21.58 16.51
CA ALA B 240 -51.50 22.07 17.31
C ALA B 240 -51.16 21.11 18.45
N GLY B 241 -52.01 20.12 18.70
CA GLY B 241 -51.79 19.20 19.80
C GLY B 241 -52.95 19.17 20.76
N LYS B 242 -54.02 19.91 20.43
CA LYS B 242 -55.21 19.90 21.27
C LYS B 242 -55.80 18.50 21.36
N SER B 243 -55.65 17.71 20.29
CA SER B 243 -56.15 16.34 20.31
C SER B 243 -55.41 15.50 21.35
N SER B 244 -54.08 15.65 21.43
CA SER B 244 -53.31 14.94 22.45
C SER B 244 -53.72 15.39 23.85
N LEU B 245 -53.96 16.68 24.02
CA LEU B 245 -54.43 17.18 25.32
C LEU B 245 -55.76 16.54 25.70
N THR B 246 -56.70 16.50 24.75
CA THR B 246 -57.98 15.88 25.02
C THR B 246 -57.82 14.40 25.33
N ASP B 247 -56.95 13.72 24.60
CA ASP B 247 -56.71 12.29 24.84
C ASP B 247 -56.18 12.06 26.25
N GLU B 248 -55.19 12.85 26.66
CA GLU B 248 -54.61 12.68 27.99
C GLU B 248 -55.62 13.02 29.07
N LEU B 249 -56.42 14.07 28.88
CA LEU B 249 -57.43 14.43 29.87
C LEU B 249 -58.51 13.36 29.97
N ILE B 250 -58.91 12.78 28.84
CA ILE B 250 -59.88 11.70 28.86
C ILE B 250 -59.31 10.50 29.59
N ARG B 251 -58.04 10.17 29.34
CA ARG B 251 -57.41 9.07 30.06
C ARG B 251 -57.35 9.35 31.55
N ARG B 252 -57.01 10.58 31.93
CA ARG B 252 -56.94 10.95 33.34
C ARG B 252 -58.30 10.83 34.01
N PHE B 253 -59.34 11.34 33.34
CA PHE B 253 -60.69 11.22 33.89
C PHE B 253 -61.14 9.77 33.95
N ARG B 254 -60.74 8.97 32.97
CA ARG B 254 -61.08 7.55 32.96
C ARG B 254 -60.45 6.84 34.15
N LEU B 255 -59.18 7.14 34.44
CA LEU B 255 -58.50 6.47 35.54
C LEU B 255 -59.01 7.00 36.88
N ASP B 256 -59.28 8.30 36.98
CA ASP B 256 -59.71 8.89 38.24
C ASP B 256 -61.15 8.49 38.59
N GLN B 257 -62.06 8.60 37.63
CA GLN B 257 -63.47 8.34 37.86
C GLN B 257 -63.86 6.92 37.49
N ASP B 258 -62.88 6.08 37.14
CA ASP B 258 -63.09 4.66 36.86
C ASP B 258 -63.99 4.46 35.64
N ASP B 259 -63.65 5.13 34.54
CA ASP B 259 -64.30 4.95 33.24
C ASP B 259 -65.80 5.21 33.30
N ALA B 260 -66.23 6.15 34.15
CA ALA B 260 -67.64 6.36 34.43
C ALA B 260 -68.23 7.60 33.76
N LEU B 261 -67.59 8.13 32.73
CA LEU B 261 -68.06 9.36 32.10
C LEU B 261 -68.61 9.08 30.70
N SER B 262 -69.82 9.55 30.44
CA SER B 262 -70.43 9.48 29.11
C SER B 262 -70.01 10.73 28.35
N ILE B 263 -69.01 10.59 27.49
CA ILE B 263 -68.37 11.72 26.83
C ILE B 263 -68.84 11.76 25.37
N ALA B 264 -69.43 12.89 24.99
CA ALA B 264 -69.81 13.15 23.61
C ALA B 264 -68.90 14.23 23.07
N VAL B 265 -68.24 13.96 21.96
CA VAL B 265 -67.26 14.88 21.37
C VAL B 265 -67.71 15.22 19.96
N ILE B 266 -67.73 16.52 19.65
CA ILE B 266 -68.11 17.00 18.33
C ILE B 266 -67.01 17.96 17.86
N SER B 267 -66.49 17.72 16.66
CA SER B 267 -65.48 18.58 16.06
C SER B 267 -66.02 19.21 14.79
N ILE B 268 -65.91 20.53 14.71
CA ILE B 268 -66.30 21.29 13.52
C ILE B 268 -65.03 21.80 12.86
N ASP B 269 -64.92 21.62 11.55
CA ASP B 269 -63.73 22.00 10.82
C ASP B 269 -64.12 22.82 9.60
N PRO B 270 -63.25 23.73 9.16
CA PRO B 270 -63.58 24.54 7.99
C PRO B 270 -63.58 23.71 6.71
N SER B 271 -64.44 24.12 5.77
CA SER B 271 -64.55 23.48 4.48
C SER B 271 -63.79 24.28 3.44
N ARG B 272 -63.03 23.57 2.60
CA ARG B 272 -62.27 24.21 1.53
C ARG B 272 -63.24 24.82 0.53
N ARG B 273 -63.33 26.15 0.51
CA ARG B 273 -64.33 26.85 -0.30
C ARG B 273 -64.21 26.46 -1.77
N LYS B 274 -62.98 26.29 -2.25
CA LYS B 274 -62.79 25.89 -3.65
C LYS B 274 -63.28 24.46 -3.88
N SER B 275 -62.69 23.50 -3.17
CA SER B 275 -63.04 22.09 -3.38
C SER B 275 -64.45 21.78 -2.88
N GLY B 276 -64.82 22.31 -1.72
CA GLY B 276 -66.07 22.00 -1.08
C GLY B 276 -66.00 20.88 -0.06
N GLY B 277 -64.97 20.05 -0.12
CA GLY B 277 -64.77 18.98 0.84
C GLY B 277 -63.67 19.32 1.83
N ALA B 278 -63.47 18.40 2.77
CA ALA B 278 -62.46 18.57 3.81
C ALA B 278 -62.12 17.21 4.41
N LEU B 279 -60.88 17.08 4.84
CA LEU B 279 -60.39 15.86 5.49
C LEU B 279 -60.50 16.08 7.00
N LEU B 280 -61.37 15.30 7.64
CA LEU B 280 -61.62 15.45 9.08
C LEU B 280 -60.52 14.74 9.85
N GLY B 281 -59.33 15.35 9.82
CA GLY B 281 -58.16 14.78 10.46
C GLY B 281 -57.91 15.24 11.87
N ASP B 282 -58.90 15.10 12.74
CA ASP B 282 -58.71 15.41 14.15
C ASP B 282 -59.11 14.26 15.07
N ARG B 283 -60.10 13.46 14.67
CA ARG B 283 -60.43 12.26 15.41
C ARG B 283 -59.31 11.23 15.33
N ILE B 284 -58.45 11.34 14.32
CA ILE B 284 -57.39 10.35 14.12
C ILE B 284 -56.40 10.34 15.28
N ARG B 285 -56.05 11.51 15.81
CA ARG B 285 -55.14 11.56 16.95
C ARG B 285 -55.79 11.11 18.26
N MET B 286 -57.11 10.96 18.29
CA MET B 286 -57.81 10.55 19.50
C MET B 286 -57.68 9.04 19.66
N ASN B 287 -57.25 8.60 20.84
CA ASN B 287 -57.11 7.18 21.14
C ASN B 287 -57.66 6.78 22.51
N ALA B 288 -57.97 7.74 23.39
CA ALA B 288 -58.54 7.43 24.69
C ALA B 288 -60.05 7.29 24.66
N ILE B 289 -60.64 7.15 23.48
CA ILE B 289 -62.10 7.04 23.33
C ILE B 289 -62.52 5.59 23.48
N ASN B 290 -61.61 4.74 23.99
CA ASN B 290 -61.83 3.31 24.07
C ASN B 290 -62.87 3.02 25.15
N HIS B 291 -64.12 3.37 24.84
CA HIS B 291 -65.26 3.15 25.72
C HIS B 291 -66.54 3.27 24.92
N PRO B 292 -67.43 2.28 25.00
CA PRO B 292 -68.66 2.33 24.20
C PRO B 292 -69.53 3.54 24.51
N ASN B 293 -69.56 3.99 25.76
CA ASN B 293 -70.37 5.13 26.16
C ASN B 293 -69.72 6.46 25.85
N ILE B 294 -68.51 6.45 25.28
CA ILE B 294 -67.84 7.67 24.84
C ILE B 294 -67.95 7.74 23.32
N PHE B 295 -68.49 8.84 22.82
CA PHE B 295 -68.76 9.02 21.40
C PHE B 295 -68.09 10.29 20.90
N MET B 296 -67.66 10.27 19.64
CA MET B 296 -67.02 11.41 19.01
C MET B 296 -67.59 11.56 17.60
N ARG B 297 -67.83 12.81 17.21
CA ARG B 297 -68.34 13.12 15.87
C ARG B 297 -67.44 14.16 15.23
N SER B 298 -67.07 13.94 13.98
CA SER B 298 -66.28 14.89 13.20
C SER B 298 -67.20 15.50 12.15
N LEU B 299 -67.31 16.83 12.16
CA LEU B 299 -68.19 17.54 11.24
C LEU B 299 -67.47 18.74 10.65
N ALA B 300 -68.04 19.27 9.58
CA ALA B 300 -67.53 20.48 8.95
C ALA B 300 -68.40 21.68 9.29
N THR B 301 -67.87 22.88 9.00
CA THR B 301 -68.69 24.08 9.11
C THR B 301 -69.87 24.03 8.15
N ARG B 302 -69.65 23.50 6.95
CA ARG B 302 -70.66 23.44 5.90
C ARG B 302 -71.30 24.79 5.64
N GLU B 303 -70.54 25.86 5.89
CA GLU B 303 -70.98 27.22 5.65
C GLU B 303 -69.91 27.94 4.85
N ALA B 304 -70.32 28.55 3.74
CA ALA B 304 -69.36 29.16 2.82
C ALA B 304 -68.58 30.28 3.51
N GLY B 305 -69.28 31.12 4.28
CA GLY B 305 -68.64 32.23 4.95
C GLY B 305 -68.30 31.94 6.40
N SER B 306 -69.23 31.30 7.11
CA SER B 306 -69.01 31.00 8.52
C SER B 306 -68.06 29.82 8.68
N GLU B 307 -67.21 29.91 9.70
CA GLU B 307 -66.20 28.90 9.98
C GLU B 307 -66.71 27.82 10.92
N ILE B 308 -67.99 27.87 11.31
CA ILE B 308 -68.58 26.91 12.22
C ILE B 308 -69.91 26.43 11.63
N SER B 309 -70.40 25.32 12.17
CA SER B 309 -71.70 24.82 11.75
C SER B 309 -72.81 25.71 12.30
N GLN B 310 -73.83 25.95 11.48
CA GLN B 310 -74.97 26.76 11.90
C GLN B 310 -75.93 26.00 12.80
N ALA B 311 -75.85 24.67 12.83
CA ALA B 311 -76.71 23.85 13.69
C ALA B 311 -75.96 23.36 14.93
N LEU B 312 -74.80 23.94 15.22
CA LEU B 312 -74.02 23.50 16.37
C LEU B 312 -74.77 23.59 17.69
N PRO B 313 -75.48 24.67 18.02
CA PRO B 313 -76.29 24.65 19.25
C PRO B 313 -77.32 23.53 19.26
N ASP B 314 -77.88 23.20 18.10
CA ASP B 314 -78.81 22.07 18.05
C ASP B 314 -78.10 20.75 18.28
N VAL B 315 -76.86 20.62 17.80
CA VAL B 315 -76.06 19.45 18.13
C VAL B 315 -75.80 19.37 19.62
N ILE B 316 -75.54 20.52 20.25
CA ILE B 316 -75.32 20.56 21.69
C ILE B 316 -76.57 20.11 22.44
N ALA B 317 -77.73 20.61 22.00
CA ALA B 317 -78.99 20.19 22.61
C ALA B 317 -79.23 18.70 22.42
N ALA B 318 -78.89 18.18 21.24
CA ALA B 318 -79.03 16.75 20.98
C ALA B 318 -78.15 15.93 21.91
N CYS B 319 -76.90 16.38 22.12
CA CYS B 319 -76.01 15.67 23.03
C CYS B 319 -76.52 15.75 24.47
N LYS B 320 -77.01 16.92 24.89
CA LYS B 320 -77.52 17.06 26.26
C LYS B 320 -78.74 16.17 26.48
N ALA B 321 -79.66 16.12 25.52
CA ALA B 321 -80.82 15.26 25.63
C ALA B 321 -80.48 13.79 25.42
N ALA B 322 -79.29 13.50 24.87
CA ALA B 322 -78.84 12.13 24.67
C ALA B 322 -78.31 11.49 25.94
N ARG B 323 -78.52 12.13 27.10
CA ARG B 323 -78.09 11.60 28.39
C ARG B 323 -76.59 11.33 28.43
N PHE B 324 -75.81 12.24 27.82
CA PHE B 324 -74.37 12.17 27.90
C PHE B 324 -73.87 12.99 29.09
N ASP B 325 -73.04 12.37 29.91
CA ASP B 325 -72.54 13.02 31.12
C ASP B 325 -71.66 14.22 30.84
N LEU B 326 -71.08 14.31 29.65
CA LEU B 326 -70.23 15.44 29.29
C LEU B 326 -70.18 15.58 27.79
N VAL B 327 -70.18 16.82 27.31
CA VAL B 327 -70.02 17.14 25.90
C VAL B 327 -68.75 17.99 25.77
N ILE B 328 -67.87 17.60 24.87
CA ILE B 328 -66.62 18.33 24.61
C ILE B 328 -66.58 18.68 23.14
N VAL B 329 -66.31 19.95 22.84
CA VAL B 329 -66.38 20.47 21.49
C VAL B 329 -65.02 21.06 21.12
N GLU B 330 -64.52 20.71 19.93
CA GLU B 330 -63.33 21.32 19.36
C GLU B 330 -63.73 22.27 18.25
N THR B 331 -63.25 23.50 18.32
CA THR B 331 -63.59 24.51 17.34
C THR B 331 -62.78 24.33 16.06
N SER B 332 -63.13 25.10 15.04
CA SER B 332 -62.42 25.07 13.77
C SER B 332 -61.31 26.12 13.80
N GLY B 333 -60.71 26.40 12.65
CA GLY B 333 -59.74 27.46 12.56
C GLY B 333 -60.34 28.80 12.93
N ILE B 334 -59.80 29.44 13.97
CA ILE B 334 -60.37 30.67 14.51
C ILE B 334 -59.59 31.86 13.95
N GLY B 335 -60.19 33.04 14.08
CA GLY B 335 -59.55 34.26 13.64
C GLY B 335 -59.04 35.08 14.82
N GLN B 336 -59.34 36.38 14.84
CA GLN B 336 -58.87 37.25 15.91
C GLN B 336 -59.99 37.62 16.89
N GLY B 337 -61.09 38.19 16.37
CA GLY B 337 -62.15 38.71 17.21
C GLY B 337 -63.43 37.89 17.28
N ASP B 338 -63.44 36.67 16.77
CA ASP B 338 -64.65 35.85 16.82
C ASP B 338 -64.79 35.20 18.20
N ALA B 339 -65.96 35.39 18.82
CA ALA B 339 -66.26 34.82 20.12
C ALA B 339 -67.68 34.25 20.14
N ALA B 340 -68.08 33.61 19.03
CA ALA B 340 -69.42 33.08 18.93
C ALA B 340 -69.64 31.82 19.75
N ILE B 341 -68.63 30.96 19.87
CA ILE B 341 -68.77 29.70 20.59
C ILE B 341 -68.85 29.90 22.10
N VAL B 342 -68.22 30.96 22.64
CA VAL B 342 -68.14 31.12 24.09
C VAL B 342 -69.52 31.21 24.74
N PRO B 343 -70.46 32.04 24.27
CA PRO B 343 -71.79 32.03 24.88
C PRO B 343 -72.57 30.75 24.68
N HIS B 344 -72.22 29.96 23.65
CA HIS B 344 -72.91 28.71 23.36
C HIS B 344 -72.39 27.54 24.19
N VAL B 345 -71.34 27.74 24.98
CA VAL B 345 -70.80 26.69 25.83
C VAL B 345 -70.82 27.18 27.28
N ASP B 346 -70.74 26.23 28.20
CA ASP B 346 -70.73 26.54 29.63
C ASP B 346 -69.36 26.94 30.15
N LEU B 347 -68.28 26.37 29.58
CA LEU B 347 -66.93 26.73 29.96
C LEU B 347 -66.09 26.88 28.69
N SER B 348 -65.18 27.84 28.71
CA SER B 348 -64.35 28.17 27.57
C SER B 348 -62.90 27.80 27.87
N LEU B 349 -62.28 27.08 26.93
CA LEU B 349 -60.87 26.71 27.03
C LEU B 349 -60.18 27.18 25.75
N TYR B 350 -59.15 28.00 25.91
CA TYR B 350 -58.37 28.47 24.79
C TYR B 350 -57.01 27.80 24.73
N VAL B 351 -56.62 27.38 23.53
CA VAL B 351 -55.32 26.77 23.28
C VAL B 351 -54.43 27.82 22.61
N MET B 352 -53.26 28.05 23.20
CA MET B 352 -52.28 28.96 22.64
C MET B 352 -50.92 28.29 22.61
N THR B 353 -50.01 28.89 21.87
CA THR B 353 -48.65 28.45 21.70
C THR B 353 -47.67 29.58 22.02
N PRO B 354 -46.43 29.27 22.41
CA PRO B 354 -45.48 30.35 22.72
C PRO B 354 -45.23 31.30 21.56
N GLU B 355 -45.36 30.84 20.32
CA GLU B 355 -45.18 31.71 19.16
C GLU B 355 -46.49 32.44 18.89
N PHE B 356 -46.51 33.75 19.15
CA PHE B 356 -47.66 34.58 18.84
C PHE B 356 -47.28 35.95 18.30
N GLY B 357 -46.02 36.19 17.97
CA GLY B 357 -45.59 37.50 17.51
C GLY B 357 -45.32 38.46 18.65
N ALA B 358 -45.72 39.72 18.48
CA ALA B 358 -45.49 40.73 19.49
C ALA B 358 -46.53 40.63 20.60
N ALA B 359 -46.21 41.21 21.75
CA ALA B 359 -47.16 41.27 22.85
C ALA B 359 -48.34 42.16 22.53
N SER B 360 -48.19 43.07 21.57
CA SER B 360 -49.32 43.90 21.15
C SER B 360 -50.33 43.12 20.33
N GLN B 361 -49.98 41.91 19.88
CA GLN B 361 -50.97 41.08 19.21
C GLN B 361 -52.09 40.67 20.16
N LEU B 362 -51.83 40.70 21.47
CA LEU B 362 -52.87 40.47 22.46
C LEU B 362 -53.88 41.60 22.51
N GLU B 363 -53.51 42.80 22.05
CA GLU B 363 -54.42 43.94 22.06
C GLU B 363 -55.58 43.77 21.09
N LYS B 364 -55.50 42.80 20.17
CA LYS B 364 -56.53 42.57 19.20
C LYS B 364 -57.29 41.27 19.40
N ILE B 365 -56.99 40.52 20.47
CA ILE B 365 -57.65 39.25 20.72
C ILE B 365 -58.77 39.44 21.73
N ASP B 366 -59.98 39.71 21.23
CA ASP B 366 -61.13 39.81 22.13
C ASP B 366 -61.66 38.44 22.51
N MET B 367 -61.25 37.41 21.76
CA MET B 367 -61.60 36.03 22.10
C MET B 367 -60.98 35.65 23.43
N LEU B 368 -59.74 36.07 23.65
CA LEU B 368 -59.06 35.85 24.91
C LEU B 368 -59.66 36.67 26.04
N ASP B 369 -60.34 37.78 25.72
CA ASP B 369 -61.06 38.55 26.72
C ASP B 369 -62.22 37.77 27.31
N PHE B 370 -62.65 36.70 26.64
CA PHE B 370 -63.76 35.88 27.09
C PHE B 370 -63.38 34.43 27.31
N ALA B 371 -62.13 34.04 27.09
CA ALA B 371 -61.72 32.68 27.33
C ALA B 371 -61.69 32.38 28.83
N ASP B 372 -62.48 31.40 29.25
CA ASP B 372 -62.52 31.03 30.66
C ASP B 372 -61.26 30.29 31.08
N PHE B 373 -60.69 29.47 30.20
CA PHE B 373 -59.45 28.77 30.47
C PHE B 373 -58.50 28.96 29.28
N VAL B 374 -57.22 29.15 29.59
CA VAL B 374 -56.19 29.34 28.56
C VAL B 374 -55.02 28.43 28.90
N ALA B 375 -54.46 27.79 27.87
CA ALA B 375 -53.34 26.88 28.04
C ALA B 375 -52.33 27.12 26.93
N ILE B 376 -51.05 27.21 27.29
CA ILE B 376 -49.97 27.41 26.32
C ILE B 376 -49.49 26.03 25.89
N ASN B 377 -49.79 25.67 24.64
CA ASN B 377 -49.48 24.35 24.13
C ASN B 377 -48.03 24.27 23.64
N LYS B 378 -47.45 23.07 23.74
CA LYS B 378 -46.11 22.77 23.24
C LYS B 378 -45.06 23.67 23.89
N PHE B 379 -44.85 23.45 25.18
CA PHE B 379 -43.92 24.21 26.02
C PHE B 379 -42.45 23.86 25.75
N ASP B 380 -42.15 23.08 24.71
CA ASP B 380 -40.77 22.65 24.46
C ASP B 380 -39.92 23.72 23.79
N ARG B 381 -40.51 24.83 23.37
CA ARG B 381 -39.77 25.86 22.67
C ARG B 381 -39.28 26.95 23.63
N LYS B 382 -38.23 27.64 23.20
CA LYS B 382 -37.62 28.68 24.02
C LYS B 382 -38.53 29.89 24.15
N GLY B 383 -38.34 30.64 25.22
CA GLY B 383 -39.11 31.83 25.49
C GLY B 383 -40.48 31.58 26.05
N ALA B 384 -40.86 30.32 26.28
CA ALA B 384 -42.21 30.01 26.73
C ALA B 384 -42.47 30.60 28.11
N GLN B 385 -41.50 30.52 29.01
CA GLN B 385 -41.69 31.08 30.35
C GLN B 385 -41.84 32.59 30.31
N ASP B 386 -41.03 33.28 29.48
CA ASP B 386 -41.18 34.72 29.34
C ASP B 386 -42.55 35.08 28.82
N ALA B 387 -43.02 34.37 27.80
CA ALA B 387 -44.35 34.64 27.25
C ALA B 387 -45.43 34.39 28.29
N TRP B 388 -45.28 33.32 29.10
CA TRP B 388 -46.24 33.06 30.15
C TRP B 388 -46.28 34.20 31.14
N ARG B 389 -45.12 34.72 31.55
CA ARG B 389 -45.09 35.86 32.45
C ARG B 389 -45.79 37.06 31.82
N ASP B 390 -45.48 37.32 30.55
CA ASP B 390 -46.06 38.48 29.88
C ASP B 390 -47.57 38.36 29.77
N VAL B 391 -48.07 37.19 29.41
CA VAL B 391 -49.51 37.00 29.27
C VAL B 391 -50.19 37.06 30.62
N ALA B 392 -49.55 36.53 31.66
CA ALA B 392 -50.11 36.62 33.00
C ALA B 392 -50.22 38.08 33.44
N LYS B 393 -49.17 38.87 33.17
CA LYS B 393 -49.24 40.30 33.46
C LYS B 393 -50.33 40.99 32.64
N GLN B 394 -50.45 40.61 31.38
CA GLN B 394 -51.47 41.20 30.51
C GLN B 394 -52.87 40.91 31.02
N VAL B 395 -53.11 39.67 31.46
CA VAL B 395 -54.41 39.31 32.02
C VAL B 395 -54.64 40.05 33.33
N GLN B 396 -53.60 40.17 34.15
CA GLN B 396 -53.71 40.92 35.39
C GLN B 396 -54.12 42.36 35.13
N ARG B 397 -53.54 42.95 34.08
CA ARG B 397 -53.89 44.32 33.70
C ARG B 397 -55.32 44.39 33.19
N ASN B 398 -55.72 43.44 32.34
CA ASN B 398 -57.06 43.44 31.77
C ASN B 398 -58.13 43.31 32.85
N ARG B 399 -57.93 42.41 33.81
CA ARG B 399 -58.87 42.23 34.89
C ARG B 399 -58.66 43.20 36.03
N GLU B 400 -57.60 44.01 35.97
CA GLU B 400 -57.27 44.98 37.02
C GLU B 400 -57.15 44.31 38.38
N GLN B 401 -56.70 43.05 38.40
CA GLN B 401 -56.64 42.27 39.63
C GLN B 401 -55.25 42.39 40.25
N TRP B 402 -54.83 43.64 40.47
CA TRP B 402 -53.50 43.88 41.03
C TRP B 402 -53.33 43.22 42.40
N HIS B 403 -54.43 42.99 43.11
CA HIS B 403 -54.38 42.33 44.41
C HIS B 403 -54.16 40.82 44.31
N SER B 404 -54.27 40.25 43.12
CA SER B 404 -54.04 38.82 42.90
C SER B 404 -52.65 38.61 42.32
N ARG B 405 -52.24 37.35 42.27
CA ARG B 405 -50.98 36.97 41.67
C ARG B 405 -51.19 36.46 40.25
N ALA B 406 -50.40 36.99 39.32
CA ALA B 406 -50.58 36.64 37.91
C ALA B 406 -50.29 35.17 37.66
N GLU B 407 -49.28 34.62 38.32
CA GLU B 407 -48.94 33.21 38.13
C GLU B 407 -50.03 32.28 38.63
N ASP B 408 -50.85 32.71 39.58
CA ASP B 408 -51.94 31.89 40.11
C ASP B 408 -53.16 31.88 39.20
N MET B 409 -53.18 32.70 38.16
CA MET B 409 -54.31 32.73 37.25
C MET B 409 -54.45 31.39 36.53
N PRO B 410 -55.69 30.99 36.18
CA PRO B 410 -55.92 29.68 35.55
C PRO B 410 -55.44 29.59 34.10
N VAL B 411 -54.19 29.96 33.88
CA VAL B 411 -53.55 29.85 32.58
C VAL B 411 -52.24 29.10 32.79
N TYR B 412 -52.06 27.99 32.07
CA TYR B 412 -50.91 27.11 32.25
C TYR B 412 -50.14 27.00 30.95
N GLY B 413 -48.82 26.79 31.07
CA GLY B 413 -47.98 26.49 29.94
C GLY B 413 -47.65 25.00 29.92
N THR B 414 -47.94 24.36 28.80
CA THR B 414 -47.92 22.91 28.70
C THR B 414 -47.25 22.45 27.41
N GLN B 415 -46.73 21.23 27.44
CA GLN B 415 -46.13 20.57 26.28
C GLN B 415 -46.90 19.27 26.06
N ALA B 416 -47.69 19.22 24.98
CA ALA B 416 -48.59 18.11 24.76
C ALA B 416 -47.88 16.83 24.39
N SER B 417 -46.71 16.91 23.76
CA SER B 417 -46.07 15.71 23.23
C SER B 417 -45.55 14.78 24.33
N ARG B 418 -45.16 15.33 25.48
CA ARG B 418 -44.57 14.55 26.54
C ARG B 418 -45.66 13.89 27.39
N PHE B 419 -45.55 12.58 27.57
CA PHE B 419 -46.52 11.85 28.38
C PHE B 419 -46.30 12.15 29.86
N ASN B 420 -47.34 11.90 30.66
CA ASN B 420 -47.32 12.13 32.10
C ASN B 420 -46.95 13.57 32.43
N ASP B 421 -47.42 14.50 31.61
CA ASP B 421 -47.07 15.90 31.77
C ASP B 421 -47.65 16.44 33.07
N ASP B 422 -46.80 17.09 33.87
CA ASP B 422 -47.25 17.64 35.14
C ASP B 422 -48.27 18.75 34.94
N GLY B 423 -48.02 19.63 33.97
CA GLY B 423 -48.98 20.69 33.67
C GLY B 423 -50.33 20.14 33.26
N VAL B 424 -50.34 18.98 32.59
CA VAL B 424 -51.60 18.34 32.23
C VAL B 424 -52.38 17.95 33.48
N THR B 425 -51.71 17.35 34.45
CA THR B 425 -52.38 17.01 35.71
C THR B 425 -52.86 18.25 36.43
N MET B 426 -52.04 19.30 36.44
CA MET B 426 -52.43 20.55 37.09
C MET B 426 -53.66 21.15 36.42
N LEU B 427 -53.71 21.12 35.09
CA LEU B 427 -54.85 21.67 34.37
C LEU B 427 -56.09 20.82 34.57
N TYR B 428 -55.93 19.49 34.65
CA TYR B 428 -57.06 18.64 34.98
C TYR B 428 -57.59 18.96 36.38
N GLN B 429 -56.69 19.17 37.33
CA GLN B 429 -57.11 19.55 38.67
C GLN B 429 -57.83 20.89 38.67
N GLY B 430 -57.31 21.86 37.91
CA GLY B 430 -57.98 23.14 37.80
C GLY B 430 -59.35 23.02 37.16
N LEU B 431 -59.47 22.15 36.16
CA LEU B 431 -60.76 21.91 35.51
C LEU B 431 -61.75 21.28 36.49
N VAL B 432 -61.27 20.34 37.32
CA VAL B 432 -62.12 19.74 38.34
C VAL B 432 -62.59 20.80 39.33
N GLY B 433 -61.67 21.67 39.74
CA GLY B 433 -62.04 22.75 40.64
C GLY B 433 -63.05 23.70 40.03
N ALA B 434 -62.89 24.01 38.74
CA ALA B 434 -63.83 24.86 38.05
C ALA B 434 -65.20 24.20 37.95
N LEU B 435 -65.22 22.90 37.65
CA LEU B 435 -66.49 22.16 37.58
C LEU B 435 -67.19 22.16 38.91
N GLY B 436 -66.43 21.97 40.00
CA GLY B 436 -67.01 22.13 41.32
C GLY B 436 -67.56 23.53 41.53
N ALA B 437 -66.80 24.54 41.09
CA ALA B 437 -67.31 25.90 41.09
C ALA B 437 -68.45 26.08 40.10
N ARG B 438 -68.44 25.31 39.01
CA ARG B 438 -69.52 25.30 38.04
C ARG B 438 -70.68 24.39 38.48
N GLY B 439 -70.59 23.85 39.69
CA GLY B 439 -71.63 22.98 40.22
C GLY B 439 -71.76 21.69 39.45
N MET B 440 -70.69 20.89 39.43
CA MET B 440 -70.68 19.62 38.70
C MET B 440 -70.58 18.48 39.72
N SER B 441 -71.67 17.73 39.85
CA SER B 441 -71.67 16.57 40.72
C SER B 441 -70.72 15.52 40.16
N LEU B 442 -69.57 15.36 40.82
CA LEU B 442 -68.50 14.51 40.30
C LEU B 442 -67.99 13.62 41.41
N LYS B 443 -67.54 12.43 41.04
CA LYS B 443 -66.93 11.52 41.98
C LYS B 443 -65.62 12.11 42.52
N PRO B 444 -65.32 11.85 43.79
CA PRO B 444 -64.08 12.41 44.38
C PRO B 444 -62.84 11.89 43.67
N GLY B 445 -61.82 12.74 43.58
CA GLY B 445 -60.59 12.35 42.92
C GLY B 445 -59.88 11.21 43.63
N THR B 446 -59.48 10.22 42.84
CA THR B 446 -58.72 9.09 43.33
C THR B 446 -57.22 9.24 43.09
N LEU B 447 -56.81 10.28 42.42
CA LEU B 447 -55.42 10.56 42.10
C LEU B 447 -54.79 11.42 43.17
N PRO B 448 -53.48 11.31 43.37
CA PRO B 448 -52.78 12.22 44.28
C PRO B 448 -52.92 13.66 43.79
N ASN B 449 -53.07 14.58 44.73
CA ASN B 449 -53.22 15.99 44.39
C ASN B 449 -51.87 16.62 44.12
N LEU B 450 -51.33 16.42 42.92
CA LEU B 450 -50.06 17.03 42.57
C LEU B 450 -50.23 18.53 42.41
N GLU B 451 -49.35 19.28 43.06
CA GLU B 451 -49.44 20.73 43.10
C GLU B 451 -48.70 21.36 41.93
N GLY B 452 -48.91 22.65 41.75
CA GLY B 452 -48.24 23.41 40.72
C GLY B 452 -49.19 23.89 39.64
N ARG B 453 -48.64 24.74 38.77
CA ARG B 453 -49.34 25.22 37.59
C ARG B 453 -48.53 25.11 36.31
N ILE B 454 -47.23 24.81 36.40
CA ILE B 454 -46.32 24.78 35.26
C ILE B 454 -45.81 23.36 35.07
N SER B 455 -45.89 22.87 33.84
CA SER B 455 -45.21 21.64 33.50
C SER B 455 -43.70 21.87 33.51
N THR B 456 -42.99 21.08 34.30
CA THR B 456 -41.57 21.28 34.53
C THR B 456 -40.71 20.52 33.54
N GLY B 457 -41.30 19.73 32.66
CA GLY B 457 -40.51 18.91 31.74
C GLY B 457 -39.65 17.89 32.43
N GLN B 458 -40.12 17.33 33.55
CA GLN B 458 -39.35 16.33 34.26
C GLN B 458 -39.35 15.01 33.50
N ASN B 459 -38.39 14.15 33.84
CA ASN B 459 -38.18 12.87 33.17
C ASN B 459 -37.98 13.15 31.70
N VAL B 460 -36.97 13.99 31.46
CA VAL B 460 -36.56 14.40 30.15
C VAL B 460 -35.23 13.74 30.01
N ILE B 461 -35.18 12.70 29.20
CA ILE B 461 -33.95 11.96 29.06
C ILE B 461 -32.82 12.80 28.54
N VAL B 462 -33.11 13.63 27.56
CA VAL B 462 -32.07 14.44 26.99
C VAL B 462 -31.81 15.69 27.79
N PRO B 463 -30.54 15.92 28.11
CA PRO B 463 -30.20 17.15 28.80
C PRO B 463 -30.41 18.19 27.74
N PRO B 464 -31.03 19.30 28.10
CA PRO B 464 -31.34 20.32 27.10
C PRO B 464 -30.11 20.85 26.41
N ALA B 465 -29.05 21.08 27.17
CA ALA B 465 -27.85 21.63 26.58
C ALA B 465 -26.96 20.60 25.92
N ARG B 466 -27.11 19.34 26.32
CA ARG B 466 -26.26 18.30 25.80
C ARG B 466 -26.26 18.20 24.28
N SER B 467 -27.43 18.36 23.74
CA SER B 467 -27.72 18.36 22.32
C SER B 467 -26.63 18.42 21.24
N ARG B 468 -26.06 19.60 20.99
CA ARG B 468 -25.17 19.73 19.85
C ARG B 468 -23.87 18.94 20.05
N TYR B 469 -23.99 17.81 20.77
CA TYR B 469 -22.83 16.96 21.02
C TYR B 469 -22.19 16.46 19.74
N LEU B 470 -22.98 16.23 18.70
CA LEU B 470 -22.46 15.65 17.47
C LEU B 470 -21.40 16.53 16.84
N ALA B 471 -21.69 17.83 16.71
CA ALA B 471 -20.72 18.75 16.16
C ALA B 471 -19.49 18.82 17.05
N GLU B 472 -19.68 18.72 18.37
CA GLU B 472 -18.56 18.66 19.29
C GLU B 472 -17.65 17.49 18.98
N LEU B 473 -18.24 16.31 18.76
CA LEU B 473 -17.45 15.12 18.44
C LEU B 473 -16.71 15.29 17.12
N ALA B 474 -17.40 15.81 16.10
CA ALA B 474 -16.78 15.99 14.80
C ALA B 474 -15.61 16.96 14.91
N ASP B 475 -15.80 18.05 15.64
CA ASP B 475 -14.72 19.01 15.85
C ASP B 475 -13.57 18.37 16.61
N THR B 476 -13.88 17.50 17.55
CA THR B 476 -12.83 16.78 18.28
C THR B 476 -12.03 15.92 17.33
N VAL B 477 -12.70 15.27 16.38
CA VAL B 477 -12.02 14.48 15.36
C VAL B 477 -11.09 15.36 14.54
N ARG B 478 -11.61 16.52 14.11
CA ARG B 478 -10.79 17.45 13.34
C ARG B 478 -9.55 17.87 14.13
N ALA B 479 -9.75 18.20 15.41
CA ALA B 479 -8.63 18.64 16.24
C ALA B 479 -7.63 17.51 16.44
N TYR B 480 -8.12 16.27 16.56
CA TYR B 480 -7.21 15.15 16.66
C TYR B 480 -6.35 15.03 15.41
N HIS B 481 -6.97 15.18 14.24
CA HIS B 481 -6.20 15.15 13.00
C HIS B 481 -5.17 16.27 12.98
N ARG B 482 -5.58 17.47 13.39
CA ARG B 482 -4.67 18.60 13.43
C ARG B 482 -3.48 18.32 14.33
N ARG B 483 -3.74 17.80 15.53
CA ARG B 483 -2.67 17.52 16.47
C ARG B 483 -1.75 16.42 15.94
N VAL B 484 -2.32 15.40 15.29
CA VAL B 484 -1.51 14.34 14.71
C VAL B 484 -0.56 14.93 13.67
N VAL B 485 -1.09 15.79 12.80
CA VAL B 485 -0.25 16.41 11.78
C VAL B 485 0.84 17.24 12.41
N ALA B 486 0.49 18.04 13.43
CA ALA B 486 1.48 18.90 14.07
C ALA B 486 2.59 18.08 14.71
N GLN B 487 2.22 17.04 15.45
CA GLN B 487 3.21 16.19 16.10
C GLN B 487 4.08 15.47 15.08
N SER B 488 3.48 14.97 14.01
CA SER B 488 4.27 14.30 12.98
C SER B 488 5.29 15.26 12.38
N LYS B 489 4.86 16.48 12.07
CA LYS B 489 5.76 17.47 11.50
C LYS B 489 6.89 17.80 12.47
N LEU B 490 6.55 18.00 13.74
CA LEU B 490 7.57 18.33 14.73
C LEU B 490 8.58 17.21 14.89
N ALA B 491 8.11 15.97 14.98
CA ALA B 491 9.02 14.85 15.14
C ALA B 491 9.90 14.68 13.91
N ARG B 492 9.33 14.87 12.73
CA ARG B 492 10.14 14.79 11.51
C ARG B 492 11.22 15.87 11.50
N GLU B 493 10.86 17.08 11.90
CA GLU B 493 11.84 18.15 11.99
C GLU B 493 12.95 17.79 12.98
N ARG B 494 12.57 17.24 14.13
CA ARG B 494 13.55 16.86 15.13
C ARG B 494 14.49 15.79 14.59
N GLN B 495 13.94 14.79 13.89
CA GLN B 495 14.77 13.72 13.35
C GLN B 495 15.71 14.26 12.28
N GLN B 496 15.20 15.15 11.42
CA GLN B 496 16.05 15.73 10.38
C GLN B 496 17.19 16.52 11.00
N LEU B 497 16.88 17.34 12.01
CA LEU B 497 17.90 18.09 12.70
C LEU B 497 18.93 17.16 13.33
N ARG B 498 18.44 16.09 13.96
CA ARG B 498 19.32 15.11 14.57
C ARG B 498 20.31 14.54 13.56
N ALA B 499 19.80 13.95 12.48
CA ALA B 499 20.67 13.32 11.50
C ALA B 499 21.60 14.33 10.85
N ALA B 500 21.11 15.55 10.60
CA ALA B 500 21.97 16.57 10.02
C ALA B 500 23.12 16.91 10.94
N HIS B 501 22.83 17.07 12.24
CA HIS B 501 23.90 17.31 13.20
C HIS B 501 24.89 16.16 13.21
N ASP B 502 24.37 14.92 13.16
CA ASP B 502 25.26 13.76 13.17
C ASP B 502 26.19 13.77 11.98
N MET B 503 25.64 14.04 10.79
CA MET B 503 26.48 14.09 9.59
C MET B 503 27.48 15.23 9.67
N LEU B 504 27.05 16.40 10.14
CA LEU B 504 27.97 17.52 10.29
C LEU B 504 28.98 17.26 11.40
N GLN B 505 28.52 16.75 12.54
CA GLN B 505 29.47 16.34 13.56
C GLN B 505 30.25 15.11 13.10
N GLY B 506 29.68 14.31 12.22
CA GLY B 506 30.47 13.33 11.51
C GLY B 506 31.42 13.91 10.50
N ALA B 507 31.12 15.12 9.99
CA ALA B 507 32.04 15.83 9.13
C ALA B 507 33.13 16.55 9.91
N GLY B 508 33.04 16.58 11.24
CA GLY B 508 34.10 17.10 12.10
C GLY B 508 33.88 18.53 12.56
N HIS B 509 33.00 19.27 11.90
CA HIS B 509 32.79 20.66 12.24
C HIS B 509 32.08 20.78 13.59
N GLU B 510 32.64 21.61 14.46
CA GLU B 510 32.11 21.82 15.81
C GLU B 510 31.13 22.98 15.75
N SER B 511 29.84 22.65 15.80
CA SER B 511 28.77 23.64 15.74
C SER B 511 27.81 23.38 16.91
N ALA B 512 27.85 24.26 17.91
CA ALA B 512 27.00 24.10 19.08
C ALA B 512 25.56 24.49 18.82
N ALA B 513 25.28 25.21 17.73
CA ALA B 513 23.90 25.59 17.43
C ALA B 513 23.04 24.37 17.15
N LEU B 514 23.65 23.29 16.66
CA LEU B 514 22.87 22.12 16.25
C LEU B 514 22.20 21.46 17.44
N GLU B 515 22.97 21.22 18.51
CA GLU B 515 22.40 20.56 19.69
C GLU B 515 21.34 21.45 20.34
N THR B 516 21.59 22.75 20.40
CA THR B 516 20.59 23.66 20.95
C THR B 516 19.29 23.62 20.15
N LEU B 517 19.41 23.66 18.82
CA LEU B 517 18.22 23.61 17.98
C LEU B 517 17.50 22.27 18.14
N ALA B 518 18.25 21.17 18.19
CA ALA B 518 17.64 19.86 18.41
C ALA B 518 16.87 19.81 19.71
N SER B 519 17.51 20.26 20.80
CA SER B 519 16.85 20.34 22.09
C SER B 519 15.59 21.19 22.03
N GLU B 520 15.61 22.26 21.23
CA GLU B 520 14.42 23.08 21.08
C GLU B 520 13.23 22.25 20.60
N ARG B 521 13.47 21.26 19.75
CA ARG B 521 12.42 20.36 19.30
C ARG B 521 12.17 19.20 20.26
N ASP B 522 13.18 18.76 21.00
CA ASP B 522 13.00 17.67 21.94
C ASP B 522 11.95 18.02 22.98
N VAL B 523 12.07 19.20 23.58
CA VAL B 523 11.04 19.67 24.51
C VAL B 523 9.74 19.91 23.76
N SER B 524 9.83 20.39 22.53
CA SER B 524 8.63 20.62 21.74
C SER B 524 7.90 19.32 21.46
N LEU B 525 8.65 18.22 21.32
CA LEU B 525 8.03 16.92 21.08
C LEU B 525 7.10 16.56 22.23
N GLY B 526 5.91 16.10 21.90
CA GLY B 526 4.96 15.71 22.91
C GLY B 526 5.39 14.46 23.65
N ALA B 527 4.94 14.38 24.91
CA ALA B 527 5.37 13.28 25.77
C ALA B 527 4.81 11.94 25.32
N VAL B 528 3.50 11.85 25.11
CA VAL B 528 2.90 10.58 24.73
C VAL B 528 3.39 10.14 23.36
N GLU B 529 3.48 11.07 22.40
CA GLU B 529 4.01 10.74 21.10
C GLU B 529 5.46 10.26 21.18
N ARG B 530 6.27 10.93 22.00
CA ARG B 530 7.65 10.49 22.20
C ARG B 530 7.69 9.08 22.77
N LYS B 531 6.78 8.79 23.70
CA LYS B 531 6.65 7.42 24.19
C LYS B 531 6.34 6.45 23.06
N LEU B 532 5.38 6.80 22.21
CA LEU B 532 5.09 5.98 21.04
C LEU B 532 6.27 5.99 20.07
N LEU B 533 6.96 7.13 19.98
CA LEU B 533 8.19 7.19 19.22
C LEU B 533 9.25 6.27 19.82
N ALA B 534 9.37 6.25 21.15
CA ALA B 534 10.36 5.42 21.79
C ALA B 534 10.10 3.93 21.58
N MET B 535 8.85 3.53 21.38
CA MET B 535 8.51 2.12 21.29
C MET B 535 8.81 1.51 19.93
N TRP B 536 9.19 2.33 18.95
CA TRP B 536 9.41 1.81 17.60
C TRP B 536 10.48 0.73 17.52
N PRO B 537 11.70 0.92 18.06
CA PRO B 537 12.74 -0.09 17.81
C PRO B 537 12.41 -1.47 18.33
N GLN B 538 11.87 -1.57 19.55
CA GLN B 538 11.61 -2.87 20.13
C GLN B 538 10.50 -3.60 19.37
N MET B 539 9.37 -2.93 19.15
CA MET B 539 8.26 -3.57 18.45
C MET B 539 8.65 -3.92 17.03
N GLN B 540 9.42 -3.04 16.37
CA GLN B 540 9.99 -3.37 15.07
C GLN B 540 10.81 -4.65 15.14
N GLN B 541 11.67 -4.76 16.16
CA GLN B 541 12.46 -5.97 16.31
C GLN B 541 11.63 -7.12 16.84
N ALA B 542 10.73 -6.85 17.79
CA ALA B 542 9.94 -7.93 18.39
C ALA B 542 9.10 -8.62 17.34
N TYR B 543 8.58 -7.87 16.38
CA TYR B 543 7.79 -8.45 15.30
C TYR B 543 8.63 -8.79 14.08
N SER B 544 9.93 -8.51 14.12
CA SER B 544 10.82 -8.89 13.04
C SER B 544 11.06 -10.40 12.99
N GLY B 545 10.88 -11.09 14.10
CA GLY B 545 11.17 -12.51 14.19
C GLY B 545 10.08 -13.38 13.58
N ASP B 546 10.36 -14.68 13.58
CA ASP B 546 9.41 -15.68 13.11
C ASP B 546 8.47 -16.16 14.19
N GLU B 547 8.62 -15.67 15.42
CA GLU B 547 7.74 -16.06 16.52
C GLU B 547 7.69 -14.94 17.54
N TYR B 548 6.48 -14.67 18.01
CA TYR B 548 6.24 -13.68 19.06
C TYR B 548 6.00 -14.42 20.37
N VAL B 549 6.62 -13.94 21.44
CA VAL B 549 6.50 -14.54 22.77
C VAL B 549 5.84 -13.52 23.68
N VAL B 550 4.89 -13.98 24.49
CA VAL B 550 4.22 -13.12 25.44
C VAL B 550 4.11 -13.81 26.79
N LYS B 551 4.89 -13.37 27.76
CA LYS B 551 4.81 -13.86 29.13
C LYS B 551 3.59 -13.20 29.77
N ILE B 552 2.47 -13.91 29.77
CA ILE B 552 1.18 -13.35 30.16
C ILE B 552 0.86 -13.82 31.58
N ARG B 553 0.55 -12.85 32.45
CA ARG B 553 0.30 -13.10 33.88
C ARG B 553 1.53 -13.82 34.43
N ASP B 554 1.39 -15.05 34.93
CA ASP B 554 2.55 -15.85 35.30
C ASP B 554 2.95 -16.85 34.23
N LYS B 555 2.10 -17.10 33.23
CA LYS B 555 2.39 -18.04 32.17
C LYS B 555 3.04 -17.30 31.00
N GLU B 556 3.23 -18.02 29.89
CA GLU B 556 3.85 -17.46 28.70
C GLU B 556 3.04 -17.86 27.48
N ILE B 557 2.99 -16.97 26.49
CA ILE B 557 2.29 -17.24 25.25
C ILE B 557 3.20 -16.90 24.08
N ARG B 558 3.93 -17.89 23.59
CA ARG B 558 4.79 -17.73 22.42
C ARG B 558 4.12 -18.34 21.20
N THR B 559 3.98 -17.55 20.15
CA THR B 559 3.32 -18.00 18.93
C THR B 559 4.21 -17.68 17.74
N GLY B 560 4.38 -18.66 16.85
CA GLY B 560 5.16 -18.43 15.65
C GLY B 560 4.52 -17.38 14.77
N LEU B 561 5.36 -16.65 14.03
CA LEU B 561 4.92 -15.61 13.11
C LEU B 561 5.14 -15.98 11.67
N ILE B 562 5.76 -17.12 11.40
CA ILE B 562 6.16 -17.52 10.05
C ILE B 562 5.05 -18.38 9.44
N SER B 563 4.67 -18.06 8.21
CA SER B 563 3.80 -18.87 7.39
C SER B 563 4.58 -19.35 6.18
N THR B 564 4.39 -20.61 5.80
CA THR B 564 5.17 -21.23 4.74
C THR B 564 4.25 -21.69 3.62
N THR B 565 4.65 -21.43 2.38
CA THR B 565 3.87 -21.80 1.22
C THR B 565 4.33 -23.13 0.64
N LEU B 566 3.63 -23.59 -0.40
CA LEU B 566 4.01 -24.83 -1.06
C LEU B 566 5.43 -24.75 -1.64
N SER B 567 5.85 -23.55 -2.03
CA SER B 567 7.21 -23.36 -2.51
C SER B 567 8.21 -23.18 -1.37
N GLY B 568 7.73 -23.18 -0.13
CA GLY B 568 8.63 -23.04 1.01
C GLY B 568 8.92 -21.61 1.42
N THR B 569 8.37 -20.62 0.72
CA THR B 569 8.60 -19.24 1.06
C THR B 569 7.97 -18.93 2.42
N LYS B 570 8.72 -18.24 3.26
CA LYS B 570 8.29 -17.95 4.63
C LYS B 570 7.52 -16.63 4.62
N ILE B 571 6.32 -16.64 5.18
CA ILE B 571 5.42 -15.50 5.15
C ILE B 571 5.23 -15.00 6.58
N ARG B 572 5.58 -13.75 6.81
CA ARG B 572 5.24 -13.11 8.07
C ARG B 572 3.77 -12.67 8.03
N LYS B 573 3.04 -13.00 9.09
CA LYS B 573 1.59 -12.81 9.09
C LYS B 573 1.24 -11.33 8.96
N VAL B 574 1.97 -10.46 9.65
CA VAL B 574 1.83 -9.01 9.50
C VAL B 574 3.21 -8.44 9.20
N VAL B 575 3.31 -7.70 8.10
CA VAL B 575 4.55 -7.07 7.69
C VAL B 575 4.37 -5.57 7.77
N LEU B 576 5.30 -4.91 8.44
CA LEU B 576 5.27 -3.48 8.68
C LEU B 576 6.02 -2.74 7.60
N PRO B 577 5.74 -1.45 7.42
CA PRO B 577 6.57 -0.63 6.52
C PRO B 577 8.00 -0.58 6.99
N ARG B 578 8.90 -0.47 6.02
CA ARG B 578 10.34 -0.52 6.26
C ARG B 578 11.00 0.80 5.92
N PHE B 579 10.38 1.90 6.34
CA PHE B 579 10.86 3.23 6.00
C PHE B 579 12.13 3.56 6.78
N GLU B 580 12.87 4.55 6.28
CA GLU B 580 14.06 5.04 6.97
C GLU B 580 13.79 6.32 7.75
N ASP B 581 13.18 7.32 7.12
CA ASP B 581 12.89 8.58 7.81
C ASP B 581 11.78 8.37 8.83
N GLU B 582 11.95 8.96 10.01
CA GLU B 582 11.05 8.70 11.12
C GLU B 582 9.78 9.55 11.08
N GLY B 583 9.76 10.64 10.33
CA GLY B 583 8.59 11.49 10.30
C GLY B 583 7.37 10.77 9.78
N GLU B 584 7.51 10.13 8.61
CA GLU B 584 6.40 9.38 8.05
C GLU B 584 6.11 8.13 8.88
N ILE B 585 7.14 7.58 9.51
CA ILE B 585 6.93 6.44 10.41
C ILE B 585 5.99 6.83 11.54
N LEU B 586 6.28 7.94 12.20
CA LEU B 586 5.43 8.40 13.30
C LEU B 586 4.07 8.83 12.79
N LYS B 587 4.02 9.45 11.62
CA LYS B 587 2.73 9.82 11.06
C LYS B 587 1.86 8.60 10.84
N TRP B 588 2.43 7.53 10.27
CA TRP B 588 1.71 6.28 10.13
C TRP B 588 1.27 5.76 11.49
N LEU B 589 2.20 5.66 12.44
CA LEU B 589 1.88 5.07 13.73
C LEU B 589 0.73 5.81 14.40
N MET B 590 0.78 7.13 14.43
CA MET B 590 -0.32 7.90 15.01
C MET B 590 -1.61 7.70 14.23
N ARG B 591 -1.55 7.75 12.89
CA ARG B 591 -2.75 7.57 12.11
C ARG B 591 -3.14 6.10 11.97
N GLU B 592 -2.17 5.19 11.91
CA GLU B 592 -2.42 3.75 11.74
C GLU B 592 -1.41 2.98 12.60
N ASN B 593 -1.88 2.41 13.71
CA ASN B 593 -1.03 1.57 14.53
C ASN B 593 -1.09 0.12 14.07
N VAL B 594 -0.45 -0.74 14.83
CA VAL B 594 -0.57 -2.19 14.65
C VAL B 594 -1.94 -2.60 15.17
N PRO B 595 -2.47 -3.76 14.76
CA PRO B 595 -3.70 -4.24 15.38
C PRO B 595 -3.49 -4.49 16.86
N GLY B 596 -4.53 -4.23 17.64
CA GLY B 596 -4.42 -4.28 19.08
C GLY B 596 -3.83 -3.04 19.71
N SER B 597 -3.51 -2.02 18.93
CA SER B 597 -2.96 -0.78 19.45
C SER B 597 -3.87 0.38 19.05
N PHE B 598 -4.00 1.34 19.95
CA PHE B 598 -4.91 2.45 19.71
C PHE B 598 -4.53 3.17 18.42
N PRO B 599 -5.49 3.46 17.55
CA PRO B 599 -6.93 3.23 17.72
C PRO B 599 -7.43 1.93 17.09
N TYR B 600 -6.62 0.87 17.07
CA TYR B 600 -7.05 -0.45 16.63
C TYR B 600 -7.58 -0.42 15.21
N THR B 601 -6.96 0.42 14.37
CA THR B 601 -7.43 0.57 12.99
C THR B 601 -7.38 -0.76 12.25
N ALA B 602 -6.37 -1.58 12.52
CA ALA B 602 -6.24 -2.88 11.88
C ALA B 602 -7.09 -3.94 12.57
N GLY B 603 -8.09 -3.53 13.35
CA GLY B 603 -8.94 -4.46 14.07
C GLY B 603 -8.61 -4.43 15.55
N VAL B 604 -9.57 -4.89 16.36
CA VAL B 604 -9.39 -4.86 17.80
C VAL B 604 -8.41 -5.93 18.26
N PHE B 605 -8.69 -7.20 17.98
CA PHE B 605 -7.81 -8.29 18.35
C PHE B 605 -6.47 -8.11 17.66
N ALA B 606 -5.39 -8.17 18.45
CA ALA B 606 -4.05 -7.96 17.91
C ALA B 606 -3.70 -9.03 16.89
N PHE B 607 -4.09 -10.27 17.16
CA PHE B 607 -3.84 -11.37 16.25
C PHE B 607 -5.15 -12.08 15.97
N LYS B 608 -5.19 -12.76 14.83
CA LYS B 608 -6.44 -13.33 14.36
C LYS B 608 -6.93 -14.43 15.30
N ARG B 609 -8.25 -14.48 15.46
CA ARG B 609 -8.86 -15.57 16.22
C ARG B 609 -8.55 -16.90 15.57
N GLU B 610 -8.29 -17.90 16.41
CA GLU B 610 -7.91 -19.22 15.95
C GLU B 610 -9.14 -20.11 15.84
N GLY B 611 -9.27 -20.79 14.70
CA GLY B 611 -10.41 -21.67 14.47
C GLY B 611 -10.91 -21.60 13.05
N ASP B 613 -15.25 -23.39 13.96
CA ASP B 613 -16.37 -23.36 13.04
C ASP B 613 -17.62 -22.82 13.72
N PRO B 614 -17.73 -21.49 13.83
CA PRO B 614 -18.88 -20.84 14.45
C PRO B 614 -20.13 -20.81 13.56
N THR B 615 -20.56 -21.98 13.12
CA THR B 615 -21.76 -22.11 12.27
C THR B 615 -22.97 -21.81 13.14
N ARG B 616 -23.51 -20.61 13.01
CA ARG B 616 -24.61 -20.19 13.85
C ARG B 616 -25.85 -21.03 13.58
N MET B 617 -26.48 -21.49 14.66
CA MET B 617 -27.62 -22.40 14.59
C MET B 617 -28.89 -21.56 14.76
N PHE B 618 -29.32 -20.94 13.66
CA PHE B 618 -30.55 -20.16 13.66
C PHE B 618 -31.73 -21.06 13.30
N ALA B 619 -32.66 -21.20 14.24
CA ALA B 619 -33.74 -22.16 14.06
C ALA B 619 -34.92 -21.89 14.99
N GLY B 620 -36.12 -21.79 14.43
CA GLY B 620 -37.33 -21.70 15.23
C GLY B 620 -38.58 -21.55 14.40
N GLU B 621 -39.60 -22.36 14.71
CA GLU B 621 -40.89 -22.31 14.04
C GLU B 621 -41.85 -23.26 14.73
N GLY B 622 -43.14 -22.93 14.67
CA GLY B 622 -44.15 -23.79 15.26
C GLY B 622 -44.13 -23.71 16.78
N ASP B 623 -44.60 -24.80 17.38
CA ASP B 623 -44.71 -24.89 18.83
C ASP B 623 -43.35 -25.25 19.43
N ALA B 624 -43.37 -25.58 20.73
CA ALA B 624 -42.14 -25.96 21.41
C ALA B 624 -41.63 -27.32 20.92
N PHE B 625 -42.53 -28.23 20.58
CA PHE B 625 -42.12 -29.59 20.25
C PHE B 625 -41.29 -29.62 18.97
N ARG B 626 -41.81 -29.00 17.91
CA ARG B 626 -41.10 -28.98 16.64
C ARG B 626 -39.76 -28.26 16.76
N THR B 627 -39.74 -27.13 17.47
CA THR B 627 -38.49 -26.40 17.67
C THR B 627 -37.47 -27.24 18.43
N ASN B 628 -37.90 -27.93 19.48
CA ASN B 628 -36.98 -28.76 20.24
C ASN B 628 -36.45 -29.93 19.41
N ARG B 629 -37.32 -30.52 18.58
CA ARG B 629 -36.85 -31.54 17.64
C ARG B 629 -35.78 -30.98 16.72
N ARG B 630 -36.03 -29.79 16.18
CA ARG B 630 -35.06 -29.16 15.29
C ARG B 630 -33.75 -28.88 16.00
N PHE B 631 -33.82 -28.40 17.24
CA PHE B 631 -32.61 -28.15 18.02
C PHE B 631 -31.83 -29.44 18.24
N LYS B 632 -32.54 -30.52 18.59
CA LYS B 632 -31.91 -31.82 18.70
C LYS B 632 -31.22 -32.21 17.40
N LEU B 633 -31.85 -31.89 16.28
CA LEU B 633 -31.22 -32.16 14.98
C LEU B 633 -29.93 -31.37 14.83
N VAL B 634 -29.96 -30.09 15.21
CA VAL B 634 -28.82 -29.22 14.96
C VAL B 634 -27.78 -29.36 16.07
N SER B 635 -28.23 -29.37 17.32
CA SER B 635 -27.33 -29.40 18.48
C SER B 635 -26.99 -30.82 18.91
N GLU B 636 -27.04 -31.79 18.01
CA GLU B 636 -26.76 -33.17 18.37
C GLU B 636 -25.26 -33.36 18.60
N GLY B 637 -24.88 -33.53 19.86
CA GLY B 637 -23.49 -33.76 20.21
C GLY B 637 -22.57 -32.62 19.83
N MET B 638 -23.02 -31.39 20.06
CA MET B 638 -22.24 -30.21 19.74
C MET B 638 -21.68 -29.60 21.02
N GLU B 639 -20.39 -29.28 21.00
CA GLU B 639 -19.72 -28.78 22.19
C GLU B 639 -20.25 -27.40 22.58
N ALA B 640 -20.21 -26.45 21.64
CA ALA B 640 -20.66 -25.08 21.89
C ALA B 640 -22.05 -24.91 21.31
N LYS B 641 -23.01 -24.54 22.16
CA LYS B 641 -24.38 -24.26 21.72
C LYS B 641 -24.45 -22.79 21.34
N ARG B 642 -24.63 -22.51 20.06
CA ARG B 642 -24.83 -21.15 19.56
C ARG B 642 -26.18 -21.12 18.85
N LEU B 643 -27.24 -20.88 19.61
CA LEU B 643 -28.59 -20.88 19.10
C LEU B 643 -29.01 -19.45 18.75
N SER B 644 -29.77 -19.33 17.66
CA SER B 644 -30.34 -18.06 17.24
C SER B 644 -31.84 -18.26 17.11
N THR B 645 -32.62 -17.40 17.77
CA THR B 645 -34.05 -17.62 17.94
C THR B 645 -34.84 -16.52 17.23
N ALA B 646 -35.84 -16.92 16.45
CA ALA B 646 -36.74 -16.01 15.76
C ALA B 646 -38.18 -16.25 16.21
N PHE B 647 -38.99 -15.19 16.14
CA PHE B 647 -40.38 -15.26 16.56
C PHE B 647 -41.29 -14.70 15.48
N ASP B 648 -42.59 -15.00 15.61
CA ASP B 648 -43.58 -14.45 14.71
C ASP B 648 -43.87 -12.99 15.07
N SER B 649 -44.29 -12.23 14.06
CA SER B 649 -44.57 -10.81 14.26
C SER B 649 -45.65 -10.61 15.32
N VAL B 650 -46.58 -11.56 15.45
CA VAL B 650 -47.57 -11.49 16.53
C VAL B 650 -46.87 -11.41 17.88
N THR B 651 -45.88 -12.27 18.10
CA THR B 651 -45.05 -12.16 19.30
C THR B 651 -44.14 -10.94 19.22
N LEU B 652 -43.52 -10.70 18.06
CA LEU B 652 -42.63 -9.56 17.92
C LEU B 652 -43.35 -8.24 18.14
N TYR B 653 -44.64 -8.17 17.82
CA TYR B 653 -45.46 -7.03 18.17
C TYR B 653 -46.07 -7.16 19.56
N GLY B 654 -45.78 -8.26 20.26
CA GLY B 654 -46.37 -8.49 21.57
C GLY B 654 -47.88 -8.62 21.55
N GLU B 655 -48.42 -9.28 20.52
CA GLU B 655 -49.85 -9.38 20.36
C GLU B 655 -50.38 -10.66 21.00
N ASP B 656 -51.31 -10.50 21.92
CA ASP B 656 -51.95 -11.63 22.56
C ASP B 656 -52.79 -12.42 21.54
N PRO B 657 -52.73 -13.74 21.59
CA PRO B 657 -53.61 -14.53 20.73
C PRO B 657 -55.07 -14.23 21.03
N HIS B 658 -55.86 -14.16 19.97
CA HIS B 658 -57.24 -13.67 20.08
C HIS B 658 -58.15 -14.56 19.25
N GLU B 659 -59.41 -14.63 19.65
CA GLU B 659 -60.39 -15.42 18.92
C GLU B 659 -60.72 -14.81 17.56
N ARG B 660 -60.30 -13.57 17.32
CA ARG B 660 -60.50 -12.98 16.01
C ARG B 660 -59.68 -13.73 14.96
N PRO B 661 -60.27 -14.05 13.81
CA PRO B 661 -59.51 -14.75 12.76
C PRO B 661 -58.41 -13.89 12.17
N ASP B 662 -58.41 -12.59 12.42
CA ASP B 662 -57.41 -11.67 11.86
C ASP B 662 -56.00 -12.14 12.13
N ILE B 663 -55.76 -12.65 13.34
CA ILE B 663 -54.45 -13.20 13.69
C ILE B 663 -54.40 -14.71 13.59
N TYR B 664 -55.55 -15.39 13.48
CA TYR B 664 -55.58 -16.85 13.52
C TYR B 664 -54.75 -17.44 12.39
N GLY B 665 -54.87 -16.90 11.18
CA GLY B 665 -54.01 -17.33 10.10
C GLY B 665 -52.55 -17.00 10.33
N LYS B 666 -52.26 -16.07 11.23
CA LYS B 666 -50.90 -15.65 11.53
C LYS B 666 -50.34 -16.36 12.76
N VAL B 667 -51.13 -17.20 13.43
CA VAL B 667 -50.65 -17.90 14.61
C VAL B 667 -49.71 -19.03 14.18
N GLY B 668 -48.56 -19.12 14.84
CA GLY B 668 -47.58 -20.13 14.50
C GLY B 668 -46.97 -19.98 13.12
N ASN B 669 -47.01 -18.78 12.57
CA ASN B 669 -46.53 -18.52 11.21
C ASN B 669 -45.26 -17.68 11.25
N SER B 670 -44.21 -18.16 10.59
CA SER B 670 -42.92 -17.46 10.49
C SER B 670 -42.32 -17.16 11.85
N GLY B 671 -42.63 -18.00 12.85
CA GLY B 671 -42.11 -17.77 14.19
C GLY B 671 -42.98 -18.41 15.26
N VAL B 672 -42.40 -18.63 16.43
CA VAL B 672 -43.09 -19.34 17.50
C VAL B 672 -43.88 -18.36 18.34
N SER B 673 -45.17 -18.63 18.52
CA SER B 673 -46.02 -17.84 19.38
C SER B 673 -45.97 -18.40 20.80
N ILE B 674 -45.46 -17.61 21.74
CA ILE B 674 -45.31 -18.01 23.13
C ILE B 674 -46.42 -17.37 23.93
N ALA B 675 -47.08 -18.17 24.77
CA ALA B 675 -48.16 -17.68 25.61
C ALA B 675 -47.78 -17.57 27.08
N THR B 676 -46.98 -18.49 27.61
CA THR B 676 -46.63 -18.48 29.01
C THR B 676 -45.16 -18.87 29.18
N LEU B 677 -44.69 -18.74 30.43
CA LEU B 677 -43.31 -19.08 30.75
C LEU B 677 -43.03 -20.56 30.51
N GLU B 678 -43.98 -21.43 30.85
CA GLU B 678 -43.76 -22.86 30.71
C GLU B 678 -43.46 -23.26 29.27
N ASP B 679 -44.03 -22.53 28.30
CA ASP B 679 -43.71 -22.79 26.91
C ASP B 679 -42.22 -22.61 26.65
N MET B 680 -41.65 -21.52 27.16
CA MET B 680 -40.21 -21.30 27.02
C MET B 680 -39.41 -22.34 27.79
N LYS B 681 -39.85 -22.69 28.99
CA LYS B 681 -39.12 -23.66 29.79
C LYS B 681 -39.06 -25.01 29.10
N VAL B 682 -40.18 -25.45 28.51
CA VAL B 682 -40.17 -26.66 27.71
C VAL B 682 -39.30 -26.47 26.48
N LEU B 683 -39.33 -25.27 25.89
CA LEU B 683 -38.49 -24.98 24.73
C LEU B 683 -37.01 -25.14 25.08
N TYR B 684 -36.65 -24.91 26.34
CA TYR B 684 -35.27 -24.99 26.78
C TYR B 684 -34.98 -26.23 27.61
N ASP B 685 -35.87 -27.22 27.54
CA ASP B 685 -35.66 -28.47 28.26
C ASP B 685 -34.47 -29.24 27.68
N GLY B 686 -33.59 -29.70 28.55
CA GLY B 686 -32.45 -30.50 28.15
C GLY B 686 -31.27 -29.72 27.61
N PHE B 687 -31.33 -28.39 27.62
CA PHE B 687 -30.25 -27.55 27.13
C PHE B 687 -29.71 -26.74 28.31
N ASP B 688 -28.51 -27.09 28.78
CA ASP B 688 -27.94 -26.46 29.96
C ASP B 688 -27.51 -25.05 29.59
N LEU B 689 -28.39 -24.09 29.84
CA LEU B 689 -28.09 -22.69 29.55
C LEU B 689 -27.01 -22.13 30.47
N THR B 690 -26.88 -22.66 31.68
CA THR B 690 -25.80 -22.23 32.58
C THR B 690 -24.42 -22.63 32.06
N ASN B 691 -24.35 -23.56 31.12
CA ASN B 691 -23.07 -23.95 30.55
C ASN B 691 -22.46 -22.78 29.79
N PRO B 692 -21.18 -22.49 30.00
CA PRO B 692 -20.56 -21.34 29.33
C PRO B 692 -20.52 -21.46 27.81
N SER B 693 -20.64 -22.66 27.26
CA SER B 693 -20.62 -22.87 25.81
C SER B 693 -22.02 -22.85 25.21
N THR B 694 -23.03 -22.52 26.02
CA THR B 694 -24.41 -22.46 25.58
C THR B 694 -24.78 -21.01 25.29
N SER B 695 -24.95 -20.69 24.01
CA SER B 695 -25.27 -19.33 23.58
C SER B 695 -26.60 -19.35 22.86
N VAL B 696 -27.50 -18.44 23.26
CA VAL B 696 -28.81 -18.30 22.63
C VAL B 696 -28.98 -16.85 22.23
N SER B 697 -29.42 -16.62 21.00
CA SER B 697 -29.61 -15.28 20.45
C SER B 697 -31.07 -15.14 20.01
N MET B 698 -31.85 -14.39 20.77
CA MET B 698 -33.26 -14.21 20.47
C MET B 698 -33.50 -12.85 19.83
N THR B 699 -34.46 -12.80 18.90
CA THR B 699 -34.73 -11.63 18.09
C THR B 699 -36.08 -11.04 18.50
N ILE B 700 -36.03 -9.99 19.32
CA ILE B 700 -37.20 -9.19 19.65
C ILE B 700 -36.72 -7.91 20.30
N ASN B 701 -37.52 -6.85 20.18
CA ASN B 701 -37.13 -5.54 20.70
C ASN B 701 -38.06 -5.01 21.78
N GLY B 702 -39.36 -4.94 21.51
CA GLY B 702 -40.28 -4.26 22.39
C GLY B 702 -40.45 -4.92 23.74
N PRO B 703 -41.06 -6.11 23.75
CA PRO B 703 -41.29 -6.80 25.02
C PRO B 703 -40.08 -7.60 25.48
N ALA B 704 -38.92 -7.31 24.88
CA ALA B 704 -37.71 -8.06 25.19
C ALA B 704 -37.39 -8.13 26.69
N PRO B 705 -37.53 -7.07 27.48
CA PRO B 705 -37.31 -7.23 28.93
C PRO B 705 -38.22 -8.26 29.57
N THR B 706 -39.47 -8.35 29.12
CA THR B 706 -40.37 -9.37 29.66
C THR B 706 -39.84 -10.77 29.36
N ILE B 707 -39.37 -11.00 28.14
CA ILE B 707 -38.84 -12.30 27.78
C ILE B 707 -37.56 -12.58 28.56
N LEU B 708 -36.76 -11.55 28.81
CA LEU B 708 -35.55 -11.74 29.62
C LEU B 708 -35.90 -12.11 31.06
N ALA B 709 -36.95 -11.49 31.60
CA ALA B 709 -37.43 -11.87 32.93
C ALA B 709 -37.89 -13.33 32.95
N MET B 710 -38.62 -13.73 31.91
CA MET B 710 -39.03 -15.13 31.79
C MET B 710 -37.81 -16.04 31.68
N PHE B 711 -36.78 -15.61 30.95
CA PHE B 711 -35.57 -16.39 30.80
C PHE B 711 -34.86 -16.57 32.14
N MET B 712 -34.80 -15.50 32.93
CA MET B 712 -34.26 -15.60 34.28
C MET B 712 -35.08 -16.56 35.11
N ASN B 713 -36.41 -16.50 34.99
CA ASN B 713 -37.27 -17.44 35.69
C ASN B 713 -36.93 -18.88 35.29
N THR B 714 -36.75 -19.13 34.00
CA THR B 714 -36.43 -20.48 33.53
C THR B 714 -35.09 -20.95 34.07
N ALA B 715 -34.08 -20.08 34.01
CA ALA B 715 -32.75 -20.45 34.48
C ALA B 715 -32.76 -20.76 35.97
N ILE B 716 -33.48 -19.96 36.76
CA ILE B 716 -33.58 -20.22 38.19
C ILE B 716 -34.37 -21.48 38.46
N ASP B 717 -35.46 -21.68 37.70
CA ASP B 717 -36.32 -22.84 37.93
C ASP B 717 -35.58 -24.14 37.63
N GLN B 718 -34.77 -24.16 36.58
CA GLN B 718 -33.99 -25.36 36.28
C GLN B 718 -33.12 -25.75 37.47
N GLN B 719 -32.33 -24.80 37.97
CA GLN B 719 -31.44 -25.08 39.10
C GLN B 719 -32.23 -25.44 40.36
N ILE B 720 -33.33 -24.73 40.63
CA ILE B 720 -34.10 -24.98 41.83
C ILE B 720 -34.72 -26.37 41.79
N ASP B 721 -35.30 -26.75 40.65
CA ASP B 721 -35.90 -28.07 40.53
C ASP B 721 -34.84 -29.16 40.61
N ARG B 722 -33.67 -28.94 39.99
CA ARG B 722 -32.61 -29.92 40.08
C ARG B 722 -32.15 -30.11 41.52
N PHE B 723 -31.99 -29.00 42.25
CA PHE B 723 -31.61 -29.11 43.66
C PHE B 723 -32.70 -29.78 44.49
N ARG B 724 -33.97 -29.47 44.19
CA ARG B 724 -35.07 -30.10 44.90
C ARG B 724 -35.09 -31.60 44.69
N ALA B 725 -34.87 -32.05 43.45
CA ALA B 725 -34.76 -33.48 43.18
C ALA B 725 -33.54 -34.09 43.85
N ASP B 726 -32.42 -33.37 43.85
CA ASP B 726 -31.20 -33.81 44.51
C ASP B 726 -31.35 -33.90 46.03
N ASN B 727 -32.31 -33.17 46.61
CA ASN B 727 -32.51 -33.17 48.05
C ASN B 727 -33.88 -33.68 48.48
N GLY B 728 -34.83 -33.83 47.57
CA GLY B 728 -36.18 -34.22 47.96
C GLY B 728 -36.89 -33.19 48.80
N ARG B 729 -36.46 -31.93 48.72
CA ARG B 729 -37.04 -30.86 49.51
C ARG B 729 -36.86 -29.55 48.79
N ASP B 730 -37.68 -28.58 49.17
CA ASP B 730 -37.62 -27.27 48.55
C ASP B 730 -36.35 -26.53 48.98
N PRO B 731 -35.58 -25.99 48.03
CA PRO B 731 -34.44 -25.16 48.40
C PRO B 731 -34.88 -23.96 49.22
N THR B 732 -34.08 -23.64 50.24
CA THR B 732 -34.45 -22.61 51.19
C THR B 732 -34.09 -21.22 50.65
N ALA B 733 -34.38 -20.19 51.45
CA ALA B 733 -34.06 -18.83 51.05
C ALA B 733 -32.56 -18.62 50.90
N ASP B 734 -31.76 -19.29 51.72
CA ASP B 734 -30.31 -19.27 51.51
C ASP B 734 -29.96 -19.91 50.19
N GLU B 735 -30.59 -21.03 49.87
CA GLU B 735 -30.39 -21.65 48.56
C GLU B 735 -30.91 -20.75 47.45
N GLU B 736 -31.99 -20.01 47.72
CA GLU B 736 -32.48 -19.05 46.74
C GLU B 736 -31.45 -17.97 46.47
N ALA B 737 -30.81 -17.45 47.52
CA ALA B 737 -29.78 -16.43 47.35
C ALA B 737 -28.57 -17.01 46.61
N LYS B 738 -28.21 -18.25 46.94
CA LYS B 738 -27.11 -18.89 46.23
C LYS B 738 -27.42 -19.04 44.75
N ILE B 739 -28.65 -19.45 44.42
CA ILE B 739 -29.07 -19.56 43.02
C ILE B 739 -29.05 -18.19 42.36
N ARG B 740 -29.47 -17.16 43.08
CA ARG B 740 -29.45 -15.81 42.54
C ARG B 740 -28.03 -15.38 42.17
N ALA B 741 -27.09 -15.56 43.11
CA ALA B 741 -25.71 -15.18 42.84
C ALA B 741 -25.12 -16.03 41.71
N TRP B 742 -25.45 -17.32 41.69
CA TRP B 742 -24.93 -18.20 40.64
C TRP B 742 -25.44 -17.79 39.27
N VAL B 743 -26.73 -17.44 39.18
CA VAL B 743 -27.29 -16.98 37.92
C VAL B 743 -26.63 -15.68 37.49
N LEU B 744 -26.46 -14.75 38.44
CA LEU B 744 -25.76 -13.51 38.15
C LEU B 744 -24.35 -13.79 37.63
N GLN B 745 -23.72 -14.86 38.13
CA GLN B 745 -22.41 -15.23 37.63
C GLN B 745 -22.49 -15.79 36.21
N ASN B 746 -23.46 -16.66 35.95
CA ASN B 746 -23.52 -17.41 34.70
C ASN B 746 -24.58 -16.92 33.73
N VAL B 747 -25.10 -15.71 33.91
CA VAL B 747 -26.11 -15.19 33.00
C VAL B 747 -25.47 -14.79 31.68
N ARG B 748 -25.70 -15.59 30.63
CA ARG B 748 -25.14 -15.34 29.31
C ARG B 748 -26.25 -15.43 28.28
N GLY B 749 -26.22 -14.55 27.29
CA GLY B 749 -27.21 -14.58 26.23
C GLY B 749 -27.10 -13.36 25.35
N THR B 750 -27.81 -13.44 24.22
CA THR B 750 -27.82 -12.38 23.21
C THR B 750 -29.25 -12.05 22.84
N VAL B 751 -29.55 -10.75 22.76
CA VAL B 751 -30.89 -10.27 22.44
C VAL B 751 -30.78 -9.29 21.27
N GLN B 752 -31.64 -9.47 20.27
CA GLN B 752 -31.67 -8.59 19.09
C GLN B 752 -32.78 -7.56 19.24
N ALA B 753 -32.46 -6.50 19.98
CA ALA B 753 -33.43 -5.45 20.32
C ALA B 753 -32.95 -4.12 19.78
N ASP B 754 -33.81 -3.46 18.99
CA ASP B 754 -33.61 -2.08 18.55
C ASP B 754 -34.99 -1.50 18.26
N ILE B 755 -35.50 -0.70 19.20
CA ILE B 755 -36.80 -0.09 19.03
C ILE B 755 -36.76 0.97 17.93
N LEU B 756 -35.66 1.72 17.85
CA LEU B 756 -35.60 2.87 16.96
C LEU B 756 -35.80 2.47 15.50
N LYS B 757 -35.14 1.40 15.06
CA LYS B 757 -35.15 1.07 13.64
C LYS B 757 -36.54 0.71 13.13
N GLU B 758 -37.41 0.20 14.01
CA GLU B 758 -38.80 0.00 13.62
C GLU B 758 -39.47 1.30 13.27
N ASP B 759 -39.19 2.36 14.03
CA ASP B 759 -39.73 3.68 13.71
C ASP B 759 -39.17 4.23 12.41
N GLN B 760 -37.94 3.85 12.04
CA GLN B 760 -37.34 4.39 10.82
C GLN B 760 -37.95 3.77 9.57
N GLY B 761 -38.18 2.46 9.57
CA GLY B 761 -38.63 1.79 8.37
C GLY B 761 -40.05 1.30 8.42
N GLN B 762 -40.51 0.82 9.58
CA GLN B 762 -41.88 0.36 9.72
C GLN B 762 -42.83 1.46 10.12
N ASN B 763 -42.38 2.40 10.96
CA ASN B 763 -43.22 3.47 11.50
C ASN B 763 -44.41 2.88 12.25
N THR B 764 -44.21 1.69 12.81
CA THR B 764 -45.26 0.96 13.50
C THR B 764 -45.06 0.91 15.02
N CYS B 765 -44.14 1.72 15.55
CA CYS B 765 -43.89 1.73 16.98
C CYS B 765 -45.14 2.13 17.75
N ILE B 766 -45.37 1.49 18.89
CA ILE B 766 -46.54 1.77 19.71
C ILE B 766 -46.20 2.47 21.01
N PHE B 767 -45.07 2.15 21.63
CA PHE B 767 -44.65 2.83 22.84
C PHE B 767 -43.82 4.06 22.50
N SER B 768 -43.89 5.06 23.37
CA SER B 768 -43.05 6.23 23.21
C SER B 768 -41.60 5.82 23.42
N THR B 769 -40.76 6.10 22.42
CA THR B 769 -39.37 5.67 22.47
C THR B 769 -38.65 6.26 23.68
N GLU B 770 -39.10 7.43 24.13
CA GLU B 770 -38.56 7.99 25.37
C GLU B 770 -38.81 7.05 26.54
N PHE B 771 -40.05 6.61 26.73
CA PHE B 771 -40.37 5.71 27.83
C PHE B 771 -39.71 4.35 27.64
N SER B 772 -39.62 3.89 26.38
CA SER B 772 -38.97 2.62 26.12
C SER B 772 -37.50 2.66 26.51
N LEU B 773 -36.81 3.75 26.15
CA LEU B 773 -35.41 3.87 26.52
C LEU B 773 -35.26 4.10 28.01
N LYS B 774 -36.25 4.73 28.65
CA LYS B 774 -36.24 4.85 30.10
C LYS B 774 -36.28 3.47 30.75
N VAL B 775 -37.13 2.59 30.23
CA VAL B 775 -37.18 1.22 30.72
C VAL B 775 -35.87 0.50 30.46
N MET B 776 -35.27 0.76 29.30
CA MET B 776 -33.97 0.17 28.99
C MET B 776 -32.93 0.60 30.02
N GLY B 777 -32.91 1.90 30.34
CA GLY B 777 -32.01 2.38 31.37
C GLY B 777 -32.30 1.77 32.72
N ASP B 778 -33.58 1.58 33.04
CA ASP B 778 -33.94 0.98 34.33
C ASP B 778 -33.42 -0.44 34.44
N ILE B 779 -33.64 -1.24 33.39
CA ILE B 779 -33.19 -2.64 33.44
C ILE B 779 -31.67 -2.70 33.39
N GLN B 780 -31.03 -1.78 32.66
CA GLN B 780 -29.57 -1.71 32.67
C GLN B 780 -29.06 -1.34 34.05
N GLU B 781 -29.75 -0.44 34.74
CA GLU B 781 -29.40 -0.09 36.11
C GLU B 781 -29.55 -1.30 37.02
N TYR B 782 -30.59 -2.10 36.81
CA TYR B 782 -30.72 -3.35 37.55
C TYR B 782 -29.52 -4.25 37.28
N PHE B 783 -29.10 -4.35 36.02
CA PHE B 783 -27.97 -5.20 35.68
C PHE B 783 -26.69 -4.73 36.35
N VAL B 784 -26.44 -3.42 36.30
CA VAL B 784 -25.25 -2.88 36.96
C VAL B 784 -25.33 -3.10 38.46
N HIS B 785 -26.51 -2.86 39.04
CA HIS B 785 -26.74 -3.16 40.43
C HIS B 785 -26.61 -4.65 40.71
N HIS B 786 -26.84 -5.49 39.71
CA HIS B 786 -26.69 -6.93 39.84
C HIS B 786 -25.43 -7.45 39.17
N GLN B 787 -24.58 -6.56 38.65
CA GLN B 787 -23.26 -6.90 38.14
C GLN B 787 -23.33 -7.99 37.07
N VAL B 788 -24.33 -7.87 36.20
CA VAL B 788 -24.47 -8.77 35.06
C VAL B 788 -23.33 -8.51 34.10
N ARG B 789 -22.51 -9.53 33.84
CA ARG B 789 -21.26 -9.34 33.11
C ARG B 789 -21.14 -10.23 31.88
N ASN B 790 -21.97 -11.26 31.75
CA ASN B 790 -21.84 -12.20 30.65
C ASN B 790 -23.02 -12.19 29.68
N PHE B 791 -24.03 -11.38 29.94
CA PHE B 791 -25.19 -11.31 29.07
C PHE B 791 -25.03 -10.17 28.08
N TYR B 792 -25.77 -10.25 26.97
CA TYR B 792 -25.78 -9.21 25.95
C TYR B 792 -27.23 -9.00 25.52
N SER B 793 -27.72 -7.77 25.66
CA SER B 793 -29.10 -7.47 25.30
C SER B 793 -29.24 -6.38 24.25
N VAL B 794 -28.23 -5.55 24.04
CA VAL B 794 -28.29 -4.44 23.11
C VAL B 794 -27.90 -4.95 21.74
N SER B 795 -28.65 -4.53 20.72
CA SER B 795 -28.38 -4.92 19.33
C SER B 795 -28.65 -3.72 18.43
N ILE B 796 -27.60 -3.05 17.98
CA ILE B 796 -27.72 -1.92 17.09
C ILE B 796 -27.27 -2.35 15.70
N SER B 797 -28.11 -2.11 14.70
CA SER B 797 -27.86 -2.60 13.36
C SER B 797 -28.23 -1.55 12.32
N GLY B 798 -27.86 -1.85 11.07
CA GLY B 798 -28.29 -1.06 9.93
C GLY B 798 -28.85 -1.98 8.86
N TYR B 799 -29.27 -3.18 9.28
CA TYR B 799 -29.76 -4.17 8.33
C TYR B 799 -31.01 -3.68 7.61
N HIS B 800 -32.01 -3.22 8.36
CA HIS B 800 -33.18 -2.63 7.70
C HIS B 800 -32.83 -1.30 7.07
N ILE B 801 -31.86 -0.58 7.65
CA ILE B 801 -31.38 0.65 7.04
C ILE B 801 -30.77 0.36 5.68
N ALA B 802 -29.89 -0.64 5.62
CA ALA B 802 -29.27 -1.01 4.35
C ALA B 802 -30.32 -1.54 3.36
N GLU B 803 -31.24 -2.37 3.85
CA GLU B 803 -32.28 -2.90 2.96
C GLU B 803 -33.17 -1.78 2.45
N ALA B 804 -33.25 -0.67 3.18
CA ALA B 804 -34.02 0.48 2.74
C ALA B 804 -33.41 1.15 1.51
N GLY B 805 -32.18 0.80 1.15
CA GLY B 805 -31.51 1.41 0.02
C GLY B 805 -30.63 2.57 0.45
N ALA B 806 -30.52 2.74 1.77
CA ALA B 806 -29.71 3.83 2.31
C ALA B 806 -28.26 3.72 1.85
N ASN B 807 -27.70 4.83 1.42
CA ASN B 807 -26.28 4.88 1.09
C ASN B 807 -25.46 4.60 2.34
N PRO B 808 -24.34 3.87 2.19
CA PRO B 808 -23.60 3.42 3.38
C PRO B 808 -23.15 4.56 4.29
N ILE B 809 -22.78 5.70 3.71
CA ILE B 809 -22.32 6.81 4.53
C ILE B 809 -23.40 7.26 5.49
N SER B 810 -24.61 7.47 4.98
CA SER B 810 -25.72 7.91 5.83
C SER B 810 -26.07 6.85 6.86
N GLN B 811 -26.08 5.58 6.45
CA GLN B 811 -26.34 4.50 7.41
C GLN B 811 -25.35 4.55 8.55
N LEU B 812 -24.06 4.65 8.22
CA LEU B 812 -23.02 4.74 9.24
C LEU B 812 -23.26 5.93 10.16
N ALA B 813 -23.49 7.11 9.58
CA ALA B 813 -23.61 8.30 10.39
C ALA B 813 -24.82 8.22 11.32
N PHE B 814 -25.95 7.77 10.80
CA PHE B 814 -27.14 7.65 11.63
C PHE B 814 -26.93 6.64 12.75
N THR B 815 -26.29 5.51 12.46
CA THR B 815 -26.02 4.53 13.49
C THR B 815 -25.12 5.10 14.57
N LEU B 816 -24.08 5.84 14.18
CA LEU B 816 -23.21 6.47 15.15
C LEU B 816 -23.98 7.45 16.02
N ALA B 817 -24.84 8.26 15.40
CA ALA B 817 -25.62 9.22 16.16
C ALA B 817 -26.52 8.50 17.17
N ASN B 818 -27.18 7.43 16.74
CA ASN B 818 -28.06 6.70 17.64
C ASN B 818 -27.29 6.10 18.81
N GLY B 819 -26.15 5.45 18.53
CA GLY B 819 -25.38 4.85 19.59
C GLY B 819 -24.84 5.87 20.58
N PHE B 820 -24.32 6.99 20.07
CA PHE B 820 -23.77 7.99 20.96
C PHE B 820 -24.85 8.71 21.73
N THR B 821 -26.05 8.83 21.16
CA THR B 821 -27.18 9.36 21.92
C THR B 821 -27.60 8.39 23.01
N TYR B 822 -27.53 7.08 22.73
CA TYR B 822 -27.74 6.10 23.79
C TYR B 822 -26.73 6.27 24.91
N VAL B 823 -25.47 6.47 24.55
CA VAL B 823 -24.42 6.74 25.53
C VAL B 823 -24.78 7.96 26.36
N GLU B 824 -25.19 9.02 25.69
CA GLU B 824 -25.51 10.20 26.45
C GLU B 824 -26.68 9.94 27.39
N ALA B 825 -27.71 9.24 26.91
CA ALA B 825 -28.83 8.92 27.77
C ALA B 825 -28.38 8.17 29.00
N TYR B 826 -27.52 7.15 28.82
CA TYR B 826 -26.96 6.45 29.96
C TYR B 826 -26.08 7.38 30.79
N LEU B 827 -25.33 8.25 30.13
CA LEU B 827 -24.64 9.32 30.84
C LEU B 827 -25.63 10.26 31.50
N ALA B 828 -26.73 10.59 30.82
CA ALA B 828 -27.80 11.35 31.46
C ALA B 828 -28.43 10.59 32.62
N ARG B 829 -28.27 9.26 32.64
CA ARG B 829 -28.63 8.47 33.81
C ARG B 829 -27.56 8.50 34.88
N GLY B 830 -26.49 9.26 34.67
CA GLY B 830 -25.40 9.30 35.63
C GLY B 830 -24.62 8.02 35.74
N MET B 831 -24.41 7.31 34.64
CA MET B 831 -23.69 6.05 34.64
C MET B 831 -22.30 6.21 34.04
N HIS B 832 -21.32 5.56 34.67
CA HIS B 832 -19.97 5.55 34.14
C HIS B 832 -19.94 4.90 32.77
N ILE B 833 -19.30 5.58 31.82
CA ILE B 833 -19.29 5.13 30.44
C ILE B 833 -18.62 3.77 30.32
N ASP B 834 -17.49 3.58 31.01
CA ASP B 834 -16.66 2.40 30.88
C ASP B 834 -17.36 1.12 31.35
N ASP B 835 -18.43 1.24 32.12
CA ASP B 835 -19.07 0.08 32.71
C ASP B 835 -19.91 -0.72 31.72
N PHE B 836 -20.55 -0.05 30.77
CA PHE B 836 -21.45 -0.72 29.83
C PHE B 836 -20.94 -0.74 28.40
N ALA B 837 -19.98 0.11 28.05
CA ALA B 837 -19.51 0.18 26.68
C ALA B 837 -18.97 -1.14 26.13
N PRO B 838 -18.18 -1.94 26.86
CA PRO B 838 -17.70 -3.20 26.27
C PRO B 838 -18.83 -4.13 25.83
N ASN B 839 -19.97 -4.11 26.51
CA ASN B 839 -21.07 -4.98 26.15
C ASN B 839 -21.88 -4.45 24.98
N LEU B 840 -21.68 -3.20 24.58
CA LEU B 840 -22.45 -2.61 23.49
C LEU B 840 -22.12 -3.32 22.18
N SER B 841 -23.15 -3.63 21.40
CA SER B 841 -23.02 -4.46 20.22
C SER B 841 -23.40 -3.68 18.95
N PHE B 842 -22.89 -4.16 17.82
CA PHE B 842 -23.16 -3.53 16.53
C PHE B 842 -23.35 -4.59 15.45
N PHE B 843 -24.10 -4.21 14.42
CA PHE B 843 -24.40 -5.11 13.31
C PHE B 843 -24.45 -4.27 12.03
N PHE B 844 -23.76 -4.73 10.99
CA PHE B 844 -23.65 -3.98 9.75
C PHE B 844 -24.01 -4.85 8.56
N SER B 845 -24.32 -4.19 7.45
CA SER B 845 -24.59 -4.85 6.18
C SER B 845 -23.67 -4.27 5.11
N ASN B 846 -23.05 -5.14 4.33
CA ASN B 846 -21.99 -4.75 3.42
C ASN B 846 -22.48 -4.80 1.98
N GLY B 847 -22.42 -3.65 1.29
CA GLY B 847 -22.88 -3.53 -0.06
C GLY B 847 -21.76 -3.56 -1.09
N MET B 848 -22.04 -3.01 -2.27
CA MET B 848 -21.18 -3.15 -3.43
C MET B 848 -20.23 -1.98 -3.63
N ASP B 849 -20.58 -0.80 -3.13
CA ASP B 849 -19.85 0.42 -3.46
C ASP B 849 -18.40 0.32 -3.00
N PRO B 850 -17.48 0.99 -3.69
CA PRO B 850 -16.08 1.02 -3.22
C PRO B 850 -15.95 1.65 -1.85
N GLU B 851 -16.98 2.33 -1.37
CA GLU B 851 -16.98 2.87 -0.02
C GLU B 851 -16.91 1.74 1.01
N TYR B 852 -17.55 0.60 0.72
CA TYR B 852 -17.57 -0.50 1.68
C TYR B 852 -16.18 -1.10 1.89
N SER B 853 -15.22 -0.72 1.06
CA SER B 853 -13.90 -1.34 1.10
C SER B 853 -13.20 -1.12 2.43
N VAL B 854 -13.28 0.09 2.99
CA VAL B 854 -12.59 0.43 4.22
C VAL B 854 -13.54 0.90 5.31
N LEU B 855 -14.83 0.96 5.01
CA LEU B 855 -15.78 1.65 5.87
C LEU B 855 -15.75 1.11 7.30
N GLY B 856 -15.71 -0.22 7.45
CA GLY B 856 -15.61 -0.79 8.77
C GLY B 856 -14.37 -0.33 9.52
N ARG B 857 -13.23 -0.27 8.81
CA ARG B 857 -12.01 0.22 9.44
C ARG B 857 -12.14 1.67 9.87
N VAL B 858 -12.76 2.51 9.03
CA VAL B 858 -12.97 3.91 9.38
C VAL B 858 -13.83 4.00 10.64
N ALA B 859 -14.90 3.21 10.68
CA ALA B 859 -15.78 3.20 11.83
C ALA B 859 -15.04 2.79 13.10
N ARG B 860 -14.21 1.76 12.99
CA ARG B 860 -13.40 1.35 14.14
C ARG B 860 -12.47 2.47 14.57
N ARG B 861 -11.82 3.14 13.63
CA ARG B 861 -10.86 4.17 13.96
C ARG B 861 -11.54 5.35 14.67
N ILE B 862 -12.67 5.81 14.13
CA ILE B 862 -13.36 6.93 14.76
C ILE B 862 -13.94 6.53 16.10
N TRP B 863 -14.40 5.29 16.22
CA TRP B 863 -15.05 4.86 17.45
C TRP B 863 -14.10 4.94 18.63
N ALA B 864 -12.87 4.47 18.46
CA ALA B 864 -11.92 4.45 19.56
C ALA B 864 -11.60 5.87 20.04
N VAL B 865 -11.39 6.79 19.09
CA VAL B 865 -11.07 8.16 19.49
C VAL B 865 -12.28 8.81 20.13
N THR B 866 -13.50 8.50 19.66
CA THR B 866 -14.68 9.03 20.31
C THR B 866 -14.73 8.59 21.77
N MET B 867 -14.45 7.31 22.03
CA MET B 867 -14.43 6.84 23.41
C MET B 867 -13.31 7.49 24.22
N ARG B 868 -12.13 7.62 23.63
CA ARG B 868 -10.94 8.06 24.36
C ARG B 868 -10.98 9.54 24.69
N ASP B 869 -11.24 10.38 23.68
CA ASP B 869 -11.12 11.82 23.87
C ASP B 869 -12.25 12.37 24.73
N LYS B 870 -13.49 12.09 24.34
CA LYS B 870 -14.63 12.69 25.03
C LYS B 870 -14.74 12.19 26.46
N TYR B 871 -14.61 10.89 26.66
CA TYR B 871 -14.89 10.30 27.96
C TYR B 871 -13.68 9.63 28.61
N GLY B 872 -12.73 9.14 27.83
CA GLY B 872 -11.59 8.47 28.41
C GLY B 872 -11.95 7.22 29.18
N ALA B 873 -12.95 6.49 28.72
CA ALA B 873 -13.28 5.21 29.31
C ALA B 873 -12.14 4.23 29.09
N ASN B 874 -12.15 3.14 29.86
CA ASN B 874 -11.07 2.17 29.76
C ASN B 874 -11.05 1.55 28.37
N ASP B 875 -9.87 1.12 27.94
CA ASP B 875 -9.68 0.64 26.58
C ASP B 875 -10.60 -0.54 26.28
N ARG B 876 -10.83 -1.39 27.27
CA ARG B 876 -11.78 -2.48 27.12
C ARG B 876 -13.15 -1.99 26.70
N SER B 877 -13.54 -0.79 27.15
CA SER B 877 -14.74 -0.16 26.63
C SER B 877 -14.51 0.44 25.25
N GLN B 878 -13.29 0.90 24.98
CA GLN B 878 -13.00 1.57 23.72
C GLN B 878 -12.93 0.62 22.54
N LYS B 879 -12.76 -0.67 22.77
CA LYS B 879 -12.65 -1.64 21.68
C LYS B 879 -14.05 -1.99 21.19
N LEU B 880 -14.20 -2.09 19.87
CA LEU B 880 -15.51 -2.25 19.26
C LEU B 880 -15.77 -3.70 18.88
N LYS B 881 -16.99 -4.18 19.15
CA LYS B 881 -17.47 -5.46 18.67
C LYS B 881 -18.61 -5.22 17.67
N TYR B 882 -18.64 -6.03 16.61
CA TYR B 882 -19.59 -5.79 15.53
C TYR B 882 -19.94 -7.10 14.83
N HIS B 883 -20.99 -7.04 14.03
CA HIS B 883 -21.37 -8.11 13.12
C HIS B 883 -21.60 -7.52 11.73
N ILE B 884 -21.27 -8.30 10.71
CA ILE B 884 -21.33 -7.84 9.32
C ILE B 884 -22.28 -8.73 8.54
N GLN B 885 -23.10 -8.11 7.69
CA GLN B 885 -24.04 -8.80 6.81
C GLN B 885 -23.69 -8.47 5.38
N THR B 886 -23.93 -9.40 4.46
CA THR B 886 -23.70 -9.14 3.05
C THR B 886 -24.72 -8.15 2.51
N SER B 887 -24.58 -7.82 1.23
CA SER B 887 -25.55 -6.95 0.58
C SER B 887 -26.88 -7.66 0.41
N GLY B 888 -27.96 -7.02 0.85
CA GLY B 888 -29.29 -7.55 0.64
C GLY B 888 -30.09 -6.73 -0.34
N ARG B 889 -29.86 -5.40 -0.35
CA ARG B 889 -30.57 -4.54 -1.29
C ARG B 889 -30.17 -4.85 -2.73
N SER B 890 -28.87 -5.08 -2.98
CA SER B 890 -28.44 -5.49 -4.29
C SER B 890 -28.68 -6.98 -4.53
N LEU B 891 -28.96 -7.73 -3.47
CA LEU B 891 -29.28 -9.15 -3.60
C LEU B 891 -30.72 -9.28 -4.08
N HIS B 892 -30.91 -9.95 -5.22
CA HIS B 892 -32.23 -10.11 -5.81
C HIS B 892 -32.36 -11.48 -6.44
N ALA B 893 -33.60 -11.96 -6.49
CA ALA B 893 -33.88 -13.23 -7.14
C ALA B 893 -33.59 -13.17 -8.64
N GLN B 894 -33.59 -11.97 -9.21
CA GLN B 894 -33.27 -11.82 -10.63
C GLN B 894 -31.80 -12.15 -10.85
N GLU B 895 -31.56 -13.30 -11.46
CA GLU B 895 -30.21 -13.81 -11.72
C GLU B 895 -29.37 -13.82 -10.45
N ILE B 896 -29.81 -14.62 -9.48
CA ILE B 896 -29.07 -14.77 -8.23
C ILE B 896 -27.72 -15.44 -8.45
N ASP B 897 -27.55 -16.17 -9.56
CA ASP B 897 -26.29 -16.89 -9.80
C ASP B 897 -25.11 -15.93 -9.86
N PHE B 898 -25.23 -14.83 -10.61
CA PHE B 898 -24.15 -13.86 -10.66
C PHE B 898 -24.12 -13.03 -9.38
N ASN B 899 -25.27 -12.90 -8.73
CA ASN B 899 -25.30 -12.25 -7.42
C ASN B 899 -24.43 -13.01 -6.42
N ASP B 900 -24.31 -14.33 -6.58
CA ASP B 900 -23.40 -15.08 -5.72
C ASP B 900 -21.96 -14.64 -5.92
N ILE B 901 -21.54 -14.46 -7.16
CA ILE B 901 -20.18 -14.00 -7.43
C ILE B 901 -19.99 -12.59 -6.91
N ARG B 902 -21.02 -11.75 -7.02
CA ARG B 902 -20.97 -10.43 -6.41
C ARG B 902 -20.77 -10.55 -4.90
N THR B 903 -21.46 -11.50 -4.28
CA THR B 903 -21.30 -11.75 -2.85
C THR B 903 -19.89 -12.19 -2.53
N THR B 904 -19.22 -12.86 -3.47
CA THR B 904 -17.81 -13.17 -3.27
C THR B 904 -17.01 -11.88 -3.07
N LEU B 905 -17.22 -10.90 -3.94
CA LEU B 905 -16.56 -9.61 -3.78
C LEU B 905 -16.96 -8.98 -2.46
N GLN B 906 -18.24 -9.09 -2.09
CA GLN B 906 -18.71 -8.56 -0.82
C GLN B 906 -17.92 -9.13 0.34
N ALA B 907 -17.69 -10.45 0.31
CA ALA B 907 -16.94 -11.09 1.39
C ALA B 907 -15.46 -10.74 1.33
N LEU B 908 -14.95 -10.40 0.14
CA LEU B 908 -13.53 -10.12 0.00
C LEU B 908 -13.08 -9.04 0.98
N ILE B 909 -13.77 -7.89 0.96
CA ILE B 909 -13.35 -6.77 1.80
C ILE B 909 -13.47 -7.14 3.28
N ALA B 910 -14.61 -7.72 3.68
CA ALA B 910 -14.79 -8.06 5.09
C ALA B 910 -13.72 -9.02 5.56
N ILE B 911 -13.21 -9.86 4.67
CA ILE B 911 -12.05 -10.67 5.00
C ILE B 911 -10.82 -9.78 5.16
N TYR B 912 -10.61 -8.88 4.20
CA TYR B 912 -9.52 -7.92 4.35
C TYR B 912 -9.77 -7.00 5.54
N ASP B 913 -11.03 -6.69 5.79
CA ASP B 913 -11.44 -5.96 6.98
C ASP B 913 -11.51 -6.85 8.22
N ASN B 914 -11.22 -8.14 8.05
CA ASN B 914 -11.10 -9.10 9.15
C ASN B 914 -12.35 -9.08 10.02
N CYS B 915 -13.48 -9.33 9.37
CA CYS B 915 -14.75 -9.32 10.10
C CYS B 915 -14.74 -10.39 11.19
N ASN B 916 -15.16 -9.99 12.38
CA ASN B 916 -15.32 -10.92 13.48
C ASN B 916 -16.59 -11.75 13.36
N SER B 917 -17.63 -11.21 12.72
CA SER B 917 -18.87 -11.93 12.54
C SER B 917 -19.48 -11.54 11.20
N LEU B 918 -19.62 -12.53 10.32
CA LEU B 918 -20.24 -12.34 9.01
C LEU B 918 -21.59 -13.05 8.99
N HIS B 919 -22.60 -12.38 8.46
CA HIS B 919 -23.94 -12.93 8.34
C HIS B 919 -24.34 -12.93 6.87
N THR B 920 -24.95 -14.02 6.42
CA THR B 920 -25.60 -14.09 5.13
C THR B 920 -27.10 -14.26 5.37
N ASN B 921 -27.90 -13.40 4.74
CA ASN B 921 -29.30 -13.27 5.08
C ASN B 921 -30.09 -14.55 4.79
N ALA B 922 -31.05 -14.83 5.65
CA ALA B 922 -31.96 -15.97 5.50
C ALA B 922 -33.38 -15.46 5.28
N TYR B 923 -34.10 -16.15 4.39
CA TYR B 923 -35.46 -15.72 4.05
C TYR B 923 -36.46 -16.02 5.15
N ASP B 924 -36.09 -16.78 6.16
CA ASP B 924 -36.98 -17.12 7.25
C ASP B 924 -37.38 -15.87 8.04
N ILE B 927 -42.65 -16.40 3.41
CA ILE B 927 -41.42 -16.37 2.61
C ILE B 927 -40.91 -17.79 2.39
N THR B 928 -39.99 -17.92 1.43
CA THR B 928 -39.43 -19.22 1.13
C THR B 928 -38.49 -19.68 2.23
N THR B 929 -38.36 -21.00 2.37
CA THR B 929 -37.49 -21.55 3.38
C THR B 929 -36.02 -21.30 3.03
N PRO B 930 -35.21 -20.90 4.00
CA PRO B 930 -33.77 -20.75 3.73
C PRO B 930 -33.09 -22.09 3.59
N THR B 931 -33.17 -22.68 2.40
CA THR B 931 -32.73 -24.04 2.18
C THR B 931 -31.24 -24.20 2.47
N ALA B 932 -30.85 -25.43 2.80
CA ALA B 932 -29.46 -25.73 3.14
C ALA B 932 -28.53 -25.62 1.94
N GLU B 933 -29.06 -25.49 0.72
CA GLU B 933 -28.20 -25.27 -0.43
C GLU B 933 -27.42 -23.97 -0.30
N SER B 934 -28.12 -22.88 0.06
CA SER B 934 -27.45 -21.60 0.24
C SER B 934 -26.42 -21.67 1.36
N VAL B 935 -26.75 -22.36 2.45
CA VAL B 935 -25.79 -22.48 3.54
C VAL B 935 -24.59 -23.30 3.13
N ARG B 936 -24.79 -24.33 2.30
CA ARG B 936 -23.67 -25.09 1.77
C ARG B 936 -22.76 -24.19 0.93
N ARG B 937 -23.36 -23.39 0.05
CA ARG B 937 -22.55 -22.48 -0.77
C ARG B 937 -21.79 -21.49 0.10
N ALA B 938 -22.48 -20.90 1.08
CA ALA B 938 -21.85 -19.87 1.91
C ALA B 938 -20.72 -20.46 2.75
N LEU B 939 -20.94 -21.62 3.36
CA LEU B 939 -19.89 -22.26 4.14
C LEU B 939 -18.73 -22.69 3.27
N ALA B 940 -19.01 -23.14 2.04
CA ALA B 940 -17.93 -23.44 1.10
C ALA B 940 -17.10 -22.19 0.83
N ILE B 941 -17.77 -21.05 0.62
CA ILE B 941 -17.07 -19.79 0.39
C ILE B 941 -16.21 -19.44 1.58
N GLN B 942 -16.78 -19.59 2.78
CA GLN B 942 -16.04 -19.28 4.00
C GLN B 942 -14.80 -20.15 4.12
N LEU B 943 -14.93 -21.44 3.82
CA LEU B 943 -13.79 -22.34 3.93
C LEU B 943 -12.74 -22.04 2.88
N ILE B 944 -13.18 -21.67 1.67
CA ILE B 944 -12.25 -21.24 0.64
C ILE B 944 -11.47 -20.03 1.12
N ILE B 945 -12.16 -19.07 1.72
CA ILE B 945 -11.50 -17.91 2.30
C ILE B 945 -10.47 -18.35 3.32
N ASN B 946 -10.89 -19.19 4.26
CA ASN B 946 -10.02 -19.54 5.38
C ASN B 946 -8.77 -20.28 4.93
N ARG B 947 -8.92 -21.22 3.99
CA ARG B 947 -7.81 -22.07 3.59
C ARG B 947 -7.34 -21.81 2.17
N GLU B 948 -8.24 -21.90 1.19
CA GLU B 948 -7.85 -21.91 -0.21
C GLU B 948 -7.19 -20.60 -0.65
N TRP B 949 -7.36 -19.53 0.11
CA TRP B 949 -6.75 -18.27 -0.27
C TRP B 949 -5.43 -18.07 0.48
N GLY B 950 -4.33 -18.17 -0.26
CA GLY B 950 -3.02 -17.94 0.34
C GLY B 950 -2.82 -16.50 0.74
N VAL B 951 -3.39 -15.57 -0.03
CA VAL B 951 -3.31 -14.15 0.34
C VAL B 951 -4.03 -13.91 1.65
N ALA B 952 -5.06 -14.70 1.94
CA ALA B 952 -5.78 -14.59 3.20
C ALA B 952 -4.89 -14.93 4.39
N LYS B 953 -3.79 -15.64 4.18
CA LYS B 953 -2.87 -15.93 5.27
C LYS B 953 -2.21 -14.68 5.83
N CYS B 954 -2.10 -13.62 5.04
CA CYS B 954 -1.63 -12.33 5.53
C CYS B 954 -2.72 -11.70 6.40
N GLU B 955 -2.32 -10.76 7.24
CA GLU B 955 -3.27 -10.06 8.11
C GLU B 955 -3.37 -8.58 7.80
N ASN B 956 -2.65 -8.10 6.79
CA ASN B 956 -2.66 -6.69 6.40
C ASN B 956 -2.89 -6.55 4.91
N PRO B 957 -4.08 -6.91 4.42
CA PRO B 957 -4.31 -6.88 2.97
C PRO B 957 -4.49 -5.49 2.39
N ASN B 958 -4.62 -4.46 3.22
CA ASN B 958 -5.00 -3.15 2.70
C ASN B 958 -3.97 -2.07 3.01
N GLN B 959 -3.15 -2.27 4.05
CA GLN B 959 -2.22 -1.23 4.47
C GLN B 959 -1.23 -0.89 3.37
N GLY B 960 -1.10 0.40 3.09
CA GLY B 960 -0.11 0.88 2.15
C GLY B 960 -0.67 1.64 0.96
N SER B 961 -1.82 1.20 0.45
CA SER B 961 -2.38 1.81 -0.75
C SER B 961 -2.79 3.25 -0.50
N PHE B 962 -2.17 4.17 -1.23
CA PHE B 962 -2.52 5.58 -1.11
C PHE B 962 -3.99 5.80 -1.45
N LEU B 963 -4.51 5.05 -2.42
CA LEU B 963 -5.93 5.07 -2.69
C LEU B 963 -6.74 4.76 -1.43
N ILE B 964 -6.30 3.76 -0.66
CA ILE B 964 -7.05 3.36 0.51
C ILE B 964 -7.14 4.51 1.51
N GLU B 965 -6.01 5.13 1.83
CA GLU B 965 -6.04 6.20 2.82
C GLU B 965 -6.75 7.44 2.32
N GLU B 966 -6.60 7.76 1.03
CA GLU B 966 -7.32 8.90 0.49
C GLU B 966 -8.83 8.67 0.56
N LEU B 967 -9.28 7.49 0.12
CA LEU B 967 -10.68 7.13 0.26
C LEU B 967 -11.11 7.24 1.71
N THR B 968 -10.28 6.75 2.63
CA THR B 968 -10.60 6.78 4.05
C THR B 968 -10.82 8.21 4.52
N ASP B 969 -9.89 9.11 4.18
CA ASP B 969 -9.98 10.47 4.67
C ASP B 969 -11.14 11.22 4.06
N LEU B 970 -11.38 11.03 2.76
CA LEU B 970 -12.50 11.69 2.13
C LEU B 970 -13.82 11.21 2.71
N VAL B 971 -13.93 9.90 2.95
CA VAL B 971 -15.11 9.36 3.61
C VAL B 971 -15.26 9.97 5.00
N GLU B 972 -14.16 10.08 5.73
CA GLU B 972 -14.17 10.73 7.03
C GLU B 972 -14.76 12.13 6.94
N GLU B 973 -14.27 12.91 5.98
CA GLU B 973 -14.76 14.27 5.83
C GLU B 973 -16.24 14.31 5.49
N ALA B 974 -16.67 13.42 4.59
CA ALA B 974 -18.08 13.40 4.21
C ALA B 974 -18.96 13.04 5.40
N VAL B 975 -18.52 12.06 6.20
CA VAL B 975 -19.27 11.67 7.39
C VAL B 975 -19.35 12.84 8.36
N LEU B 976 -18.24 13.55 8.53
CA LEU B 976 -18.25 14.74 9.37
C LEU B 976 -19.27 15.76 8.86
N GLN B 977 -19.31 15.96 7.55
CA GLN B 977 -20.24 16.92 6.97
C GLN B 977 -21.68 16.52 7.25
N GLU B 978 -22.00 15.23 7.07
CA GLU B 978 -23.36 14.78 7.36
C GLU B 978 -23.67 14.96 8.85
N PHE B 979 -22.69 14.70 9.71
CA PHE B 979 -22.89 14.89 11.14
C PHE B 979 -23.22 16.34 11.46
N GLU B 980 -22.47 17.27 10.87
CA GLU B 980 -22.76 18.68 11.06
C GLU B 980 -24.15 19.02 10.55
N ARG B 981 -24.53 18.44 9.40
CA ARG B 981 -25.85 18.70 8.85
C ARG B 981 -26.94 18.28 9.82
N ILE B 982 -26.84 17.07 10.37
CA ILE B 982 -27.84 16.62 11.32
C ILE B 982 -27.76 17.40 12.61
N ALA B 983 -26.53 17.69 13.07
CA ALA B 983 -26.38 18.47 14.29
C ALA B 983 -26.98 19.86 14.13
N GLU B 984 -26.90 20.44 12.93
CA GLU B 984 -27.50 21.73 12.66
C GLU B 984 -29.01 21.68 12.57
N ARG B 985 -29.61 20.49 12.47
CA ARG B 985 -31.03 20.34 12.26
C ARG B 985 -31.80 20.13 13.55
N GLY B 986 -31.20 20.43 14.69
CA GLY B 986 -31.86 20.24 15.97
C GLY B 986 -31.61 18.91 16.63
N GLY B 987 -30.58 18.19 16.21
CA GLY B 987 -30.26 16.93 16.83
C GLY B 987 -31.13 15.79 16.36
N VAL B 988 -30.82 14.60 16.92
CA VAL B 988 -31.54 13.40 16.55
C VAL B 988 -33.02 13.54 16.90
N LEU B 989 -33.32 14.19 18.02
CA LEU B 989 -34.71 14.40 18.42
C LEU B 989 -35.49 15.11 17.33
N GLY B 990 -34.98 16.25 16.86
CA GLY B 990 -35.65 16.96 15.79
C GLY B 990 -35.69 16.19 14.49
N ALA B 991 -34.59 15.52 14.14
CA ALA B 991 -34.55 14.77 12.89
C ALA B 991 -35.61 13.68 12.86
N MET B 992 -35.79 12.98 13.98
CA MET B 992 -36.85 11.99 14.07
C MET B 992 -38.22 12.65 14.15
N GLU B 993 -38.31 13.81 14.81
CA GLU B 993 -39.60 14.46 14.98
C GLU B 993 -40.18 14.90 13.63
N THR B 994 -39.35 15.45 12.76
CA THR B 994 -39.83 15.95 11.48
C THR B 994 -39.81 14.91 10.37
N GLY B 995 -38.95 13.89 10.48
CA GLY B 995 -38.83 12.89 9.44
C GLY B 995 -37.65 13.08 8.53
N TYR B 996 -36.49 13.44 9.07
CA TYR B 996 -35.32 13.73 8.24
C TYR B 996 -34.88 12.49 7.47
N GLN B 997 -34.74 11.36 8.17
CA GLN B 997 -34.33 10.12 7.53
C GLN B 997 -35.35 9.67 6.50
N ARG B 998 -36.62 10.03 6.69
CA ARG B 998 -37.64 9.72 5.69
C ARG B 998 -37.33 10.40 4.37
N GLY B 999 -37.04 11.70 4.42
CA GLY B 999 -36.63 12.40 3.21
C GLY B 999 -35.34 11.85 2.65
N LYS B 1000 -34.42 11.44 3.54
CA LYS B 1000 -33.16 10.86 3.08
C LYS B 1000 -33.41 9.62 2.23
N ILE B 1001 -34.19 8.67 2.76
CA ILE B 1001 -34.45 7.43 2.04
C ILE B 1001 -35.27 7.70 0.79
N GLN B 1002 -36.20 8.66 0.85
CA GLN B 1002 -36.99 9.00 -0.32
C GLN B 1002 -36.09 9.49 -1.45
N GLU B 1003 -35.17 10.41 -1.13
CA GLU B 1003 -34.28 10.93 -2.15
C GLU B 1003 -33.33 9.86 -2.66
N GLU B 1004 -32.81 9.03 -1.77
CA GLU B 1004 -31.90 7.97 -2.21
C GLU B 1004 -32.61 7.00 -3.15
N SER B 1005 -33.83 6.60 -2.79
CA SER B 1005 -34.60 5.70 -3.64
C SER B 1005 -34.91 6.34 -4.99
N LEU B 1006 -35.31 7.60 -4.99
CA LEU B 1006 -35.63 8.27 -6.25
C LEU B 1006 -34.40 8.35 -7.14
N TYR B 1007 -33.26 8.74 -6.58
CA TYR B 1007 -32.05 8.85 -7.38
C TYR B 1007 -31.61 7.50 -7.92
N TYR B 1008 -31.61 6.48 -7.06
CA TYR B 1008 -31.20 5.15 -7.49
C TYR B 1008 -32.12 4.61 -8.58
N GLU B 1009 -33.43 4.77 -8.42
CA GLU B 1009 -34.36 4.26 -9.41
C GLU B 1009 -34.25 5.04 -10.72
N GLN B 1010 -33.97 6.34 -10.66
CA GLN B 1010 -33.77 7.09 -11.89
C GLN B 1010 -32.51 6.64 -12.61
N LEU B 1011 -31.44 6.37 -11.86
CA LEU B 1011 -30.23 5.83 -12.49
C LEU B 1011 -30.51 4.46 -13.09
N LYS B 1012 -31.32 3.64 -12.41
CA LYS B 1012 -31.65 2.32 -12.92
C LYS B 1012 -32.46 2.41 -14.21
N HIS B 1013 -33.51 3.23 -14.22
CA HIS B 1013 -34.36 3.35 -15.40
C HIS B 1013 -33.65 4.03 -16.55
N ASP B 1014 -32.80 5.01 -16.27
CA ASP B 1014 -32.11 5.73 -17.33
C ASP B 1014 -31.12 4.84 -18.07
N GLY B 1015 -30.74 3.71 -17.48
CA GLY B 1015 -29.72 2.86 -18.04
C GLY B 1015 -28.31 3.34 -17.76
N THR B 1016 -28.16 4.51 -17.14
CA THR B 1016 -26.83 4.99 -16.75
C THR B 1016 -26.17 4.05 -15.76
N LEU B 1017 -26.93 3.55 -14.78
CA LEU B 1017 -26.44 2.55 -13.85
C LEU B 1017 -26.29 1.22 -14.60
N PRO B 1018 -25.08 0.75 -14.85
CA PRO B 1018 -24.92 -0.52 -15.55
C PRO B 1018 -25.19 -1.69 -14.61
N ILE B 1019 -26.06 -2.60 -15.04
CA ILE B 1019 -26.43 -3.76 -14.24
C ILE B 1019 -26.23 -5.02 -15.09
N ILE B 1020 -25.49 -5.99 -14.53
CA ILE B 1020 -25.30 -7.26 -15.20
C ILE B 1020 -26.59 -8.05 -15.17
N GLY B 1021 -27.00 -8.59 -16.31
CA GLY B 1021 -28.17 -9.42 -16.41
C GLY B 1021 -29.49 -8.69 -16.39
N VAL B 1022 -29.48 -7.38 -16.18
CA VAL B 1022 -30.70 -6.58 -16.25
C VAL B 1022 -30.50 -5.47 -17.27
N ASN B 1023 -29.52 -4.61 -17.01
CA ASN B 1023 -29.15 -3.53 -17.92
C ASN B 1023 -28.04 -3.91 -18.87
N THR B 1024 -27.33 -5.01 -18.62
CA THR B 1024 -26.22 -5.41 -19.47
C THR B 1024 -26.11 -6.93 -19.44
N PHE B 1025 -25.48 -7.48 -20.47
CA PHE B 1025 -25.26 -8.92 -20.61
C PHE B 1025 -26.58 -9.68 -20.48
N ARG B 1026 -27.60 -9.21 -21.20
CA ARG B 1026 -28.90 -9.86 -21.15
C ARG B 1026 -28.80 -11.29 -21.68
N ASN B 1027 -29.55 -12.18 -21.05
CA ASN B 1027 -29.55 -13.58 -21.43
C ASN B 1027 -30.10 -13.74 -22.84
N PRO B 1028 -29.34 -14.33 -23.77
CA PRO B 1028 -29.87 -14.54 -25.13
C PRO B 1028 -31.08 -15.44 -25.16
N ASN B 1029 -31.18 -16.40 -24.24
CA ASN B 1029 -32.33 -17.29 -24.14
C ASN B 1029 -33.46 -16.71 -23.31
N GLY B 1030 -33.15 -16.05 -22.20
CA GLY B 1030 -34.16 -15.46 -21.35
C GLY B 1030 -34.57 -14.07 -21.79
N LEU B 1039 -43.03 -20.98 4.07
CA LEU B 1039 -44.44 -21.32 3.86
C LEU B 1039 -44.93 -22.30 4.90
N ALA B 1040 -44.48 -22.11 6.14
CA ALA B 1040 -44.86 -23.00 7.23
C ALA B 1040 -46.21 -22.59 7.83
N ARG B 1041 -47.05 -23.58 8.06
CA ARG B 1041 -48.35 -23.36 8.68
C ARG B 1041 -48.49 -24.31 9.87
N SER B 1042 -49.17 -23.82 10.90
CA SER B 1042 -49.47 -24.64 12.07
C SER B 1042 -50.94 -25.04 12.01
N SER B 1043 -51.22 -26.25 12.47
CA SER B 1043 -52.60 -26.70 12.54
C SER B 1043 -53.39 -25.81 13.50
N GLU B 1044 -54.62 -25.47 13.10
CA GLU B 1044 -55.47 -24.67 13.96
C GLU B 1044 -55.69 -25.35 15.31
N ASP B 1045 -55.63 -26.69 15.33
CA ASP B 1045 -55.76 -27.41 16.59
C ASP B 1045 -54.61 -27.09 17.53
N GLU B 1046 -53.38 -26.97 17.01
CA GLU B 1046 -52.26 -26.59 17.84
C GLU B 1046 -52.44 -25.18 18.41
N LYS B 1047 -52.93 -24.26 17.57
CA LYS B 1047 -53.21 -22.91 18.05
C LYS B 1047 -54.26 -22.92 19.15
N GLN B 1048 -55.31 -23.72 18.97
CA GLN B 1048 -56.36 -23.81 19.98
C GLN B 1048 -55.84 -24.43 21.26
N SER B 1049 -54.95 -25.41 21.15
CA SER B 1049 -54.34 -26.01 22.34
C SER B 1049 -53.50 -24.98 23.10
N GLN B 1050 -52.70 -24.21 22.37
CA GLN B 1050 -51.91 -23.15 23.01
C GLN B 1050 -52.81 -22.09 23.64
N LEU B 1051 -53.90 -21.75 22.97
CA LEU B 1051 -54.86 -20.80 23.53
C LEU B 1051 -55.52 -21.35 24.79
N HIS B 1052 -55.84 -22.65 24.79
CA HIS B 1052 -56.37 -23.28 25.98
C HIS B 1052 -55.37 -23.24 27.13
N ARG B 1053 -54.10 -23.49 26.82
CA ARG B 1053 -53.06 -23.36 27.83
C ARG B 1053 -53.01 -21.95 28.39
N LEU B 1054 -53.08 -20.94 27.53
CA LEU B 1054 -53.03 -19.56 27.99
C LEU B 1054 -54.25 -19.21 28.84
N THR B 1055 -55.43 -19.66 28.43
CA THR B 1055 -56.63 -19.40 29.22
C THR B 1055 -56.59 -20.12 30.56
N GLU B 1056 -56.06 -21.34 30.59
CA GLU B 1056 -55.86 -22.04 31.86
C GLU B 1056 -54.89 -21.28 32.75
N PHE B 1057 -53.84 -20.70 32.15
CA PHE B 1057 -52.97 -19.80 32.89
C PHE B 1057 -53.76 -18.62 33.44
N HIS B 1058 -54.67 -18.07 32.64
CA HIS B 1058 -55.58 -17.04 33.13
C HIS B 1058 -56.50 -17.59 34.22
N GLY B 1059 -57.05 -18.79 33.98
CA GLY B 1059 -57.87 -19.42 35.00
C GLY B 1059 -57.11 -19.81 36.25
N ALA B 1060 -55.81 -20.07 36.11
CA ALA B 1060 -54.98 -20.27 37.28
C ALA B 1060 -54.75 -18.97 38.03
N HIS B 1061 -54.85 -17.84 37.33
CA HIS B 1061 -54.55 -16.53 37.90
C HIS B 1061 -55.76 -15.59 37.88
N GLN B 1062 -56.94 -16.11 37.55
CA GLN B 1062 -58.12 -15.26 37.48
C GLN B 1062 -58.47 -14.68 38.84
N ALA B 1063 -58.40 -15.49 39.89
CA ALA B 1063 -58.70 -14.99 41.23
C ALA B 1063 -57.64 -14.02 41.71
N ASP B 1064 -56.37 -14.30 41.39
CA ASP B 1064 -55.27 -13.41 41.75
C ASP B 1064 -54.98 -12.36 40.69
N ALA B 1065 -55.83 -12.27 39.66
CA ALA B 1065 -55.63 -11.26 38.62
C ALA B 1065 -55.73 -9.85 39.20
N GLU B 1066 -56.62 -9.65 40.17
CA GLU B 1066 -56.77 -8.33 40.78
C GLU B 1066 -55.48 -7.90 41.47
N ALA B 1067 -54.81 -8.84 42.16
CA ALA B 1067 -53.54 -8.52 42.80
C ALA B 1067 -52.49 -8.12 41.78
N MET B 1068 -52.43 -8.83 40.65
CA MET B 1068 -51.47 -8.51 39.61
C MET B 1068 -51.77 -7.15 38.98
N LEU B 1069 -53.05 -6.84 38.78
CA LEU B 1069 -53.42 -5.53 38.25
C LEU B 1069 -53.05 -4.41 39.21
N ALA B 1070 -53.29 -4.62 40.50
CA ALA B 1070 -52.89 -3.63 41.50
C ALA B 1070 -51.38 -3.45 41.52
N ARG B 1071 -50.64 -4.56 41.43
CA ARG B 1071 -49.18 -4.49 41.36
C ARG B 1071 -48.72 -3.71 40.14
N LEU B 1072 -49.35 -3.97 38.99
CA LEU B 1072 -49.02 -3.23 37.78
C LEU B 1072 -49.31 -1.74 37.93
N ARG B 1073 -50.45 -1.40 38.53
CA ARG B 1073 -50.79 0.01 38.68
C ARG B 1073 -49.88 0.70 39.66
N GLN B 1074 -49.41 -0.03 40.69
CA GLN B 1074 -48.42 0.52 41.60
C GLN B 1074 -47.11 0.78 40.88
N ALA B 1075 -46.69 -0.15 40.03
CA ALA B 1075 -45.53 0.12 39.18
C ALA B 1075 -45.77 1.32 38.28
N VAL B 1076 -47.00 1.49 37.82
CA VAL B 1076 -47.33 2.52 36.86
C VAL B 1076 -47.26 3.90 37.51
N ILE B 1077 -47.85 4.06 38.69
CA ILE B 1077 -48.11 5.39 39.23
C ILE B 1077 -46.81 6.06 39.66
N ASP B 1078 -45.89 5.29 40.24
CA ASP B 1078 -44.67 5.87 40.79
C ASP B 1078 -43.60 6.12 39.74
N ASN B 1079 -43.74 5.55 38.54
CA ASN B 1079 -42.79 5.75 37.45
C ASN B 1079 -41.37 5.35 37.86
N ARG B 1080 -41.27 4.23 38.58
CA ARG B 1080 -39.97 3.74 39.04
C ARG B 1080 -39.45 2.69 38.06
N ASN B 1081 -38.42 1.95 38.49
CA ASN B 1081 -37.93 0.81 37.70
C ASN B 1081 -39.00 -0.27 37.70
N VAL B 1082 -39.72 -0.39 36.59
CA VAL B 1082 -40.85 -1.31 36.54
C VAL B 1082 -40.36 -2.75 36.52
N PHE B 1083 -39.15 -3.00 36.03
CA PHE B 1083 -38.65 -4.37 35.94
C PHE B 1083 -38.70 -5.09 37.28
N ALA B 1084 -38.44 -4.38 38.37
CA ALA B 1084 -38.58 -4.98 39.70
C ALA B 1084 -39.99 -5.54 39.88
N VAL B 1085 -41.01 -4.76 39.51
CA VAL B 1085 -42.37 -5.27 39.49
C VAL B 1085 -42.54 -6.32 38.41
N LEU B 1086 -41.90 -6.13 37.25
CA LEU B 1086 -42.04 -7.08 36.15
C LEU B 1086 -41.47 -8.44 36.50
N MET B 1087 -40.47 -8.50 37.39
CA MET B 1087 -39.85 -9.77 37.74
C MET B 1087 -40.85 -10.75 38.33
N ASP B 1088 -41.84 -10.27 39.08
CA ASP B 1088 -42.87 -11.13 39.65
C ASP B 1088 -44.15 -11.18 38.81
N ALA B 1089 -44.46 -10.10 38.09
CA ALA B 1089 -45.68 -10.08 37.29
C ALA B 1089 -45.63 -11.10 36.17
N VAL B 1090 -44.45 -11.33 35.59
CA VAL B 1090 -44.31 -12.30 34.50
C VAL B 1090 -44.70 -13.71 34.93
N ARG B 1091 -44.48 -14.06 36.18
CA ARG B 1091 -44.86 -15.37 36.70
C ARG B 1091 -46.36 -15.53 36.85
N VAL B 1092 -47.11 -14.42 36.86
CA VAL B 1092 -48.54 -14.45 37.11
C VAL B 1092 -49.34 -13.74 36.02
N CYS B 1093 -48.68 -13.19 35.00
CA CYS B 1093 -49.36 -12.49 33.93
C CYS B 1093 -48.80 -12.95 32.59
N SER B 1094 -49.67 -12.99 31.59
CA SER B 1094 -49.25 -13.27 30.23
C SER B 1094 -48.77 -11.99 29.57
N LEU B 1095 -47.97 -12.16 28.51
CA LEU B 1095 -47.40 -10.99 27.83
C LEU B 1095 -48.49 -10.14 27.20
N GLY B 1096 -49.55 -10.77 26.70
CA GLY B 1096 -50.65 -10.01 26.15
C GLY B 1096 -51.31 -9.09 27.17
N GLN B 1097 -51.47 -9.60 28.40
CA GLN B 1097 -51.99 -8.76 29.48
C GLN B 1097 -51.07 -7.58 29.74
N ILE B 1098 -49.75 -7.83 29.70
CA ILE B 1098 -48.78 -6.77 29.93
C ILE B 1098 -48.92 -5.69 28.86
N THR B 1099 -49.01 -6.11 27.59
CA THR B 1099 -49.15 -5.14 26.51
C THR B 1099 -50.46 -4.38 26.63
N HIS B 1100 -51.54 -5.07 26.99
CA HIS B 1100 -52.82 -4.40 27.20
C HIS B 1100 -52.71 -3.35 28.29
N ALA B 1101 -52.04 -3.68 29.39
CA ALA B 1101 -51.86 -2.72 30.47
C ALA B 1101 -51.01 -1.53 30.01
N LEU B 1102 -49.97 -1.79 29.24
CA LEU B 1102 -49.12 -0.72 28.72
C LEU B 1102 -49.91 0.22 27.83
N PHE B 1103 -50.81 -0.34 27.02
CA PHE B 1103 -51.66 0.50 26.18
C PHE B 1103 -52.70 1.24 27.02
N GLU B 1104 -53.17 0.61 28.09
CA GLU B 1104 -54.18 1.21 28.96
C GLU B 1104 -53.60 2.40 29.72
N VAL B 1105 -52.32 2.32 30.10
CA VAL B 1105 -51.70 3.44 30.81
C VAL B 1105 -51.53 4.67 29.94
N GLY B 1106 -51.70 4.55 28.64
CA GLY B 1106 -51.51 5.66 27.73
C GLY B 1106 -50.22 5.64 26.93
N GLY B 1107 -49.43 4.57 27.02
CA GLY B 1107 -48.20 4.46 26.28
C GLY B 1107 -48.36 4.21 24.81
N GLN B 1108 -49.59 4.08 24.33
CA GLN B 1108 -49.82 3.86 22.91
C GLN B 1108 -49.37 5.06 22.08
N TYR B 1109 -48.74 4.77 20.94
CA TYR B 1109 -48.34 5.83 20.02
C TYR B 1109 -49.55 6.41 19.32
N ARG B 1110 -49.61 7.73 19.26
CA ARG B 1110 -50.67 8.45 18.56
C ARG B 1110 -50.12 8.96 17.24
N ARG B 1111 -50.81 8.62 16.15
CA ARG B 1111 -50.39 9.04 14.82
C ARG B 1111 -50.74 10.51 14.66
N ASN B 1112 -49.97 11.37 15.31
CA ASN B 1112 -50.22 12.81 15.34
C ASN B 1112 -49.40 13.57 14.31
N MET B 1113 -48.65 12.85 13.47
CA MET B 1113 -47.81 13.48 12.46
C MET B 1113 -48.52 13.50 11.11
N GLY C 42 -69.84 59.28 25.75
CA GLY C 42 -69.77 58.44 24.57
C GLY C 42 -69.52 59.22 23.30
N PRO C 43 -68.39 58.96 22.66
CA PRO C 43 -68.06 59.67 21.41
C PRO C 43 -69.03 59.33 20.29
N ALA C 44 -69.41 60.37 19.54
CA ALA C 44 -70.35 60.19 18.44
C ALA C 44 -69.71 59.46 17.26
N ASN C 45 -68.50 59.88 16.88
CA ASN C 45 -67.78 59.28 15.76
C ASN C 45 -66.57 58.51 16.28
N LYS C 46 -65.78 57.98 15.34
CA LYS C 46 -64.56 57.26 15.67
C LYS C 46 -63.48 58.26 16.06
N VAL C 47 -63.19 58.36 17.35
CA VAL C 47 -62.23 59.34 17.85
C VAL C 47 -60.82 58.83 17.59
N ARG C 48 -60.00 59.66 16.97
CA ARG C 48 -58.63 59.30 16.63
C ARG C 48 -57.68 60.16 17.45
N PHE C 49 -56.70 59.51 18.08
CA PHE C 49 -55.73 60.21 18.92
C PHE C 49 -54.33 59.74 18.58
N VAL C 50 -53.36 60.61 18.81
CA VAL C 50 -51.95 60.32 18.60
C VAL C 50 -51.21 60.57 19.91
N THR C 51 -50.47 59.57 20.35
CA THR C 51 -49.65 59.67 21.56
C THR C 51 -48.18 59.47 21.19
N ALA C 52 -47.33 60.35 21.70
CA ALA C 52 -45.89 60.26 21.46
C ALA C 52 -45.17 61.04 22.55
N ALA C 53 -43.88 60.78 22.66
CA ALA C 53 -43.03 61.44 23.63
C ALA C 53 -42.18 62.50 22.94
N SER C 54 -41.50 63.29 23.76
CA SER C 54 -40.60 64.30 23.23
C SER C 54 -39.40 63.67 22.56
N LEU C 55 -38.66 64.47 21.79
CA LEU C 55 -37.41 64.02 21.23
C LEU C 55 -36.39 63.80 22.33
N PHE C 56 -35.45 62.88 22.08
CA PHE C 56 -34.41 62.52 23.03
C PHE C 56 -34.99 62.01 24.35
N ASP C 57 -36.12 61.30 24.27
CA ASP C 57 -36.78 60.75 25.44
C ASP C 57 -36.45 59.27 25.55
N GLY C 58 -35.90 58.86 26.69
CA GLY C 58 -35.44 57.50 26.86
C GLY C 58 -36.43 56.57 27.51
N HIS C 59 -37.26 57.11 28.41
CA HIS C 59 -38.19 56.30 29.18
C HIS C 59 -39.61 56.57 28.71
N ASP C 60 -40.33 55.50 28.36
CA ASP C 60 -41.70 55.61 27.86
C ASP C 60 -42.66 54.69 28.59
N ALA C 61 -42.25 54.08 29.70
CA ALA C 61 -43.13 53.15 30.41
C ALA C 61 -44.39 53.85 30.91
N SER C 62 -44.22 55.05 31.49
CA SER C 62 -45.39 55.77 32.01
C SER C 62 -46.31 56.20 30.87
N ILE C 63 -45.74 56.68 29.77
CA ILE C 63 -46.57 57.06 28.63
C ILE C 63 -47.18 55.82 27.99
N ASN C 64 -46.49 54.67 28.07
CA ASN C 64 -47.09 53.44 27.59
C ASN C 64 -48.29 53.05 28.43
N ILE C 65 -48.20 53.23 29.75
CA ILE C 65 -49.35 53.02 30.62
C ILE C 65 -50.49 53.96 30.27
N MET C 66 -50.19 55.25 30.05
CA MET C 66 -51.22 56.21 29.66
C MET C 66 -51.89 55.79 28.35
N ARG C 67 -51.09 55.38 27.36
CA ARG C 67 -51.61 54.94 26.08
C ARG C 67 -52.49 53.70 26.23
N ARG C 68 -52.07 52.74 27.06
CA ARG C 68 -52.88 51.55 27.28
C ARG C 68 -54.20 51.92 27.94
N ILE C 69 -54.17 52.86 28.89
CA ILE C 69 -55.40 53.34 29.52
C ILE C 69 -56.30 53.97 28.47
N LEU C 70 -55.73 54.82 27.60
CA LEU C 70 -56.53 55.50 26.58
C LEU C 70 -57.19 54.51 25.64
N GLN C 71 -56.42 53.52 25.16
CA GLN C 71 -56.97 52.57 24.20
C GLN C 71 -57.97 51.62 24.87
N SER C 72 -57.75 51.27 26.13
CA SER C 72 -58.72 50.46 26.85
C SER C 72 -60.02 51.21 27.08
N GLN C 73 -59.93 52.52 27.29
CA GLN C 73 -61.12 53.35 27.44
C GLN C 73 -61.96 53.39 26.17
N GLY C 74 -61.40 53.01 25.02
CA GLY C 74 -62.14 53.00 23.77
C GLY C 74 -61.69 54.09 22.82
N CYS C 75 -60.39 54.35 22.78
CA CYS C 75 -59.82 55.40 21.93
C CYS C 75 -58.88 54.78 20.91
N GLU C 76 -59.04 55.19 19.65
CA GLU C 76 -58.14 54.75 18.58
C GLU C 76 -56.86 55.56 18.65
N VAL C 77 -55.77 54.93 19.06
CA VAL C 77 -54.50 55.60 19.33
C VAL C 77 -53.46 55.06 18.37
N ILE C 78 -52.83 55.96 17.61
CA ILE C 78 -51.70 55.62 16.75
C ILE C 78 -50.46 56.19 17.43
N HIS C 79 -49.77 55.34 18.18
CA HIS C 79 -48.61 55.75 18.96
C HIS C 79 -47.34 55.55 18.14
N LEU C 80 -46.56 56.62 18.01
CA LEU C 80 -45.33 56.59 17.22
C LEU C 80 -44.07 56.35 18.05
N GLY C 81 -44.19 56.27 19.37
CA GLY C 81 -43.03 56.03 20.20
C GLY C 81 -42.25 57.30 20.50
N HIS C 82 -41.09 57.10 21.11
CA HIS C 82 -40.23 58.19 21.54
C HIS C 82 -39.37 58.70 20.39
N ASN C 83 -38.79 59.88 20.59
CA ASN C 83 -37.84 60.49 19.66
C ASN C 83 -38.40 60.58 18.25
N ARG C 84 -39.51 61.32 18.13
CA ARG C 84 -40.19 61.50 16.87
C ARG C 84 -40.02 62.95 16.41
N SER C 85 -39.62 63.11 15.16
CA SER C 85 -39.44 64.46 14.61
C SER C 85 -40.75 65.23 14.62
N VAL C 86 -40.68 66.48 15.07
CA VAL C 86 -41.88 67.30 15.18
C VAL C 86 -42.54 67.47 13.82
N GLN C 87 -41.74 67.71 12.79
CA GLN C 87 -42.29 67.81 11.44
C GLN C 87 -42.97 66.51 11.04
N GLU C 88 -42.34 65.37 11.34
CA GLU C 88 -42.94 64.08 11.02
C GLU C 88 -44.23 63.86 11.81
N VAL C 89 -44.25 64.25 13.08
CA VAL C 89 -45.45 64.11 13.88
C VAL C 89 -46.59 64.92 13.29
N VAL C 90 -46.31 66.18 12.94
CA VAL C 90 -47.34 67.03 12.33
C VAL C 90 -47.79 66.44 11.00
N THR C 91 -46.85 65.90 10.22
CA THR C 91 -47.19 65.29 8.94
C THR C 91 -48.15 64.13 9.12
N ALA C 92 -47.83 63.22 10.05
CA ALA C 92 -48.68 62.07 10.30
C ALA C 92 -50.05 62.51 10.81
N ALA C 93 -50.08 63.46 11.74
CA ALA C 93 -51.35 63.92 12.28
C ALA C 93 -52.23 64.55 11.21
N LEU C 94 -51.63 65.37 10.34
CA LEU C 94 -52.41 66.02 9.29
C LEU C 94 -52.86 65.03 8.22
N GLN C 95 -52.04 64.04 7.89
CA GLN C 95 -52.43 63.11 6.84
C GLN C 95 -53.48 62.12 7.34
N GLU C 96 -53.43 61.74 8.61
CA GLU C 96 -54.40 60.80 9.14
C GLU C 96 -55.69 61.48 9.58
N ASP C 97 -55.69 62.79 9.76
CA ASP C 97 -56.86 63.56 10.21
C ASP C 97 -57.41 62.99 11.51
N VAL C 98 -56.55 63.01 12.52
CA VAL C 98 -56.90 62.53 13.85
C VAL C 98 -57.68 63.61 14.59
N GLN C 99 -58.30 63.22 15.70
CA GLN C 99 -59.14 64.14 16.45
C GLN C 99 -58.43 64.78 17.63
N GLY C 100 -57.43 64.11 18.22
CA GLY C 100 -56.72 64.66 19.34
C GLY C 100 -55.25 64.28 19.28
N ILE C 101 -54.43 65.08 19.95
CA ILE C 101 -52.99 64.86 20.02
C ILE C 101 -52.59 64.81 21.49
N ALA C 102 -51.88 63.75 21.88
CA ALA C 102 -51.33 63.63 23.22
C ALA C 102 -49.82 63.65 23.14
N ILE C 103 -49.21 64.59 23.87
CA ILE C 103 -47.76 64.76 23.87
C ILE C 103 -47.27 64.68 25.32
N SER C 104 -46.34 63.77 25.57
CA SER C 104 -45.75 63.59 26.89
C SER C 104 -44.29 64.03 26.84
N SER C 105 -43.93 64.98 27.69
CA SER C 105 -42.58 65.55 27.71
C SER C 105 -42.04 65.49 29.13
N TYR C 106 -41.33 64.41 29.45
CA TYR C 106 -40.66 64.28 30.73
C TYR C 106 -39.22 64.76 30.70
N GLN C 107 -38.73 65.20 29.55
CA GLN C 107 -37.37 65.73 29.43
C GLN C 107 -37.34 67.26 29.39
N GLY C 108 -38.49 67.91 29.54
CA GLY C 108 -38.54 69.35 29.45
C GLY C 108 -38.37 69.84 28.02
N GLY C 109 -38.16 71.15 27.90
CA GLY C 109 -37.95 71.75 26.60
C GLY C 109 -39.12 71.65 25.65
N HIS C 110 -40.30 71.34 26.17
CA HIS C 110 -41.47 71.18 25.32
C HIS C 110 -42.14 72.51 24.98
N VAL C 111 -41.64 73.62 25.54
CA VAL C 111 -42.21 74.92 25.20
C VAL C 111 -42.07 75.19 23.71
N GLU C 112 -40.86 74.97 23.17
CA GLU C 112 -40.63 75.16 21.74
C GLU C 112 -41.52 74.24 20.92
N TYR C 113 -41.62 72.97 21.32
CA TYR C 113 -42.40 72.01 20.56
C TYR C 113 -43.87 72.39 20.52
N PHE C 114 -44.44 72.73 21.69
CA PHE C 114 -45.85 73.11 21.75
C PHE C 114 -46.10 74.38 20.97
N LYS C 115 -45.25 75.39 21.11
CA LYS C 115 -45.44 76.64 20.38
C LYS C 115 -45.39 76.42 18.88
N TYR C 116 -44.36 75.69 18.42
CA TYR C 116 -44.21 75.45 16.99
C TYR C 116 -45.37 74.64 16.44
N MET C 117 -45.80 73.60 17.16
CA MET C 117 -46.89 72.76 16.67
C MET C 117 -48.20 73.54 16.64
N ILE C 118 -48.47 74.35 17.68
CA ILE C 118 -49.69 75.17 17.67
C ILE C 118 -49.66 76.14 16.51
N ASP C 119 -48.53 76.81 16.29
CA ASP C 119 -48.44 77.77 15.19
C ASP C 119 -48.63 77.08 13.85
N LEU C 120 -47.97 75.94 13.66
CA LEU C 120 -48.07 75.23 12.38
C LEU C 120 -49.48 74.71 12.12
N LEU C 121 -50.14 74.17 13.15
CA LEU C 121 -51.49 73.66 12.95
C LEU C 121 -52.48 74.78 12.72
N ARG C 122 -52.44 75.84 13.54
CA ARG C 122 -53.32 76.97 13.32
C ARG C 122 -53.10 77.59 11.95
N GLU C 123 -51.84 77.67 11.51
CA GLU C 123 -51.56 78.10 10.15
C GLU C 123 -52.11 77.13 9.12
N HIS C 124 -52.00 75.83 9.38
CA HIS C 124 -52.48 74.80 8.47
C HIS C 124 -53.90 74.36 8.82
N GLY C 125 -54.63 75.22 9.52
CA GLY C 125 -56.01 74.92 9.90
C GLY C 125 -56.14 73.72 10.79
N GLY C 126 -55.23 73.57 11.76
CA GLY C 126 -55.29 72.47 12.70
C GLY C 126 -55.76 72.90 14.06
N GLU C 127 -56.36 74.09 14.13
CA GLU C 127 -56.87 74.59 15.40
C GLU C 127 -58.00 73.71 15.94
N HIS C 128 -58.78 73.10 15.06
CA HIS C 128 -59.87 72.23 15.49
C HIS C 128 -59.36 70.91 16.08
N ILE C 129 -58.06 70.64 15.97
CA ILE C 129 -57.47 69.48 16.62
C ILE C 129 -57.07 69.88 18.03
N GLN C 130 -57.38 69.03 19.01
CA GLN C 130 -57.03 69.29 20.39
C GLN C 130 -55.69 68.65 20.73
N VAL C 131 -54.80 69.45 21.32
CA VAL C 131 -53.47 68.99 21.72
C VAL C 131 -53.46 68.88 23.24
N PHE C 132 -53.11 67.71 23.74
CA PHE C 132 -53.06 67.47 25.18
C PHE C 132 -51.63 67.13 25.58
N GLY C 133 -51.14 67.85 26.58
CA GLY C 133 -49.75 67.70 27.00
C GLY C 133 -49.63 67.71 28.50
N GLY C 134 -48.46 67.27 28.95
CA GLY C 134 -48.17 67.22 30.37
C GLY C 134 -46.78 66.67 30.64
N GLY C 135 -46.12 67.19 31.67
CA GLY C 135 -44.79 66.73 32.01
C GLY C 135 -44.65 66.39 33.48
N GLY C 136 -45.78 66.13 34.14
CA GLY C 136 -45.73 65.83 35.57
C GLY C 136 -45.14 67.00 36.33
N GLY C 137 -44.15 66.71 37.17
CA GLY C 137 -43.49 67.75 37.94
C GLY C 137 -42.45 68.54 37.18
N VAL C 138 -42.17 68.18 35.92
CA VAL C 138 -41.22 68.93 35.11
C VAL C 138 -41.75 70.35 34.85
N ILE C 139 -43.04 70.47 34.57
CA ILE C 139 -43.65 71.76 34.29
C ILE C 139 -43.79 72.51 35.61
N VAL C 140 -43.00 73.57 35.77
CA VAL C 140 -43.04 74.42 36.96
C VAL C 140 -44.39 75.13 37.01
N PRO C 141 -44.99 75.29 38.19
CA PRO C 141 -46.28 76.01 38.26
C PRO C 141 -46.21 77.41 37.69
N ASP C 142 -45.10 78.13 37.87
CA ASP C 142 -44.92 79.40 37.18
C ASP C 142 -44.80 79.19 35.67
N GLU C 143 -44.07 78.15 35.25
CA GLU C 143 -44.05 77.78 33.85
C GLU C 143 -45.43 77.34 33.37
N ILE C 144 -46.19 76.67 34.24
CA ILE C 144 -47.56 76.32 33.92
C ILE C 144 -48.38 77.57 33.63
N ARG C 145 -48.26 78.58 34.48
CA ARG C 145 -48.99 79.83 34.27
C ARG C 145 -48.55 80.52 32.99
N GLU C 146 -47.25 80.56 32.73
CA GLU C 146 -46.75 81.20 31.51
C GLU C 146 -47.26 80.49 30.27
N LEU C 147 -47.20 79.16 30.25
CA LEU C 147 -47.68 78.41 29.09
C LEU C 147 -49.18 78.58 28.90
N GLN C 148 -49.95 78.56 30.00
CA GLN C 148 -51.38 78.81 29.91
C GLN C 148 -51.65 80.19 29.34
N ALA C 149 -50.90 81.20 29.78
CA ALA C 149 -51.02 82.54 29.24
C ALA C 149 -50.65 82.61 27.76
N TYR C 150 -49.75 81.74 27.31
CA TYR C 150 -49.43 81.69 25.88
C TYR C 150 -50.66 81.35 25.05
N GLY C 151 -51.48 80.42 25.53
CA GLY C 151 -52.68 80.04 24.82
C GLY C 151 -52.70 78.57 24.45
N VAL C 152 -51.88 77.77 25.13
CA VAL C 152 -51.74 76.36 24.80
C VAL C 152 -53.09 75.66 24.90
N ALA C 153 -53.23 74.57 24.15
CA ALA C 153 -54.51 73.86 24.09
C ALA C 153 -54.92 73.34 25.46
N ARG C 154 -54.11 72.46 26.05
CA ARG C 154 -54.43 71.92 27.37
C ARG C 154 -53.16 71.40 28.01
N ILE C 155 -52.86 71.86 29.23
CA ILE C 155 -51.73 71.38 30.02
C ILE C 155 -52.28 70.94 31.37
N TYR C 156 -51.87 69.76 31.82
CA TYR C 156 -52.29 69.22 33.10
C TYR C 156 -51.16 69.33 34.11
N SER C 157 -51.39 70.08 35.17
CA SER C 157 -50.45 70.29 36.26
C SER C 157 -50.39 69.06 37.16
N PRO C 158 -49.33 68.93 37.96
CA PRO C 158 -49.29 67.79 38.89
C PRO C 158 -50.47 67.76 39.85
N GLU C 159 -50.81 68.89 40.46
CA GLU C 159 -51.90 68.91 41.44
C GLU C 159 -53.24 68.58 40.80
N ASP C 160 -53.56 69.23 39.67
CA ASP C 160 -54.83 68.96 39.01
C ASP C 160 -54.83 67.57 38.38
N GLY C 161 -53.69 67.13 37.85
CA GLY C 161 -53.61 65.79 37.29
C GLY C 161 -53.86 64.71 38.34
N GLN C 162 -53.33 64.92 39.54
CA GLN C 162 -53.57 63.95 40.62
C GLN C 162 -54.99 64.08 41.19
N ARG C 163 -55.52 65.30 41.25
CA ARG C 163 -56.80 65.52 41.92
C ARG C 163 -57.97 65.14 41.02
N MET C 164 -58.09 65.79 39.87
CA MET C 164 -59.16 65.45 38.93
C MET C 164 -59.02 64.02 38.43
N GLY C 165 -57.79 63.57 38.19
CA GLY C 165 -57.55 62.20 37.75
C GLY C 165 -57.56 62.07 36.24
N LEU C 166 -56.98 60.97 35.78
CA LEU C 166 -56.91 60.72 34.34
C LEU C 166 -58.26 60.34 33.77
N ALA C 167 -59.06 59.57 34.53
CA ALA C 167 -60.34 59.10 34.00
C ALA C 167 -61.28 60.24 33.70
N GLY C 168 -61.38 61.21 34.62
CA GLY C 168 -62.22 62.38 34.37
C GLY C 168 -61.71 63.19 33.19
N MET C 169 -60.38 63.28 33.05
CA MET C 169 -59.81 63.98 31.90
C MET C 169 -60.19 63.30 30.59
N ILE C 170 -60.14 61.96 30.56
CA ILE C 170 -60.48 61.24 29.34
C ILE C 170 -61.97 61.37 29.03
N THR C 171 -62.82 61.34 30.06
CA THR C 171 -64.25 61.54 29.85
C THR C 171 -64.53 62.93 29.30
N ASP C 172 -63.92 63.96 29.90
CA ASP C 172 -64.10 65.33 29.41
C ASP C 172 -63.61 65.46 27.97
N MET C 173 -62.48 64.84 27.65
CA MET C 173 -61.94 64.92 26.29
C MET C 173 -62.83 64.21 25.28
N ALA C 174 -63.27 63.00 25.62
CA ALA C 174 -64.08 62.21 24.69
C ALA C 174 -65.44 62.88 24.43
N GLN C 175 -66.10 63.37 25.49
CA GLN C 175 -67.35 64.06 25.28
C GLN C 175 -67.14 65.41 24.62
N ARG C 176 -66.04 66.08 24.95
CA ARG C 176 -65.73 67.38 24.38
C ARG C 176 -65.35 67.27 22.91
N CYS C 177 -64.85 66.11 22.47
CA CYS C 177 -64.53 65.88 21.07
C CYS C 177 -65.75 65.52 20.24
N ASP C 178 -66.96 65.68 20.78
CA ASP C 178 -68.19 65.41 20.03
C ASP C 178 -68.52 66.64 19.20
N ILE C 179 -67.88 66.72 18.03
CA ILE C 179 -68.08 67.82 17.09
C ILE C 179 -68.54 67.22 15.77
N ASP C 180 -68.85 68.09 14.81
CA ASP C 180 -69.29 67.67 13.48
C ASP C 180 -68.14 67.83 12.49
N LEU C 181 -67.69 66.72 11.91
CA LEU C 181 -66.69 66.73 10.86
C LEU C 181 -67.27 66.75 9.46
N THR C 182 -68.61 66.82 9.35
CA THR C 182 -69.27 66.85 8.05
C THR C 182 -68.95 68.10 7.25
N ARG C 183 -68.42 69.15 7.90
CA ARG C 183 -68.13 70.39 7.21
C ARG C 183 -66.76 70.40 6.54
N TYR C 184 -65.94 69.39 6.78
CA TYR C 184 -64.57 69.37 6.28
C TYR C 184 -64.41 68.55 5.00
N ALA C 185 -65.43 67.79 4.61
CA ALA C 185 -65.33 67.03 3.36
C ALA C 185 -65.40 67.99 2.18
N PRO C 186 -64.39 68.01 1.31
CA PRO C 186 -64.43 68.92 0.17
C PRO C 186 -65.62 68.64 -0.74
N THR C 187 -66.20 69.71 -1.28
CA THR C 187 -67.37 69.61 -2.13
C THR C 187 -67.05 69.40 -3.60
N THR C 188 -65.76 69.36 -3.95
CA THR C 188 -65.34 69.16 -5.33
C THR C 188 -64.24 68.10 -5.38
N LEU C 189 -64.07 67.53 -6.57
CA LEU C 189 -63.04 66.53 -6.81
C LEU C 189 -61.69 67.13 -7.18
N ASP C 190 -61.62 68.46 -7.30
CA ASP C 190 -60.39 69.10 -7.74
C ASP C 190 -59.25 68.81 -6.78
N THR C 191 -59.50 68.94 -5.47
CA THR C 191 -58.49 68.55 -4.48
C THR C 191 -58.21 67.06 -4.55
N VAL C 192 -59.26 66.25 -4.71
CA VAL C 192 -59.08 64.81 -4.79
C VAL C 192 -58.27 64.43 -6.03
N VAL C 193 -58.60 65.03 -7.17
CA VAL C 193 -57.85 64.78 -8.39
C VAL C 193 -56.40 65.22 -8.24
N ALA C 194 -56.18 66.39 -7.62
CA ALA C 194 -54.82 66.86 -7.41
C ALA C 194 -54.03 65.93 -6.49
N GLY C 195 -54.71 65.21 -5.61
CA GLY C 195 -54.05 64.27 -4.73
C GLY C 195 -54.07 64.69 -3.28
N ASP C 196 -55.00 65.56 -2.91
CA ASP C 196 -55.13 66.00 -1.53
C ASP C 196 -55.46 64.83 -0.64
N ARG C 197 -54.50 64.42 0.19
CA ARG C 197 -54.72 63.29 1.10
C ARG C 197 -55.59 63.66 2.28
N ARG C 198 -55.62 64.93 2.69
CA ARG C 198 -56.62 65.38 3.64
C ARG C 198 -58.02 65.26 3.04
N ALA C 199 -58.16 65.60 1.76
CA ALA C 199 -59.42 65.34 1.07
C ALA C 199 -59.73 63.85 1.03
N LEU C 200 -58.69 63.02 0.91
CA LEU C 200 -58.91 61.57 0.96
C LEU C 200 -59.45 61.14 2.32
N ALA C 201 -58.88 61.67 3.40
CA ALA C 201 -59.37 61.33 4.73
C ALA C 201 -60.79 61.81 4.94
N GLN C 202 -61.10 63.03 4.49
CA GLN C 202 -62.46 63.53 4.60
C GLN C 202 -63.43 62.68 3.78
N LEU C 203 -63.01 62.24 2.60
CA LEU C 203 -63.83 61.34 1.80
C LEU C 203 -64.07 60.02 2.50
N ILE C 204 -63.04 59.47 3.16
CA ILE C 204 -63.23 58.23 3.91
C ILE C 204 -64.23 58.44 5.03
N THR C 205 -64.12 59.56 5.75
CA THR C 205 -65.06 59.85 6.83
C THR C 205 -66.47 60.00 6.31
N ALA C 206 -66.66 60.71 5.19
CA ALA C 206 -68.00 60.88 4.63
C ALA C 206 -68.56 59.57 4.10
N LEU C 207 -67.70 58.72 3.51
CA LEU C 207 -68.13 57.41 3.05
C LEU C 207 -68.61 56.55 4.22
N GLU C 208 -67.88 56.61 5.33
CA GLU C 208 -68.36 55.94 6.55
C GLU C 208 -69.68 56.53 7.00
N ASN C 209 -69.82 57.86 6.88
CA ASN C 209 -71.08 58.54 7.16
C ASN C 209 -72.11 58.35 6.06
N GLY C 210 -71.69 58.23 4.81
CA GLY C 210 -72.60 57.95 3.72
C GLY C 210 -73.57 59.07 3.38
N LYS C 211 -73.12 60.32 3.43
CA LYS C 211 -73.94 61.46 3.05
C LYS C 211 -73.66 61.96 1.64
N ALA C 212 -72.77 61.30 0.91
CA ALA C 212 -72.38 61.75 -0.41
C ALA C 212 -73.40 61.35 -1.46
N ASP C 213 -73.33 62.02 -2.60
CA ASP C 213 -74.19 61.66 -3.73
C ASP C 213 -73.75 60.33 -4.32
N PRO C 214 -74.64 59.35 -4.44
CA PRO C 214 -74.22 58.06 -5.02
C PRO C 214 -73.71 58.15 -6.45
N GLU C 215 -74.23 59.10 -7.23
CA GLU C 215 -73.70 59.31 -8.58
C GLU C 215 -72.24 59.76 -8.54
N LEU C 216 -71.87 60.53 -7.53
CA LEU C 216 -70.46 60.87 -7.33
C LEU C 216 -69.63 59.62 -7.07
N VAL C 217 -70.16 58.69 -6.28
CA VAL C 217 -69.46 57.43 -6.03
C VAL C 217 -69.30 56.64 -7.32
N SER C 218 -70.35 56.61 -8.15
CA SER C 218 -70.25 55.89 -9.42
C SER C 218 -69.24 56.53 -10.35
N ALA C 219 -69.21 57.87 -10.40
CA ALA C 219 -68.22 58.55 -11.22
C ALA C 219 -66.80 58.29 -10.71
N LEU C 220 -66.62 58.26 -9.39
CA LEU C 220 -65.33 57.89 -8.82
C LEU C 220 -64.93 56.48 -9.23
N HIS C 221 -65.89 55.55 -9.21
CA HIS C 221 -65.62 54.18 -9.64
C HIS C 221 -65.20 54.14 -11.11
N ALA C 222 -65.90 54.90 -11.96
CA ALA C 222 -65.55 54.91 -13.38
C ALA C 222 -64.16 55.48 -13.61
N GLN C 223 -63.84 56.59 -12.94
CA GLN C 223 -62.52 57.18 -13.07
C GLN C 223 -61.44 56.23 -12.56
N ALA C 224 -61.73 55.49 -11.49
CA ALA C 224 -60.78 54.50 -11.00
C ALA C 224 -60.57 53.37 -11.99
N LYS C 225 -61.66 52.86 -12.58
CA LYS C 225 -61.53 51.79 -13.56
C LYS C 225 -60.73 52.26 -14.77
N ALA C 226 -60.90 53.52 -15.15
CA ALA C 226 -60.05 54.09 -16.20
C ALA C 226 -58.61 54.28 -15.75
N ALA C 227 -58.38 54.52 -14.46
CA ALA C 227 -57.03 54.74 -13.97
C ALA C 227 -56.16 53.49 -14.09
N ALA C 228 -56.66 52.36 -13.57
CA ALA C 228 -55.99 51.07 -13.66
C ALA C 228 -54.55 51.15 -13.12
N VAL C 229 -54.45 51.44 -11.83
CA VAL C 229 -53.15 51.48 -11.15
C VAL C 229 -52.96 50.17 -10.41
N PRO C 230 -51.72 49.70 -10.22
CA PRO C 230 -51.52 48.42 -9.55
C PRO C 230 -52.04 48.42 -8.11
N VAL C 231 -52.71 47.33 -7.76
CA VAL C 231 -53.30 47.14 -6.43
C VAL C 231 -53.08 45.68 -6.05
N LEU C 232 -52.25 45.45 -5.04
CA LEU C 232 -51.88 44.11 -4.61
C LEU C 232 -52.57 43.78 -3.29
N GLY C 233 -53.03 42.54 -3.16
CA GLY C 233 -53.60 42.06 -1.92
C GLY C 233 -52.52 41.42 -1.06
N ILE C 234 -52.42 41.88 0.19
CA ILE C 234 -51.39 41.45 1.12
C ILE C 234 -52.07 40.83 2.32
N THR C 235 -51.70 39.60 2.65
CA THR C 235 -52.30 38.87 3.77
C THR C 235 -51.21 38.22 4.61
N GLY C 236 -51.56 37.95 5.86
CA GLY C 236 -50.64 37.31 6.79
C GLY C 236 -50.82 37.76 8.22
N THR C 237 -49.96 37.29 9.11
CA THR C 237 -50.02 37.72 10.50
C THR C 237 -49.54 39.15 10.64
N GLY C 238 -50.37 39.98 11.27
CA GLY C 238 -50.04 41.39 11.40
C GLY C 238 -49.03 41.63 12.51
N GLY C 239 -48.01 42.42 12.19
CA GLY C 239 -47.00 42.78 13.15
C GLY C 239 -45.90 41.76 13.36
N ALA C 240 -45.93 40.64 12.62
CA ALA C 240 -44.87 39.65 12.75
C ALA C 240 -43.56 40.13 12.12
N GLY C 241 -43.59 41.25 11.41
CA GLY C 241 -42.42 41.74 10.70
C GLY C 241 -42.77 42.10 9.28
N LYS C 242 -44.04 41.98 8.93
CA LYS C 242 -44.50 42.37 7.60
C LYS C 242 -44.21 43.84 7.33
N SER C 243 -44.30 44.67 8.37
CA SER C 243 -43.98 46.08 8.21
C SER C 243 -42.51 46.27 7.85
N SER C 244 -41.63 45.46 8.43
CA SER C 244 -40.21 45.55 8.09
C SER C 244 -39.96 45.20 6.63
N LEU C 245 -40.59 44.11 6.16
CA LEU C 245 -40.43 43.71 4.76
C LEU C 245 -40.97 44.77 3.82
N THR C 246 -42.14 45.32 4.16
CA THR C 246 -42.72 46.37 3.32
C THR C 246 -41.85 47.62 3.31
N ASP C 247 -41.28 47.98 4.46
CA ASP C 247 -40.38 49.14 4.52
C ASP C 247 -39.14 48.91 3.66
N GLU C 248 -38.56 47.71 3.74
CA GLU C 248 -37.40 47.41 2.91
C GLU C 248 -37.74 47.48 1.44
N LEU C 249 -38.89 46.92 1.05
CA LEU C 249 -39.28 46.92 -0.36
C LEU C 249 -39.56 48.33 -0.86
N ILE C 250 -40.22 49.15 -0.04
CA ILE C 250 -40.49 50.53 -0.41
C ILE C 250 -39.18 51.31 -0.56
N ARG C 251 -38.26 51.12 0.37
CA ARG C 251 -36.97 51.80 0.28
C ARG C 251 -36.21 51.37 -0.97
N ARG C 252 -36.21 50.06 -1.26
CA ARG C 252 -35.52 49.59 -2.46
C ARG C 252 -36.17 50.13 -3.72
N PHE C 253 -37.50 50.21 -3.73
CA PHE C 253 -38.20 50.79 -4.87
C PHE C 253 -37.84 52.26 -5.05
N ARG C 254 -37.77 53.01 -3.95
CA ARG C 254 -37.32 54.40 -4.03
C ARG C 254 -35.91 54.49 -4.59
N LEU C 255 -35.02 53.61 -4.12
CA LEU C 255 -33.63 53.70 -4.55
C LEU C 255 -33.47 53.35 -6.03
N ASP C 256 -34.11 52.26 -6.47
CA ASP C 256 -34.03 51.89 -7.88
C ASP C 256 -34.77 52.88 -8.76
N GLN C 257 -36.00 53.23 -8.38
CA GLN C 257 -36.83 54.11 -9.20
C GLN C 257 -36.74 55.56 -8.76
N ASP C 258 -35.67 55.93 -8.04
CA ASP C 258 -35.34 57.33 -7.79
C ASP C 258 -36.46 58.06 -7.07
N ASP C 259 -37.13 57.35 -6.16
CA ASP C 259 -38.23 57.91 -5.36
C ASP C 259 -39.36 58.46 -6.23
N ALA C 260 -39.47 57.97 -7.46
CA ALA C 260 -40.44 58.49 -8.42
C ALA C 260 -41.78 57.78 -8.34
N LEU C 261 -42.02 56.96 -7.33
CA LEU C 261 -43.27 56.25 -7.18
C LEU C 261 -44.17 56.97 -6.18
N SER C 262 -45.41 57.22 -6.57
CA SER C 262 -46.43 57.76 -5.68
C SER C 262 -47.09 56.59 -4.97
N ILE C 263 -46.78 56.41 -3.69
CA ILE C 263 -47.14 55.22 -2.94
C ILE C 263 -48.30 55.55 -2.02
N ALA C 264 -49.37 54.78 -2.13
CA ALA C 264 -50.54 54.90 -1.24
C ALA C 264 -50.65 53.62 -0.43
N VAL C 265 -50.64 53.75 0.88
CA VAL C 265 -50.69 52.62 1.80
C VAL C 265 -51.88 52.81 2.73
N ILE C 266 -52.71 51.77 2.85
CA ILE C 266 -53.86 51.78 3.74
C ILE C 266 -53.87 50.46 4.49
N SER C 267 -54.02 50.53 5.82
CA SER C 267 -54.07 49.35 6.66
C SER C 267 -55.37 49.32 7.45
N ILE C 268 -55.96 48.13 7.55
CA ILE C 268 -57.19 47.91 8.32
C ILE C 268 -56.88 46.91 9.42
N ASP C 269 -57.23 47.27 10.65
CA ASP C 269 -57.09 46.40 11.80
C ASP C 269 -58.43 46.34 12.55
N PRO C 270 -58.83 45.15 12.99
CA PRO C 270 -60.10 45.02 13.69
C PRO C 270 -60.15 45.78 15.00
N SER C 271 -61.32 46.32 15.31
CA SER C 271 -61.57 47.01 16.57
C SER C 271 -61.90 45.98 17.64
N ARG C 272 -61.58 46.33 18.89
CA ARG C 272 -61.90 45.45 19.99
C ARG C 272 -63.42 45.35 20.14
N ARG C 273 -63.94 44.13 19.99
CA ARG C 273 -65.39 43.95 19.98
C ARG C 273 -66.01 44.39 21.30
N LYS C 274 -65.28 44.23 22.41
CA LYS C 274 -65.78 44.69 23.70
C LYS C 274 -65.59 46.19 23.86
N SER C 275 -64.33 46.66 23.70
CA SER C 275 -64.04 48.07 23.90
C SER C 275 -64.73 48.94 22.85
N GLY C 276 -64.79 48.48 21.60
CA GLY C 276 -65.31 49.24 20.50
C GLY C 276 -64.25 49.96 19.68
N GLY C 277 -63.07 50.16 20.23
CA GLY C 277 -61.96 50.76 19.52
C GLY C 277 -60.85 49.77 19.28
N ALA C 278 -59.70 50.29 18.84
CA ALA C 278 -58.53 49.46 18.60
C ALA C 278 -57.28 50.30 18.77
N LEU C 279 -56.16 49.61 18.99
CA LEU C 279 -54.84 50.23 19.09
C LEU C 279 -54.13 49.93 17.78
N LEU C 280 -53.96 50.95 16.94
CA LEU C 280 -53.37 50.78 15.61
C LEU C 280 -51.86 50.76 15.74
N GLY C 281 -51.35 49.61 16.19
CA GLY C 281 -49.91 49.45 16.38
C GLY C 281 -49.19 48.87 15.18
N ASP C 282 -49.39 49.48 14.02
CA ASP C 282 -48.68 49.05 12.82
C ASP C 282 -47.98 50.18 12.09
N ARG C 283 -48.53 51.41 12.14
CA ARG C 283 -47.90 52.52 11.46
C ARG C 283 -46.59 52.94 12.14
N ILE C 284 -46.46 52.67 13.43
CA ILE C 284 -45.24 53.03 14.15
C ILE C 284 -44.02 52.34 13.54
N ARG C 285 -44.21 51.15 12.98
CA ARG C 285 -43.12 50.47 12.28
C ARG C 285 -42.89 50.98 10.87
N MET C 286 -43.76 51.86 10.37
CA MET C 286 -43.61 52.41 9.02
C MET C 286 -42.71 53.63 9.09
N ASN C 287 -41.60 53.59 8.36
CA ASN C 287 -40.64 54.68 8.35
C ASN C 287 -40.16 55.09 6.96
N ALA C 288 -40.43 54.29 5.94
CA ALA C 288 -40.03 54.60 4.57
C ALA C 288 -40.99 55.55 3.88
N ILE C 289 -41.82 56.26 4.64
CA ILE C 289 -42.79 57.19 4.08
C ILE C 289 -42.19 58.59 4.02
N ASN C 290 -40.87 58.67 4.15
CA ASN C 290 -40.17 59.96 4.10
C ASN C 290 -40.18 60.45 2.67
N HIS C 291 -41.37 60.85 2.22
CA HIS C 291 -41.63 61.28 0.86
C HIS C 291 -42.95 62.03 0.84
N PRO C 292 -42.98 63.26 0.30
CA PRO C 292 -44.26 63.96 0.22
C PRO C 292 -45.29 63.25 -0.63
N ASN C 293 -44.85 62.46 -1.60
CA ASN C 293 -45.75 61.74 -2.50
C ASN C 293 -46.14 60.36 -1.99
N ILE C 294 -45.63 59.95 -0.84
CA ILE C 294 -45.99 58.67 -0.22
C ILE C 294 -46.92 58.96 0.95
N PHE C 295 -48.09 58.32 0.92
CA PHE C 295 -49.13 58.55 1.93
C PHE C 295 -49.53 57.23 2.57
N MET C 296 -49.80 57.27 3.87
CA MET C 296 -50.23 56.11 4.63
C MET C 296 -51.48 56.47 5.42
N ARG C 297 -52.47 55.59 5.37
CA ARG C 297 -53.72 55.78 6.11
C ARG C 297 -53.99 54.55 6.97
N SER C 298 -54.35 54.78 8.23
CA SER C 298 -54.68 53.71 9.16
C SER C 298 -56.13 53.83 9.56
N LEU C 299 -56.91 52.76 9.34
CA LEU C 299 -58.33 52.76 9.62
C LEU C 299 -58.75 51.45 10.25
N ALA C 300 -59.91 51.47 10.91
CA ALA C 300 -60.47 50.29 11.56
C ALA C 300 -61.51 49.64 10.66
N THR C 301 -61.88 48.40 11.01
CA THR C 301 -62.91 47.70 10.26
C THR C 301 -64.26 48.40 10.37
N ARG C 302 -64.59 48.91 11.56
CA ARG C 302 -65.89 49.52 11.84
C ARG C 302 -67.04 48.60 11.47
N GLU C 303 -66.80 47.29 11.53
CA GLU C 303 -67.81 46.29 11.26
C GLU C 303 -67.83 45.29 12.40
N ALA C 304 -68.99 45.15 13.04
CA ALA C 304 -69.09 44.31 14.23
C ALA C 304 -68.81 42.85 13.90
N GLY C 305 -69.33 42.37 12.78
CA GLY C 305 -69.15 40.98 12.41
C GLY C 305 -67.99 40.76 11.47
N SER C 306 -67.80 41.70 10.52
CA SER C 306 -66.71 41.58 9.56
C SER C 306 -65.44 42.19 10.12
N GLU C 307 -64.32 41.54 9.83
CA GLU C 307 -63.01 42.00 10.28
C GLU C 307 -62.43 43.06 9.35
N ILE C 308 -63.11 43.37 8.25
CA ILE C 308 -62.65 44.35 7.28
C ILE C 308 -63.74 45.40 7.09
N SER C 309 -63.33 46.55 6.57
CA SER C 309 -64.29 47.61 6.28
C SER C 309 -65.15 47.25 5.07
N GLN C 310 -66.40 47.69 5.08
CA GLN C 310 -67.31 47.41 3.98
C GLN C 310 -67.16 48.38 2.82
N ALA C 311 -66.40 49.46 2.98
CA ALA C 311 -66.20 50.46 1.94
C ALA C 311 -64.81 50.37 1.31
N LEU C 312 -64.15 49.22 1.43
CA LEU C 312 -62.82 49.07 0.87
C LEU C 312 -62.75 49.30 -0.64
N PRO C 313 -63.61 48.71 -1.47
CA PRO C 313 -63.52 49.00 -2.91
C PRO C 313 -63.70 50.47 -3.24
N ASP C 314 -64.51 51.20 -2.48
CA ASP C 314 -64.67 52.63 -2.72
C ASP C 314 -63.38 53.38 -2.43
N VAL C 315 -62.68 53.02 -1.36
CA VAL C 315 -61.39 53.65 -1.05
C VAL C 315 -60.36 53.30 -2.11
N ILE C 316 -60.38 52.06 -2.60
CA ILE C 316 -59.51 51.68 -3.71
C ILE C 316 -59.81 52.53 -4.94
N ALA C 317 -61.09 52.76 -5.22
CA ALA C 317 -61.48 53.60 -6.33
C ALA C 317 -60.98 55.03 -6.15
N ALA C 318 -61.09 55.55 -4.93
CA ALA C 318 -60.57 56.89 -4.64
C ALA C 318 -59.06 56.95 -4.89
N CYS C 319 -58.33 55.92 -4.44
CA CYS C 319 -56.89 55.89 -4.64
C CYS C 319 -56.53 55.84 -6.13
N LYS C 320 -57.25 55.04 -6.91
CA LYS C 320 -56.98 54.98 -8.35
C LYS C 320 -57.29 56.31 -9.02
N ALA C 321 -58.45 56.90 -8.72
CA ALA C 321 -58.83 58.15 -9.37
C ALA C 321 -58.03 59.34 -8.86
N ALA C 322 -57.36 59.21 -7.71
CA ALA C 322 -56.48 60.26 -7.21
C ALA C 322 -55.12 60.27 -7.90
N ARG C 323 -54.98 59.54 -9.00
CA ARG C 323 -53.73 59.49 -9.77
C ARG C 323 -52.57 59.02 -8.91
N PHE C 324 -52.83 58.02 -8.06
CA PHE C 324 -51.79 57.41 -7.25
C PHE C 324 -51.19 56.22 -8.00
N ASP C 325 -49.86 56.26 -8.19
CA ASP C 325 -49.18 55.28 -9.03
C ASP C 325 -49.27 53.87 -8.50
N LEU C 326 -49.13 53.67 -7.19
CA LEU C 326 -49.21 52.34 -6.62
C LEU C 326 -49.94 52.43 -5.29
N VAL C 327 -50.85 51.48 -5.05
CA VAL C 327 -51.68 51.44 -3.86
C VAL C 327 -51.32 50.19 -3.08
N ILE C 328 -51.15 50.34 -1.77
CA ILE C 328 -50.77 49.24 -0.88
C ILE C 328 -51.84 49.08 0.18
N VAL C 329 -52.26 47.84 0.41
CA VAL C 329 -53.31 47.51 1.36
C VAL C 329 -52.80 46.44 2.30
N GLU C 330 -52.98 46.66 3.60
CA GLU C 330 -52.73 45.64 4.62
C GLU C 330 -54.06 45.12 5.12
N THR C 331 -54.23 43.81 5.09
CA THR C 331 -55.48 43.17 5.50
C THR C 331 -55.54 43.08 7.02
N SER C 332 -56.73 42.79 7.53
CA SER C 332 -56.96 42.63 8.95
C SER C 332 -56.85 41.15 9.32
N GLY C 333 -57.31 40.79 10.51
CA GLY C 333 -57.31 39.40 10.94
C GLY C 333 -57.98 38.47 9.95
N ILE C 334 -57.34 37.34 9.68
CA ILE C 334 -57.82 36.40 8.68
C ILE C 334 -58.11 35.06 9.37
N GLY C 335 -58.79 34.17 8.65
CA GLY C 335 -59.10 32.85 9.16
C GLY C 335 -58.44 31.74 8.36
N GLN C 336 -59.25 30.79 7.88
CA GLN C 336 -58.73 29.68 7.09
C GLN C 336 -59.12 29.80 5.62
N GLY C 337 -60.41 29.96 5.34
CA GLY C 337 -60.92 29.91 3.99
C GLY C 337 -61.33 31.22 3.36
N ASP C 338 -61.31 32.33 4.10
CA ASP C 338 -61.75 33.60 3.54
C ASP C 338 -60.71 34.15 2.58
N ALA C 339 -61.17 34.51 1.38
CA ALA C 339 -60.33 35.10 0.35
C ALA C 339 -61.06 36.27 -0.31
N ALA C 340 -61.69 37.11 0.51
CA ALA C 340 -62.55 38.18 0.00
C ALA C 340 -61.80 39.29 -0.70
N ILE C 341 -60.58 39.62 -0.25
CA ILE C 341 -59.84 40.72 -0.82
C ILE C 341 -59.19 40.37 -2.16
N VAL C 342 -58.96 39.09 -2.43
CA VAL C 342 -58.28 38.70 -3.67
C VAL C 342 -59.02 39.17 -4.91
N PRO C 343 -60.35 38.98 -5.05
CA PRO C 343 -61.06 39.59 -6.17
C PRO C 343 -61.08 41.12 -6.11
N HIS C 344 -60.90 41.71 -4.94
CA HIS C 344 -60.85 43.16 -4.81
C HIS C 344 -59.46 43.74 -5.10
N VAL C 345 -58.48 42.90 -5.37
CA VAL C 345 -57.13 43.35 -5.69
C VAL C 345 -56.69 42.70 -7.01
N ASP C 346 -55.72 43.33 -7.66
CA ASP C 346 -55.16 42.80 -8.89
C ASP C 346 -54.23 41.61 -8.67
N LEU C 347 -53.50 41.58 -7.56
CA LEU C 347 -52.57 40.49 -7.25
C LEU C 347 -52.69 40.16 -5.78
N SER C 348 -52.32 38.94 -5.42
CA SER C 348 -52.46 38.43 -4.07
C SER C 348 -51.10 38.06 -3.48
N LEU C 349 -50.87 38.44 -2.23
CA LEU C 349 -49.63 38.13 -1.52
C LEU C 349 -49.99 37.70 -0.11
N TYR C 350 -49.42 36.58 0.33
CA TYR C 350 -49.61 36.10 1.69
C TYR C 350 -48.27 36.03 2.42
N VAL C 351 -48.31 36.24 3.73
CA VAL C 351 -47.13 36.17 4.59
C VAL C 351 -47.37 35.10 5.65
N MET C 352 -46.39 34.21 5.83
CA MET C 352 -46.47 33.13 6.80
C MET C 352 -45.18 33.09 7.63
N THR C 353 -45.18 32.19 8.61
CA THR C 353 -44.09 31.99 9.56
C THR C 353 -43.73 30.50 9.64
N PRO C 354 -42.49 30.17 10.04
CA PRO C 354 -42.08 28.76 10.05
C PRO C 354 -42.92 27.86 10.96
N GLU C 355 -43.48 28.38 12.04
CA GLU C 355 -44.31 27.57 12.92
C GLU C 355 -45.67 27.37 12.24
N PHE C 356 -46.03 26.11 11.98
CA PHE C 356 -47.27 25.81 11.30
C PHE C 356 -48.02 24.60 11.87
N GLY C 357 -47.53 24.00 12.96
CA GLY C 357 -48.14 22.78 13.45
C GLY C 357 -48.03 21.66 12.44
N ALA C 358 -49.11 20.92 12.23
CA ALA C 358 -49.12 19.86 11.24
C ALA C 358 -49.17 20.44 9.82
N ALA C 359 -48.70 19.64 8.86
CA ALA C 359 -48.75 20.06 7.46
C ALA C 359 -50.14 19.94 6.88
N SER C 360 -51.07 19.27 7.56
CA SER C 360 -52.43 19.15 7.07
C SER C 360 -53.18 20.47 7.12
N GLN C 361 -52.69 21.44 7.89
CA GLN C 361 -53.38 22.72 8.00
C GLN C 361 -53.40 23.46 6.68
N LEU C 362 -52.53 23.08 5.74
CA LEU C 362 -52.57 23.65 4.40
C LEU C 362 -53.88 23.34 3.70
N GLU C 363 -54.56 22.24 4.07
CA GLU C 363 -55.87 21.96 3.54
C GLU C 363 -56.94 22.89 4.12
N LYS C 364 -56.65 23.51 5.28
CA LYS C 364 -57.53 24.51 5.85
C LYS C 364 -57.40 25.87 5.22
N ILE C 365 -56.24 26.20 4.66
CA ILE C 365 -56.00 27.53 4.09
C ILE C 365 -56.47 27.53 2.65
N ASP C 366 -57.76 27.81 2.44
CA ASP C 366 -58.28 27.90 1.09
C ASP C 366 -57.69 29.07 0.33
N MET C 367 -57.34 30.15 1.04
CA MET C 367 -56.69 31.29 0.41
C MET C 367 -55.32 30.93 -0.15
N LEU C 368 -54.65 29.93 0.43
CA LEU C 368 -53.40 29.42 -0.12
C LEU C 368 -53.56 28.91 -1.55
N ASP C 369 -54.72 28.35 -1.87
CA ASP C 369 -54.97 27.92 -3.24
C ASP C 369 -55.07 29.10 -4.21
N PHE C 370 -55.28 30.31 -3.68
CA PHE C 370 -55.47 31.48 -4.51
C PHE C 370 -54.43 32.58 -4.32
N ALA C 371 -53.53 32.44 -3.34
CA ALA C 371 -52.52 33.47 -3.13
C ALA C 371 -51.54 33.50 -4.29
N ASP C 372 -51.50 34.62 -5.00
CA ASP C 372 -50.58 34.77 -6.13
C ASP C 372 -49.13 34.74 -5.68
N PHE C 373 -48.83 35.32 -4.52
CA PHE C 373 -47.50 35.27 -3.95
C PHE C 373 -47.60 34.91 -2.48
N VAL C 374 -46.56 34.25 -1.96
CA VAL C 374 -46.50 33.85 -0.56
C VAL C 374 -45.10 34.17 -0.04
N ALA C 375 -45.01 34.62 1.21
CA ALA C 375 -43.74 34.93 1.85
C ALA C 375 -43.71 34.25 3.21
N ILE C 376 -42.56 33.66 3.55
CA ILE C 376 -42.37 33.00 4.84
C ILE C 376 -41.51 33.93 5.71
N ASN C 377 -42.18 34.74 6.52
CA ASN C 377 -41.47 35.70 7.36
C ASN C 377 -40.74 34.99 8.51
N LYS C 378 -39.71 35.65 9.02
CA LYS C 378 -38.92 35.16 10.15
C LYS C 378 -38.31 33.80 9.86
N PHE C 379 -37.40 33.78 8.90
CA PHE C 379 -36.61 32.63 8.47
C PHE C 379 -35.65 32.15 9.54
N ASP C 380 -35.66 32.83 10.68
CA ASP C 380 -34.71 32.55 11.76
C ASP C 380 -34.97 31.23 12.45
N ARG C 381 -36.23 30.82 12.59
CA ARG C 381 -36.56 29.61 13.34
C ARG C 381 -36.16 28.37 12.57
N LYS C 382 -35.91 27.29 13.32
CA LYS C 382 -35.54 26.02 12.72
C LYS C 382 -36.71 25.40 11.98
N GLY C 383 -36.40 24.52 11.04
CA GLY C 383 -37.40 23.85 10.25
C GLY C 383 -37.96 24.68 9.10
N ALA C 384 -37.49 25.91 8.95
CA ALA C 384 -38.01 26.77 7.87
C ALA C 384 -37.59 26.24 6.50
N GLN C 385 -36.42 25.63 6.40
CA GLN C 385 -35.97 25.10 5.11
C GLN C 385 -36.77 23.87 4.70
N ASP C 386 -36.98 22.94 5.63
CA ASP C 386 -37.87 21.83 5.36
C ASP C 386 -39.30 22.33 5.14
N ALA C 387 -39.68 23.41 5.80
CA ALA C 387 -40.97 24.04 5.53
C ALA C 387 -41.05 24.51 4.07
N TRP C 388 -39.97 25.14 3.57
CA TRP C 388 -39.92 25.51 2.16
C TRP C 388 -40.09 24.29 1.29
N ARG C 389 -39.34 23.23 1.56
CA ARG C 389 -39.41 22.03 0.74
C ARG C 389 -40.84 21.50 0.69
N ASP C 390 -41.46 21.35 1.86
CA ASP C 390 -42.78 20.72 1.92
C ASP C 390 -43.85 21.62 1.32
N VAL C 391 -43.80 22.92 1.59
CA VAL C 391 -44.80 23.84 1.05
C VAL C 391 -44.64 23.96 -0.46
N ALA C 392 -43.39 23.96 -0.94
CA ALA C 392 -43.16 23.99 -2.38
C ALA C 392 -43.73 22.75 -3.04
N LYS C 393 -43.52 21.58 -2.43
CA LYS C 393 -44.13 20.36 -2.97
C LYS C 393 -45.65 20.44 -2.95
N GLN C 394 -46.21 20.97 -1.86
CA GLN C 394 -47.66 21.06 -1.74
C GLN C 394 -48.26 21.98 -2.80
N VAL C 395 -47.64 23.13 -3.02
CA VAL C 395 -48.15 24.06 -4.04
C VAL C 395 -47.89 23.50 -5.44
N GLN C 396 -46.79 22.76 -5.61
CA GLN C 396 -46.57 22.05 -6.86
C GLN C 396 -47.73 21.11 -7.17
N ARG C 397 -48.16 20.36 -6.15
CA ARG C 397 -49.33 19.50 -6.33
C ARG C 397 -50.60 20.32 -6.54
N ASN C 398 -50.69 21.48 -5.88
CA ASN C 398 -51.83 22.37 -6.08
C ASN C 398 -51.95 22.78 -7.53
N ARG C 399 -50.83 23.13 -8.17
CA ARG C 399 -50.82 23.44 -9.58
C ARG C 399 -50.63 22.20 -10.44
N GLU C 400 -50.35 21.05 -9.84
CA GLU C 400 -50.19 19.79 -10.55
C GLU C 400 -49.10 19.87 -11.61
N GLN C 401 -48.09 20.70 -11.37
CA GLN C 401 -46.99 20.87 -12.32
C GLN C 401 -45.81 19.99 -11.91
N TRP C 402 -46.05 18.68 -11.93
CA TRP C 402 -44.99 17.74 -11.59
C TRP C 402 -43.80 17.86 -12.54
N HIS C 403 -44.03 18.39 -13.74
CA HIS C 403 -42.95 18.68 -14.67
C HIS C 403 -42.15 19.92 -14.29
N SER C 404 -42.62 20.70 -13.32
CA SER C 404 -41.92 21.89 -12.87
C SER C 404 -41.14 21.60 -11.59
N ARG C 405 -40.26 22.53 -11.24
CA ARG C 405 -39.46 22.39 -10.03
C ARG C 405 -40.08 23.19 -8.90
N ALA C 406 -40.26 22.53 -7.76
CA ALA C 406 -40.96 23.15 -6.64
C ALA C 406 -40.16 24.29 -6.02
N GLU C 407 -38.83 24.16 -6.00
CA GLU C 407 -38.00 25.27 -5.52
C GLU C 407 -38.07 26.49 -6.41
N ASP C 408 -38.47 26.32 -7.68
CA ASP C 408 -38.63 27.42 -8.60
C ASP C 408 -39.91 28.22 -8.36
N MET C 409 -40.81 27.71 -7.52
CA MET C 409 -42.06 28.42 -7.27
C MET C 409 -41.79 29.76 -6.62
N PRO C 410 -42.60 30.79 -6.95
CA PRO C 410 -42.35 32.16 -6.49
C PRO C 410 -42.74 32.41 -5.03
N VAL C 411 -42.21 31.59 -4.14
CA VAL C 411 -42.41 31.75 -2.70
C VAL C 411 -41.05 31.68 -2.04
N TYR C 412 -40.74 32.68 -1.20
CA TYR C 412 -39.42 32.78 -0.58
C TYR C 412 -39.57 32.82 0.94
N GLY C 413 -38.65 32.15 1.62
CA GLY C 413 -38.56 32.20 3.06
C GLY C 413 -37.71 33.39 3.47
N THR C 414 -38.23 34.19 4.39
CA THR C 414 -37.66 35.49 4.71
C THR C 414 -37.55 35.69 6.21
N GLN C 415 -36.64 36.58 6.60
CA GLN C 415 -36.40 36.91 8.01
C GLN C 415 -36.33 38.42 8.11
N ALA C 416 -37.29 39.01 8.82
CA ALA C 416 -37.40 40.47 8.91
C ALA C 416 -36.29 41.11 9.74
N SER C 417 -35.71 40.36 10.68
CA SER C 417 -34.80 40.99 11.64
C SER C 417 -33.40 41.20 11.06
N ARG C 418 -33.12 40.67 9.87
CA ARG C 418 -31.79 40.78 9.29
C ARG C 418 -31.77 41.85 8.20
N PHE C 419 -30.81 42.77 8.31
CA PHE C 419 -30.65 43.82 7.31
C PHE C 419 -30.05 43.27 6.04
N ASN C 420 -30.32 43.97 4.93
CA ASN C 420 -29.70 43.68 3.63
C ASN C 420 -29.91 42.23 3.21
N ASP C 421 -31.07 41.67 3.55
CA ASP C 421 -31.32 40.27 3.23
C ASP C 421 -31.53 40.09 1.73
N ASP C 422 -30.88 39.07 1.18
CA ASP C 422 -30.98 38.82 -0.25
C ASP C 422 -32.39 38.38 -0.64
N GLY C 423 -33.11 37.73 0.28
CA GLY C 423 -34.46 37.27 -0.04
C GLY C 423 -35.40 38.41 -0.38
N VAL C 424 -35.24 39.55 0.29
CA VAL C 424 -36.04 40.71 -0.06
C VAL C 424 -35.74 41.16 -1.48
N THR C 425 -34.46 41.13 -1.87
CA THR C 425 -34.09 41.45 -3.24
C THR C 425 -34.72 40.48 -4.21
N MET C 426 -34.73 39.19 -3.87
CA MET C 426 -35.31 38.19 -4.74
C MET C 426 -36.81 38.41 -4.91
N LEU C 427 -37.50 38.71 -3.81
CA LEU C 427 -38.93 38.97 -3.88
C LEU C 427 -39.22 40.23 -4.69
N TYR C 428 -38.43 41.27 -4.49
CA TYR C 428 -38.60 42.49 -5.27
C TYR C 428 -38.36 42.23 -6.75
N GLN C 429 -37.36 41.42 -7.07
CA GLN C 429 -37.07 41.08 -8.45
C GLN C 429 -38.21 40.29 -9.08
N GLY C 430 -38.74 39.31 -8.35
CA GLY C 430 -39.90 38.58 -8.85
C GLY C 430 -41.11 39.47 -9.04
N LEU C 431 -41.30 40.42 -8.12
CA LEU C 431 -42.42 41.35 -8.25
C LEU C 431 -42.24 42.27 -9.44
N VAL C 432 -41.00 42.69 -9.72
CA VAL C 432 -40.73 43.50 -10.90
C VAL C 432 -41.06 42.70 -12.16
N GLY C 433 -40.63 41.44 -12.19
CA GLY C 433 -40.99 40.58 -13.32
C GLY C 433 -42.48 40.43 -13.46
N ALA C 434 -43.20 40.29 -12.34
CA ALA C 434 -44.65 40.17 -12.39
C ALA C 434 -45.30 41.44 -12.91
N LEU C 435 -44.82 42.61 -12.45
CA LEU C 435 -45.34 43.88 -12.93
C LEU C 435 -45.13 44.02 -14.43
N GLY C 436 -43.94 43.68 -14.91
CA GLY C 436 -43.73 43.64 -16.35
C GLY C 436 -44.72 42.70 -17.02
N ALA C 437 -44.98 41.55 -16.39
CA ALA C 437 -46.01 40.65 -16.88
C ALA C 437 -47.42 41.20 -16.64
N ARG C 438 -47.57 42.04 -15.62
CA ARG C 438 -48.86 42.64 -15.30
C ARG C 438 -49.14 43.90 -16.10
N GLY C 439 -48.44 44.07 -17.22
CA GLY C 439 -48.60 45.24 -18.05
C GLY C 439 -48.24 46.51 -17.32
N MET C 440 -47.20 46.45 -16.49
CA MET C 440 -46.72 47.60 -15.72
C MET C 440 -45.34 47.97 -16.25
N SER C 441 -45.30 48.95 -17.15
CA SER C 441 -44.03 49.48 -17.63
C SER C 441 -43.44 50.42 -16.58
N LEU C 442 -42.14 50.27 -16.32
CA LEU C 442 -41.50 51.05 -15.26
C LEU C 442 -40.07 51.40 -15.67
N LYS C 443 -39.45 52.27 -14.88
CA LYS C 443 -38.06 52.64 -15.13
C LYS C 443 -37.16 51.41 -15.00
N PRO C 444 -36.13 51.32 -15.84
CA PRO C 444 -35.28 50.13 -15.83
C PRO C 444 -34.54 50.00 -14.50
N GLY C 445 -34.26 48.76 -14.12
CA GLY C 445 -33.56 48.51 -12.88
C GLY C 445 -32.18 49.13 -12.87
N THR C 446 -31.92 49.89 -11.81
CA THR C 446 -30.63 50.53 -11.61
C THR C 446 -29.77 49.77 -10.63
N LEU C 447 -30.14 48.56 -10.28
CA LEU C 447 -29.57 47.70 -9.26
C LEU C 447 -29.13 46.37 -9.87
N PRO C 448 -28.19 45.67 -9.23
CA PRO C 448 -27.75 44.38 -9.76
C PRO C 448 -28.88 43.35 -9.75
N ASN C 449 -28.86 42.48 -10.76
CA ASN C 449 -29.79 41.35 -10.81
C ASN C 449 -29.29 40.25 -9.90
N LEU C 450 -29.67 40.29 -8.63
CA LEU C 450 -29.23 39.26 -7.69
C LEU C 450 -29.96 37.95 -7.98
N GLU C 451 -29.24 36.85 -7.79
CA GLU C 451 -29.74 35.52 -8.12
C GLU C 451 -30.08 34.73 -6.86
N GLY C 452 -30.95 33.74 -7.04
CA GLY C 452 -31.39 32.89 -5.97
C GLY C 452 -32.85 33.13 -5.62
N ARG C 453 -33.40 32.20 -4.84
CA ARG C 453 -34.76 32.30 -4.35
C ARG C 453 -34.88 32.21 -2.83
N ILE C 454 -33.95 31.58 -2.15
CA ILE C 454 -33.98 31.42 -0.70
C ILE C 454 -33.00 32.39 -0.08
N SER C 455 -33.44 33.10 0.95
CA SER C 455 -32.54 33.95 1.71
C SER C 455 -31.38 33.12 2.23
N THR C 456 -30.16 33.59 1.95
CA THR C 456 -28.95 32.89 2.34
C THR C 456 -28.58 33.14 3.79
N GLY C 457 -29.15 34.16 4.41
CA GLY C 457 -28.88 34.44 5.81
C GLY C 457 -27.43 34.77 6.10
N GLN C 458 -26.63 35.06 5.09
CA GLN C 458 -25.23 35.40 5.34
C GLN C 458 -25.14 36.77 5.99
N ASN C 459 -23.91 37.16 6.34
CA ASN C 459 -23.64 38.33 7.16
C ASN C 459 -24.27 38.20 8.55
N VAL C 460 -24.65 36.97 8.90
CA VAL C 460 -25.17 36.68 10.23
C VAL C 460 -24.02 36.86 11.22
N ILE C 461 -24.26 37.67 12.24
CA ILE C 461 -23.17 38.08 13.12
C ILE C 461 -22.64 36.89 13.92
N VAL C 462 -23.54 36.00 14.35
CA VAL C 462 -23.19 34.92 15.27
C VAL C 462 -23.31 33.60 14.52
N PRO C 463 -22.25 32.79 14.48
CA PRO C 463 -22.41 31.40 14.06
C PRO C 463 -23.29 30.65 15.04
N PRO C 464 -24.40 30.07 14.56
CA PRO C 464 -25.35 29.45 15.50
C PRO C 464 -24.77 28.33 16.31
N ALA C 465 -23.70 27.69 15.83
CA ALA C 465 -23.08 26.60 16.59
C ALA C 465 -22.55 27.09 17.94
N ARG C 466 -22.02 28.31 17.97
CA ARG C 466 -21.37 28.80 19.18
C ARG C 466 -22.28 29.69 20.01
N SER C 467 -23.59 29.63 19.78
CA SER C 467 -24.55 30.47 20.49
C SER C 467 -24.47 30.27 22.02
N ARG C 468 -24.49 29.02 22.46
CA ARG C 468 -24.54 28.73 23.90
C ARG C 468 -23.13 28.65 24.50
N TYR C 469 -22.42 29.77 24.57
CA TYR C 469 -21.06 29.73 25.10
C TYR C 469 -21.01 29.93 26.60
N LEU C 470 -22.01 30.61 27.17
CA LEU C 470 -21.98 30.90 28.61
C LEU C 470 -21.94 29.62 29.43
N ALA C 471 -22.80 28.65 29.10
CA ALA C 471 -22.81 27.39 29.82
C ALA C 471 -21.50 26.65 29.64
N GLU C 472 -20.94 26.66 28.43
CA GLU C 472 -19.67 25.97 28.20
C GLU C 472 -18.55 26.58 29.04
N LEU C 473 -18.49 27.90 29.11
CA LEU C 473 -17.43 28.53 29.88
C LEU C 473 -17.64 28.34 31.38
N ALA C 474 -18.89 28.33 31.83
CA ALA C 474 -19.17 28.02 33.23
C ALA C 474 -18.70 26.61 33.56
N ASP C 475 -18.97 25.66 32.67
CA ASP C 475 -18.51 24.29 32.90
C ASP C 475 -17.00 24.19 32.82
N THR C 476 -16.37 25.03 32.00
CA THR C 476 -14.91 25.07 31.96
C THR C 476 -14.35 25.54 33.30
N VAL C 477 -14.97 26.56 33.88
CA VAL C 477 -14.59 27.02 35.22
C VAL C 477 -14.78 25.90 36.23
N ARG C 478 -15.90 25.18 36.13
CA ARG C 478 -16.15 24.05 37.01
C ARG C 478 -15.07 22.97 36.85
N ALA C 479 -14.67 22.71 35.61
CA ALA C 479 -13.63 21.71 35.35
C ALA C 479 -12.30 22.14 35.94
N TYR C 480 -11.96 23.42 35.82
CA TYR C 480 -10.75 23.92 36.47
C TYR C 480 -10.84 23.74 37.97
N HIS C 481 -12.01 24.04 38.56
CA HIS C 481 -12.19 23.83 39.99
C HIS C 481 -11.98 22.37 40.35
N ARG C 482 -12.56 21.46 39.58
CA ARG C 482 -12.44 20.04 39.86
C ARG C 482 -11.00 19.58 39.77
N ARG C 483 -10.28 20.02 38.73
CA ARG C 483 -8.88 19.63 38.59
C ARG C 483 -8.04 20.20 39.71
N VAL C 484 -8.30 21.45 40.12
CA VAL C 484 -7.56 22.05 41.22
C VAL C 484 -7.80 21.28 42.50
N VAL C 485 -9.05 20.91 42.76
CA VAL C 485 -9.37 20.13 43.95
C VAL C 485 -8.66 18.79 43.91
N ALA C 486 -8.67 18.12 42.75
CA ALA C 486 -8.01 16.84 42.62
C ALA C 486 -6.51 16.97 42.87
N GLN C 487 -5.89 18.00 42.31
CA GLN C 487 -4.45 18.19 42.50
C GLN C 487 -4.10 18.52 43.95
N SER C 488 -4.90 19.36 44.60
CA SER C 488 -4.66 19.66 46.00
C SER C 488 -4.83 18.41 46.86
N LYS C 489 -5.83 17.58 46.55
CA LYS C 489 -6.01 16.33 47.27
C LYS C 489 -4.82 15.40 47.07
N LEU C 490 -4.33 15.29 45.83
CA LEU C 490 -3.16 14.47 45.58
C LEU C 490 -1.94 14.99 46.33
N ALA C 491 -1.77 16.32 46.35
CA ALA C 491 -0.65 16.91 47.06
C ALA C 491 -0.74 16.62 48.56
N ARG C 492 -1.92 16.75 49.14
CA ARG C 492 -2.07 16.47 50.56
C ARG C 492 -1.82 15.00 50.87
N GLU C 493 -2.32 14.11 50.02
CA GLU C 493 -2.08 12.68 50.20
C GLU C 493 -0.59 12.37 50.13
N ARG C 494 0.09 12.88 49.10
CA ARG C 494 1.51 12.62 48.96
C ARG C 494 2.31 13.23 50.11
N GLN C 495 1.89 14.39 50.61
CA GLN C 495 2.60 15.04 51.70
C GLN C 495 2.44 14.25 53.00
N GLN C 496 1.22 13.83 53.32
CA GLN C 496 1.03 13.03 54.52
C GLN C 496 1.75 11.69 54.41
N LEU C 497 1.73 11.10 53.21
CA LEU C 497 2.45 9.85 53.01
C LEU C 497 3.95 10.04 53.18
N ARG C 498 4.48 11.16 52.66
CA ARG C 498 5.90 11.46 52.83
C ARG C 498 6.24 11.64 54.31
N ALA C 499 5.40 12.36 55.04
CA ALA C 499 5.63 12.57 56.47
C ALA C 499 5.62 11.24 57.22
N ALA C 500 4.64 10.38 56.92
CA ALA C 500 4.55 9.09 57.59
C ALA C 500 5.75 8.21 57.22
N HIS C 501 6.16 8.23 55.96
CA HIS C 501 7.32 7.45 55.53
C HIS C 501 8.59 7.92 56.23
N ASP C 502 8.81 9.23 56.30
CA ASP C 502 10.00 9.75 56.96
C ASP C 502 9.98 9.45 58.45
N MET C 503 8.81 9.55 59.08
CA MET C 503 8.70 9.19 60.50
C MET C 503 9.01 7.72 60.72
N LEU C 504 8.47 6.85 59.86
CA LEU C 504 8.65 5.41 60.05
C LEU C 504 10.03 4.95 59.58
N GLN C 505 10.52 5.50 58.47
CA GLN C 505 11.83 5.10 57.98
C GLN C 505 12.93 5.49 58.95
N GLY C 506 12.84 6.68 59.55
CA GLY C 506 13.80 7.08 60.56
C GLY C 506 13.56 6.45 61.92
N ALA C 507 12.43 5.78 62.12
CA ALA C 507 12.14 5.11 63.38
C ALA C 507 12.67 3.68 63.42
N GLY C 508 13.16 3.14 62.31
CA GLY C 508 13.76 1.82 62.26
C GLY C 508 12.90 0.77 61.57
N HIS C 509 11.60 1.03 61.43
CA HIS C 509 10.71 0.09 60.77
C HIS C 509 11.16 -0.14 59.34
N GLU C 510 11.25 -1.41 58.94
CA GLU C 510 11.73 -1.80 57.62
C GLU C 510 10.58 -2.41 56.82
N SER C 511 9.85 -1.56 56.10
CA SER C 511 8.78 -1.99 55.21
C SER C 511 9.07 -1.40 53.84
N ALA C 512 9.12 -2.26 52.83
CA ALA C 512 9.43 -1.81 51.47
C ALA C 512 8.28 -1.06 50.81
N ALA C 513 7.11 -1.03 51.44
CA ALA C 513 5.94 -0.45 50.78
C ALA C 513 5.91 1.06 50.85
N LEU C 514 6.69 1.68 51.74
CA LEU C 514 6.64 3.13 51.91
C LEU C 514 7.12 3.85 50.66
N GLU C 515 8.25 3.39 50.09
CA GLU C 515 8.76 4.03 48.87
C GLU C 515 7.79 3.87 47.71
N THR C 516 7.19 2.67 47.58
CA THR C 516 6.22 2.46 46.52
C THR C 516 4.99 3.35 46.71
N LEU C 517 4.52 3.47 47.95
CA LEU C 517 3.37 4.33 48.23
C LEU C 517 3.68 5.78 47.90
N ALA C 518 4.88 6.25 48.25
CA ALA C 518 5.27 7.62 47.93
C ALA C 518 5.34 7.83 46.41
N SER C 519 6.06 6.94 45.72
CA SER C 519 6.23 7.08 44.27
C SER C 519 4.91 6.94 43.52
N GLU C 520 3.93 6.22 44.08
CA GLU C 520 2.63 6.12 43.43
C GLU C 520 1.97 7.48 43.31
N ARG C 521 2.02 8.28 44.36
CA ARG C 521 1.49 9.64 44.33
C ARG C 521 2.43 10.63 43.66
N ASP C 522 3.74 10.32 43.61
CA ASP C 522 4.65 11.17 42.88
C ASP C 522 4.33 11.19 41.40
N VAL C 523 4.14 10.01 40.80
CA VAL C 523 3.74 9.93 39.40
C VAL C 523 2.33 10.45 39.21
N SER C 524 1.45 10.23 40.20
CA SER C 524 0.06 10.64 40.08
C SER C 524 -0.08 12.15 39.95
N LEU C 525 0.72 12.91 40.69
CA LEU C 525 0.65 14.36 40.61
C LEU C 525 1.02 14.82 39.20
N GLY C 526 0.25 15.75 38.66
CA GLY C 526 0.47 16.23 37.31
C GLY C 526 1.75 17.03 37.20
N ALA C 527 2.27 17.07 35.97
CA ALA C 527 3.55 17.73 35.71
C ALA C 527 3.47 19.23 35.96
N VAL C 528 2.38 19.87 35.55
CA VAL C 528 2.27 21.32 35.69
C VAL C 528 2.22 21.73 37.15
N GLU C 529 1.39 21.06 37.95
CA GLU C 529 1.34 21.35 39.37
C GLU C 529 2.64 20.96 40.06
N ARG C 530 3.30 19.90 39.58
CA ARG C 530 4.60 19.53 40.12
C ARG C 530 5.60 20.66 39.94
N LYS C 531 5.63 21.26 38.75
CA LYS C 531 6.46 22.43 38.53
C LYS C 531 6.04 23.60 39.42
N LEU C 532 4.73 23.85 39.54
CA LEU C 532 4.26 24.93 40.39
C LEU C 532 4.66 24.70 41.84
N LEU C 533 4.50 23.46 42.33
CA LEU C 533 4.94 23.15 43.69
C LEU C 533 6.46 23.17 43.80
N ALA C 534 7.16 22.84 42.71
CA ALA C 534 8.61 22.84 42.74
C ALA C 534 9.18 24.23 43.01
N MET C 535 8.51 25.28 42.57
CA MET C 535 9.02 26.63 42.76
C MET C 535 8.56 27.26 44.06
N TRP C 536 7.75 26.55 44.85
CA TRP C 536 7.33 27.09 46.14
C TRP C 536 8.50 27.44 47.06
N PRO C 537 9.53 26.59 47.23
CA PRO C 537 10.59 26.97 48.19
C PRO C 537 11.34 28.23 47.80
N GLN C 538 11.66 28.41 46.52
CA GLN C 538 12.48 29.55 46.13
C GLN C 538 11.70 30.86 46.25
N MET C 539 10.47 30.90 45.74
CA MET C 539 9.67 32.12 45.87
C MET C 539 9.29 32.38 47.32
N GLN C 540 9.04 31.33 48.09
CA GLN C 540 8.88 31.48 49.54
C GLN C 540 10.11 32.15 50.15
N GLN C 541 11.29 31.76 49.67
CA GLN C 541 12.51 32.43 50.07
C GLN C 541 12.62 33.82 49.45
N ALA C 542 12.15 33.98 48.21
CA ALA C 542 12.37 35.23 47.48
C ALA C 542 11.68 36.41 48.15
N TYR C 543 10.43 36.23 48.58
CA TYR C 543 9.64 37.31 49.15
C TYR C 543 9.66 37.32 50.67
N SER C 544 10.35 36.37 51.30
CA SER C 544 10.51 36.40 52.75
C SER C 544 11.46 37.50 53.20
N GLY C 545 12.24 38.06 52.27
CA GLY C 545 13.17 39.12 52.59
C GLY C 545 12.53 40.49 52.58
N ASP C 546 13.33 41.47 52.98
CA ASP C 546 12.88 42.87 53.01
C ASP C 546 13.21 43.62 51.73
N GLU C 547 13.77 42.94 50.72
CA GLU C 547 14.01 43.53 49.42
C GLU C 547 14.00 42.44 48.38
N TYR C 548 13.39 42.74 47.22
CA TYR C 548 13.29 41.80 46.12
C TYR C 548 14.16 42.29 44.98
N VAL C 549 15.05 41.44 44.49
CA VAL C 549 15.97 41.76 43.41
C VAL C 549 15.58 40.96 42.18
N VAL C 550 15.50 41.63 41.04
CA VAL C 550 15.11 40.98 39.80
C VAL C 550 15.96 41.50 38.65
N LYS C 551 16.88 40.68 38.16
CA LYS C 551 17.67 40.99 36.98
C LYS C 551 16.76 40.81 35.77
N ILE C 552 16.23 41.92 35.25
CA ILE C 552 15.23 41.89 34.20
C ILE C 552 15.90 42.22 32.87
N ARG C 553 15.77 41.31 31.91
CA ARG C 553 16.40 41.42 30.59
C ARG C 553 17.90 41.63 30.82
N ASP C 554 18.48 42.75 30.40
CA ASP C 554 19.88 43.05 30.70
C ASP C 554 20.05 43.85 31.98
N LYS C 555 19.03 44.59 32.40
CA LYS C 555 19.11 45.40 33.60
C LYS C 555 18.70 44.57 34.80
N GLU C 556 18.64 45.20 35.97
CA GLU C 556 18.20 44.54 37.19
C GLU C 556 17.23 45.44 37.93
N ILE C 557 16.29 44.82 38.64
CA ILE C 557 15.29 45.56 39.41
C ILE C 557 15.29 45.06 40.84
N ARG C 558 16.05 45.71 41.70
CA ARG C 558 16.04 45.43 43.13
C ARG C 558 15.12 46.41 43.82
N THR C 559 14.10 45.89 44.49
CA THR C 559 13.08 46.72 45.11
C THR C 559 12.91 46.32 46.56
N GLY C 560 13.01 47.30 47.45
CA GLY C 560 12.81 47.02 48.87
C GLY C 560 11.40 46.52 49.14
N LEU C 561 11.29 45.66 50.15
CA LEU C 561 10.02 45.07 50.52
C LEU C 561 9.61 45.41 51.95
N ILE C 562 10.34 46.28 52.63
CA ILE C 562 10.11 46.60 54.03
C ILE C 562 9.58 48.01 54.15
N SER C 563 8.59 48.20 55.01
CA SER C 563 8.01 49.51 55.28
C SER C 563 8.12 49.80 56.78
N THR C 564 8.50 51.02 57.12
CA THR C 564 8.68 51.43 58.51
C THR C 564 7.77 52.60 58.84
N THR C 565 6.99 52.46 59.91
CA THR C 565 6.08 53.50 60.36
C THR C 565 6.81 54.48 61.26
N LEU C 566 6.06 55.45 61.80
CA LEU C 566 6.63 56.40 62.75
C LEU C 566 7.07 55.70 64.02
N SER C 567 6.32 54.70 64.48
CA SER C 567 6.70 53.92 65.63
C SER C 567 7.92 53.05 65.37
N GLY C 568 8.35 52.92 64.12
CA GLY C 568 9.49 52.09 63.78
C GLY C 568 9.16 50.66 63.45
N THR C 569 7.89 50.30 63.33
CA THR C 569 7.51 48.93 63.04
C THR C 569 7.77 48.61 61.58
N LYS C 570 8.46 47.49 61.34
CA LYS C 570 8.81 47.05 59.99
C LYS C 570 7.62 46.34 59.37
N ILE C 571 7.25 46.74 58.15
CA ILE C 571 6.09 46.19 57.46
C ILE C 571 6.56 45.63 56.13
N ARG C 572 6.29 44.34 55.90
CA ARG C 572 6.52 43.77 54.58
C ARG C 572 5.35 44.09 53.65
N LYS C 573 5.66 44.34 52.39
CA LYS C 573 4.64 44.79 51.44
C LYS C 573 3.62 43.71 51.16
N VAL C 574 4.03 42.44 51.16
CA VAL C 574 3.13 41.31 50.92
C VAL C 574 3.27 40.32 52.07
N VAL C 575 2.14 39.92 52.65
CA VAL C 575 2.11 38.96 53.74
C VAL C 575 1.51 37.66 53.22
N LEU C 576 2.22 36.56 53.40
CA LEU C 576 1.79 35.26 52.90
C LEU C 576 1.51 34.30 54.04
N PRO C 577 0.62 33.33 53.83
CA PRO C 577 0.41 32.29 54.84
C PRO C 577 1.64 31.42 55.00
N ARG C 578 1.78 30.87 56.21
CA ARG C 578 2.95 30.11 56.63
C ARG C 578 2.54 28.73 57.15
N PHE C 579 1.71 28.02 56.40
CA PHE C 579 1.07 26.81 56.91
C PHE C 579 2.00 25.61 56.85
N GLU C 580 1.56 24.51 57.47
CA GLU C 580 2.31 23.28 57.62
C GLU C 580 1.95 22.22 56.58
N ASP C 581 0.68 21.83 56.49
CA ASP C 581 0.27 20.79 55.56
C ASP C 581 0.35 21.30 54.13
N GLU C 582 0.99 20.52 53.25
CA GLU C 582 1.20 20.94 51.87
C GLU C 582 -0.09 20.98 51.07
N GLY C 583 -1.10 20.18 51.43
CA GLY C 583 -2.33 20.19 50.66
C GLY C 583 -3.02 21.53 50.69
N GLU C 584 -3.14 22.13 51.88
CA GLU C 584 -3.80 23.43 51.99
C GLU C 584 -2.97 24.54 51.37
N ILE C 585 -1.64 24.47 51.51
CA ILE C 585 -0.78 25.46 50.88
C ILE C 585 -0.91 25.41 49.37
N LEU C 586 -0.90 24.19 48.80
CA LEU C 586 -1.04 24.06 47.37
C LEU C 586 -2.44 24.46 46.91
N LYS C 587 -3.46 24.20 47.75
CA LYS C 587 -4.80 24.66 47.42
C LYS C 587 -4.86 26.18 47.33
N TRP C 588 -4.25 26.86 48.30
CA TRP C 588 -4.20 28.33 48.23
C TRP C 588 -3.43 28.79 47.02
N LEU C 589 -2.30 28.13 46.73
CA LEU C 589 -1.48 28.54 45.58
C LEU C 589 -2.25 28.41 44.27
N MET C 590 -2.84 27.25 44.01
CA MET C 590 -3.59 27.05 42.77
C MET C 590 -4.87 27.89 42.73
N ARG C 591 -5.44 28.22 43.90
CA ARG C 591 -6.66 28.99 43.93
C ARG C 591 -6.41 30.49 44.09
N GLU C 592 -5.54 30.89 45.00
CA GLU C 592 -5.22 32.31 45.23
C GLU C 592 -3.72 32.49 44.99
N ASN C 593 -3.35 32.77 43.75
CA ASN C 593 -1.96 33.05 43.43
C ASN C 593 -1.58 34.47 43.82
N VAL C 594 -0.28 34.71 43.90
CA VAL C 594 0.26 36.00 44.30
C VAL C 594 -0.03 37.01 43.19
N PRO C 595 -0.08 38.31 43.49
CA PRO C 595 -0.29 39.29 42.42
C PRO C 595 0.83 39.22 41.39
N GLY C 596 0.45 39.36 40.13
CA GLY C 596 1.38 39.18 39.03
C GLY C 596 1.59 37.76 38.60
N SER C 597 0.94 36.79 39.25
CA SER C 597 1.01 35.40 38.86
C SER C 597 -0.38 34.90 38.52
N PHE C 598 -0.47 34.11 37.45
CA PHE C 598 -1.76 33.60 37.03
C PHE C 598 -2.40 32.79 38.15
N PRO C 599 -3.71 32.96 38.41
CA PRO C 599 -4.67 33.77 37.65
C PRO C 599 -4.77 35.23 38.09
N TYR C 600 -3.70 35.80 38.68
CA TYR C 600 -3.66 37.22 39.02
C TYR C 600 -4.83 37.62 39.92
N THR C 601 -5.15 36.75 40.89
CA THR C 601 -6.26 37.03 41.78
C THR C 601 -6.00 38.29 42.61
N ALA C 602 -4.79 38.42 43.13
CA ALA C 602 -4.41 39.58 43.94
C ALA C 602 -3.91 40.74 43.10
N GLY C 603 -3.98 40.64 41.78
CA GLY C 603 -3.61 41.73 40.90
C GLY C 603 -2.78 41.29 39.71
N VAL C 604 -3.05 41.93 38.57
CA VAL C 604 -2.25 41.66 37.37
C VAL C 604 -0.83 42.16 37.56
N PHE C 605 -0.65 43.36 38.10
CA PHE C 605 0.65 43.88 38.45
C PHE C 605 1.16 43.18 39.71
N ALA C 606 2.45 42.84 39.70
CA ALA C 606 3.05 42.20 40.86
C ALA C 606 3.10 43.15 42.06
N PHE C 607 3.48 44.40 41.81
CA PHE C 607 3.63 45.38 42.88
C PHE C 607 2.71 46.57 42.61
N LYS C 608 2.36 47.26 43.68
CA LYS C 608 1.44 48.39 43.60
C LYS C 608 2.04 49.51 42.78
N ARG C 609 1.19 50.17 41.98
CA ARG C 609 1.63 51.29 41.17
C ARG C 609 2.06 52.45 42.06
N GLU C 610 3.18 53.07 41.71
CA GLU C 610 3.76 54.15 42.48
C GLU C 610 3.31 55.49 41.91
N GLY C 611 2.94 56.42 42.79
CA GLY C 611 2.50 57.74 42.38
C GLY C 611 1.03 57.98 42.68
N ASP C 613 0.45 61.53 40.18
CA ASP C 613 -0.93 62.00 40.36
C ASP C 613 -1.72 61.87 39.06
N PRO C 614 -2.47 60.77 38.93
CA PRO C 614 -3.28 60.52 37.72
C PRO C 614 -4.58 61.33 37.70
N THR C 615 -4.46 62.65 37.73
CA THR C 615 -5.61 63.55 37.69
C THR C 615 -5.95 63.84 36.24
N ARG C 616 -7.03 63.24 35.75
CA ARG C 616 -7.41 63.40 34.36
C ARG C 616 -8.04 64.76 34.12
N MET C 617 -7.72 65.37 32.98
CA MET C 617 -8.23 66.69 32.63
C MET C 617 -9.56 66.49 31.91
N PHE C 618 -10.62 66.28 32.69
CA PHE C 618 -11.96 66.15 32.14
C PHE C 618 -12.55 67.53 31.96
N ALA C 619 -12.74 67.93 30.71
CA ALA C 619 -13.13 69.30 30.41
C ALA C 619 -13.74 69.44 29.02
N GLY C 620 -14.95 69.98 28.94
CA GLY C 620 -15.54 70.32 27.66
C GLY C 620 -16.88 71.01 27.76
N GLU C 621 -17.03 72.14 27.09
CA GLU C 621 -18.28 72.90 27.01
C GLU C 621 -18.07 74.06 26.04
N GLY C 622 -19.14 74.44 25.34
CA GLY C 622 -19.07 75.60 24.49
C GLY C 622 -18.25 75.39 23.22
N ASP C 623 -17.72 76.50 22.72
CA ASP C 623 -16.99 76.51 21.46
C ASP C 623 -15.56 76.00 21.67
N ALA C 624 -14.80 75.98 20.58
CA ALA C 624 -13.41 75.55 20.67
C ALA C 624 -12.58 76.54 21.47
N PHE C 625 -12.92 77.82 21.44
CA PHE C 625 -12.11 78.83 22.10
C PHE C 625 -12.20 78.72 23.62
N ARG C 626 -13.42 78.63 24.15
CA ARG C 626 -13.59 78.53 25.60
C ARG C 626 -12.98 77.23 26.12
N THR C 627 -13.19 76.13 25.40
CA THR C 627 -12.59 74.86 25.81
C THR C 627 -11.07 74.91 25.74
N ASN C 628 -10.52 75.58 24.73
CA ASN C 628 -9.08 75.75 24.65
C ASN C 628 -8.54 76.55 25.84
N ARG C 629 -9.26 77.61 26.22
CA ARG C 629 -8.87 78.39 27.39
C ARG C 629 -8.91 77.53 28.64
N ARG C 630 -9.97 76.74 28.79
CA ARG C 630 -10.10 75.86 29.95
C ARG C 630 -8.96 74.84 30.00
N PHE C 631 -8.60 74.27 28.84
CA PHE C 631 -7.49 73.34 28.78
C PHE C 631 -6.19 74.02 29.16
N LYS C 632 -5.95 75.22 28.63
CA LYS C 632 -4.73 75.95 28.96
C LYS C 632 -4.64 76.22 30.46
N LEU C 633 -5.77 76.57 31.07
CA LEU C 633 -5.79 76.73 32.53
C LEU C 633 -5.49 75.42 33.23
N VAL C 634 -6.02 74.32 32.69
CA VAL C 634 -5.82 73.01 33.31
C VAL C 634 -4.47 72.42 32.89
N SER C 635 -4.13 72.52 31.62
CA SER C 635 -2.90 71.95 31.08
C SER C 635 -1.75 72.96 31.05
N GLU C 636 -1.74 73.91 31.98
CA GLU C 636 -0.72 74.95 31.99
C GLU C 636 0.64 74.36 32.34
N GLY C 637 1.47 74.15 31.32
CA GLY C 637 2.80 73.61 31.51
C GLY C 637 2.80 72.21 32.10
N MET C 638 1.91 71.35 31.62
CA MET C 638 1.84 69.97 32.08
C MET C 638 2.46 69.07 31.03
N GLU C 639 3.50 68.33 31.44
CA GLU C 639 4.13 67.38 30.55
C GLU C 639 3.17 66.25 30.18
N ALA C 640 2.46 65.74 31.17
CA ALA C 640 1.45 64.71 30.95
C ALA C 640 0.11 65.39 30.74
N LYS C 641 -0.44 65.27 29.52
CA LYS C 641 -1.69 65.91 29.17
C LYS C 641 -2.78 64.83 29.16
N ARG C 642 -3.35 64.55 30.32
CA ARG C 642 -4.39 63.54 30.49
C ARG C 642 -5.73 64.24 30.29
N LEU C 643 -5.97 64.70 29.08
CA LEU C 643 -7.16 65.48 28.77
C LEU C 643 -8.32 64.56 28.43
N SER C 644 -9.52 64.99 28.78
CA SER C 644 -10.75 64.24 28.53
C SER C 644 -11.81 65.22 28.06
N THR C 645 -12.45 64.92 26.94
CA THR C 645 -13.42 65.81 26.32
C THR C 645 -14.82 65.19 26.38
N ALA C 646 -15.79 65.98 26.80
CA ALA C 646 -17.19 65.56 26.87
C ALA C 646 -17.99 66.27 25.77
N PHE C 647 -18.97 65.57 25.22
CA PHE C 647 -19.77 66.09 24.11
C PHE C 647 -21.21 66.30 24.55
N ASP C 648 -21.88 67.24 23.89
CA ASP C 648 -23.31 67.43 24.12
C ASP C 648 -24.09 66.32 23.44
N SER C 649 -25.36 66.17 23.85
CA SER C 649 -26.21 65.13 23.29
C SER C 649 -26.37 65.29 21.79
N VAL C 650 -26.44 66.54 21.30
CA VAL C 650 -26.54 66.77 19.86
C VAL C 650 -25.38 66.12 19.13
N THR C 651 -24.16 66.33 19.63
CA THR C 651 -23.01 65.63 19.08
C THR C 651 -23.07 64.14 19.39
N LEU C 652 -23.46 63.78 20.63
CA LEU C 652 -23.53 62.38 21.02
C LEU C 652 -24.62 61.63 20.24
N TYR C 653 -25.77 62.26 20.00
CA TYR C 653 -26.79 61.70 19.13
C TYR C 653 -26.40 61.79 17.66
N GLY C 654 -25.24 62.38 17.37
CA GLY C 654 -24.83 62.58 15.99
C GLY C 654 -25.78 63.44 15.20
N GLU C 655 -26.35 64.47 15.83
CA GLU C 655 -27.40 65.28 15.22
C GLU C 655 -26.81 66.42 14.42
N ASP C 656 -27.26 66.53 13.18
CA ASP C 656 -26.92 67.67 12.34
C ASP C 656 -27.58 68.92 12.91
N PRO C 657 -26.80 69.99 13.10
CA PRO C 657 -27.40 71.25 13.55
C PRO C 657 -28.47 71.71 12.56
N HIS C 658 -29.62 72.08 13.11
CA HIS C 658 -30.81 72.23 12.30
C HIS C 658 -31.46 73.58 12.60
N GLU C 659 -32.08 74.15 11.57
CA GLU C 659 -32.73 75.45 11.72
C GLU C 659 -33.97 75.38 12.60
N ARG C 660 -34.46 74.18 12.90
CA ARG C 660 -35.60 74.06 13.81
C ARG C 660 -35.20 74.56 15.19
N PRO C 661 -36.07 75.31 15.86
CA PRO C 661 -35.74 75.79 17.22
C PRO C 661 -35.65 74.67 18.24
N ASP C 662 -36.04 73.46 17.89
CA ASP C 662 -36.04 72.33 18.81
C ASP C 662 -34.65 72.06 19.38
N ILE C 663 -33.63 72.03 18.53
CA ILE C 663 -32.29 71.72 18.97
C ILE C 663 -31.47 72.96 19.29
N TYR C 664 -32.00 74.16 19.03
CA TYR C 664 -31.22 75.39 19.22
C TYR C 664 -30.81 75.56 20.67
N GLY C 665 -31.71 75.28 21.61
CA GLY C 665 -31.36 75.34 23.01
C GLY C 665 -30.32 74.33 23.42
N LYS C 666 -30.15 73.26 22.64
CA LYS C 666 -29.17 72.22 22.93
C LYS C 666 -27.84 72.45 22.24
N VAL C 667 -27.72 73.50 21.43
CA VAL C 667 -26.47 73.75 20.70
C VAL C 667 -25.39 74.19 21.67
N GLY C 668 -24.29 73.44 21.71
CA GLY C 668 -23.24 73.73 22.66
C GLY C 668 -23.67 73.63 24.11
N ASN C 669 -24.81 73.01 24.38
CA ASN C 669 -25.35 72.89 25.73
C ASN C 669 -25.02 71.53 26.30
N SER C 670 -24.43 71.51 27.49
CA SER C 670 -23.97 70.28 28.15
C SER C 670 -22.91 69.55 27.33
N GLY C 671 -22.10 70.29 26.58
CA GLY C 671 -21.05 69.69 25.79
C GLY C 671 -20.69 70.52 24.56
N VAL C 672 -19.50 70.31 24.03
CA VAL C 672 -19.02 71.07 22.89
C VAL C 672 -19.67 70.55 21.63
N SER C 673 -20.26 71.45 20.84
CA SER C 673 -20.84 71.10 19.55
C SER C 673 -19.83 71.37 18.46
N ILE C 674 -19.35 70.31 17.82
CA ILE C 674 -18.33 70.38 16.78
C ILE C 674 -19.02 70.22 15.43
N ALA C 675 -18.66 71.07 14.47
CA ALA C 675 -19.25 71.02 13.14
C ALA C 675 -18.33 70.43 12.09
N THR C 676 -17.02 70.60 12.20
CA THR C 676 -16.12 70.17 11.15
C THR C 676 -14.80 69.70 11.75
N LEU C 677 -13.91 69.26 10.86
CA LEU C 677 -12.53 68.96 11.25
C LEU C 677 -11.85 70.18 11.84
N GLU C 678 -12.09 71.36 11.24
CA GLU C 678 -11.41 72.57 11.67
C GLU C 678 -11.73 72.94 13.11
N ASP C 679 -12.98 72.72 13.54
CA ASP C 679 -13.33 73.02 14.93
C ASP C 679 -12.51 72.17 15.89
N MET C 680 -12.36 70.89 15.59
CA MET C 680 -11.52 70.02 16.41
C MET C 680 -10.07 70.48 16.37
N LYS C 681 -9.56 70.81 15.19
CA LYS C 681 -8.16 71.20 15.06
C LYS C 681 -7.86 72.46 15.86
N VAL C 682 -8.79 73.43 15.83
CA VAL C 682 -8.66 74.59 16.71
C VAL C 682 -8.71 74.14 18.17
N LEU C 683 -9.64 73.25 18.49
CA LEU C 683 -9.73 72.74 19.86
C LEU C 683 -8.49 71.92 20.21
N TYR C 684 -7.82 71.37 19.21
CA TYR C 684 -6.58 70.62 19.41
C TYR C 684 -5.36 71.40 18.97
N ASP C 685 -5.52 72.69 18.68
CA ASP C 685 -4.41 73.52 18.27
C ASP C 685 -3.45 73.72 19.44
N GLY C 686 -2.17 73.44 19.21
CA GLY C 686 -1.16 73.56 20.24
C GLY C 686 -1.08 72.39 21.19
N PHE C 687 -1.96 71.40 21.05
CA PHE C 687 -1.96 70.20 21.89
C PHE C 687 -1.39 69.06 21.05
N ASP C 688 -0.14 68.70 21.31
CA ASP C 688 0.53 67.67 20.52
C ASP C 688 -0.14 66.33 20.81
N LEU C 689 -0.98 65.88 19.88
CA LEU C 689 -1.66 64.60 20.03
C LEU C 689 -0.69 63.43 19.99
N THR C 690 0.48 63.60 19.38
CA THR C 690 1.43 62.51 19.24
C THR C 690 2.29 62.29 20.48
N ASN C 691 2.32 63.23 21.42
CA ASN C 691 3.21 63.08 22.57
C ASN C 691 2.78 61.89 23.42
N PRO C 692 3.74 61.07 23.87
CA PRO C 692 3.38 59.91 24.70
C PRO C 692 2.69 60.27 26.00
N SER C 693 2.96 61.45 26.56
CA SER C 693 2.37 61.87 27.82
C SER C 693 1.03 62.59 27.62
N THR C 694 0.65 62.83 26.36
CA THR C 694 -0.61 63.48 26.03
C THR C 694 -1.68 62.40 25.88
N SER C 695 -2.59 62.34 26.84
CA SER C 695 -3.64 61.32 26.86
C SER C 695 -4.98 61.99 26.62
N VAL C 696 -5.68 61.52 25.60
CA VAL C 696 -6.97 62.08 25.20
C VAL C 696 -8.03 61.03 25.43
N SER C 697 -9.06 61.39 26.20
CA SER C 697 -10.15 60.49 26.52
C SER C 697 -11.44 61.14 26.04
N MET C 698 -11.83 60.85 24.79
CA MET C 698 -13.01 61.44 24.20
C MET C 698 -14.21 60.52 24.36
N THR C 699 -15.37 61.14 24.59
CA THR C 699 -16.58 60.42 24.98
C THR C 699 -17.61 60.53 23.85
N ILE C 700 -17.66 59.50 23.01
CA ILE C 700 -18.71 59.37 22.01
C ILE C 700 -18.72 57.93 21.52
N ASN C 701 -19.92 57.44 21.17
CA ASN C 701 -20.11 56.04 20.80
C ASN C 701 -20.57 55.86 19.37
N GLY C 702 -21.67 56.49 18.97
CA GLY C 702 -22.28 56.26 17.68
C GLY C 702 -21.45 56.72 16.50
N PRO C 703 -21.16 58.02 16.44
CA PRO C 703 -20.44 58.57 15.28
C PRO C 703 -18.94 58.35 15.34
N ALA C 704 -18.52 57.40 16.18
CA ALA C 704 -17.09 57.22 16.46
C ALA C 704 -16.19 57.07 15.24
N PRO C 705 -16.52 56.28 14.22
CA PRO C 705 -15.59 56.20 13.07
C PRO C 705 -15.33 57.52 12.39
N THR C 706 -16.36 58.38 12.29
CA THR C 706 -16.18 59.69 11.69
C THR C 706 -15.19 60.52 12.48
N ILE C 707 -15.35 60.56 13.81
CA ILE C 707 -14.46 61.37 14.64
C ILE C 707 -13.06 60.76 14.66
N LEU C 708 -12.96 59.44 14.56
CA LEU C 708 -11.66 58.80 14.49
C LEU C 708 -10.92 59.22 13.23
N ALA C 709 -11.61 59.19 12.08
CA ALA C 709 -11.00 59.67 10.85
C ALA C 709 -10.67 61.16 10.94
N MET C 710 -11.51 61.92 11.65
CA MET C 710 -11.22 63.33 11.86
C MET C 710 -9.94 63.53 12.68
N PHE C 711 -9.76 62.71 13.72
CA PHE C 711 -8.53 62.76 14.51
C PHE C 711 -7.34 62.40 13.63
N MET C 712 -7.50 61.41 12.75
CA MET C 712 -6.45 61.08 11.80
C MET C 712 -6.11 62.29 10.93
N ASN C 713 -7.13 62.98 10.43
CA ASN C 713 -6.90 64.16 9.60
C ASN C 713 -6.18 65.24 10.39
N THR C 714 -6.59 65.48 11.63
CA THR C 714 -5.92 66.49 12.46
C THR C 714 -4.46 66.16 12.66
N ALA C 715 -4.17 64.92 13.05
CA ALA C 715 -2.78 64.51 13.31
C ALA C 715 -1.95 64.58 12.04
N ILE C 716 -2.50 64.12 10.92
CA ILE C 716 -1.76 64.14 9.66
C ILE C 716 -1.49 65.57 9.22
N ASP C 717 -2.53 66.42 9.25
CA ASP C 717 -2.40 67.78 8.74
C ASP C 717 -1.48 68.61 9.61
N GLN C 718 -1.48 68.37 10.92
CA GLN C 718 -0.54 69.08 11.79
C GLN C 718 0.89 68.86 11.33
N GLN C 719 1.28 67.58 11.19
CA GLN C 719 2.62 67.26 10.72
C GLN C 719 2.86 67.75 9.30
N ILE C 720 1.87 67.64 8.42
CA ILE C 720 2.04 68.05 7.03
C ILE C 720 2.31 69.55 6.95
N ASP C 721 1.54 70.35 7.69
CA ASP C 721 1.76 71.79 7.68
C ASP C 721 3.09 72.15 8.36
N ARG C 722 3.46 71.41 9.40
CA ARG C 722 4.75 71.65 10.04
C ARG C 722 5.89 71.42 9.06
N PHE C 723 5.83 70.30 8.33
CA PHE C 723 6.87 70.03 7.33
C PHE C 723 6.81 71.03 6.18
N ARG C 724 5.61 71.51 5.85
CA ARG C 724 5.49 72.54 4.82
C ARG C 724 6.16 73.84 5.24
N ALA C 725 5.94 74.26 6.49
CA ALA C 725 6.61 75.46 6.99
C ALA C 725 8.12 75.25 7.09
N ASP C 726 8.54 74.04 7.46
CA ASP C 726 9.96 73.71 7.50
C ASP C 726 10.62 73.74 6.12
N ASN C 727 9.94 73.26 5.09
CA ASN C 727 10.54 73.10 3.77
C ASN C 727 10.00 74.08 2.73
N GLY C 728 8.95 74.83 3.02
CA GLY C 728 8.38 75.71 2.03
C GLY C 728 7.78 75.00 0.85
N ARG C 729 7.21 73.81 1.07
CA ARG C 729 6.65 73.03 -0.03
C ARG C 729 5.59 72.10 0.53
N ASP C 730 4.65 71.72 -0.33
CA ASP C 730 3.65 70.73 0.06
C ASP C 730 4.27 69.33 0.07
N PRO C 731 4.07 68.56 1.14
CA PRO C 731 4.63 67.21 1.18
C PRO C 731 4.08 66.34 0.06
N THR C 732 4.95 65.49 -0.47
CA THR C 732 4.59 64.61 -1.57
C THR C 732 3.99 63.31 -1.05
N ALA C 733 3.85 62.33 -1.94
CA ALA C 733 3.28 61.04 -1.56
C ALA C 733 4.18 60.32 -0.56
N ASP C 734 5.49 60.39 -0.72
CA ASP C 734 6.39 59.65 0.18
C ASP C 734 6.46 60.31 1.55
N GLU C 735 6.55 61.64 1.60
CA GLU C 735 6.54 62.32 2.89
C GLU C 735 5.21 62.13 3.59
N GLU C 736 4.11 62.15 2.83
CA GLU C 736 2.81 61.84 3.42
C GLU C 736 2.75 60.40 3.92
N ALA C 737 3.41 59.47 3.22
CA ALA C 737 3.46 58.10 3.69
C ALA C 737 4.23 58.01 5.01
N LYS C 738 5.32 58.76 5.13
CA LYS C 738 6.05 58.81 6.39
C LYS C 738 5.18 59.42 7.50
N ILE C 739 4.41 60.45 7.16
CA ILE C 739 3.46 61.03 8.10
C ILE C 739 2.46 59.98 8.56
N ARG C 740 1.97 59.16 7.62
CA ARG C 740 1.03 58.11 7.95
C ARG C 740 1.66 57.08 8.89
N ALA C 741 2.90 56.69 8.60
CA ALA C 741 3.59 55.72 9.45
C ALA C 741 3.76 56.26 10.85
N TRP C 742 4.14 57.53 10.99
CA TRP C 742 4.35 58.08 12.32
C TRP C 742 3.03 58.37 13.01
N VAL C 743 1.95 58.56 12.25
CA VAL C 743 0.62 58.63 12.84
C VAL C 743 0.24 57.28 13.43
N LEU C 744 0.51 56.20 12.69
CA LEU C 744 0.31 54.86 13.23
C LEU C 744 1.15 54.63 14.46
N GLN C 745 2.37 55.17 14.48
CA GLN C 745 3.26 54.96 15.62
C GLN C 745 2.81 55.76 16.84
N ASN C 746 2.30 56.97 16.63
CA ASN C 746 2.00 57.89 17.72
C ASN C 746 0.51 58.17 17.89
N VAL C 747 -0.37 57.32 17.36
CA VAL C 747 -1.80 57.49 17.58
C VAL C 747 -2.11 57.14 19.03
N ARG C 748 -2.46 58.15 19.83
CA ARG C 748 -2.75 57.97 21.24
C ARG C 748 -4.04 58.68 21.59
N GLY C 749 -4.93 57.97 22.26
CA GLY C 749 -6.20 58.54 22.67
C GLY C 749 -7.19 57.46 23.02
N THR C 750 -8.23 57.87 23.73
CA THR C 750 -9.25 56.95 24.23
C THR C 750 -10.61 57.42 23.77
N VAL C 751 -11.44 56.48 23.32
CA VAL C 751 -12.79 56.76 22.83
C VAL C 751 -13.77 55.98 23.69
N GLN C 752 -14.75 56.68 24.25
CA GLN C 752 -15.78 56.05 25.09
C GLN C 752 -16.96 55.62 24.21
N ALA C 753 -16.76 54.48 23.55
CA ALA C 753 -17.75 53.91 22.64
C ALA C 753 -18.33 52.66 23.27
N ASP C 754 -19.55 52.76 23.79
CA ASP C 754 -20.32 51.61 24.28
C ASP C 754 -21.65 51.63 23.54
N ILE C 755 -21.73 50.85 22.46
CA ILE C 755 -22.92 50.87 21.61
C ILE C 755 -24.11 50.24 22.32
N LEU C 756 -23.88 49.15 23.03
CA LEU C 756 -24.99 48.36 23.57
C LEU C 756 -25.78 49.13 24.63
N LYS C 757 -25.09 49.86 25.50
CA LYS C 757 -25.73 50.39 26.70
C LYS C 757 -26.81 51.43 26.37
N GLU C 758 -26.72 52.07 25.21
CA GLU C 758 -27.79 52.99 24.81
C GLU C 758 -29.13 52.28 24.68
N ASP C 759 -29.11 51.08 24.09
CA ASP C 759 -30.33 50.29 23.95
C ASP C 759 -30.88 49.82 25.29
N GLN C 760 -30.00 49.56 26.27
CA GLN C 760 -30.44 48.95 27.51
C GLN C 760 -31.29 49.90 28.35
N GLY C 761 -30.83 51.14 28.53
CA GLY C 761 -31.52 52.05 29.42
C GLY C 761 -32.31 53.16 28.75
N GLN C 762 -31.77 53.70 27.67
CA GLN C 762 -32.44 54.76 26.92
C GLN C 762 -33.32 54.22 25.81
N ASN C 763 -32.95 53.09 25.21
CA ASN C 763 -33.64 52.54 24.05
C ASN C 763 -33.70 53.57 22.91
N THR C 764 -32.74 54.50 22.94
CA THR C 764 -32.65 55.56 21.94
C THR C 764 -31.72 55.18 20.80
N CYS C 765 -31.20 53.97 20.81
CA CYS C 765 -30.36 53.51 19.71
C CYS C 765 -31.14 53.58 18.41
N ILE C 766 -30.54 54.18 17.39
CA ILE C 766 -31.18 54.33 16.09
C ILE C 766 -30.58 53.41 15.04
N PHE C 767 -29.67 52.53 15.41
CA PHE C 767 -29.03 51.63 14.44
C PHE C 767 -29.20 50.18 14.84
N SER C 768 -29.18 49.31 13.83
CA SER C 768 -29.04 47.88 14.08
C SER C 768 -27.65 47.61 14.62
N THR C 769 -27.58 47.07 15.84
CA THR C 769 -26.29 46.85 16.47
C THR C 769 -25.45 45.86 15.68
N GLU C 770 -26.09 45.02 14.88
CA GLU C 770 -25.34 44.09 14.03
C GLU C 770 -24.43 44.83 13.07
N PHE C 771 -24.98 45.79 12.31
CA PHE C 771 -24.17 46.56 11.39
C PHE C 771 -23.13 47.39 12.14
N SER C 772 -23.50 47.92 13.31
CA SER C 772 -22.58 48.75 14.07
C SER C 772 -21.36 47.94 14.50
N LEU C 773 -21.59 46.76 15.05
CA LEU C 773 -20.48 45.91 15.48
C LEU C 773 -19.72 45.37 14.28
N LYS C 774 -20.39 45.18 13.15
CA LYS C 774 -19.70 44.78 11.94
C LYS C 774 -18.70 45.85 11.50
N VAL C 775 -19.13 47.11 11.51
CA VAL C 775 -18.23 48.20 11.18
C VAL C 775 -17.12 48.32 12.21
N MET C 776 -17.45 48.06 13.48
CA MET C 776 -16.42 48.05 14.51
C MET C 776 -15.36 47.00 14.22
N GLY C 777 -15.78 45.80 13.83
CA GLY C 777 -14.83 44.77 13.46
C GLY C 777 -14.03 45.15 12.22
N ASP C 778 -14.68 45.81 11.27
CA ASP C 778 -13.98 46.27 10.07
C ASP C 778 -12.88 47.24 10.41
N ILE C 779 -13.17 48.24 11.25
CA ILE C 779 -12.16 49.23 11.59
C ILE C 779 -11.09 48.63 12.49
N GLN C 780 -11.47 47.65 13.32
CA GLN C 780 -10.47 46.94 14.12
C GLN C 780 -9.51 46.15 13.24
N GLU C 781 -10.05 45.45 12.23
CA GLU C 781 -9.21 44.77 11.26
C GLU C 781 -8.34 45.75 10.50
N TYR C 782 -8.88 46.93 10.20
CA TYR C 782 -8.08 47.98 9.57
C TYR C 782 -6.90 48.37 10.45
N PHE C 783 -7.16 48.54 11.75
CA PHE C 783 -6.08 48.89 12.68
C PHE C 783 -5.04 47.79 12.77
N VAL C 784 -5.50 46.54 12.81
CA VAL C 784 -4.56 45.41 12.83
C VAL C 784 -3.71 45.40 11.58
N HIS C 785 -4.35 45.64 10.42
CA HIS C 785 -3.63 45.70 9.16
C HIS C 785 -2.62 46.84 9.15
N HIS C 786 -2.81 47.85 10.00
CA HIS C 786 -1.94 49.01 10.05
C HIS C 786 -1.20 49.14 11.38
N GLN C 787 -1.30 48.14 12.25
CA GLN C 787 -0.54 48.06 13.49
C GLN C 787 -0.80 49.29 14.37
N VAL C 788 -2.08 49.59 14.59
CA VAL C 788 -2.45 50.66 15.51
C VAL C 788 -2.36 50.09 16.91
N ARG C 789 -1.19 50.24 17.53
CA ARG C 789 -0.85 49.54 18.75
C ARG C 789 -1.01 50.41 19.99
N ASN C 790 -1.27 51.70 19.83
CA ASN C 790 -1.28 52.62 20.96
C ASN C 790 -2.62 53.30 21.17
N PHE C 791 -3.66 52.93 20.43
CA PHE C 791 -4.96 53.53 20.59
C PHE C 791 -5.84 52.65 21.46
N TYR C 792 -6.82 53.27 22.12
CA TYR C 792 -7.75 52.59 23.01
C TYR C 792 -9.16 52.92 22.55
N SER C 793 -9.73 52.07 21.70
CA SER C 793 -11.02 52.32 21.08
C SER C 793 -12.17 51.60 21.76
N VAL C 794 -11.93 50.47 22.41
CA VAL C 794 -12.98 49.64 22.96
C VAL C 794 -13.16 50.00 24.42
N SER C 795 -14.36 50.47 24.76
CA SER C 795 -14.70 50.89 26.12
C SER C 795 -15.99 50.19 26.52
N ILE C 796 -15.96 49.44 27.61
CA ILE C 796 -17.12 48.72 28.11
C ILE C 796 -17.40 49.17 29.55
N SER C 797 -18.63 49.61 29.80
CA SER C 797 -19.01 50.15 31.09
C SER C 797 -20.35 49.58 31.53
N GLY C 798 -20.63 49.71 32.82
CA GLY C 798 -21.91 49.36 33.38
C GLY C 798 -22.47 50.51 34.19
N TYR C 799 -22.01 51.72 33.87
CA TYR C 799 -22.40 52.90 34.63
C TYR C 799 -23.91 53.13 34.58
N HIS C 800 -24.50 53.01 33.39
CA HIS C 800 -25.95 53.14 33.30
C HIS C 800 -26.65 51.96 33.97
N ILE C 801 -26.06 50.77 33.89
CA ILE C 801 -26.65 49.61 34.55
C ILE C 801 -26.65 49.81 36.07
N ALA C 802 -25.55 50.36 36.59
CA ALA C 802 -25.48 50.62 38.04
C ALA C 802 -26.40 51.75 38.44
N GLU C 803 -26.41 52.85 37.68
CA GLU C 803 -27.28 53.99 38.01
C GLU C 803 -28.74 53.60 37.95
N ALA C 804 -29.11 52.74 37.01
CA ALA C 804 -30.48 52.26 36.91
C ALA C 804 -30.89 51.44 38.13
N GLY C 805 -29.95 50.78 38.79
CA GLY C 805 -30.25 50.09 40.03
C GLY C 805 -30.00 48.59 40.02
N ALA C 806 -29.33 48.10 38.97
CA ALA C 806 -29.07 46.67 38.87
C ALA C 806 -28.18 46.21 40.00
N ASN C 807 -28.50 45.04 40.55
CA ASN C 807 -27.70 44.46 41.62
C ASN C 807 -26.35 44.00 41.07
N PRO C 808 -25.33 43.92 41.94
CA PRO C 808 -23.98 43.61 41.43
C PRO C 808 -23.89 42.32 40.64
N ILE C 809 -24.57 41.27 41.10
CA ILE C 809 -24.45 39.98 40.43
C ILE C 809 -25.01 40.06 39.02
N SER C 810 -26.23 40.57 38.88
CA SER C 810 -26.87 40.62 37.57
C SER C 810 -26.13 41.55 36.63
N GLN C 811 -25.80 42.76 37.08
CA GLN C 811 -25.10 43.72 36.23
C GLN C 811 -23.75 43.17 35.81
N LEU C 812 -23.02 42.56 36.75
CA LEU C 812 -21.72 41.99 36.44
C LEU C 812 -21.84 40.90 35.39
N ALA C 813 -22.80 39.99 35.58
CA ALA C 813 -22.98 38.90 34.63
C ALA C 813 -23.34 39.45 33.25
N PHE C 814 -24.22 40.45 33.21
CA PHE C 814 -24.60 41.03 31.93
C PHE C 814 -23.41 41.66 31.22
N THR C 815 -22.59 42.41 31.96
CA THR C 815 -21.43 43.04 31.35
C THR C 815 -20.44 42.00 30.84
N LEU C 816 -20.42 40.92 31.62
CA LEU C 816 -19.67 39.74 31.37
C LEU C 816 -20.10 39.32 30.03
N ALA C 817 -21.41 39.36 29.92
CA ALA C 817 -22.01 38.91 28.69
C ALA C 817 -21.53 39.67 27.49
N ASN C 818 -21.42 40.98 27.66
CA ASN C 818 -20.99 41.80 26.55
C ASN C 818 -19.60 41.39 26.14
N GLY C 819 -18.72 41.22 27.11
CA GLY C 819 -17.37 40.82 26.80
C GLY C 819 -17.34 39.47 26.11
N PHE C 820 -18.14 38.50 26.55
CA PHE C 820 -18.06 37.24 25.81
C PHE C 820 -18.51 37.40 24.40
N THR C 821 -19.64 38.08 24.26
CA THR C 821 -20.23 38.27 22.97
C THR C 821 -19.30 38.96 22.01
N TYR C 822 -18.88 40.19 22.36
CA TYR C 822 -17.97 40.95 21.51
C TYR C 822 -16.79 40.11 21.08
N VAL C 823 -16.19 39.37 22.03
CA VAL C 823 -15.08 38.49 21.70
C VAL C 823 -15.49 37.47 20.65
N GLU C 824 -16.66 36.84 20.84
CA GLU C 824 -17.13 35.84 19.89
C GLU C 824 -17.30 36.43 18.50
N ALA C 825 -17.88 37.64 18.43
CA ALA C 825 -18.03 38.30 17.14
C ALA C 825 -16.67 38.55 16.50
N TYR C 826 -15.71 39.03 17.29
CA TYR C 826 -14.37 39.24 16.75
C TYR C 826 -13.74 37.90 16.38
N LEU C 827 -13.95 36.87 17.19
CA LEU C 827 -13.53 35.53 16.80
C LEU C 827 -14.30 35.06 15.57
N ALA C 828 -15.59 35.38 15.50
CA ALA C 828 -16.38 35.03 14.32
C ALA C 828 -15.86 35.67 13.05
N ARG C 829 -15.13 36.78 13.17
CA ARG C 829 -14.46 37.39 12.02
C ARG C 829 -13.19 36.66 11.62
N GLY C 830 -12.93 35.49 12.21
CA GLY C 830 -11.71 34.76 11.93
C GLY C 830 -10.46 35.39 12.48
N MET C 831 -10.59 36.32 13.42
CA MET C 831 -9.46 37.03 13.99
C MET C 831 -8.90 36.26 15.18
N HIS C 832 -7.58 36.30 15.31
CA HIS C 832 -6.91 35.70 16.46
C HIS C 832 -7.20 36.53 17.71
N ILE C 833 -7.47 35.83 18.82
CA ILE C 833 -7.93 36.49 20.03
C ILE C 833 -6.89 37.48 20.54
N ASP C 834 -5.62 37.07 20.54
CA ASP C 834 -4.54 37.84 21.14
C ASP C 834 -4.31 39.18 20.49
N ASP C 835 -4.88 39.40 19.31
CA ASP C 835 -4.64 40.62 18.55
C ASP C 835 -5.32 41.84 19.15
N PHE C 836 -6.26 41.66 20.07
CA PHE C 836 -7.06 42.77 20.58
C PHE C 836 -7.33 42.73 22.07
N ALA C 837 -7.09 41.60 22.73
CA ALA C 837 -7.49 41.47 24.13
C ALA C 837 -6.92 42.55 25.05
N PRO C 838 -5.63 42.90 24.99
CA PRO C 838 -5.16 44.01 25.82
C PRO C 838 -5.87 45.33 25.51
N ASN C 839 -6.32 45.51 24.27
CA ASN C 839 -7.02 46.72 23.88
C ASN C 839 -8.43 46.79 24.42
N LEU C 840 -8.92 45.71 25.04
CA LEU C 840 -10.27 45.69 25.57
C LEU C 840 -10.28 46.15 27.03
N SER C 841 -10.99 47.22 27.30
CA SER C 841 -10.99 47.86 28.61
C SER C 841 -12.36 47.74 29.26
N PHE C 842 -12.41 48.00 30.57
CA PHE C 842 -13.63 47.87 31.34
C PHE C 842 -13.83 49.09 32.23
N PHE C 843 -15.09 49.28 32.62
CA PHE C 843 -15.46 50.35 33.55
C PHE C 843 -16.48 49.76 34.52
N PHE C 844 -16.23 49.92 35.82
CA PHE C 844 -17.05 49.34 36.85
C PHE C 844 -17.69 50.43 37.71
N SER C 845 -18.69 50.02 38.49
CA SER C 845 -19.32 50.86 39.49
C SER C 845 -19.74 49.99 40.67
N ASN C 846 -19.37 50.42 41.87
CA ASN C 846 -19.57 49.62 43.08
C ASN C 846 -20.54 50.33 44.01
N GLY C 847 -21.51 49.58 44.52
CA GLY C 847 -22.53 50.11 45.41
C GLY C 847 -22.26 49.79 46.87
N MET C 848 -23.28 50.01 47.70
CA MET C 848 -23.16 49.88 49.14
C MET C 848 -23.13 48.43 49.61
N ASP C 849 -23.59 47.49 48.79
CA ASP C 849 -23.69 46.11 49.23
C ASP C 849 -22.31 45.55 49.57
N PRO C 850 -22.21 44.77 50.64
CA PRO C 850 -20.92 44.12 50.96
C PRO C 850 -20.47 43.14 49.89
N GLU C 851 -21.38 42.70 49.02
CA GLU C 851 -20.98 41.83 47.91
C GLU C 851 -20.00 42.52 46.98
N TYR C 852 -20.03 43.86 46.93
CA TYR C 852 -19.08 44.60 46.12
C TYR C 852 -17.66 44.49 46.67
N SER C 853 -17.51 44.10 47.93
CA SER C 853 -16.22 44.17 48.60
C SER C 853 -15.17 43.29 47.93
N VAL C 854 -15.59 42.19 47.30
CA VAL C 854 -14.68 41.28 46.62
C VAL C 854 -15.11 41.00 45.19
N LEU C 855 -16.16 41.68 44.72
CA LEU C 855 -16.69 41.43 43.38
C LEU C 855 -15.61 41.62 42.32
N GLY C 856 -14.86 42.72 42.42
CA GLY C 856 -13.81 42.98 41.45
C GLY C 856 -12.74 41.92 41.45
N ARG C 857 -12.33 41.45 42.63
CA ARG C 857 -11.32 40.41 42.69
C ARG C 857 -11.81 39.11 42.06
N VAL C 858 -13.06 38.75 42.30
CA VAL C 858 -13.62 37.55 41.66
C VAL C 858 -13.62 37.70 40.15
N ALA C 859 -14.01 38.90 39.67
CA ALA C 859 -14.01 39.14 38.24
C ALA C 859 -12.61 39.01 37.66
N ARG C 860 -11.61 39.57 38.36
CA ARG C 860 -10.23 39.44 37.90
C ARG C 860 -9.79 37.99 37.87
N ARG C 861 -10.13 37.23 38.91
CA ARG C 861 -9.78 35.83 39.00
C ARG C 861 -10.35 35.03 37.84
N ILE C 862 -11.65 35.19 37.57
CA ILE C 862 -12.30 34.37 36.56
C ILE C 862 -11.86 34.77 35.16
N TRP C 863 -11.57 36.05 34.94
CA TRP C 863 -11.24 36.53 33.61
C TRP C 863 -9.99 35.83 33.07
N ALA C 864 -8.98 35.67 33.91
CA ALA C 864 -7.73 35.08 33.45
C ALA C 864 -7.94 33.63 33.00
N VAL C 865 -8.70 32.86 33.78
CA VAL C 865 -8.94 31.47 33.39
C VAL C 865 -9.81 31.42 32.14
N THR C 866 -10.77 32.35 32.01
CA THR C 866 -11.56 32.38 30.79
C THR C 866 -10.68 32.59 29.57
N MET C 867 -9.74 33.53 29.66
CA MET C 867 -8.83 33.77 28.55
C MET C 867 -7.91 32.57 28.30
N ARG C 868 -7.44 31.92 29.37
CA ARG C 868 -6.42 30.89 29.22
C ARG C 868 -7.02 29.57 28.73
N ASP C 869 -7.95 29.00 29.50
CA ASP C 869 -8.36 27.62 29.29
C ASP C 869 -8.97 27.42 27.91
N LYS C 870 -9.90 28.29 27.53
CA LYS C 870 -10.62 28.11 26.27
C LYS C 870 -9.67 28.23 25.08
N TYR C 871 -8.74 29.18 25.13
CA TYR C 871 -7.96 29.53 23.96
C TYR C 871 -6.46 29.31 24.10
N GLY C 872 -5.93 29.28 25.32
CA GLY C 872 -4.49 29.16 25.48
C GLY C 872 -3.73 30.36 24.94
N ALA C 873 -4.26 31.56 25.16
CA ALA C 873 -3.63 32.78 24.67
C ALA C 873 -2.44 33.17 25.52
N ASN C 874 -1.80 34.27 25.15
CA ASN C 874 -0.65 34.78 25.89
C ASN C 874 -1.11 35.54 27.12
N ASP C 875 -0.20 35.70 28.08
CA ASP C 875 -0.51 36.41 29.31
C ASP C 875 -0.88 37.86 29.04
N ARG C 876 -0.14 38.51 28.14
CA ARG C 876 -0.42 39.90 27.80
C ARG C 876 -1.86 40.10 27.34
N SER C 877 -2.40 39.15 26.59
CA SER C 877 -3.82 39.21 26.24
C SER C 877 -4.71 38.91 27.43
N GLN C 878 -4.30 37.97 28.29
CA GLN C 878 -5.11 37.59 29.45
C GLN C 878 -5.17 38.68 30.51
N LYS C 879 -4.32 39.69 30.43
CA LYS C 879 -4.27 40.75 31.45
C LYS C 879 -5.31 41.80 31.10
N LEU C 880 -6.21 42.07 32.05
CA LEU C 880 -7.36 42.94 31.84
C LEU C 880 -7.15 44.27 32.56
N LYS C 881 -7.56 45.36 31.93
CA LYS C 881 -7.59 46.66 32.56
C LYS C 881 -9.04 47.13 32.69
N TYR C 882 -9.33 47.80 33.80
CA TYR C 882 -10.70 48.20 34.10
C TYR C 882 -10.71 49.53 34.81
N HIS C 883 -11.89 50.13 34.88
CA HIS C 883 -12.14 51.34 35.65
C HIS C 883 -13.25 51.07 36.65
N ILE C 884 -13.23 51.77 37.78
CA ILE C 884 -14.20 51.60 38.85
C ILE C 884 -14.81 52.94 39.21
N GLN C 885 -16.13 52.97 39.41
CA GLN C 885 -16.86 54.17 39.77
C GLN C 885 -17.50 53.97 41.15
N THR C 886 -17.59 55.04 41.92
CA THR C 886 -18.24 54.97 43.23
C THR C 886 -19.74 54.73 43.08
N SER C 887 -20.40 54.52 44.20
CA SER C 887 -21.84 54.30 44.20
C SER C 887 -22.57 55.55 43.75
N GLY C 888 -23.39 55.42 42.72
CA GLY C 888 -24.17 56.54 42.21
C GLY C 888 -25.64 56.46 42.55
N ARG C 889 -26.19 55.24 42.50
CA ARG C 889 -27.61 55.07 42.84
C ARG C 889 -27.86 55.34 44.32
N SER C 890 -26.95 54.89 45.19
CA SER C 890 -27.11 55.15 46.61
C SER C 890 -26.75 56.58 46.98
N LEU C 891 -25.86 57.23 46.23
CA LEU C 891 -25.48 58.60 46.50
C LEU C 891 -26.53 59.55 45.93
N HIS C 892 -27.04 60.45 46.77
CA HIS C 892 -28.06 61.40 46.36
C HIS C 892 -27.78 62.75 46.99
N ALA C 893 -28.34 63.80 46.37
CA ALA C 893 -28.17 65.15 46.90
C ALA C 893 -28.77 65.30 48.28
N GLN C 894 -29.83 64.55 48.59
CA GLN C 894 -30.44 64.63 49.90
C GLN C 894 -29.50 64.04 50.95
N GLU C 895 -29.18 64.84 51.97
CA GLU C 895 -28.25 64.46 53.03
C GLU C 895 -26.93 63.95 52.44
N ILE C 896 -26.30 64.82 51.64
CA ILE C 896 -25.03 64.46 51.02
C ILE C 896 -23.91 64.35 52.04
N ASP C 897 -24.08 64.91 53.24
CA ASP C 897 -23.03 64.85 54.25
C ASP C 897 -22.73 63.42 54.67
N PHE C 898 -23.77 62.64 54.98
CA PHE C 898 -23.56 61.24 55.32
C PHE C 898 -23.26 60.41 54.08
N ASN C 899 -23.76 60.85 52.92
CA ASN C 899 -23.47 60.14 51.67
C ASN C 899 -21.99 60.18 51.36
N ASP C 900 -21.33 61.31 51.60
CA ASP C 900 -19.89 61.39 51.40
C ASP C 900 -19.13 60.48 52.35
N ILE C 901 -19.59 60.38 53.60
CA ILE C 901 -18.95 59.48 54.56
C ILE C 901 -19.10 58.03 54.12
N ARG C 902 -20.27 57.70 53.56
CA ARG C 902 -20.44 56.38 52.95
C ARG C 902 -19.49 56.20 51.77
N THR C 903 -19.31 57.27 50.98
CA THR C 903 -18.40 57.21 49.84
C THR C 903 -16.97 56.92 50.27
N THR C 904 -16.59 57.30 51.49
CA THR C 904 -15.30 56.88 52.02
C THR C 904 -15.18 55.35 52.04
N LEU C 905 -16.21 54.68 52.56
CA LEU C 905 -16.22 53.22 52.54
C LEU C 905 -16.25 52.70 51.11
N GLN C 906 -17.03 53.34 50.23
CA GLN C 906 -17.11 52.91 48.84
C GLN C 906 -15.75 52.94 48.17
N ALA C 907 -14.92 53.94 48.51
CA ALA C 907 -13.57 53.98 47.98
C ALA C 907 -12.64 52.99 48.70
N LEU C 908 -12.89 52.76 49.99
CA LEU C 908 -12.03 51.86 50.76
C LEU C 908 -12.09 50.44 50.21
N ILE C 909 -13.29 49.96 49.86
CA ILE C 909 -13.42 48.61 49.34
C ILE C 909 -12.73 48.49 47.99
N ALA C 910 -12.78 49.54 47.16
CA ALA C 910 -12.03 49.53 45.91
C ALA C 910 -10.53 49.49 46.17
N ILE C 911 -10.07 50.22 47.18
CA ILE C 911 -8.66 50.17 47.56
C ILE C 911 -8.27 48.77 47.99
N TYR C 912 -9.17 48.09 48.71
CA TYR C 912 -8.88 46.72 49.17
C TYR C 912 -8.67 45.78 47.99
N ASP C 913 -9.48 45.91 46.96
CA ASP C 913 -9.34 45.09 45.75
C ASP C 913 -8.22 45.59 44.85
N ASN C 914 -7.51 46.64 45.24
CA ASN C 914 -6.38 47.20 44.49
C ASN C 914 -6.82 47.60 43.07
N CYS C 915 -7.77 48.53 43.02
CA CYS C 915 -8.28 49.00 41.75
C CYS C 915 -7.20 49.77 40.99
N ASN C 916 -7.15 49.54 39.68
CA ASN C 916 -6.24 50.27 38.83
C ASN C 916 -6.80 51.62 38.39
N SER C 917 -8.07 51.88 38.65
CA SER C 917 -8.70 53.14 38.26
C SER C 917 -9.90 53.40 39.16
N LEU C 918 -10.02 54.65 39.61
CA LEU C 918 -11.15 55.10 40.41
C LEU C 918 -11.70 56.38 39.81
N HIS C 919 -13.02 56.45 39.65
CA HIS C 919 -13.68 57.59 39.03
C HIS C 919 -14.73 58.16 39.98
N THR C 920 -14.85 59.48 39.99
CA THR C 920 -15.90 60.18 40.71
C THR C 920 -16.83 60.87 39.71
N ASN C 921 -18.12 60.63 39.84
CA ASN C 921 -19.10 61.14 38.90
C ASN C 921 -19.16 62.66 38.96
N ALA C 922 -19.33 63.28 37.80
CA ALA C 922 -19.39 64.73 37.68
C ALA C 922 -20.80 65.17 37.25
N TYR C 923 -21.21 66.33 37.77
CA TYR C 923 -22.54 66.85 37.46
C TYR C 923 -22.64 67.37 36.03
N ASP C 924 -21.52 67.53 35.34
CA ASP C 924 -21.53 68.00 33.96
C ASP C 924 -22.17 66.97 33.03
N ILE C 927 -28.04 70.45 34.61
CA ILE C 927 -27.41 70.30 35.92
C ILE C 927 -26.37 71.39 36.14
N THR C 928 -25.99 71.59 37.39
CA THR C 928 -24.99 72.59 37.72
C THR C 928 -23.60 72.10 37.30
N THR C 929 -22.65 73.04 37.28
CA THR C 929 -21.28 72.71 36.91
C THR C 929 -20.66 71.81 37.98
N PRO C 930 -19.75 70.92 37.57
CA PRO C 930 -19.07 70.06 38.55
C PRO C 930 -18.08 70.86 39.37
N THR C 931 -18.57 71.53 40.42
CA THR C 931 -17.79 72.48 41.19
C THR C 931 -16.51 71.83 41.72
N ALA C 932 -15.50 72.69 41.94
CA ALA C 932 -14.19 72.21 42.37
C ALA C 932 -14.23 71.62 43.77
N GLU C 933 -15.31 71.83 44.53
CA GLU C 933 -15.39 71.25 45.86
C GLU C 933 -15.41 69.72 45.81
N SER C 934 -16.16 69.15 44.87
CA SER C 934 -16.26 67.70 44.78
C SER C 934 -14.91 67.07 44.45
N VAL C 935 -14.22 67.60 43.44
CA VAL C 935 -12.93 67.05 43.07
C VAL C 935 -11.89 67.32 44.15
N ARG C 936 -11.99 68.46 44.84
CA ARG C 936 -11.09 68.73 45.96
C ARG C 936 -11.28 67.72 47.07
N ARG C 937 -12.54 67.39 47.40
CA ARG C 937 -12.81 66.38 48.40
C ARG C 937 -12.31 65.01 47.96
N ALA C 938 -12.49 64.67 46.67
CA ALA C 938 -11.99 63.40 46.17
C ALA C 938 -10.47 63.32 46.27
N LEU C 939 -9.77 64.40 45.91
CA LEU C 939 -8.33 64.43 46.03
C LEU C 939 -7.89 64.37 47.48
N ALA C 940 -8.61 65.03 48.38
CA ALA C 940 -8.30 64.93 49.81
C ALA C 940 -8.49 63.52 50.33
N ILE C 941 -9.53 62.84 49.87
CA ILE C 941 -9.76 61.44 50.26
C ILE C 941 -8.61 60.57 49.75
N GLN C 942 -8.20 60.77 48.50
CA GLN C 942 -7.07 60.01 47.96
C GLN C 942 -5.80 60.26 48.75
N LEU C 943 -5.54 61.53 49.10
CA LEU C 943 -4.36 61.87 49.88
C LEU C 943 -4.41 61.23 51.27
N ILE C 944 -5.59 61.24 51.89
CA ILE C 944 -5.76 60.64 53.21
C ILE C 944 -5.50 59.14 53.14
N ILE C 945 -6.04 58.48 52.12
CA ILE C 945 -5.82 57.04 51.96
C ILE C 945 -4.33 56.76 51.75
N ASN C 946 -3.68 57.57 50.91
CA ASN C 946 -2.26 57.36 50.65
C ASN C 946 -1.41 57.60 51.89
N ARG C 947 -1.79 58.56 52.72
CA ARG C 947 -0.95 59.01 53.82
C ARG C 947 -1.52 58.70 55.20
N GLU C 948 -2.77 59.09 55.46
CA GLU C 948 -3.33 58.98 56.81
C GLU C 948 -3.58 57.54 57.22
N TRP C 949 -3.99 56.69 56.27
CA TRP C 949 -4.30 55.31 56.61
C TRP C 949 -3.06 54.43 56.50
N GLY C 950 -2.55 53.98 57.65
CA GLY C 950 -1.39 53.12 57.65
C GLY C 950 -1.67 51.75 57.04
N VAL C 951 -2.89 51.24 57.25
CA VAL C 951 -3.25 49.93 56.72
C VAL C 951 -3.31 49.97 55.20
N ALA C 952 -3.56 51.15 54.62
CA ALA C 952 -3.60 51.28 53.16
C ALA C 952 -2.24 50.99 52.53
N LYS C 953 -1.16 50.98 53.31
CA LYS C 953 0.16 50.66 52.80
C LYS C 953 0.32 49.18 52.47
N CYS C 954 -0.63 48.34 52.87
CA CYS C 954 -0.56 46.90 52.62
C CYS C 954 -1.20 46.56 51.29
N GLU C 955 -0.54 45.69 50.53
CA GLU C 955 -0.99 45.31 49.19
C GLU C 955 -1.85 44.06 49.18
N ASN C 956 -2.02 43.39 50.31
CA ASN C 956 -2.82 42.16 50.39
C ASN C 956 -3.83 42.24 51.53
N PRO C 957 -4.84 43.11 51.41
CA PRO C 957 -5.80 43.25 52.51
C PRO C 957 -6.83 42.14 52.58
N ASN C 958 -6.90 41.26 51.56
CA ASN C 958 -8.03 40.35 51.44
C ASN C 958 -7.78 39.00 52.12
N GLN C 959 -6.62 38.40 51.89
CA GLN C 959 -6.37 37.04 52.38
C GLN C 959 -6.32 37.00 53.90
N GLY C 960 -6.86 35.92 54.47
CA GLY C 960 -6.81 35.70 55.90
C GLY C 960 -8.12 35.35 56.56
N SER C 961 -9.22 35.95 56.10
CA SER C 961 -10.51 35.71 56.73
C SER C 961 -11.31 34.66 55.96
N PHE C 962 -11.88 33.70 56.69
CA PHE C 962 -12.68 32.65 56.06
C PHE C 962 -13.94 33.21 55.40
N LEU C 963 -14.57 34.20 56.04
CA LEU C 963 -15.79 34.78 55.48
C LEU C 963 -15.55 35.36 54.10
N ILE C 964 -14.38 35.95 53.87
CA ILE C 964 -14.09 36.59 52.60
C ILE C 964 -14.08 35.57 51.48
N GLU C 965 -13.34 34.47 51.66
CA GLU C 965 -13.27 33.46 50.61
C GLU C 965 -14.57 32.69 50.47
N GLU C 966 -15.30 32.50 51.58
CA GLU C 966 -16.63 31.92 51.50
C GLU C 966 -17.54 32.75 50.60
N LEU C 967 -17.58 34.07 50.85
CA LEU C 967 -18.40 34.96 50.04
C LEU C 967 -17.92 34.98 48.59
N THR C 968 -16.61 34.91 48.39
CA THR C 968 -16.05 34.88 47.05
C THR C 968 -16.55 33.67 46.28
N ASP C 969 -16.50 32.49 46.88
CA ASP C 969 -16.95 31.28 46.20
C ASP C 969 -18.46 31.32 45.99
N LEU C 970 -19.21 31.86 46.96
CA LEU C 970 -20.65 31.99 46.79
C LEU C 970 -20.98 32.87 45.59
N VAL C 971 -20.30 34.01 45.46
CA VAL C 971 -20.53 34.90 44.34
C VAL C 971 -20.13 34.23 43.03
N GLU C 972 -19.01 33.50 43.04
CA GLU C 972 -18.60 32.76 41.85
C GLU C 972 -19.69 31.81 41.39
N GLU C 973 -20.23 31.02 42.31
CA GLU C 973 -21.27 30.07 41.94
C GLU C 973 -22.53 30.77 41.48
N ALA C 974 -22.92 31.87 42.14
CA ALA C 974 -24.12 32.59 41.75
C ALA C 974 -23.97 33.17 40.34
N VAL C 975 -22.78 33.68 40.02
CA VAL C 975 -22.54 34.19 38.67
C VAL C 975 -22.60 33.06 37.66
N LEU C 976 -22.04 31.89 38.01
CA LEU C 976 -22.18 30.72 37.15
C LEU C 976 -23.65 30.41 36.91
N GLN C 977 -24.47 30.43 37.96
CA GLN C 977 -25.89 30.15 37.83
C GLN C 977 -26.56 31.15 36.92
N GLU C 978 -26.24 32.44 37.07
CA GLU C 978 -26.86 33.45 36.23
C GLU C 978 -26.44 33.28 34.77
N PHE C 979 -25.17 32.93 34.53
CA PHE C 979 -24.72 32.69 33.17
C PHE C 979 -25.45 31.50 32.56
N GLU C 980 -25.62 30.43 33.33
CA GLU C 980 -26.37 29.28 32.83
C GLU C 980 -27.83 29.67 32.56
N ARG C 981 -28.39 30.54 33.38
CA ARG C 981 -29.74 31.04 33.13
C ARG C 981 -29.80 31.79 31.81
N ILE C 982 -28.84 32.68 31.57
CA ILE C 982 -28.83 33.46 30.33
C ILE C 982 -28.49 32.55 29.16
N ALA C 983 -27.56 31.62 29.35
CA ALA C 983 -27.30 30.62 28.32
C ALA C 983 -28.56 29.83 28.00
N GLU C 984 -29.42 29.61 28.99
CA GLU C 984 -30.72 29.00 28.76
C GLU C 984 -31.68 29.92 28.02
N ARG C 985 -31.45 31.23 28.07
CA ARG C 985 -32.29 32.20 27.38
C ARG C 985 -31.85 32.42 25.95
N GLY C 986 -31.11 31.48 25.37
CA GLY C 986 -30.74 31.55 23.98
C GLY C 986 -29.56 32.43 23.64
N GLY C 987 -28.90 33.01 24.63
CA GLY C 987 -27.80 33.90 24.37
C GLY C 987 -28.18 35.36 24.47
N VAL C 988 -27.18 36.22 24.23
CA VAL C 988 -27.36 37.65 24.39
C VAL C 988 -28.37 38.19 23.38
N LEU C 989 -28.31 37.70 22.14
CA LEU C 989 -29.23 38.19 21.12
C LEU C 989 -30.67 37.93 21.52
N GLY C 990 -30.98 36.68 21.89
CA GLY C 990 -32.33 36.36 22.31
C GLY C 990 -32.75 37.07 23.58
N ALA C 991 -31.82 37.23 24.52
CA ALA C 991 -32.14 37.92 25.77
C ALA C 991 -32.51 39.38 25.50
N MET C 992 -31.72 40.07 24.67
CA MET C 992 -32.05 41.44 24.30
C MET C 992 -33.34 41.52 23.51
N GLU C 993 -33.58 40.53 22.63
CA GLU C 993 -34.84 40.48 21.91
C GLU C 993 -36.01 40.31 22.87
N THR C 994 -35.77 39.66 23.99
CA THR C 994 -36.82 39.36 24.96
C THR C 994 -37.16 40.54 25.86
N GLY C 995 -36.20 41.43 26.13
CA GLY C 995 -36.35 42.36 27.22
C GLY C 995 -36.20 41.71 28.57
N TYR C 996 -35.49 40.58 28.64
CA TYR C 996 -35.26 39.90 29.90
C TYR C 996 -34.56 40.81 30.90
N GLN C 997 -33.53 41.52 30.43
CA GLN C 997 -32.87 42.52 31.28
C GLN C 997 -33.84 43.57 31.77
N ARG C 998 -34.82 43.95 30.93
CA ARG C 998 -35.82 44.91 31.36
C ARG C 998 -36.63 44.37 32.54
N GLY C 999 -37.07 43.12 32.44
CA GLY C 999 -37.76 42.51 33.58
C GLY C 999 -36.89 42.45 34.81
N LYS C 1000 -35.61 42.10 34.62
CA LYS C 1000 -34.67 42.05 35.73
C LYS C 1000 -34.58 43.40 36.45
N ILE C 1001 -34.34 44.46 35.69
CA ILE C 1001 -34.15 45.78 36.30
C ILE C 1001 -35.45 46.27 36.93
N GLN C 1002 -36.58 46.03 36.26
CA GLN C 1002 -37.85 46.48 36.82
C GLN C 1002 -38.14 45.76 38.13
N GLU C 1003 -37.89 44.46 38.18
CA GLU C 1003 -38.10 43.71 39.41
C GLU C 1003 -37.16 44.17 40.51
N GLU C 1004 -35.90 44.44 40.17
CA GLU C 1004 -34.95 44.93 41.18
C GLU C 1004 -35.39 46.28 41.72
N SER C 1005 -35.82 47.18 40.84
CA SER C 1005 -36.29 48.49 41.27
C SER C 1005 -37.52 48.35 42.16
N LEU C 1006 -38.46 47.50 41.77
CA LEU C 1006 -39.66 47.30 42.57
C LEU C 1006 -39.33 46.70 43.93
N TYR C 1007 -38.40 45.75 43.97
CA TYR C 1007 -38.00 45.16 45.24
C TYR C 1007 -37.33 46.20 46.13
N TYR C 1008 -36.45 47.02 45.56
CA TYR C 1008 -35.78 48.05 46.35
C TYR C 1008 -36.79 49.07 46.88
N GLU C 1009 -37.76 49.45 46.05
CA GLU C 1009 -38.76 50.41 46.52
C GLU C 1009 -39.68 49.78 47.55
N GLN C 1010 -39.93 48.47 47.47
CA GLN C 1010 -40.63 47.77 48.54
C GLN C 1010 -39.86 47.86 49.84
N LEU C 1011 -38.54 47.62 49.76
CA LEU C 1011 -37.70 47.74 50.95
C LEU C 1011 -37.72 49.16 51.51
N LYS C 1012 -37.65 50.16 50.65
CA LYS C 1012 -37.61 51.55 51.11
C LYS C 1012 -38.94 51.96 51.75
N HIS C 1013 -40.05 51.73 51.04
CA HIS C 1013 -41.36 52.14 51.53
C HIS C 1013 -41.77 51.35 52.77
N ASP C 1014 -41.50 50.05 52.79
CA ASP C 1014 -41.82 49.25 53.97
C ASP C 1014 -40.94 49.62 55.16
N GLY C 1015 -39.79 50.26 54.90
CA GLY C 1015 -38.86 50.59 55.95
C GLY C 1015 -37.95 49.46 56.37
N THR C 1016 -38.06 48.29 55.74
CA THR C 1016 -37.23 47.15 56.11
C THR C 1016 -35.76 47.41 55.82
N LEU C 1017 -35.45 48.12 54.75
CA LEU C 1017 -34.07 48.40 54.39
C LEU C 1017 -33.56 49.56 55.24
N PRO C 1018 -32.52 49.37 56.04
CA PRO C 1018 -32.00 50.49 56.85
C PRO C 1018 -31.22 51.47 55.99
N ILE C 1019 -31.66 52.74 56.02
CA ILE C 1019 -31.01 53.81 55.28
C ILE C 1019 -30.58 54.85 56.30
N ILE C 1020 -29.28 55.13 56.36
CA ILE C 1020 -28.77 56.09 57.34
C ILE C 1020 -29.13 57.50 56.89
N GLY C 1021 -29.90 58.20 57.73
CA GLY C 1021 -30.26 59.57 57.48
C GLY C 1021 -31.56 59.78 56.73
N VAL C 1022 -32.20 58.72 56.24
CA VAL C 1022 -33.45 58.88 55.50
C VAL C 1022 -34.59 58.18 56.23
N ASN C 1023 -34.49 56.85 56.38
CA ASN C 1023 -35.45 56.08 57.14
C ASN C 1023 -35.10 55.96 58.61
N THR C 1024 -33.88 56.35 58.99
CA THR C 1024 -33.44 56.29 60.37
C THR C 1024 -32.47 57.43 60.60
N PHE C 1025 -32.31 57.81 61.88
CA PHE C 1025 -31.45 58.93 62.27
C PHE C 1025 -31.88 60.22 61.57
N ARG C 1026 -33.18 60.49 61.61
CA ARG C 1026 -33.72 61.70 61.00
C ARG C 1026 -33.18 62.94 61.68
N ASN C 1027 -32.93 63.98 60.88
CA ASN C 1027 -32.47 65.24 61.42
C ASN C 1027 -33.60 65.92 62.20
N PRO C 1028 -33.39 66.26 63.47
CA PRO C 1028 -34.48 66.86 64.26
C PRO C 1028 -34.95 68.20 63.73
N ASN C 1029 -34.07 68.97 63.08
CA ASN C 1029 -34.39 70.31 62.62
C ASN C 1029 -35.12 70.35 61.29
N GLY C 1030 -34.75 69.49 60.34
CA GLY C 1030 -35.35 69.51 59.03
C GLY C 1030 -36.82 69.17 59.01
N LEU C 1039 -25.87 73.92 33.56
CA LEU C 1039 -26.69 75.06 33.19
C LEU C 1039 -25.92 76.03 32.31
N ALA C 1040 -25.17 75.50 31.36
CA ALA C 1040 -24.38 76.32 30.46
C ALA C 1040 -25.21 76.72 29.24
N ARG C 1041 -25.22 78.02 28.95
CA ARG C 1041 -25.95 78.55 27.82
C ARG C 1041 -24.98 79.31 26.92
N SER C 1042 -25.24 79.24 25.62
CA SER C 1042 -24.42 79.90 24.63
C SER C 1042 -25.24 80.94 23.91
N SER C 1043 -24.58 82.02 23.50
CA SER C 1043 -25.26 83.06 22.75
C SER C 1043 -25.77 82.50 21.43
N GLU C 1044 -26.93 83.02 21.00
CA GLU C 1044 -27.49 82.63 19.71
C GLU C 1044 -26.52 82.95 18.58
N ASP C 1045 -25.75 84.04 18.72
CA ASP C 1045 -24.86 84.45 17.65
C ASP C 1045 -23.71 83.48 17.45
N GLU C 1046 -23.22 82.85 18.52
CA GLU C 1046 -22.18 81.84 18.36
C GLU C 1046 -22.70 80.64 17.58
N LYS C 1047 -23.92 80.20 17.89
CA LYS C 1047 -24.53 79.12 17.13
C LYS C 1047 -24.75 79.52 15.68
N GLN C 1048 -25.14 80.77 15.45
CA GLN C 1048 -25.31 81.26 14.08
C GLN C 1048 -23.99 81.25 13.33
N SER C 1049 -22.90 81.66 14.00
CA SER C 1049 -21.59 81.66 13.37
C SER C 1049 -21.15 80.23 13.03
N GLN C 1050 -21.37 79.29 13.95
CA GLN C 1050 -21.01 77.91 13.68
C GLN C 1050 -21.84 77.34 12.53
N LEU C 1051 -23.13 77.67 12.49
CA LEU C 1051 -23.98 77.21 11.40
C LEU C 1051 -23.56 77.83 10.08
N HIS C 1052 -23.14 79.10 10.10
CA HIS C 1052 -22.65 79.74 8.89
C HIS C 1052 -21.37 79.07 8.40
N ARG C 1053 -20.47 78.72 9.33
CA ARG C 1053 -19.29 77.96 8.95
C ARG C 1053 -19.66 76.62 8.33
N LEU C 1054 -20.65 75.94 8.91
CA LEU C 1054 -21.09 74.66 8.36
C LEU C 1054 -21.68 74.81 6.97
N THR C 1055 -22.51 75.84 6.77
CA THR C 1055 -23.08 76.09 5.45
C THR C 1055 -22.01 76.45 4.43
N GLU C 1056 -21.01 77.22 4.84
CA GLU C 1056 -19.86 77.50 3.98
C GLU C 1056 -19.15 76.22 3.60
N PHE C 1057 -18.97 75.31 4.56
CA PHE C 1057 -18.40 74.00 4.27
C PHE C 1057 -19.28 73.25 3.26
N HIS C 1058 -20.60 73.33 3.43
CA HIS C 1058 -21.52 72.80 2.44
C HIS C 1058 -21.34 73.52 1.11
N GLY C 1059 -21.27 74.85 1.15
CA GLY C 1059 -21.00 75.62 -0.05
C GLY C 1059 -19.61 75.38 -0.61
N ALA C 1060 -18.66 75.00 0.23
CA ALA C 1060 -17.35 74.60 -0.28
C ALA C 1060 -17.45 73.28 -1.03
N HIS C 1061 -18.35 72.39 -0.60
CA HIS C 1061 -18.50 71.07 -1.20
C HIS C 1061 -19.86 70.89 -1.86
N GLN C 1062 -20.56 71.98 -2.16
CA GLN C 1062 -21.85 71.87 -2.85
C GLN C 1062 -21.68 71.33 -4.26
N ALA C 1063 -20.65 71.78 -4.98
CA ALA C 1063 -20.44 71.31 -6.34
C ALA C 1063 -19.94 69.87 -6.35
N ASP C 1064 -19.06 69.53 -5.41
CA ASP C 1064 -18.52 68.18 -5.30
C ASP C 1064 -19.39 67.28 -4.43
N ALA C 1065 -20.53 67.77 -3.96
CA ALA C 1065 -21.43 66.94 -3.15
C ALA C 1065 -21.90 65.72 -3.92
N GLU C 1066 -22.09 65.86 -5.23
CA GLU C 1066 -22.54 64.73 -6.03
C GLU C 1066 -21.53 63.59 -6.01
N ALA C 1067 -20.24 63.92 -6.10
CA ALA C 1067 -19.21 62.90 -6.01
C ALA C 1067 -19.22 62.23 -4.65
N MET C 1068 -19.41 63.00 -3.59
CA MET C 1068 -19.47 62.43 -2.25
C MET C 1068 -20.65 61.48 -2.10
N LEU C 1069 -21.82 61.87 -2.64
CA LEU C 1069 -22.99 60.99 -2.59
C LEU C 1069 -22.76 59.72 -3.40
N ALA C 1070 -22.13 59.86 -4.57
CA ALA C 1070 -21.83 58.69 -5.39
C ALA C 1070 -20.91 57.73 -4.66
N ARG C 1071 -19.85 58.25 -4.03
CA ARG C 1071 -18.96 57.42 -3.25
C ARG C 1071 -19.69 56.78 -2.07
N LEU C 1072 -20.57 57.54 -1.42
CA LEU C 1072 -21.35 57.01 -0.30
C LEU C 1072 -22.19 55.82 -0.72
N ARG C 1073 -22.94 55.96 -1.82
CA ARG C 1073 -23.82 54.86 -2.23
C ARG C 1073 -23.00 53.72 -2.83
N GLN C 1074 -21.84 54.03 -3.40
CA GLN C 1074 -20.93 53.00 -3.88
C GLN C 1074 -20.43 52.12 -2.74
N ALA C 1075 -20.05 52.74 -1.63
CA ALA C 1075 -19.71 51.96 -0.44
C ALA C 1075 -20.95 51.28 0.14
N VAL C 1076 -22.11 51.91 -0.01
CA VAL C 1076 -23.34 51.38 0.55
C VAL C 1076 -23.71 50.05 -0.09
N ILE C 1077 -23.59 49.96 -1.42
CA ILE C 1077 -24.06 48.76 -2.12
C ILE C 1077 -23.15 47.58 -1.82
N ASP C 1078 -21.83 47.79 -1.83
CA ASP C 1078 -20.90 46.67 -1.72
C ASP C 1078 -20.68 46.20 -0.30
N ASN C 1079 -21.06 46.99 0.70
CA ASN C 1079 -20.92 46.61 2.11
C ASN C 1079 -19.47 46.25 2.46
N ARG C 1080 -18.54 47.01 1.91
CA ARG C 1080 -17.12 46.74 2.10
C ARG C 1080 -16.60 47.51 3.31
N ASN C 1081 -15.28 47.55 3.48
CA ASN C 1081 -14.65 48.22 4.62
C ASN C 1081 -15.05 49.68 4.61
N VAL C 1082 -15.86 50.07 5.59
CA VAL C 1082 -16.42 51.42 5.62
C VAL C 1082 -15.35 52.46 5.87
N PHE C 1083 -14.46 52.21 6.84
CA PHE C 1083 -13.49 53.23 7.22
C PHE C 1083 -12.53 53.54 6.08
N ALA C 1084 -12.34 52.61 5.15
CA ALA C 1084 -11.61 52.93 3.92
C ALA C 1084 -12.27 54.08 3.18
N VAL C 1085 -13.60 54.14 3.22
CA VAL C 1085 -14.31 55.28 2.68
C VAL C 1085 -14.43 56.40 3.71
N LEU C 1086 -14.66 56.05 4.98
CA LEU C 1086 -14.78 57.06 6.02
C LEU C 1086 -13.52 57.88 6.18
N MET C 1087 -12.36 57.30 5.87
CA MET C 1087 -11.13 58.07 5.85
C MET C 1087 -11.18 59.19 4.83
N ASP C 1088 -12.02 59.06 3.81
CA ASP C 1088 -12.18 60.08 2.77
C ASP C 1088 -13.45 60.90 2.93
N ALA C 1089 -14.54 60.27 3.40
CA ALA C 1089 -15.82 60.98 3.50
C ALA C 1089 -15.74 62.13 4.49
N VAL C 1090 -15.08 61.93 5.63
CA VAL C 1090 -15.07 62.93 6.70
C VAL C 1090 -14.39 64.22 6.28
N ARG C 1091 -13.36 64.16 5.44
CA ARG C 1091 -12.66 65.36 5.03
C ARG C 1091 -13.46 66.20 4.05
N VAL C 1092 -14.53 65.64 3.48
CA VAL C 1092 -15.40 66.38 2.57
C VAL C 1092 -16.86 66.34 3.00
N CYS C 1093 -17.19 65.60 4.05
CA CYS C 1093 -18.55 65.54 4.55
C CYS C 1093 -18.55 65.71 6.06
N SER C 1094 -19.52 66.49 6.54
CA SER C 1094 -19.72 66.67 7.98
C SER C 1094 -20.48 65.49 8.55
N LEU C 1095 -20.60 65.46 9.88
CA LEU C 1095 -21.24 64.34 10.55
C LEU C 1095 -22.71 64.23 10.17
N GLY C 1096 -23.42 65.37 10.13
CA GLY C 1096 -24.86 65.32 9.92
C GLY C 1096 -25.25 64.74 8.58
N GLN C 1097 -24.51 65.10 7.53
CA GLN C 1097 -24.78 64.54 6.21
C GLN C 1097 -24.60 63.03 6.20
N ILE C 1098 -23.53 62.55 6.85
CA ILE C 1098 -23.27 61.11 6.92
C ILE C 1098 -24.38 60.41 7.69
N THR C 1099 -24.84 61.02 8.79
CA THR C 1099 -25.94 60.43 9.55
C THR C 1099 -27.21 60.35 8.72
N HIS C 1100 -27.51 61.42 7.97
CA HIS C 1100 -28.66 61.40 7.08
C HIS C 1100 -28.53 60.29 6.05
N ALA C 1101 -27.35 60.13 5.46
CA ALA C 1101 -27.14 59.11 4.46
C ALA C 1101 -27.30 57.71 5.05
N LEU C 1102 -26.82 57.51 6.28
CA LEU C 1102 -26.93 56.20 6.90
C LEU C 1102 -28.36 55.88 7.29
N PHE C 1103 -29.12 56.90 7.71
CA PHE C 1103 -30.57 56.69 7.86
C PHE C 1103 -31.21 56.39 6.51
N GLU C 1104 -30.66 56.99 5.45
CA GLU C 1104 -31.17 56.79 4.10
C GLU C 1104 -30.93 55.37 3.62
N VAL C 1105 -29.84 54.72 4.08
CA VAL C 1105 -29.55 53.35 3.66
C VAL C 1105 -30.55 52.35 4.22
N GLY C 1106 -31.35 52.74 5.20
CA GLY C 1106 -32.29 51.84 5.83
C GLY C 1106 -31.82 51.24 7.14
N GLY C 1107 -30.67 51.67 7.66
CA GLY C 1107 -30.16 51.16 8.91
C GLY C 1107 -30.75 51.77 10.14
N GLN C 1108 -31.69 52.71 9.99
CA GLN C 1108 -32.35 53.31 11.14
C GLN C 1108 -33.10 52.27 11.93
N TYR C 1109 -33.09 52.41 13.26
CA TYR C 1109 -33.80 51.47 14.12
C TYR C 1109 -35.30 51.57 13.91
N ARG C 1110 -35.98 50.43 14.03
CA ARG C 1110 -37.42 50.36 13.86
C ARG C 1110 -38.06 50.00 15.20
N ARG C 1111 -39.02 50.82 15.63
CA ARG C 1111 -39.70 50.61 16.89
C ARG C 1111 -40.71 49.47 16.72
N ASN C 1112 -40.19 48.24 16.64
CA ASN C 1112 -41.02 47.05 16.53
C ASN C 1112 -41.12 46.30 17.85
N MET C 1113 -40.88 46.99 18.95
CA MET C 1113 -40.86 46.35 20.26
C MET C 1113 -41.93 46.94 21.18
N GLY D 42 66.48 -60.35 -26.87
CA GLY D 42 65.67 -61.51 -26.52
C GLY D 42 66.03 -62.10 -25.17
N PRO D 43 65.54 -61.47 -24.09
CA PRO D 43 65.83 -61.96 -22.75
C PRO D 43 65.17 -63.31 -22.48
N ALA D 44 65.83 -64.09 -21.63
CA ALA D 44 65.31 -65.40 -21.26
C ALA D 44 64.10 -65.30 -20.34
N ASN D 45 64.17 -64.45 -19.33
CA ASN D 45 63.10 -64.24 -18.37
C ASN D 45 62.59 -62.81 -18.47
N LYS D 46 61.63 -62.49 -17.60
CA LYS D 46 61.11 -61.13 -17.53
C LYS D 46 62.16 -60.22 -16.91
N VAL D 47 62.88 -59.49 -17.76
CA VAL D 47 63.95 -58.61 -17.30
C VAL D 47 63.32 -57.31 -16.80
N ARG D 48 63.63 -56.95 -15.56
CA ARG D 48 63.08 -55.76 -14.93
C ARG D 48 64.15 -54.69 -14.87
N PHE D 49 63.79 -53.47 -15.25
CA PHE D 49 64.71 -52.35 -15.26
C PHE D 49 64.07 -51.16 -14.55
N VAL D 50 64.91 -50.32 -13.97
CA VAL D 50 64.46 -49.09 -13.32
C VAL D 50 65.25 -47.93 -13.90
N THR D 51 64.54 -46.92 -14.37
CA THR D 51 65.14 -45.74 -14.97
C THR D 51 64.71 -44.50 -14.21
N ALA D 52 65.66 -43.60 -13.98
CA ALA D 52 65.37 -42.33 -13.33
C ALA D 52 66.53 -41.37 -13.58
N ALA D 53 66.29 -40.10 -13.28
CA ALA D 53 67.30 -39.07 -13.38
C ALA D 53 67.76 -38.66 -12.00
N SER D 54 68.79 -37.83 -11.95
CA SER D 54 69.35 -37.38 -10.69
C SER D 54 68.41 -36.40 -10.00
N LEU D 55 68.68 -36.15 -8.72
CA LEU D 55 67.92 -35.17 -7.97
C LEU D 55 68.20 -33.77 -8.51
N PHE D 56 67.22 -32.88 -8.31
CA PHE D 56 67.30 -31.49 -8.76
C PHE D 56 67.52 -31.39 -10.26
N ASP D 57 66.87 -32.27 -11.03
CA ASP D 57 66.98 -32.29 -12.48
C ASP D 57 65.72 -31.70 -13.07
N GLY D 58 65.89 -30.81 -14.05
CA GLY D 58 64.76 -30.08 -14.60
C GLY D 58 64.18 -30.66 -15.88
N HIS D 59 65.03 -31.08 -16.81
CA HIS D 59 64.60 -31.55 -18.11
C HIS D 59 64.65 -33.06 -18.17
N ASP D 60 63.55 -33.67 -18.63
CA ASP D 60 63.43 -35.12 -18.70
C ASP D 60 62.89 -35.62 -20.03
N ALA D 61 62.82 -34.76 -21.05
CA ALA D 61 62.30 -35.19 -22.34
C ALA D 61 63.18 -36.26 -22.96
N SER D 62 64.50 -36.08 -22.90
CA SER D 62 65.41 -37.05 -23.51
C SER D 62 65.27 -38.41 -22.86
N ILE D 63 65.24 -38.44 -21.53
CA ILE D 63 65.10 -39.71 -20.83
C ILE D 63 63.72 -40.29 -21.06
N ASN D 64 62.69 -39.44 -21.23
CA ASN D 64 61.36 -39.94 -21.54
C ASN D 64 61.35 -40.66 -22.88
N ILE D 65 61.97 -40.07 -23.90
CA ILE D 65 62.06 -40.71 -25.20
C ILE D 65 62.89 -41.98 -25.14
N MET D 66 64.00 -41.96 -24.40
CA MET D 66 64.82 -43.15 -24.25
C MET D 66 64.03 -44.27 -23.58
N ARG D 67 63.25 -43.94 -22.55
CA ARG D 67 62.40 -44.93 -21.89
C ARG D 67 61.35 -45.47 -22.84
N ARG D 68 60.77 -44.61 -23.67
CA ARG D 68 59.80 -45.09 -24.65
C ARG D 68 60.47 -46.06 -25.62
N ILE D 69 61.70 -45.74 -26.03
CA ILE D 69 62.46 -46.63 -26.89
C ILE D 69 62.68 -47.98 -26.21
N LEU D 70 63.07 -47.95 -24.93
CA LEU D 70 63.36 -49.19 -24.22
C LEU D 70 62.12 -50.05 -24.10
N GLN D 71 61.01 -49.46 -23.68
CA GLN D 71 59.79 -50.24 -23.54
C GLN D 71 59.26 -50.69 -24.90
N SER D 72 59.58 -49.95 -25.96
CA SER D 72 59.28 -50.43 -27.31
C SER D 72 60.12 -51.65 -27.65
N GLN D 73 61.37 -51.69 -27.20
CA GLN D 73 62.20 -52.88 -27.39
C GLN D 73 61.65 -54.09 -26.65
N GLY D 74 60.75 -53.89 -25.69
CA GLY D 74 60.16 -54.99 -24.95
C GLY D 74 60.72 -55.11 -23.55
N CYS D 75 60.94 -53.96 -22.91
CA CYS D 75 61.56 -53.91 -21.59
C CYS D 75 60.52 -53.55 -20.54
N GLU D 76 60.49 -54.30 -19.45
CA GLU D 76 59.60 -54.01 -18.33
C GLU D 76 60.31 -53.06 -17.38
N VAL D 77 59.87 -51.80 -17.36
CA VAL D 77 60.60 -50.72 -16.71
C VAL D 77 59.65 -50.00 -15.76
N ILE D 78 60.17 -49.58 -14.61
CA ILE D 78 59.46 -48.73 -13.67
C ILE D 78 60.28 -47.43 -13.58
N HIS D 79 59.71 -46.35 -14.09
CA HIS D 79 60.34 -45.03 -14.01
C HIS D 79 59.64 -44.17 -12.97
N LEU D 80 60.42 -43.43 -12.21
CA LEU D 80 59.88 -42.60 -11.13
C LEU D 80 60.05 -41.11 -11.37
N GLY D 81 60.61 -40.70 -12.51
CA GLY D 81 60.75 -39.29 -12.80
C GLY D 81 62.01 -38.68 -12.20
N HIS D 82 61.97 -37.36 -12.05
CA HIS D 82 63.11 -36.58 -11.61
C HIS D 82 63.10 -36.38 -10.10
N ASN D 83 64.25 -35.95 -9.57
CA ASN D 83 64.40 -35.55 -8.18
C ASN D 83 63.99 -36.67 -7.24
N ARG D 84 64.73 -37.77 -7.30
CA ARG D 84 64.45 -38.96 -6.52
C ARG D 84 65.63 -39.29 -5.62
N SER D 85 65.38 -39.35 -4.31
CA SER D 85 66.42 -39.69 -3.36
C SER D 85 67.03 -41.04 -3.68
N VAL D 86 68.35 -41.04 -3.88
CA VAL D 86 69.05 -42.26 -4.26
C VAL D 86 68.83 -43.35 -3.20
N GLN D 87 68.67 -42.94 -1.94
CA GLN D 87 68.33 -43.90 -0.89
C GLN D 87 66.96 -44.52 -1.16
N GLU D 88 65.95 -43.69 -1.41
CA GLU D 88 64.64 -44.21 -1.76
C GLU D 88 64.68 -44.96 -3.07
N VAL D 89 65.56 -44.53 -3.99
CA VAL D 89 65.74 -45.26 -5.24
C VAL D 89 66.18 -46.69 -4.97
N VAL D 90 67.22 -46.85 -4.15
CA VAL D 90 67.70 -48.19 -3.80
C VAL D 90 66.64 -48.95 -3.05
N THR D 91 65.87 -48.26 -2.21
CA THR D 91 64.78 -48.92 -1.49
C THR D 91 63.79 -49.55 -2.47
N ALA D 92 63.30 -48.76 -3.42
CA ALA D 92 62.34 -49.26 -4.39
C ALA D 92 62.95 -50.37 -5.23
N ALA D 93 64.19 -50.19 -5.68
CA ALA D 93 64.83 -51.18 -6.54
C ALA D 93 65.00 -52.51 -5.82
N LEU D 94 65.51 -52.49 -4.59
CA LEU D 94 65.71 -53.71 -3.85
C LEU D 94 64.40 -54.35 -3.44
N GLN D 95 63.34 -53.55 -3.26
CA GLN D 95 62.05 -54.15 -2.96
C GLN D 95 61.45 -54.80 -4.20
N GLU D 96 61.70 -54.24 -5.38
CA GLU D 96 61.18 -54.82 -6.61
C GLU D 96 62.05 -55.93 -7.15
N ASP D 97 63.33 -55.96 -6.80
CA ASP D 97 64.28 -56.95 -7.28
C ASP D 97 64.34 -56.95 -8.81
N VAL D 98 64.77 -55.80 -9.34
CA VAL D 98 64.90 -55.63 -10.78
C VAL D 98 66.33 -55.95 -11.19
N GLN D 99 66.51 -56.26 -12.47
CA GLN D 99 67.79 -56.70 -12.97
C GLN D 99 68.67 -55.59 -13.51
N GLY D 100 68.08 -54.50 -13.98
CA GLY D 100 68.86 -53.43 -14.56
C GLY D 100 68.48 -52.08 -13.96
N ILE D 101 69.47 -51.20 -13.89
CA ILE D 101 69.27 -49.84 -13.41
C ILE D 101 69.87 -48.90 -14.45
N ALA D 102 69.07 -47.94 -14.92
CA ALA D 102 69.54 -46.91 -15.82
C ALA D 102 69.56 -45.58 -15.08
N ILE D 103 70.68 -44.87 -15.17
CA ILE D 103 70.87 -43.61 -14.46
C ILE D 103 71.19 -42.53 -15.48
N SER D 104 70.44 -41.44 -15.44
CA SER D 104 70.67 -40.28 -16.28
C SER D 104 71.20 -39.14 -15.43
N SER D 105 72.41 -38.69 -15.73
CA SER D 105 73.08 -37.66 -14.94
C SER D 105 73.56 -36.56 -15.89
N TYR D 106 72.67 -35.61 -16.17
CA TYR D 106 73.00 -34.51 -17.07
C TYR D 106 73.42 -33.25 -16.33
N GLN D 107 73.62 -33.31 -15.02
CA GLN D 107 73.93 -32.13 -14.21
C GLN D 107 75.26 -32.22 -13.49
N GLY D 108 75.96 -33.35 -13.58
CA GLY D 108 77.25 -33.48 -12.93
C GLY D 108 77.15 -33.85 -11.46
N GLY D 109 78.31 -34.06 -10.86
CA GLY D 109 78.34 -34.49 -9.47
C GLY D 109 77.83 -35.89 -9.24
N HIS D 110 77.66 -36.67 -10.31
CA HIS D 110 77.09 -38.01 -10.22
C HIS D 110 78.03 -39.01 -9.56
N VAL D 111 79.29 -38.64 -9.38
CA VAL D 111 80.26 -39.57 -8.80
C VAL D 111 79.81 -40.01 -7.41
N GLU D 112 79.36 -39.05 -6.59
CA GLU D 112 78.90 -39.38 -5.24
C GLU D 112 77.74 -40.37 -5.28
N TYR D 113 76.73 -40.10 -6.11
CA TYR D 113 75.56 -40.96 -6.16
C TYR D 113 75.94 -42.36 -6.64
N PHE D 114 76.75 -42.43 -7.70
CA PHE D 114 77.15 -43.74 -8.22
C PHE D 114 77.95 -44.51 -7.20
N LYS D 115 78.91 -43.87 -6.54
CA LYS D 115 79.72 -44.55 -5.53
C LYS D 115 78.85 -45.05 -4.38
N TYR D 116 77.95 -44.19 -3.89
CA TYR D 116 77.09 -44.59 -2.78
C TYR D 116 76.22 -45.78 -3.16
N MET D 117 75.59 -45.71 -4.33
CA MET D 117 74.71 -46.79 -4.74
C MET D 117 75.48 -48.09 -4.96
N ILE D 118 76.66 -48.00 -5.57
CA ILE D 118 77.47 -49.20 -5.79
C ILE D 118 77.87 -49.82 -4.45
N ASP D 119 78.32 -49.00 -3.50
CA ASP D 119 78.71 -49.51 -2.20
C ASP D 119 77.52 -50.14 -1.49
N LEU D 120 76.35 -49.51 -1.58
CA LEU D 120 75.17 -50.07 -0.95
C LEU D 120 74.76 -51.39 -1.59
N LEU D 121 74.80 -51.47 -2.92
CA LEU D 121 74.34 -52.67 -3.61
C LEU D 121 75.29 -53.84 -3.40
N ARG D 122 76.59 -53.62 -3.57
CA ARG D 122 77.54 -54.66 -3.23
C ARG D 122 77.46 -55.00 -1.74
N GLU D 123 77.10 -54.03 -0.92
CA GLU D 123 76.86 -54.27 0.49
C GLU D 123 75.53 -55.00 0.72
N HIS D 124 74.53 -54.75 -0.13
CA HIS D 124 73.21 -55.35 0.02
C HIS D 124 72.92 -56.34 -1.10
N GLY D 125 73.95 -56.98 -1.63
CA GLY D 125 73.78 -58.01 -2.64
C GLY D 125 73.16 -57.53 -3.93
N GLY D 126 73.53 -56.33 -4.36
CA GLY D 126 73.04 -55.80 -5.62
C GLY D 126 74.07 -55.84 -6.72
N GLU D 127 75.14 -56.62 -6.49
CA GLU D 127 76.20 -56.72 -7.49
C GLU D 127 75.70 -57.39 -8.76
N HIS D 128 74.86 -58.41 -8.64
CA HIS D 128 74.32 -59.09 -9.81
C HIS D 128 73.29 -58.27 -10.57
N ILE D 129 72.87 -57.14 -10.01
CA ILE D 129 71.92 -56.26 -10.70
C ILE D 129 72.72 -55.23 -11.50
N GLN D 130 72.55 -55.24 -12.82
CA GLN D 130 73.35 -54.41 -13.71
C GLN D 130 72.95 -52.96 -13.56
N VAL D 131 73.95 -52.07 -13.63
CA VAL D 131 73.77 -50.64 -13.46
C VAL D 131 74.35 -49.94 -14.68
N PHE D 132 73.61 -48.98 -15.22
CA PHE D 132 74.04 -48.24 -16.39
C PHE D 132 73.81 -46.75 -16.19
N GLY D 133 74.76 -45.95 -16.67
CA GLY D 133 74.68 -44.52 -16.53
C GLY D 133 75.00 -43.83 -17.84
N GLY D 134 74.47 -42.62 -17.97
CA GLY D 134 74.71 -41.81 -19.14
C GLY D 134 74.30 -40.37 -18.91
N GLY D 135 75.18 -39.44 -19.25
CA GLY D 135 74.91 -38.03 -19.03
C GLY D 135 75.34 -37.14 -20.17
N GLY D 136 75.34 -37.69 -21.39
CA GLY D 136 75.72 -36.89 -22.55
C GLY D 136 77.14 -36.38 -22.41
N GLY D 137 77.32 -35.09 -22.72
CA GLY D 137 78.63 -34.49 -22.65
C GLY D 137 79.08 -34.06 -21.27
N VAL D 138 78.24 -34.27 -20.26
CA VAL D 138 78.62 -33.93 -18.89
C VAL D 138 79.83 -34.74 -18.44
N ILE D 139 79.82 -36.04 -18.73
CA ILE D 139 80.93 -36.91 -18.36
C ILE D 139 82.12 -36.57 -19.24
N VAL D 140 83.12 -35.92 -18.66
CA VAL D 140 84.37 -35.59 -19.35
C VAL D 140 85.08 -36.90 -19.64
N PRO D 141 85.78 -37.04 -20.78
CA PRO D 141 86.49 -38.30 -21.05
C PRO D 141 87.50 -38.66 -19.97
N ASP D 142 88.13 -37.65 -19.35
CA ASP D 142 88.97 -37.92 -18.19
C ASP D 142 88.11 -38.43 -17.03
N GLU D 143 86.94 -37.84 -16.81
CA GLU D 143 86.01 -38.39 -15.84
C GLU D 143 85.59 -39.80 -16.22
N ILE D 144 85.44 -40.07 -17.52
CA ILE D 144 85.10 -41.40 -17.97
C ILE D 144 86.20 -42.39 -17.57
N ARG D 145 87.46 -42.01 -17.79
CA ARG D 145 88.56 -42.89 -17.39
C ARG D 145 88.61 -43.07 -15.89
N GLU D 146 88.34 -42.00 -15.13
CA GLU D 146 88.32 -42.11 -13.68
C GLU D 146 87.25 -43.09 -13.21
N LEU D 147 86.04 -42.99 -13.78
CA LEU D 147 84.96 -43.90 -13.40
C LEU D 147 85.26 -45.33 -13.84
N GLN D 148 85.82 -45.50 -15.03
CA GLN D 148 86.15 -46.84 -15.52
C GLN D 148 87.20 -47.50 -14.63
N ALA D 149 88.23 -46.75 -14.23
CA ALA D 149 89.21 -47.29 -13.29
C ALA D 149 88.61 -47.49 -11.90
N TYR D 150 87.59 -46.72 -11.55
CA TYR D 150 86.90 -46.92 -10.28
C TYR D 150 86.25 -48.29 -10.21
N GLY D 151 85.61 -48.71 -11.30
CA GLY D 151 84.94 -49.99 -11.33
C GLY D 151 83.45 -49.87 -11.59
N VAL D 152 83.04 -48.75 -12.20
CA VAL D 152 81.64 -48.54 -12.52
C VAL D 152 81.13 -49.67 -13.39
N ALA D 153 79.86 -50.04 -13.20
CA ALA D 153 79.28 -51.13 -13.98
C ALA D 153 79.30 -50.80 -15.47
N ARG D 154 78.71 -49.67 -15.84
CA ARG D 154 78.77 -49.19 -17.22
C ARG D 154 78.29 -47.76 -17.28
N ILE D 155 79.10 -46.88 -17.86
CA ILE D 155 78.74 -45.50 -18.14
C ILE D 155 78.88 -45.29 -19.64
N TYR D 156 77.90 -44.62 -20.25
CA TYR D 156 77.85 -44.46 -21.69
C TYR D 156 78.38 -43.10 -22.10
N SER D 157 79.42 -43.10 -22.92
CA SER D 157 80.09 -41.92 -23.44
C SER D 157 79.30 -41.33 -24.60
N PRO D 158 79.50 -40.04 -24.90
CA PRO D 158 78.82 -39.47 -26.06
C PRO D 158 79.25 -40.09 -27.38
N GLU D 159 80.56 -40.16 -27.64
CA GLU D 159 81.04 -40.74 -28.89
C GLU D 159 80.67 -42.21 -28.99
N ASP D 160 80.83 -42.97 -27.90
CA ASP D 160 80.48 -44.38 -27.92
C ASP D 160 78.99 -44.57 -28.16
N GLY D 161 78.15 -43.77 -27.50
CA GLY D 161 76.71 -43.88 -27.72
C GLY D 161 76.31 -43.53 -29.14
N GLN D 162 76.95 -42.51 -29.72
CA GLN D 162 76.66 -42.15 -31.10
C GLN D 162 77.12 -43.24 -32.06
N ARG D 163 78.29 -43.85 -31.80
CA ARG D 163 78.83 -44.82 -32.73
C ARG D 163 78.08 -46.15 -32.66
N MET D 164 78.05 -46.77 -31.48
CA MET D 164 77.36 -48.04 -31.34
C MET D 164 75.86 -47.88 -31.52
N GLY D 165 75.30 -46.75 -31.09
CA GLY D 165 73.87 -46.54 -31.16
C GLY D 165 73.16 -47.05 -29.92
N LEU D 166 71.97 -46.47 -29.69
CA LEU D 166 71.19 -46.89 -28.54
C LEU D 166 70.75 -48.35 -28.65
N ALA D 167 70.28 -48.76 -29.83
CA ALA D 167 69.69 -50.09 -29.97
C ALA D 167 70.69 -51.19 -29.69
N GLY D 168 71.92 -51.03 -30.16
CA GLY D 168 72.94 -52.04 -29.90
C GLY D 168 73.23 -52.22 -28.42
N MET D 169 73.36 -51.11 -27.70
CA MET D 169 73.57 -51.17 -26.26
C MET D 169 72.37 -51.79 -25.56
N ILE D 170 71.16 -51.44 -26.00
CA ILE D 170 69.95 -51.98 -25.39
C ILE D 170 69.91 -53.50 -25.57
N THR D 171 70.21 -53.98 -26.77
CA THR D 171 70.21 -55.42 -27.01
C THR D 171 71.31 -56.11 -26.22
N ASP D 172 72.49 -55.48 -26.14
CA ASP D 172 73.58 -56.04 -25.35
C ASP D 172 73.19 -56.19 -23.90
N MET D 173 72.55 -55.16 -23.33
CA MET D 173 72.08 -55.25 -21.95
C MET D 173 71.01 -56.32 -21.79
N ALA D 174 70.03 -56.34 -22.68
CA ALA D 174 68.90 -57.27 -22.54
C ALA D 174 69.38 -58.71 -22.61
N GLN D 175 70.27 -59.01 -23.55
CA GLN D 175 70.84 -60.36 -23.62
C GLN D 175 71.80 -60.61 -22.47
N ARG D 176 72.41 -59.55 -21.92
CA ARG D 176 73.35 -59.71 -20.82
C ARG D 176 72.62 -59.97 -19.50
N CYS D 177 71.39 -59.48 -19.36
CA CYS D 177 70.61 -59.67 -18.14
C CYS D 177 69.98 -61.06 -18.05
N ASP D 178 70.35 -61.97 -18.95
CA ASP D 178 69.85 -63.35 -18.91
C ASP D 178 70.61 -64.11 -17.84
N ILE D 179 70.21 -63.86 -16.59
CA ILE D 179 70.86 -64.47 -15.42
C ILE D 179 69.83 -65.30 -14.68
N ASP D 180 70.23 -66.51 -14.29
CA ASP D 180 69.35 -67.44 -13.61
C ASP D 180 69.10 -66.93 -12.20
N LEU D 181 67.85 -66.53 -11.94
CA LEU D 181 67.48 -65.93 -10.67
C LEU D 181 66.92 -66.93 -9.66
N THR D 182 66.81 -68.21 -10.04
CA THR D 182 66.28 -69.21 -9.13
C THR D 182 67.16 -69.45 -7.91
N ARG D 183 68.47 -69.23 -8.03
CA ARG D 183 69.39 -69.45 -6.91
C ARG D 183 69.18 -68.47 -5.77
N TYR D 184 68.62 -67.29 -6.03
CA TYR D 184 68.48 -66.25 -5.03
C TYR D 184 67.27 -66.46 -4.12
N ALA D 185 66.42 -67.45 -4.40
CA ALA D 185 65.28 -67.70 -3.55
C ALA D 185 65.75 -68.25 -2.21
N PRO D 186 65.42 -67.61 -1.09
CA PRO D 186 65.78 -68.16 0.21
C PRO D 186 65.14 -69.52 0.42
N THR D 187 65.89 -70.40 1.09
CA THR D 187 65.52 -71.80 1.20
C THR D 187 64.54 -72.11 2.33
N THR D 188 64.23 -71.14 3.18
CA THR D 188 63.40 -71.39 4.35
C THR D 188 62.28 -70.36 4.44
N LEU D 189 61.20 -70.77 5.12
CA LEU D 189 60.09 -69.87 5.41
C LEU D 189 60.46 -68.80 6.42
N ASP D 190 61.55 -68.99 7.17
CA ASP D 190 61.93 -68.02 8.20
C ASP D 190 62.12 -66.64 7.60
N THR D 191 62.72 -66.58 6.41
CA THR D 191 62.77 -65.31 5.68
C THR D 191 61.37 -64.81 5.35
N VAL D 192 60.50 -65.71 4.89
CA VAL D 192 59.13 -65.33 4.57
C VAL D 192 58.34 -65.06 5.85
N VAL D 193 58.53 -65.90 6.87
CA VAL D 193 57.82 -65.70 8.14
C VAL D 193 58.15 -64.35 8.74
N ALA D 194 59.43 -63.98 8.73
CA ALA D 194 59.81 -62.63 9.13
C ALA D 194 59.22 -61.59 8.18
N GLY D 195 59.22 -61.87 6.88
CA GLY D 195 58.62 -60.96 5.93
C GLY D 195 59.62 -60.35 4.96
N ASP D 196 60.67 -61.10 4.61
CA ASP D 196 61.69 -60.58 3.72
C ASP D 196 61.09 -60.29 2.35
N ARG D 197 60.89 -59.00 2.07
CA ARG D 197 60.34 -58.58 0.79
C ARG D 197 61.21 -58.99 -0.37
N ARG D 198 62.53 -59.07 -0.17
CA ARG D 198 63.39 -59.67 -1.17
C ARG D 198 63.01 -61.13 -1.39
N ALA D 199 62.81 -61.88 -0.30
CA ALA D 199 62.32 -63.24 -0.42
C ALA D 199 60.93 -63.28 -1.03
N LEU D 200 60.13 -62.23 -0.78
CA LEU D 200 58.82 -62.16 -1.42
C LEU D 200 58.95 -62.08 -2.94
N ALA D 201 59.86 -61.23 -3.42
CA ALA D 201 60.09 -61.17 -4.86
C ALA D 201 60.68 -62.47 -5.38
N GLN D 202 61.54 -63.13 -4.60
CA GLN D 202 62.07 -64.43 -5.00
C GLN D 202 60.96 -65.44 -5.17
N LEU D 203 60.01 -65.45 -4.23
CA LEU D 203 58.84 -66.33 -4.34
C LEU D 203 58.00 -65.98 -5.56
N ILE D 204 57.83 -64.69 -5.85
CA ILE D 204 57.06 -64.31 -7.03
C ILE D 204 57.73 -64.86 -8.29
N THR D 205 59.05 -64.73 -8.36
CA THR D 205 59.79 -65.27 -9.50
C THR D 205 59.69 -66.78 -9.58
N ALA D 206 59.73 -67.46 -8.42
CA ALA D 206 59.62 -68.92 -8.42
C ALA D 206 58.22 -69.36 -8.85
N LEU D 207 57.19 -68.65 -8.39
CA LEU D 207 55.82 -68.96 -8.81
C LEU D 207 55.66 -68.73 -10.31
N GLU D 208 56.32 -67.69 -10.84
CA GLU D 208 56.37 -67.51 -12.28
C GLU D 208 57.07 -68.70 -12.95
N ASN D 209 58.14 -69.20 -12.32
CA ASN D 209 58.85 -70.38 -12.79
C ASN D 209 58.21 -71.68 -12.30
N GLY D 210 57.28 -71.61 -11.34
CA GLY D 210 56.69 -72.83 -10.81
C GLY D 210 57.66 -73.69 -10.04
N LYS D 211 58.76 -73.11 -9.54
CA LYS D 211 59.79 -73.86 -8.84
C LYS D 211 59.48 -74.05 -7.37
N ALA D 212 58.48 -73.35 -6.84
CA ALA D 212 58.11 -73.53 -5.45
C ALA D 212 57.51 -74.91 -5.24
N ASP D 213 57.82 -75.50 -4.09
CA ASP D 213 57.31 -76.83 -3.77
C ASP D 213 55.79 -76.78 -3.66
N PRO D 214 55.07 -77.61 -4.40
CA PRO D 214 53.59 -77.54 -4.35
C PRO D 214 53.03 -77.78 -2.96
N GLU D 215 53.64 -78.68 -2.19
CA GLU D 215 53.23 -78.84 -0.80
C GLU D 215 53.55 -77.58 0.01
N LEU D 216 54.70 -76.96 -0.28
CA LEU D 216 55.01 -75.68 0.35
C LEU D 216 53.97 -74.63 0.01
N VAL D 217 53.53 -74.59 -1.25
CA VAL D 217 52.53 -73.61 -1.66
C VAL D 217 51.20 -73.89 -0.99
N SER D 218 50.84 -75.17 -0.86
CA SER D 218 49.58 -75.53 -0.20
C SER D 218 49.62 -75.16 1.27
N ALA D 219 50.74 -75.43 1.96
CA ALA D 219 50.88 -75.00 3.34
C ALA D 219 50.87 -73.48 3.45
N LEU D 220 51.44 -72.79 2.45
CA LEU D 220 51.35 -71.34 2.39
C LEU D 220 49.89 -70.89 2.33
N HIS D 221 49.10 -71.55 1.51
CA HIS D 221 47.67 -71.21 1.41
C HIS D 221 46.95 -71.49 2.72
N ALA D 222 47.28 -72.60 3.37
CA ALA D 222 46.66 -72.90 4.67
C ALA D 222 47.01 -71.86 5.72
N GLN D 223 48.28 -71.46 5.78
CA GLN D 223 48.69 -70.41 6.70
C GLN D 223 48.04 -69.08 6.35
N ALA D 224 47.80 -68.83 5.06
CA ALA D 224 47.08 -67.63 4.65
C ALA D 224 45.65 -67.65 5.14
N LYS D 225 44.97 -68.79 5.00
CA LYS D 225 43.60 -68.90 5.49
C LYS D 225 43.55 -68.73 7.00
N ALA D 226 44.54 -69.28 7.71
CA ALA D 226 44.64 -69.08 9.15
C ALA D 226 45.03 -67.65 9.53
N ALA D 227 45.66 -66.92 8.61
CA ALA D 227 46.10 -65.56 8.93
C ALA D 227 44.92 -64.61 9.07
N ALA D 228 43.97 -64.67 8.14
CA ALA D 228 42.77 -63.84 8.16
C ALA D 228 43.12 -62.36 8.23
N VAL D 229 43.81 -61.88 7.20
CA VAL D 229 44.24 -60.48 7.13
C VAL D 229 43.41 -59.78 6.05
N PRO D 230 43.16 -58.48 6.17
CA PRO D 230 42.25 -57.80 5.23
C PRO D 230 42.83 -57.77 3.82
N VAL D 231 41.94 -57.96 2.85
CA VAL D 231 42.28 -57.92 1.43
C VAL D 231 41.19 -57.14 0.72
N LEU D 232 41.53 -55.96 0.19
CA LEU D 232 40.57 -55.13 -0.53
C LEU D 232 40.85 -55.20 -2.02
N GLY D 233 39.80 -55.44 -2.81
CA GLY D 233 39.88 -55.35 -4.25
C GLY D 233 39.51 -53.95 -4.69
N ILE D 234 40.39 -53.36 -5.51
CA ILE D 234 40.24 -51.99 -5.97
C ILE D 234 40.15 -52.01 -7.49
N THR D 235 39.03 -51.54 -8.03
CA THR D 235 38.77 -51.58 -9.46
C THR D 235 38.52 -50.18 -9.99
N GLY D 236 38.89 -49.98 -11.25
CA GLY D 236 38.72 -48.69 -11.89
C GLY D 236 39.76 -48.52 -12.99
N THR D 237 39.63 -47.40 -13.69
CA THR D 237 40.56 -47.09 -14.77
C THR D 237 41.98 -46.92 -14.23
N GLY D 238 42.93 -47.56 -14.90
CA GLY D 238 44.29 -47.59 -14.41
C GLY D 238 44.99 -46.26 -14.58
N GLY D 239 45.52 -45.74 -13.47
CA GLY D 239 46.34 -44.55 -13.51
C GLY D 239 45.58 -43.24 -13.56
N ALA D 240 44.25 -43.28 -13.54
CA ALA D 240 43.47 -42.05 -13.70
C ALA D 240 43.62 -41.11 -12.51
N GLY D 241 44.18 -41.59 -11.40
CA GLY D 241 44.27 -40.78 -10.21
C GLY D 241 43.89 -41.56 -8.97
N LYS D 242 43.55 -42.85 -9.14
CA LYS D 242 43.28 -43.70 -8.00
C LYS D 242 44.51 -43.78 -7.09
N SER D 243 45.69 -43.58 -7.66
CA SER D 243 46.91 -43.51 -6.86
C SER D 243 46.85 -42.36 -5.86
N SER D 244 46.28 -41.23 -6.26
CA SER D 244 46.13 -40.10 -5.34
C SER D 244 45.26 -40.48 -4.15
N LEU D 245 44.14 -41.15 -4.43
CA LEU D 245 43.26 -41.59 -3.36
C LEU D 245 43.96 -42.57 -2.43
N THR D 246 44.66 -43.54 -3.02
CA THR D 246 45.37 -44.53 -2.22
C THR D 246 46.41 -43.87 -1.33
N ASP D 247 47.19 -42.95 -1.89
CA ASP D 247 48.22 -42.27 -1.13
C ASP D 247 47.61 -41.44 0.01
N GLU D 248 46.55 -40.69 -0.29
CA GLU D 248 45.94 -39.86 0.73
C GLU D 248 45.37 -40.72 1.86
N LEU D 249 44.69 -41.81 1.51
CA LEU D 249 44.09 -42.65 2.53
C LEU D 249 45.15 -43.35 3.37
N ILE D 250 46.23 -43.82 2.75
CA ILE D 250 47.29 -44.46 3.50
C ILE D 250 47.97 -43.45 4.42
N ARG D 251 48.19 -42.24 3.93
CA ARG D 251 48.76 -41.20 4.79
C ARG D 251 47.84 -40.88 5.95
N ARG D 252 46.53 -40.79 5.70
CA ARG D 252 45.59 -40.60 6.80
C ARG D 252 45.66 -41.75 7.78
N PHE D 253 45.82 -42.97 7.27
CA PHE D 253 45.98 -44.13 8.13
C PHE D 253 47.20 -43.98 9.01
N ARG D 254 48.32 -43.54 8.43
CA ARG D 254 49.52 -43.27 9.21
C ARG D 254 49.25 -42.22 10.28
N LEU D 255 48.54 -41.15 9.91
CA LEU D 255 48.33 -40.05 10.85
C LEU D 255 47.46 -40.47 12.02
N ASP D 256 46.30 -41.07 11.74
CA ASP D 256 45.44 -41.52 12.83
C ASP D 256 46.07 -42.69 13.58
N GLN D 257 46.68 -43.63 12.85
CA GLN D 257 47.20 -44.85 13.46
C GLN D 257 48.72 -44.88 13.50
N ASP D 258 49.37 -43.71 13.59
CA ASP D 258 50.76 -43.61 14.03
C ASP D 258 51.70 -44.45 13.15
N ASP D 259 51.38 -44.54 11.86
CA ASP D 259 52.20 -45.27 10.89
C ASP D 259 52.42 -46.72 11.30
N ALA D 260 51.49 -47.29 12.05
CA ALA D 260 51.67 -48.61 12.64
C ALA D 260 50.97 -49.71 11.87
N LEU D 261 50.74 -49.54 10.57
CA LEU D 261 50.11 -50.56 9.76
C LEU D 261 51.10 -51.09 8.73
N SER D 262 51.30 -52.42 8.73
CA SER D 262 52.13 -53.09 7.73
C SER D 262 51.23 -53.43 6.55
N ILE D 263 51.37 -52.65 5.48
CA ILE D 263 50.47 -52.73 4.33
C ILE D 263 51.17 -53.49 3.23
N ALA D 264 50.45 -54.42 2.61
CA ALA D 264 50.92 -55.14 1.43
C ALA D 264 50.09 -54.69 0.24
N VAL D 265 50.75 -54.16 -0.78
CA VAL D 265 50.08 -53.70 -1.99
C VAL D 265 50.78 -54.32 -3.20
N ILE D 266 49.99 -54.80 -4.15
CA ILE D 266 50.51 -55.45 -5.36
C ILE D 266 49.73 -54.90 -6.54
N SER D 267 50.43 -54.64 -7.64
CA SER D 267 49.82 -54.07 -8.83
C SER D 267 49.93 -55.03 -10.00
N ILE D 268 48.86 -55.11 -10.79
CA ILE D 268 48.82 -55.87 -12.03
C ILE D 268 48.37 -54.93 -13.14
N ASP D 269 49.10 -54.95 -14.26
CA ASP D 269 48.75 -54.16 -15.42
C ASP D 269 48.92 -54.98 -16.68
N PRO D 270 48.13 -54.70 -17.72
CA PRO D 270 48.29 -55.41 -18.99
C PRO D 270 49.62 -55.09 -19.66
N SER D 271 50.05 -56.03 -20.50
CA SER D 271 51.26 -55.86 -21.27
C SER D 271 50.92 -55.69 -22.75
N ARG D 272 51.79 -54.99 -23.46
CA ARG D 272 51.62 -54.84 -24.90
C ARG D 272 51.83 -56.19 -25.57
N ARG D 273 50.73 -56.80 -26.03
CA ARG D 273 50.80 -58.15 -26.57
C ARG D 273 51.66 -58.20 -27.82
N LYS D 274 51.77 -57.08 -28.54
CA LYS D 274 52.66 -57.03 -29.70
C LYS D 274 54.12 -57.00 -29.24
N SER D 275 54.49 -55.97 -28.48
CA SER D 275 55.87 -55.85 -28.04
C SER D 275 56.25 -56.94 -27.05
N GLY D 276 55.37 -57.23 -26.09
CA GLY D 276 55.67 -58.15 -25.02
C GLY D 276 56.19 -57.50 -23.76
N GLY D 277 56.69 -56.27 -23.86
CA GLY D 277 57.14 -55.52 -22.71
C GLY D 277 56.05 -54.63 -22.15
N ALA D 278 56.41 -53.84 -21.13
CA ALA D 278 55.45 -52.96 -20.49
C ALA D 278 56.18 -51.88 -19.72
N LEU D 279 55.51 -50.74 -19.58
CA LEU D 279 56.00 -49.61 -18.78
C LEU D 279 55.11 -49.52 -17.55
N LEU D 280 55.73 -49.65 -16.37
CA LEU D 280 54.97 -49.74 -15.12
C LEU D 280 54.94 -48.36 -14.46
N GLY D 281 54.13 -47.47 -15.05
CA GLY D 281 53.99 -46.12 -14.54
C GLY D 281 52.84 -45.94 -13.58
N ASP D 282 52.79 -46.72 -12.52
CA ASP D 282 51.79 -46.56 -11.48
C ASP D 282 52.40 -46.27 -10.11
N ARG D 283 53.44 -47.02 -9.72
CA ARG D 283 54.10 -46.76 -8.45
C ARG D 283 54.75 -45.38 -8.45
N ILE D 284 55.05 -44.83 -9.63
CA ILE D 284 55.62 -43.49 -9.71
C ILE D 284 54.73 -42.47 -9.04
N ARG D 285 53.41 -42.65 -9.13
CA ARG D 285 52.47 -41.78 -8.43
C ARG D 285 52.37 -42.09 -6.95
N MET D 286 52.97 -43.19 -6.48
CA MET D 286 52.91 -43.57 -5.08
C MET D 286 54.11 -42.97 -4.36
N ASN D 287 53.85 -42.25 -3.28
CA ASN D 287 54.91 -41.60 -2.51
C ASN D 287 54.84 -41.86 -1.01
N ALA D 288 53.78 -42.49 -0.52
CA ALA D 288 53.63 -42.79 0.90
C ALA D 288 54.39 -44.04 1.31
N ILE D 289 55.33 -44.51 0.48
CA ILE D 289 56.08 -45.73 0.76
C ILE D 289 57.30 -45.40 1.59
N ASN D 290 57.40 -44.16 2.06
CA ASN D 290 58.54 -43.69 2.84
C ASN D 290 58.42 -44.25 4.25
N HIS D 291 58.64 -45.56 4.35
CA HIS D 291 58.53 -46.25 5.62
C HIS D 291 59.18 -47.63 5.53
N PRO D 292 59.98 -48.01 6.52
CA PRO D 292 60.65 -49.31 6.45
C PRO D 292 59.69 -50.49 6.38
N ASN D 293 58.54 -50.39 7.04
CA ASN D 293 57.58 -51.49 7.08
C ASN D 293 56.56 -51.42 5.96
N ILE D 294 56.69 -50.46 5.05
CA ILE D 294 55.78 -50.33 3.90
C ILE D 294 56.48 -50.87 2.67
N PHE D 295 55.85 -51.81 1.98
CA PHE D 295 56.40 -52.44 0.80
C PHE D 295 55.37 -52.43 -0.32
N MET D 296 55.85 -52.33 -1.55
CA MET D 296 55.02 -52.35 -2.75
C MET D 296 55.68 -53.25 -3.78
N ARG D 297 54.87 -53.93 -4.59
CA ARG D 297 55.38 -54.72 -5.71
C ARG D 297 54.47 -54.51 -6.91
N SER D 298 55.08 -54.20 -8.05
CA SER D 298 54.36 -53.99 -9.30
C SER D 298 54.75 -55.08 -10.28
N LEU D 299 53.75 -55.79 -10.80
CA LEU D 299 53.96 -56.88 -11.73
C LEU D 299 52.92 -56.83 -12.83
N ALA D 300 53.23 -57.46 -13.96
CA ALA D 300 52.30 -57.49 -15.08
C ALA D 300 51.33 -58.65 -14.93
N THR D 301 50.32 -58.67 -15.80
CA THR D 301 49.44 -59.84 -15.88
C THR D 301 50.24 -61.08 -16.27
N ARG D 302 51.25 -60.91 -17.13
CA ARG D 302 52.12 -61.99 -17.59
C ARG D 302 51.32 -63.13 -18.19
N GLU D 303 50.16 -62.82 -18.77
CA GLU D 303 49.34 -63.79 -19.45
C GLU D 303 48.86 -63.18 -20.76
N ALA D 304 49.18 -63.86 -21.87
CA ALA D 304 48.88 -63.33 -23.18
C ALA D 304 47.38 -63.15 -23.38
N GLY D 305 46.60 -64.11 -22.92
CA GLY D 305 45.16 -64.05 -23.09
C GLY D 305 44.44 -63.48 -21.88
N SER D 306 44.92 -63.79 -20.69
CA SER D 306 44.30 -63.29 -19.47
C SER D 306 44.83 -61.92 -19.10
N GLU D 307 43.93 -61.06 -18.63
CA GLU D 307 44.26 -59.69 -18.25
C GLU D 307 44.76 -59.59 -16.81
N ILE D 308 44.76 -60.70 -16.07
CA ILE D 308 45.24 -60.73 -14.69
C ILE D 308 46.16 -61.93 -14.52
N SER D 309 46.87 -61.93 -13.39
CA SER D 309 47.73 -63.07 -13.06
C SER D 309 46.90 -64.24 -12.53
N GLN D 310 47.17 -65.42 -13.07
CA GLN D 310 46.51 -66.63 -12.60
C GLN D 310 47.04 -67.10 -11.24
N ALA D 311 48.29 -66.79 -10.92
CA ALA D 311 48.88 -67.15 -9.63
C ALA D 311 48.73 -66.04 -8.60
N LEU D 312 47.94 -65.01 -8.93
CA LEU D 312 47.68 -63.93 -7.99
C LEU D 312 47.15 -64.42 -6.64
N PRO D 313 46.19 -65.36 -6.56
CA PRO D 313 45.78 -65.85 -5.25
C PRO D 313 46.93 -66.44 -4.43
N ASP D 314 47.90 -67.08 -5.08
CA ASP D 314 49.06 -67.58 -4.35
C ASP D 314 49.88 -66.43 -3.78
N VAL D 315 50.03 -65.35 -4.54
CA VAL D 315 50.74 -64.17 -4.04
C VAL D 315 50.01 -63.58 -2.85
N ILE D 316 48.69 -63.49 -2.92
CA ILE D 316 47.92 -62.97 -1.78
C ILE D 316 48.05 -63.91 -0.59
N ALA D 317 48.12 -65.21 -0.85
CA ALA D 317 48.35 -66.18 0.22
C ALA D 317 49.70 -65.93 0.88
N ALA D 318 50.72 -65.64 0.08
CA ALA D 318 52.02 -65.25 0.64
C ALA D 318 51.89 -64.00 1.48
N CYS D 319 51.11 -63.03 1.01
CA CYS D 319 50.91 -61.80 1.76
C CYS D 319 50.27 -62.08 3.12
N LYS D 320 49.25 -62.93 3.14
CA LYS D 320 48.61 -63.29 4.40
C LYS D 320 49.58 -64.04 5.31
N ALA D 321 50.31 -65.01 4.76
CA ALA D 321 51.26 -65.78 5.55
C ALA D 321 52.46 -64.96 5.98
N ALA D 322 52.69 -63.81 5.35
CA ALA D 322 53.74 -62.89 5.76
C ALA D 322 53.37 -62.09 7.01
N ARG D 323 52.25 -62.44 7.64
CA ARG D 323 51.77 -61.75 8.85
C ARG D 323 51.58 -60.26 8.61
N PHE D 324 51.13 -59.91 7.41
CA PHE D 324 50.86 -58.52 7.06
C PHE D 324 49.48 -58.12 7.54
N ASP D 325 49.42 -56.95 8.19
CA ASP D 325 48.17 -56.46 8.75
C ASP D 325 47.22 -55.92 7.70
N LEU D 326 47.66 -55.79 6.45
CA LEU D 326 46.79 -55.33 5.38
C LEU D 326 47.35 -55.76 4.04
N VAL D 327 46.50 -56.27 3.18
CA VAL D 327 46.86 -56.66 1.82
C VAL D 327 45.98 -55.88 0.85
N ILE D 328 46.61 -55.21 -0.11
CA ILE D 328 45.91 -54.39 -1.10
C ILE D 328 46.40 -54.79 -2.48
N VAL D 329 45.56 -54.59 -3.49
CA VAL D 329 45.89 -54.89 -4.88
C VAL D 329 45.37 -53.74 -5.75
N GLU D 330 46.06 -53.51 -6.88
CA GLU D 330 45.55 -52.66 -7.94
C GLU D 330 45.24 -53.52 -9.16
N THR D 331 44.10 -53.24 -9.79
CA THR D 331 43.61 -54.08 -10.88
C THR D 331 44.29 -53.73 -12.21
N SER D 332 44.16 -54.63 -13.16
CA SER D 332 44.63 -54.41 -14.52
C SER D 332 43.44 -54.04 -15.40
N GLY D 333 43.66 -54.01 -16.71
CA GLY D 333 42.60 -53.69 -17.65
C GLY D 333 41.40 -54.59 -17.53
N ILE D 334 40.21 -54.00 -17.49
CA ILE D 334 38.97 -54.76 -17.34
C ILE D 334 38.04 -54.39 -18.49
N GLY D 335 36.89 -55.08 -18.53
CA GLY D 335 35.86 -54.81 -19.52
C GLY D 335 34.64 -54.15 -18.90
N GLN D 336 33.50 -54.84 -18.96
CA GLN D 336 32.27 -54.33 -18.37
C GLN D 336 31.71 -55.28 -17.30
N GLY D 337 31.81 -56.58 -17.54
CA GLY D 337 31.18 -57.57 -16.67
C GLY D 337 32.11 -58.50 -15.92
N ASP D 338 33.41 -58.42 -16.13
CA ASP D 338 34.32 -59.36 -15.48
C ASP D 338 34.51 -59.00 -14.01
N ALA D 339 34.25 -59.96 -13.14
CA ALA D 339 34.33 -59.76 -11.69
C ALA D 339 35.02 -60.95 -11.03
N ALA D 340 36.03 -61.51 -11.70
CA ALA D 340 36.74 -62.65 -11.14
C ALA D 340 37.59 -62.28 -9.94
N ILE D 341 37.85 -60.99 -9.73
CA ILE D 341 38.58 -60.56 -8.55
C ILE D 341 37.69 -60.56 -7.32
N VAL D 342 36.38 -60.40 -7.49
CA VAL D 342 35.47 -60.35 -6.35
C VAL D 342 35.54 -61.61 -5.49
N PRO D 343 35.45 -62.83 -6.04
CA PRO D 343 35.56 -64.01 -5.17
C PRO D 343 36.92 -64.16 -4.51
N HIS D 344 37.95 -63.49 -5.02
CA HIS D 344 39.29 -63.62 -4.49
C HIS D 344 39.68 -62.50 -3.53
N VAL D 345 38.80 -61.52 -3.32
CA VAL D 345 39.08 -60.42 -2.41
C VAL D 345 38.09 -60.46 -1.24
N ASP D 346 38.58 -60.09 -0.06
CA ASP D 346 37.72 -59.91 1.10
C ASP D 346 36.80 -58.71 0.97
N LEU D 347 37.26 -57.64 0.33
CA LEU D 347 36.46 -56.46 0.08
C LEU D 347 36.71 -55.98 -1.34
N SER D 348 35.70 -55.33 -1.92
CA SER D 348 35.78 -54.85 -3.30
C SER D 348 35.50 -53.36 -3.35
N LEU D 349 36.34 -52.63 -4.08
CA LEU D 349 36.21 -51.18 -4.22
C LEU D 349 36.25 -50.86 -5.71
N TYR D 350 35.34 -50.01 -6.16
CA TYR D 350 35.28 -49.59 -7.56
C TYR D 350 35.59 -48.11 -7.68
N VAL D 351 36.23 -47.73 -8.78
CA VAL D 351 36.53 -46.34 -9.10
C VAL D 351 35.94 -46.02 -10.47
N MET D 352 35.20 -44.91 -10.55
CA MET D 352 34.58 -44.49 -11.79
C MET D 352 34.85 -43.01 -12.02
N THR D 353 34.52 -42.56 -13.22
CA THR D 353 34.76 -41.23 -13.74
C THR D 353 33.43 -40.50 -13.98
N PRO D 354 33.43 -39.17 -14.01
CA PRO D 354 32.15 -38.46 -14.26
C PRO D 354 31.54 -38.77 -15.61
N GLU D 355 32.35 -39.03 -16.63
CA GLU D 355 31.83 -39.37 -17.96
C GLU D 355 31.35 -40.82 -17.93
N PHE D 356 30.08 -41.02 -18.25
CA PHE D 356 29.52 -42.35 -18.38
C PHE D 356 28.58 -42.49 -19.56
N GLY D 357 28.35 -41.43 -20.33
CA GLY D 357 27.33 -41.47 -21.35
C GLY D 357 25.95 -41.57 -20.74
N ALA D 358 25.07 -42.35 -21.37
CA ALA D 358 23.73 -42.56 -20.83
C ALA D 358 23.78 -43.49 -19.63
N ALA D 359 22.68 -43.49 -18.87
CA ALA D 359 22.58 -44.38 -17.72
C ALA D 359 22.57 -45.85 -18.12
N SER D 360 22.13 -46.16 -19.34
CA SER D 360 22.01 -47.56 -19.75
C SER D 360 23.37 -48.24 -19.89
N GLN D 361 24.45 -47.46 -19.98
CA GLN D 361 25.78 -48.06 -20.08
C GLN D 361 26.12 -48.85 -18.82
N LEU D 362 25.63 -48.40 -17.66
CA LEU D 362 25.84 -49.13 -16.42
C LEU D 362 25.17 -50.50 -16.43
N GLU D 363 24.11 -50.68 -17.22
CA GLU D 363 23.51 -52.01 -17.35
C GLU D 363 24.50 -53.03 -17.87
N LYS D 364 25.44 -52.62 -18.72
CA LYS D 364 26.53 -53.47 -19.17
C LYS D 364 27.53 -53.74 -18.07
N ILE D 365 27.65 -52.83 -17.10
CA ILE D 365 28.58 -53.00 -15.98
C ILE D 365 27.99 -54.02 -15.02
N ASP D 366 28.57 -55.22 -14.99
CA ASP D 366 28.09 -56.25 -14.07
C ASP D 366 28.86 -56.19 -12.75
N MET D 367 30.10 -55.69 -12.79
CA MET D 367 30.83 -55.45 -11.55
C MET D 367 30.09 -54.47 -10.65
N LEU D 368 29.32 -53.55 -11.26
CA LEU D 368 28.54 -52.60 -10.49
C LEU D 368 27.51 -53.27 -9.58
N ASP D 369 26.84 -54.31 -10.06
CA ASP D 369 25.92 -55.06 -9.21
C ASP D 369 26.65 -55.80 -8.10
N PHE D 370 27.95 -56.03 -8.25
CA PHE D 370 28.74 -56.73 -7.25
C PHE D 370 29.77 -55.86 -6.55
N ALA D 371 29.99 -54.62 -7.01
CA ALA D 371 30.97 -53.76 -6.36
C ALA D 371 30.49 -53.35 -4.97
N ASP D 372 31.30 -53.66 -3.97
CA ASP D 372 30.96 -53.29 -2.60
C ASP D 372 31.07 -51.80 -2.36
N PHE D 373 32.07 -51.15 -2.96
CA PHE D 373 32.27 -49.72 -2.81
C PHE D 373 32.65 -49.12 -4.15
N VAL D 374 32.12 -47.93 -4.43
CA VAL D 374 32.37 -47.23 -5.68
C VAL D 374 32.67 -45.77 -5.36
N ALA D 375 33.56 -45.16 -6.15
CA ALA D 375 33.88 -43.75 -6.01
C ALA D 375 33.96 -43.13 -7.40
N ILE D 376 33.44 -41.91 -7.55
CA ILE D 376 33.43 -41.22 -8.84
C ILE D 376 34.57 -40.21 -8.81
N ASN D 377 35.66 -40.56 -9.48
CA ASN D 377 36.85 -39.73 -9.49
C ASN D 377 36.60 -38.43 -10.26
N LYS D 378 37.42 -37.42 -9.96
CA LYS D 378 37.45 -36.17 -10.71
C LYS D 378 36.09 -35.47 -10.70
N PHE D 379 35.70 -35.04 -9.50
CA PHE D 379 34.49 -34.24 -9.26
C PHE D 379 34.53 -32.89 -9.95
N ASP D 380 35.66 -32.59 -10.59
CA ASP D 380 35.88 -31.29 -11.20
C ASP D 380 35.07 -31.08 -12.48
N ARG D 381 34.63 -32.16 -13.12
CA ARG D 381 33.91 -32.05 -14.38
C ARG D 381 32.42 -31.83 -14.14
N LYS D 382 31.74 -31.41 -15.20
CA LYS D 382 30.32 -31.07 -15.10
C LYS D 382 29.45 -32.31 -15.07
N GLY D 383 28.19 -32.11 -14.69
CA GLY D 383 27.20 -33.18 -14.68
C GLY D 383 27.33 -34.16 -13.54
N ALA D 384 28.20 -33.89 -12.57
CA ALA D 384 28.51 -34.89 -11.56
C ALA D 384 27.35 -35.11 -10.60
N GLN D 385 26.72 -34.04 -10.12
CA GLN D 385 25.72 -34.17 -9.06
C GLN D 385 24.48 -34.90 -9.53
N ASP D 386 23.92 -34.48 -10.67
CA ASP D 386 22.77 -35.18 -11.23
C ASP D 386 23.10 -36.65 -11.50
N ALA D 387 24.30 -36.92 -12.01
CA ALA D 387 24.70 -38.29 -12.26
C ALA D 387 24.76 -39.09 -10.96
N TRP D 388 25.28 -38.48 -9.90
CA TRP D 388 25.21 -39.11 -8.58
C TRP D 388 23.78 -39.50 -8.26
N ARG D 389 22.86 -38.56 -8.42
CA ARG D 389 21.46 -38.84 -8.11
C ARG D 389 20.96 -40.01 -8.95
N ASP D 390 21.29 -40.02 -10.25
CA ASP D 390 20.78 -41.04 -11.14
C ASP D 390 21.31 -42.42 -10.79
N VAL D 391 22.63 -42.54 -10.65
CA VAL D 391 23.24 -43.84 -10.38
C VAL D 391 22.85 -44.32 -8.99
N ALA D 392 22.72 -43.39 -8.04
CA ALA D 392 22.26 -43.76 -6.71
C ALA D 392 20.86 -44.32 -6.76
N LYS D 393 19.98 -43.71 -7.54
CA LYS D 393 18.65 -44.27 -7.75
C LYS D 393 18.72 -45.65 -8.39
N GLN D 394 19.61 -45.81 -9.38
CA GLN D 394 19.72 -47.09 -10.06
C GLN D 394 20.16 -48.18 -9.11
N VAL D 395 21.17 -47.90 -8.27
CA VAL D 395 21.62 -48.89 -7.31
C VAL D 395 20.56 -49.12 -6.24
N GLN D 396 19.83 -48.07 -5.87
CA GLN D 396 18.67 -48.23 -5.01
C GLN D 396 17.72 -49.26 -5.56
N ARG D 397 17.45 -49.20 -6.87
CA ARG D 397 16.67 -50.23 -7.53
C ARG D 397 17.37 -51.58 -7.47
N ASN D 398 18.69 -51.58 -7.68
CA ASN D 398 19.46 -52.82 -7.66
C ASN D 398 19.27 -53.56 -6.34
N ARG D 399 19.23 -52.83 -5.24
CA ARG D 399 18.95 -53.43 -3.95
C ARG D 399 17.47 -53.38 -3.59
N GLU D 400 16.65 -52.77 -4.44
CA GLU D 400 15.20 -52.68 -4.23
C GLU D 400 14.86 -52.01 -2.91
N GLN D 401 15.69 -51.07 -2.47
CA GLN D 401 15.48 -50.40 -1.19
C GLN D 401 14.70 -49.11 -1.38
N TRP D 402 13.55 -49.25 -2.06
CA TRP D 402 12.74 -48.07 -2.41
C TRP D 402 12.39 -47.24 -1.19
N HIS D 403 12.28 -47.86 -0.02
CA HIS D 403 12.02 -47.14 1.21
C HIS D 403 13.23 -46.37 1.72
N SER D 404 14.39 -46.53 1.10
CA SER D 404 15.62 -45.90 1.58
C SER D 404 15.93 -44.64 0.78
N ARG D 405 16.90 -43.88 1.29
CA ARG D 405 17.34 -42.65 0.64
C ARG D 405 18.72 -42.88 0.01
N ALA D 406 18.80 -42.57 -1.29
CA ALA D 406 19.94 -43.01 -2.08
C ALA D 406 21.20 -42.22 -1.75
N GLU D 407 21.05 -41.00 -1.25
CA GLU D 407 22.23 -40.19 -0.93
C GLU D 407 23.14 -40.85 0.09
N ASP D 408 22.59 -41.64 1.01
CA ASP D 408 23.38 -42.30 2.03
C ASP D 408 24.22 -43.45 1.50
N MET D 409 23.96 -43.91 0.28
CA MET D 409 24.66 -45.08 -0.25
C MET D 409 26.17 -44.81 -0.30
N PRO D 410 26.98 -45.82 0.02
CA PRO D 410 28.42 -45.63 0.21
C PRO D 410 29.20 -45.46 -1.09
N VAL D 411 28.71 -44.60 -1.96
CA VAL D 411 29.37 -44.28 -3.22
C VAL D 411 29.45 -42.75 -3.31
N TYR D 412 30.64 -42.23 -3.51
CA TYR D 412 30.87 -40.79 -3.47
C TYR D 412 31.46 -40.33 -4.80
N GLY D 413 31.07 -39.11 -5.21
CA GLY D 413 31.72 -38.44 -6.31
C GLY D 413 32.89 -37.65 -5.76
N THR D 414 34.08 -37.92 -6.31
CA THR D 414 35.31 -37.45 -5.72
C THR D 414 36.16 -36.72 -6.75
N GLN D 415 37.19 -36.04 -6.26
CA GLN D 415 38.14 -35.31 -7.12
C GLN D 415 39.54 -35.54 -6.53
N ALA D 416 40.32 -36.40 -7.19
CA ALA D 416 41.64 -36.76 -6.68
C ALA D 416 42.64 -35.62 -6.77
N SER D 417 42.46 -34.70 -7.73
CA SER D 417 43.47 -33.68 -7.96
C SER D 417 43.49 -32.63 -6.85
N ARG D 418 42.42 -32.53 -6.06
CA ARG D 418 42.35 -31.51 -5.02
C ARG D 418 42.78 -32.10 -3.68
N PHE D 419 43.54 -31.32 -2.92
CA PHE D 419 44.10 -31.79 -1.66
C PHE D 419 43.03 -31.98 -0.61
N ASN D 420 43.24 -32.98 0.26
CA ASN D 420 42.52 -33.12 1.52
C ASN D 420 41.01 -33.09 1.33
N ASP D 421 40.52 -33.87 0.39
CA ASP D 421 39.10 -33.85 0.05
C ASP D 421 38.26 -34.29 1.24
N ASP D 422 37.17 -33.56 1.48
CA ASP D 422 36.23 -33.92 2.54
C ASP D 422 35.55 -35.25 2.23
N GLY D 423 35.14 -35.45 0.99
CA GLY D 423 34.56 -36.74 0.61
C GLY D 423 35.54 -37.87 0.82
N VAL D 424 36.83 -37.60 0.67
CA VAL D 424 37.85 -38.58 1.02
C VAL D 424 37.75 -38.93 2.50
N THR D 425 37.58 -37.93 3.35
CA THR D 425 37.42 -38.19 4.78
C THR D 425 36.19 -39.04 5.04
N MET D 426 35.08 -38.71 4.38
CA MET D 426 33.85 -39.47 4.56
C MET D 426 34.02 -40.91 4.13
N LEU D 427 34.68 -41.11 2.99
CA LEU D 427 34.90 -42.46 2.48
C LEU D 427 35.81 -43.25 3.40
N TYR D 428 36.87 -42.62 3.90
CA TYR D 428 37.76 -43.28 4.84
C TYR D 428 37.02 -43.66 6.12
N GLN D 429 36.16 -42.76 6.60
CA GLN D 429 35.36 -43.03 7.79
C GLN D 429 34.44 -44.22 7.56
N GLY D 430 33.73 -44.23 6.44
CA GLY D 430 32.88 -45.38 6.11
C GLY D 430 33.70 -46.65 5.95
N LEU D 431 34.92 -46.53 5.42
CA LEU D 431 35.79 -47.68 5.27
C LEU D 431 36.16 -48.26 6.63
N VAL D 432 36.53 -47.40 7.57
CA VAL D 432 36.88 -47.86 8.91
C VAL D 432 35.65 -48.47 9.59
N GLY D 433 34.48 -47.88 9.36
CA GLY D 433 33.26 -48.46 9.88
C GLY D 433 33.02 -49.86 9.33
N ALA D 434 33.24 -50.04 8.04
CA ALA D 434 33.08 -51.37 7.44
C ALA D 434 34.12 -52.34 7.97
N LEU D 435 35.34 -51.86 8.19
CA LEU D 435 36.38 -52.71 8.77
C LEU D 435 35.97 -53.19 10.16
N GLY D 436 35.43 -52.29 10.98
CA GLY D 436 34.84 -52.71 12.24
C GLY D 436 33.74 -53.73 12.01
N ALA D 437 32.91 -53.50 10.99
CA ALA D 437 31.90 -54.48 10.62
C ALA D 437 32.54 -55.75 10.04
N ARG D 438 33.69 -55.61 9.39
CA ARG D 438 34.41 -56.75 8.82
C ARG D 438 35.25 -57.46 9.87
N GLY D 439 35.00 -57.18 11.15
CA GLY D 439 35.76 -57.78 12.22
C GLY D 439 37.24 -57.44 12.14
N MET D 440 37.54 -56.20 11.76
CA MET D 440 38.93 -55.74 11.64
C MET D 440 39.21 -54.79 12.80
N SER D 441 39.91 -55.29 13.80
CA SER D 441 40.26 -54.49 14.97
C SER D 441 41.12 -53.31 14.55
N LEU D 442 40.73 -52.10 14.96
CA LEU D 442 41.45 -50.90 14.61
C LEU D 442 41.61 -50.02 15.85
N LYS D 443 42.69 -49.25 15.86
CA LYS D 443 42.93 -48.32 16.95
C LYS D 443 41.87 -47.21 16.96
N PRO D 444 41.57 -46.64 18.12
CA PRO D 444 40.54 -45.59 18.19
C PRO D 444 40.94 -44.39 17.35
N GLY D 445 39.94 -43.78 16.71
CA GLY D 445 40.19 -42.63 15.88
C GLY D 445 40.74 -41.46 16.68
N THR D 446 41.80 -40.88 16.14
CA THR D 446 42.46 -39.74 16.76
C THR D 446 42.13 -38.41 16.09
N LEU D 447 41.22 -38.42 15.16
CA LEU D 447 40.88 -37.28 14.33
C LEU D 447 39.42 -36.86 14.55
N PRO D 448 39.09 -35.61 14.28
CA PRO D 448 37.68 -35.19 14.34
C PRO D 448 36.84 -35.97 13.34
N ASN D 449 35.62 -36.32 13.75
CA ASN D 449 34.71 -37.10 12.91
C ASN D 449 33.94 -36.20 11.97
N LEU D 450 34.44 -36.04 10.74
CA LEU D 450 33.72 -35.26 9.75
C LEU D 450 32.54 -36.05 9.19
N GLU D 451 31.52 -35.34 8.75
CA GLU D 451 30.25 -35.94 8.37
C GLU D 451 29.89 -35.58 6.93
N GLY D 452 29.02 -36.39 6.34
CA GLY D 452 28.55 -36.18 4.99
C GLY D 452 28.91 -37.33 4.08
N ARG D 453 28.43 -37.21 2.83
CA ARG D 453 28.75 -38.17 1.79
C ARG D 453 29.24 -37.55 0.50
N ILE D 454 28.86 -36.31 0.19
CA ILE D 454 29.26 -35.66 -1.04
C ILE D 454 30.29 -34.58 -0.73
N SER D 455 31.37 -34.58 -1.48
CA SER D 455 32.41 -33.58 -1.29
C SER D 455 31.87 -32.18 -1.56
N THR D 456 32.36 -31.21 -0.81
CA THR D 456 31.97 -29.82 -0.96
C THR D 456 32.85 -29.06 -1.92
N GLY D 457 33.94 -29.67 -2.39
CA GLY D 457 34.88 -28.95 -3.23
C GLY D 457 35.48 -27.74 -2.59
N GLN D 458 35.56 -27.73 -1.26
CA GLN D 458 36.00 -26.55 -0.53
C GLN D 458 37.48 -26.29 -0.79
N ASN D 459 37.94 -25.09 -0.40
CA ASN D 459 39.30 -24.64 -0.65
C ASN D 459 39.61 -24.62 -2.15
N VAL D 460 38.59 -24.37 -2.95
CA VAL D 460 38.76 -24.23 -4.40
C VAL D 460 39.49 -22.93 -4.67
N ILE D 461 40.28 -23.01 -5.70
CA ILE D 461 41.12 -21.94 -6.08
C ILE D 461 40.30 -20.74 -6.38
N VAL D 462 39.33 -20.90 -7.24
CA VAL D 462 38.56 -19.76 -7.58
C VAL D 462 37.21 -20.19 -8.07
N PRO D 463 36.28 -19.24 -8.11
CA PRO D 463 34.95 -19.57 -8.59
C PRO D 463 35.09 -19.95 -10.02
N PRO D 464 34.41 -21.00 -10.43
CA PRO D 464 34.47 -21.37 -11.83
C PRO D 464 33.87 -20.24 -12.65
N ALA D 465 32.74 -19.66 -12.19
CA ALA D 465 32.01 -18.54 -12.78
C ALA D 465 32.91 -17.60 -13.54
N ARG D 466 33.72 -16.87 -12.81
CA ARG D 466 34.70 -15.98 -13.42
C ARG D 466 35.83 -16.75 -14.09
N SER D 467 35.62 -18.01 -14.47
CA SER D 467 36.68 -18.79 -15.09
C SER D 467 37.13 -18.19 -16.42
N ARG D 468 36.23 -17.48 -17.11
CA ARG D 468 36.52 -16.90 -18.41
C ARG D 468 36.84 -15.42 -18.31
N TYR D 469 37.52 -15.02 -17.25
CA TYR D 469 37.80 -13.61 -17.01
C TYR D 469 38.64 -13.00 -18.13
N LEU D 470 39.58 -13.76 -18.69
CA LEU D 470 40.48 -13.21 -19.70
C LEU D 470 39.71 -12.68 -20.91
N ALA D 471 38.82 -13.50 -21.47
CA ALA D 471 38.05 -13.08 -22.62
C ALA D 471 37.14 -11.91 -22.28
N GLU D 472 36.56 -11.92 -21.08
CA GLU D 472 35.71 -10.81 -20.66
C GLU D 472 36.49 -9.50 -20.63
N LEU D 473 37.70 -9.53 -20.07
CA LEU D 473 38.53 -8.34 -20.03
C LEU D 473 38.94 -7.89 -21.43
N ALA D 474 39.27 -8.85 -22.30
CA ALA D 474 39.64 -8.49 -23.67
C ALA D 474 38.48 -7.81 -24.38
N ASP D 475 37.27 -8.35 -24.22
CA ASP D 475 36.10 -7.73 -24.82
C ASP D 475 35.85 -6.35 -24.22
N THR D 476 36.12 -6.19 -22.92
CA THR D 476 35.97 -4.89 -22.29
C THR D 476 36.91 -3.87 -22.92
N VAL D 477 38.16 -4.28 -23.17
CA VAL D 477 39.12 -3.40 -23.81
C VAL D 477 38.68 -3.08 -25.23
N ARG D 478 38.12 -4.08 -25.92
CA ARG D 478 37.58 -3.85 -27.25
C ARG D 478 36.50 -2.78 -27.22
N ALA D 479 35.58 -2.87 -26.26
CA ALA D 479 34.51 -1.89 -26.15
C ALA D 479 35.08 -0.52 -25.78
N TYR D 480 36.14 -0.50 -24.99
CA TYR D 480 36.82 0.76 -24.70
C TYR D 480 37.32 1.41 -25.99
N HIS D 481 38.01 0.64 -26.82
CA HIS D 481 38.46 1.17 -28.10
C HIS D 481 37.29 1.62 -28.97
N ARG D 482 36.18 0.88 -28.88
CA ARG D 482 34.96 1.29 -29.58
C ARG D 482 34.52 2.67 -29.13
N ARG D 483 34.53 2.91 -27.82
CA ARG D 483 34.16 4.22 -27.30
C ARG D 483 35.15 5.29 -27.76
N VAL D 484 36.44 4.94 -27.79
CA VAL D 484 37.45 5.89 -28.27
C VAL D 484 37.11 6.32 -29.68
N VAL D 485 36.84 5.35 -30.55
CA VAL D 485 36.54 5.65 -31.95
C VAL D 485 35.27 6.49 -32.05
N ALA D 486 34.22 6.10 -31.31
CA ALA D 486 32.95 6.82 -31.37
C ALA D 486 33.11 8.27 -30.95
N GLN D 487 33.76 8.50 -29.82
CA GLN D 487 33.90 9.86 -29.32
C GLN D 487 34.85 10.69 -30.18
N SER D 488 35.90 10.08 -30.73
CA SER D 488 36.76 10.81 -31.66
C SER D 488 35.98 11.21 -32.90
N LYS D 489 35.12 10.33 -33.39
CA LYS D 489 34.26 10.67 -34.52
C LYS D 489 33.33 11.82 -34.18
N LEU D 490 32.72 11.78 -32.98
CA LEU D 490 31.85 12.87 -32.57
C LEU D 490 32.62 14.18 -32.49
N ALA D 491 33.84 14.13 -31.96
CA ALA D 491 34.67 15.32 -31.86
C ALA D 491 34.97 15.90 -33.23
N ARG D 492 35.36 15.04 -34.18
CA ARG D 492 35.65 15.53 -35.53
C ARG D 492 34.40 16.12 -36.17
N GLU D 493 33.26 15.45 -36.00
CA GLU D 493 32.00 15.95 -36.56
C GLU D 493 31.69 17.34 -36.02
N ARG D 494 31.68 17.48 -34.69
CA ARG D 494 31.33 18.76 -34.10
C ARG D 494 32.36 19.83 -34.44
N GLN D 495 33.63 19.44 -34.55
CA GLN D 495 34.68 20.40 -34.86
C GLN D 495 34.48 20.98 -36.25
N GLN D 496 34.31 20.12 -37.26
CA GLN D 496 34.12 20.63 -38.61
C GLN D 496 32.79 21.39 -38.72
N LEU D 497 31.75 20.90 -38.04
CA LEU D 497 30.46 21.58 -38.07
C LEU D 497 30.56 22.98 -37.50
N ARG D 498 31.19 23.13 -36.35
CA ARG D 498 31.32 24.43 -35.71
C ARG D 498 32.22 25.34 -36.52
N ALA D 499 33.28 24.79 -37.12
CA ALA D 499 34.12 25.60 -37.99
C ALA D 499 33.33 26.12 -39.19
N ALA D 500 32.51 25.25 -39.80
CA ALA D 500 31.68 25.69 -40.91
C ALA D 500 30.67 26.74 -40.46
N HIS D 501 30.12 26.57 -39.26
CA HIS D 501 29.20 27.58 -38.73
C HIS D 501 29.89 28.93 -38.59
N ASP D 502 31.08 28.94 -37.99
CA ASP D 502 31.79 30.20 -37.76
C ASP D 502 32.17 30.84 -39.09
N MET D 503 32.63 30.05 -40.06
CA MET D 503 32.94 30.61 -41.37
C MET D 503 31.70 31.18 -42.04
N LEU D 504 30.59 30.44 -42.00
CA LEU D 504 29.36 30.90 -42.63
C LEU D 504 28.76 32.08 -41.87
N GLN D 505 28.73 31.98 -40.53
CA GLN D 505 28.29 33.12 -39.75
C GLN D 505 29.27 34.27 -39.83
N GLY D 506 30.54 33.96 -40.09
CA GLY D 506 31.53 35.00 -40.33
C GLY D 506 31.49 35.59 -41.71
N ALA D 507 30.62 35.07 -42.59
CA ALA D 507 30.48 35.59 -43.94
C ALA D 507 29.24 36.46 -44.13
N GLY D 508 28.37 36.52 -43.12
CA GLY D 508 27.12 37.29 -43.20
C GLY D 508 25.90 36.42 -43.40
N HIS D 509 26.09 35.15 -43.76
CA HIS D 509 24.98 34.24 -43.96
C HIS D 509 24.23 34.03 -42.64
N GLU D 510 22.90 34.07 -42.70
CA GLU D 510 22.05 33.92 -41.53
C GLU D 510 21.26 32.63 -41.66
N SER D 511 21.83 31.54 -41.17
CA SER D 511 21.18 30.23 -41.16
C SER D 511 21.15 29.74 -39.71
N ALA D 512 19.95 29.60 -39.16
CA ALA D 512 19.81 29.14 -37.78
C ALA D 512 20.17 27.68 -37.59
N ALA D 513 20.37 26.93 -38.68
CA ALA D 513 20.65 25.51 -38.54
C ALA D 513 22.06 25.25 -38.02
N LEU D 514 22.97 26.21 -38.18
CA LEU D 514 24.36 26.00 -37.77
C LEU D 514 24.48 25.82 -36.26
N GLU D 515 23.89 26.74 -35.50
CA GLU D 515 23.94 26.65 -34.04
C GLU D 515 23.24 25.40 -33.54
N THR D 516 22.08 25.08 -34.12
CA THR D 516 21.34 23.89 -33.70
C THR D 516 22.16 22.63 -33.98
N LEU D 517 22.80 22.56 -35.14
CA LEU D 517 23.61 21.39 -35.47
C LEU D 517 24.82 21.27 -34.55
N ALA D 518 25.45 22.40 -34.21
CA ALA D 518 26.56 22.36 -33.26
C ALA D 518 26.07 21.85 -31.90
N SER D 519 24.95 22.39 -31.42
CA SER D 519 24.38 21.95 -30.15
C SER D 519 23.97 20.49 -30.17
N GLU D 520 23.59 19.97 -31.34
CA GLU D 520 23.19 18.57 -31.44
C GLU D 520 24.31 17.63 -31.04
N ARG D 521 25.53 17.89 -31.51
CA ARG D 521 26.70 17.15 -31.07
C ARG D 521 27.22 17.62 -29.71
N ASP D 522 26.86 18.83 -29.29
CA ASP D 522 27.20 19.26 -27.94
C ASP D 522 26.55 18.37 -26.90
N VAL D 523 25.26 18.07 -27.06
CA VAL D 523 24.61 17.11 -26.16
C VAL D 523 25.16 15.71 -26.37
N SER D 524 25.45 15.35 -27.63
CA SER D 524 26.02 14.05 -27.92
C SER D 524 27.41 13.90 -27.31
N LEU D 525 28.11 15.01 -27.10
CA LEU D 525 29.43 14.97 -26.48
C LEU D 525 29.35 14.37 -25.10
N GLY D 526 30.18 13.37 -24.85
CA GLY D 526 30.26 12.77 -23.53
C GLY D 526 30.87 13.73 -22.51
N ALA D 527 30.46 13.55 -21.26
CA ALA D 527 30.90 14.46 -20.21
C ALA D 527 32.39 14.36 -19.95
N VAL D 528 32.91 13.15 -19.72
CA VAL D 528 34.33 13.00 -19.42
C VAL D 528 35.17 13.36 -20.62
N GLU D 529 34.74 12.97 -21.82
CA GLU D 529 35.47 13.35 -23.02
C GLU D 529 35.53 14.86 -23.18
N ARG D 530 34.41 15.54 -22.94
CA ARG D 530 34.40 17.00 -22.97
C ARG D 530 35.35 17.57 -21.93
N LYS D 531 35.39 16.96 -20.74
CA LYS D 531 36.34 17.37 -19.72
C LYS D 531 37.77 17.26 -20.21
N LEU D 532 38.12 16.15 -20.86
CA LEU D 532 39.48 15.99 -21.38
C LEU D 532 39.75 17.02 -22.47
N LEU D 533 38.73 17.34 -23.27
CA LEU D 533 38.88 18.39 -24.28
C LEU D 533 39.21 19.72 -23.64
N ALA D 534 38.50 20.08 -22.56
CA ALA D 534 38.78 21.33 -21.88
C ALA D 534 40.16 21.36 -21.24
N MET D 535 40.69 20.20 -20.87
CA MET D 535 42.02 20.13 -20.27
C MET D 535 43.14 20.23 -21.27
N TRP D 536 42.87 19.98 -22.55
CA TRP D 536 43.91 20.06 -23.57
C TRP D 536 44.56 21.44 -23.65
N PRO D 537 43.80 22.56 -23.72
CA PRO D 537 44.47 23.85 -23.89
C PRO D 537 45.47 24.18 -22.79
N GLN D 538 45.14 23.87 -21.53
CA GLN D 538 46.06 24.20 -20.44
C GLN D 538 47.29 23.31 -20.47
N MET D 539 47.10 22.01 -20.77
CA MET D 539 48.24 21.12 -20.86
C MET D 539 49.17 21.52 -21.98
N GLN D 540 48.62 21.91 -23.13
CA GLN D 540 49.45 22.48 -24.19
C GLN D 540 50.15 23.74 -23.69
N GLN D 541 49.42 24.59 -22.96
CA GLN D 541 50.02 25.78 -22.38
C GLN D 541 51.07 25.42 -21.32
N ALA D 542 50.80 24.38 -20.52
CA ALA D 542 51.72 24.02 -19.46
C ALA D 542 53.06 23.55 -20.01
N TYR D 543 53.03 22.76 -21.09
CA TYR D 543 54.23 22.16 -21.64
C TYR D 543 54.87 22.99 -22.75
N SER D 544 54.16 24.01 -23.25
CA SER D 544 54.77 24.90 -24.22
C SER D 544 55.85 25.77 -23.59
N GLY D 545 55.76 26.00 -22.29
CA GLY D 545 56.73 26.80 -21.58
C GLY D 545 58.03 26.06 -21.35
N ASP D 546 59.08 26.83 -21.09
CA ASP D 546 60.40 26.29 -20.79
C ASP D 546 60.52 25.78 -19.36
N GLU D 547 59.46 25.94 -18.56
CA GLU D 547 59.44 25.46 -17.19
C GLU D 547 58.01 25.18 -16.78
N TYR D 548 57.82 24.10 -16.03
CA TYR D 548 56.53 23.74 -15.47
C TYR D 548 56.57 23.96 -13.97
N VAL D 549 55.58 24.65 -13.44
CA VAL D 549 55.49 24.97 -12.02
C VAL D 549 54.31 24.20 -11.44
N VAL D 550 54.55 23.49 -10.33
CA VAL D 550 53.50 22.74 -9.67
C VAL D 550 53.47 23.09 -8.19
N LYS D 551 52.48 23.89 -7.79
CA LYS D 551 52.25 24.19 -6.38
C LYS D 551 51.54 23.00 -5.78
N ILE D 552 52.29 22.13 -5.11
CA ILE D 552 51.79 20.86 -4.62
C ILE D 552 51.59 20.95 -3.12
N ARG D 553 50.35 20.76 -2.67
CA ARG D 553 49.96 20.85 -1.26
C ARG D 553 50.38 22.23 -0.76
N ASP D 554 51.25 22.33 0.25
CA ASP D 554 51.72 23.62 0.72
C ASP D 554 53.02 24.06 0.09
N LYS D 555 53.80 23.13 -0.46
CA LYS D 555 55.04 23.45 -1.14
C LYS D 555 54.76 23.74 -2.62
N GLU D 556 55.79 24.10 -3.36
CA GLU D 556 55.68 24.31 -4.79
C GLU D 556 56.84 23.62 -5.50
N ILE D 557 56.53 22.98 -6.62
CA ILE D 557 57.53 22.23 -7.37
C ILE D 557 57.57 22.74 -8.80
N ARG D 558 58.45 23.71 -9.06
CA ARG D 558 58.64 24.24 -10.39
C ARG D 558 59.80 23.52 -11.07
N THR D 559 59.55 23.00 -12.26
CA THR D 559 60.54 22.21 -12.98
C THR D 559 60.76 22.79 -14.37
N GLY D 560 62.01 23.11 -14.69
CA GLY D 560 62.33 23.60 -16.01
C GLY D 560 62.07 22.55 -17.07
N LEU D 561 61.65 23.00 -18.24
CA LEU D 561 61.31 22.12 -19.35
C LEU D 561 62.24 22.28 -20.55
N ILE D 562 63.34 23.00 -20.39
CA ILE D 562 64.22 23.35 -21.49
C ILE D 562 65.61 22.76 -21.25
N SER D 563 66.17 22.11 -22.27
CA SER D 563 67.50 21.54 -22.21
C SER D 563 68.35 22.16 -23.31
N THR D 564 69.67 22.15 -23.13
CA THR D 564 70.59 22.73 -24.10
C THR D 564 71.64 21.71 -24.48
N THR D 565 71.88 21.56 -25.79
CA THR D 565 72.92 20.68 -26.28
C THR D 565 74.19 21.49 -26.55
N LEU D 566 75.26 20.79 -26.93
CA LEU D 566 76.53 21.47 -27.19
C LEU D 566 76.43 22.44 -28.36
N SER D 567 75.54 22.17 -29.31
CA SER D 567 75.26 23.13 -30.36
C SER D 567 74.43 24.30 -29.86
N GLY D 568 74.15 24.37 -28.56
CA GLY D 568 73.34 25.44 -28.01
C GLY D 568 71.87 25.29 -28.26
N THR D 569 71.41 24.15 -28.78
CA THR D 569 70.01 23.99 -29.15
C THR D 569 69.15 23.83 -27.91
N LYS D 570 68.11 24.66 -27.82
CA LYS D 570 67.18 24.61 -26.71
C LYS D 570 66.26 23.40 -26.89
N ILE D 571 66.47 22.37 -26.08
CA ILE D 571 65.79 21.09 -26.22
C ILE D 571 64.61 21.07 -25.26
N ARG D 572 63.40 21.12 -25.81
CA ARG D 572 62.23 20.83 -25.00
C ARG D 572 62.16 19.33 -24.72
N LYS D 573 61.94 18.98 -23.47
CA LYS D 573 62.07 17.59 -23.05
C LYS D 573 60.94 16.74 -23.59
N VAL D 574 59.76 17.32 -23.81
CA VAL D 574 58.59 16.59 -24.28
C VAL D 574 58.12 17.19 -25.59
N VAL D 575 57.94 16.33 -26.59
CA VAL D 575 57.46 16.73 -27.91
C VAL D 575 56.00 16.30 -28.03
N LEU D 576 55.13 17.25 -28.40
CA LEU D 576 53.70 16.98 -28.46
C LEU D 576 53.13 17.37 -29.83
N PRO D 577 51.97 16.82 -30.18
CA PRO D 577 51.29 17.26 -31.40
C PRO D 577 50.94 18.73 -31.36
N ARG D 578 51.00 19.36 -32.54
CA ARG D 578 50.72 20.76 -32.75
C ARG D 578 49.73 20.95 -33.89
N PHE D 579 48.64 20.19 -33.86
CA PHE D 579 47.80 20.02 -35.03
C PHE D 579 46.70 21.07 -35.12
N GLU D 580 46.03 21.10 -36.27
CA GLU D 580 44.83 21.89 -36.50
C GLU D 580 43.55 21.17 -36.12
N ASP D 581 43.31 19.99 -36.70
CA ASP D 581 42.07 19.26 -36.46
C ASP D 581 42.02 18.76 -35.02
N GLU D 582 41.02 19.21 -34.28
CA GLU D 582 40.85 18.77 -32.90
C GLU D 582 40.40 17.32 -32.81
N GLY D 583 39.83 16.76 -33.87
CA GLY D 583 39.47 15.35 -33.84
C GLY D 583 40.67 14.46 -33.72
N GLU D 584 41.68 14.68 -34.58
CA GLU D 584 42.91 13.91 -34.49
C GLU D 584 43.63 14.17 -33.18
N ILE D 585 43.62 15.43 -32.72
CA ILE D 585 44.22 15.76 -31.43
C ILE D 585 43.57 14.93 -30.32
N LEU D 586 42.24 14.92 -30.29
CA LEU D 586 41.52 14.21 -29.24
C LEU D 586 41.76 12.71 -29.33
N LYS D 587 41.75 12.16 -30.55
CA LYS D 587 41.99 10.73 -30.71
C LYS D 587 43.39 10.36 -30.24
N TRP D 588 44.39 11.17 -30.59
CA TRP D 588 45.74 10.90 -30.12
C TRP D 588 45.82 10.99 -28.61
N LEU D 589 45.17 12.00 -28.02
CA LEU D 589 45.19 12.13 -26.57
C LEU D 589 44.58 10.93 -25.90
N MET D 590 43.41 10.49 -26.37
CA MET D 590 42.74 9.34 -25.78
C MET D 590 43.54 8.06 -25.98
N ARG D 591 44.29 7.97 -27.08
CA ARG D 591 45.14 6.82 -27.32
C ARG D 591 46.54 7.01 -26.75
N GLU D 592 47.03 8.25 -26.70
CA GLU D 592 48.34 8.56 -26.12
C GLU D 592 48.18 9.80 -25.24
N ASN D 593 47.94 9.58 -23.95
CA ASN D 593 47.92 10.66 -22.99
C ASN D 593 49.34 11.00 -22.55
N VAL D 594 49.46 12.06 -21.77
CA VAL D 594 50.76 12.52 -21.29
C VAL D 594 51.31 11.49 -20.32
N PRO D 595 52.63 11.37 -20.19
CA PRO D 595 53.18 10.54 -19.10
C PRO D 595 52.72 11.10 -17.76
N GLY D 596 52.40 10.20 -16.85
CA GLY D 596 51.76 10.58 -15.60
C GLY D 596 50.28 10.81 -15.69
N SER D 597 49.63 10.37 -16.77
CA SER D 597 48.19 10.45 -16.92
C SER D 597 47.66 9.12 -17.42
N PHE D 598 46.42 8.83 -17.08
CA PHE D 598 45.78 7.62 -17.59
C PHE D 598 45.72 7.69 -19.10
N PRO D 599 46.03 6.60 -19.81
CA PRO D 599 46.38 5.27 -19.29
C PRO D 599 47.88 5.04 -19.15
N TYR D 600 48.71 6.08 -19.04
CA TYR D 600 50.13 5.94 -18.77
C TYR D 600 50.82 5.04 -19.80
N THR D 601 50.48 5.24 -21.07
CA THR D 601 51.06 4.41 -22.12
C THR D 601 52.58 4.52 -22.13
N ALA D 602 53.11 5.75 -22.08
CA ALA D 602 54.54 5.99 -22.14
C ALA D 602 55.21 5.91 -20.77
N GLY D 603 54.48 5.46 -19.76
CA GLY D 603 55.02 5.37 -18.41
C GLY D 603 54.16 6.06 -17.38
N VAL D 604 54.11 5.47 -16.19
CA VAL D 604 53.27 6.02 -15.13
C VAL D 604 53.89 7.28 -14.53
N PHE D 605 55.21 7.33 -14.38
CA PHE D 605 55.88 8.49 -13.84
C PHE D 605 55.80 9.64 -14.84
N ALA D 606 55.20 10.74 -14.39
CA ALA D 606 55.08 11.91 -15.25
C ALA D 606 56.45 12.46 -15.63
N PHE D 607 57.35 12.54 -14.66
CA PHE D 607 58.71 12.99 -14.89
C PHE D 607 59.67 11.85 -14.62
N LYS D 608 60.81 11.89 -15.31
CA LYS D 608 61.80 10.84 -15.20
C LYS D 608 62.40 10.82 -13.80
N ARG D 609 62.73 9.61 -13.34
CA ARG D 609 63.44 9.46 -12.08
C ARG D 609 64.81 10.13 -12.17
N GLU D 610 65.19 10.80 -11.08
CA GLU D 610 66.44 11.54 -11.00
C GLU D 610 67.46 10.73 -10.21
N GLY D 611 68.71 10.78 -10.64
CA GLY D 611 69.78 10.08 -9.95
C GLY D 611 70.43 9.00 -10.80
N ASP D 613 71.77 7.27 -8.22
CA ASP D 613 72.72 6.19 -8.44
C ASP D 613 72.31 4.92 -7.69
N PRO D 614 71.40 4.14 -8.29
CA PRO D 614 70.91 2.90 -7.68
C PRO D 614 71.81 1.70 -7.94
N THR D 615 73.02 1.73 -7.38
CA THR D 615 73.97 0.65 -7.55
C THR D 615 73.55 -0.53 -6.66
N ARG D 616 72.90 -1.52 -7.27
CA ARG D 616 72.43 -2.68 -6.52
C ARG D 616 73.63 -3.52 -6.09
N MET D 617 73.66 -3.88 -4.81
CA MET D 617 74.76 -4.65 -4.23
C MET D 617 74.36 -6.12 -4.24
N PHE D 618 74.36 -6.72 -5.41
CA PHE D 618 73.99 -8.13 -5.56
C PHE D 618 75.15 -8.99 -5.07
N ALA D 619 74.91 -9.70 -3.96
CA ALA D 619 76.00 -10.39 -3.30
C ALA D 619 75.53 -11.45 -2.32
N GLY D 620 76.05 -12.67 -2.46
CA GLY D 620 75.87 -13.70 -1.47
C GLY D 620 76.62 -14.98 -1.80
N GLU D 621 77.40 -15.49 -0.85
CA GLU D 621 78.16 -16.72 -1.01
C GLU D 621 78.87 -17.04 0.31
N GLY D 622 79.13 -18.33 0.52
CA GLY D 622 79.89 -18.76 1.67
C GLY D 622 79.10 -18.63 2.97
N ASP D 623 79.87 -18.56 4.06
CA ASP D 623 79.38 -18.43 5.43
C ASP D 623 78.97 -17.00 5.70
N ALA D 624 78.24 -16.77 6.81
CA ALA D 624 77.88 -15.40 7.17
C ALA D 624 79.09 -14.49 7.17
N PHE D 625 80.25 -15.02 7.58
CA PHE D 625 81.45 -14.19 7.70
C PHE D 625 81.93 -13.70 6.34
N ARG D 626 82.05 -14.62 5.38
CA ARG D 626 82.51 -14.23 4.05
C ARG D 626 81.54 -13.25 3.39
N THR D 627 80.23 -13.52 3.54
CA THR D 627 79.23 -12.62 2.97
C THR D 627 79.31 -11.25 3.61
N ASN D 628 79.48 -11.19 4.93
CA ASN D 628 79.60 -9.90 5.60
C ASN D 628 80.86 -9.16 5.15
N ARG D 629 81.95 -9.90 4.95
CA ARG D 629 83.16 -9.28 4.39
C ARG D 629 82.86 -8.66 3.04
N ARG D 630 82.21 -9.42 2.16
CA ARG D 630 81.88 -8.90 0.84
C ARG D 630 80.98 -7.68 0.92
N PHE D 631 79.98 -7.72 1.81
CA PHE D 631 79.06 -6.59 1.95
C PHE D 631 79.81 -5.36 2.45
N LYS D 632 80.63 -5.52 3.48
CA LYS D 632 81.43 -4.41 3.99
C LYS D 632 82.33 -3.86 2.91
N LEU D 633 82.79 -4.71 1.99
CA LEU D 633 83.48 -4.23 0.80
C LEU D 633 82.56 -3.38 -0.05
N VAL D 634 81.32 -3.82 -0.22
CA VAL D 634 80.40 -3.13 -1.13
C VAL D 634 79.62 -2.05 -0.39
N SER D 635 79.23 -2.32 0.86
CA SER D 635 78.54 -1.34 1.69
C SER D 635 79.50 -0.43 2.44
N GLU D 636 80.72 -0.26 1.93
CA GLU D 636 81.74 0.52 2.61
C GLU D 636 81.35 1.99 2.62
N GLY D 637 80.80 2.45 3.74
CA GLY D 637 80.41 3.84 3.87
C GLY D 637 79.39 4.28 2.84
N MET D 638 78.43 3.42 2.54
CA MET D 638 77.40 3.69 1.55
C MET D 638 76.13 4.14 2.26
N GLU D 639 75.68 5.36 1.92
CA GLU D 639 74.48 5.90 2.54
C GLU D 639 73.26 5.05 2.20
N ALA D 640 73.14 4.63 0.94
CA ALA D 640 72.06 3.75 0.51
C ALA D 640 72.59 2.33 0.41
N LYS D 641 71.97 1.42 1.16
CA LYS D 641 72.34 0.01 1.12
C LYS D 641 71.32 -0.73 0.25
N ARG D 642 71.66 -0.95 -1.02
CA ARG D 642 70.78 -1.63 -1.95
C ARG D 642 71.40 -2.99 -2.25
N LEU D 643 71.11 -3.96 -1.38
CA LEU D 643 71.75 -5.27 -1.44
C LEU D 643 70.82 -6.31 -2.03
N SER D 644 71.38 -7.20 -2.84
CA SER D 644 70.67 -8.34 -3.39
C SER D 644 71.42 -9.59 -2.97
N THR D 645 70.70 -10.59 -2.49
CA THR D 645 71.31 -11.78 -1.88
C THR D 645 70.99 -13.01 -2.72
N ALA D 646 72.02 -13.79 -3.01
CA ALA D 646 71.89 -15.04 -3.75
C ALA D 646 72.03 -16.22 -2.81
N PHE D 647 71.38 -17.32 -3.15
CA PHE D 647 71.37 -18.51 -2.32
C PHE D 647 71.59 -19.78 -3.15
N ASP D 648 72.05 -20.82 -2.48
CA ASP D 648 72.27 -22.10 -3.15
C ASP D 648 70.96 -22.84 -3.35
N SER D 649 70.95 -23.74 -4.34
CA SER D 649 69.74 -24.48 -4.68
C SER D 649 69.25 -25.32 -3.51
N VAL D 650 70.17 -25.90 -2.74
CA VAL D 650 69.79 -26.66 -1.56
C VAL D 650 68.93 -25.79 -0.64
N THR D 651 69.37 -24.56 -0.39
CA THR D 651 68.53 -23.62 0.34
C THR D 651 67.30 -23.24 -0.48
N LEU D 652 67.49 -22.99 -1.77
CA LEU D 652 66.36 -22.64 -2.62
C LEU D 652 65.36 -23.78 -2.75
N TYR D 653 65.83 -25.01 -2.81
CA TYR D 653 64.95 -26.18 -2.71
C TYR D 653 64.61 -26.50 -1.28
N GLY D 654 65.10 -25.71 -0.33
CA GLY D 654 64.80 -25.95 1.07
C GLY D 654 65.33 -27.26 1.61
N GLU D 655 66.52 -27.67 1.18
CA GLU D 655 67.11 -28.91 1.64
C GLU D 655 67.82 -28.68 2.96
N ASP D 656 67.41 -29.40 3.99
CA ASP D 656 68.11 -29.33 5.25
C ASP D 656 69.49 -29.95 5.12
N PRO D 657 70.48 -29.45 5.85
CA PRO D 657 71.78 -30.13 5.89
C PRO D 657 71.62 -31.57 6.32
N HIS D 658 72.26 -32.46 5.55
CA HIS D 658 72.07 -33.88 5.73
C HIS D 658 73.43 -34.57 5.61
N GLU D 659 73.58 -35.66 6.36
CA GLU D 659 74.87 -36.34 6.40
C GLU D 659 75.22 -36.99 5.06
N ARG D 660 74.27 -37.09 4.14
CA ARG D 660 74.58 -37.63 2.83
C ARG D 660 75.54 -36.70 2.09
N PRO D 661 76.56 -37.24 1.43
CA PRO D 661 77.49 -36.39 0.67
C PRO D 661 76.86 -35.74 -0.55
N ASP D 662 75.62 -36.10 -0.88
CA ASP D 662 74.93 -35.53 -2.04
C ASP D 662 74.88 -34.02 -1.93
N ILE D 663 74.23 -33.51 -0.88
CA ILE D 663 74.15 -32.08 -0.65
C ILE D 663 75.50 -31.52 -0.21
N TYR D 664 76.43 -32.35 0.25
CA TYR D 664 77.75 -31.87 0.60
C TYR D 664 78.41 -31.17 -0.58
N GLY D 665 78.17 -31.67 -1.79
CA GLY D 665 78.63 -30.97 -2.97
C GLY D 665 77.95 -29.63 -3.19
N LYS D 666 76.85 -29.38 -2.49
CA LYS D 666 76.07 -28.16 -2.67
C LYS D 666 76.06 -27.27 -1.43
N VAL D 667 76.75 -27.67 -0.35
CA VAL D 667 76.72 -26.89 0.89
C VAL D 667 77.51 -25.61 0.71
N GLY D 668 76.88 -24.47 1.00
CA GLY D 668 77.53 -23.18 0.90
C GLY D 668 78.04 -22.81 -0.48
N ASN D 669 77.87 -23.68 -1.47
CA ASN D 669 78.36 -23.46 -2.81
C ASN D 669 77.27 -22.82 -3.67
N SER D 670 77.67 -21.86 -4.49
CA SER D 670 76.77 -21.12 -5.36
C SER D 670 75.66 -20.43 -4.59
N GLY D 671 75.94 -20.00 -3.37
CA GLY D 671 74.96 -19.34 -2.53
C GLY D 671 75.30 -19.47 -1.07
N VAL D 672 74.88 -18.50 -0.28
CA VAL D 672 75.11 -18.55 1.16
C VAL D 672 74.10 -19.50 1.78
N SER D 673 74.59 -20.50 2.49
CA SER D 673 73.73 -21.51 3.11
C SER D 673 73.35 -21.05 4.51
N ILE D 674 72.09 -20.70 4.70
CA ILE D 674 71.57 -20.24 5.98
C ILE D 674 70.87 -21.43 6.66
N ALA D 675 71.21 -21.66 7.92
CA ALA D 675 70.59 -22.74 8.68
C ALA D 675 69.62 -22.26 9.75
N THR D 676 70.01 -21.27 10.55
CA THR D 676 69.15 -20.78 11.61
C THR D 676 69.03 -19.26 11.50
N LEU D 677 68.26 -18.69 12.41
CA LEU D 677 68.16 -17.24 12.46
C LEU D 677 69.49 -16.60 12.81
N GLU D 678 70.24 -17.23 13.74
CA GLU D 678 71.51 -16.66 14.17
C GLU D 678 72.46 -16.45 13.02
N ASP D 679 72.52 -17.41 12.09
CA ASP D 679 73.35 -17.22 10.90
C ASP D 679 72.91 -16.00 10.12
N MET D 680 71.60 -15.75 10.04
CA MET D 680 71.10 -14.57 9.36
C MET D 680 71.50 -13.30 10.09
N LYS D 681 71.33 -13.27 11.41
CA LYS D 681 71.62 -12.06 12.18
C LYS D 681 73.10 -11.72 12.12
N VAL D 682 73.97 -12.74 12.18
CA VAL D 682 75.38 -12.52 11.88
C VAL D 682 75.54 -12.01 10.45
N LEU D 683 74.77 -12.57 9.53
CA LEU D 683 74.78 -12.10 8.15
C LEU D 683 74.26 -10.66 8.06
N TYR D 684 73.41 -10.25 8.99
CA TYR D 684 72.82 -8.91 8.99
C TYR D 684 73.40 -8.03 10.08
N ASP D 685 74.53 -8.42 10.67
CA ASP D 685 75.11 -7.68 11.77
C ASP D 685 75.57 -6.29 11.32
N GLY D 686 75.16 -5.27 12.07
CA GLY D 686 75.55 -3.91 11.78
C GLY D 686 74.82 -3.26 10.63
N PHE D 687 73.86 -3.96 10.02
CA PHE D 687 73.09 -3.44 8.90
C PHE D 687 71.69 -3.10 9.41
N ASP D 688 71.39 -1.81 9.48
CA ASP D 688 70.06 -1.38 9.92
C ASP D 688 69.09 -1.63 8.77
N LEU D 689 68.54 -2.84 8.72
CA LEU D 689 67.55 -3.20 7.72
C LEU D 689 66.31 -2.33 7.80
N THR D 690 66.00 -1.78 8.98
CA THR D 690 64.91 -0.82 9.10
C THR D 690 65.24 0.53 8.49
N ASN D 691 66.48 0.78 8.10
CA ASN D 691 66.78 2.04 7.46
C ASN D 691 66.09 2.12 6.09
N PRO D 692 65.40 3.23 5.80
CA PRO D 692 64.69 3.33 4.51
C PRO D 692 65.61 3.27 3.30
N SER D 693 66.78 3.90 3.34
CA SER D 693 67.73 3.86 2.24
C SER D 693 68.45 2.53 2.16
N THR D 694 68.25 1.67 3.15
CA THR D 694 68.78 0.31 3.16
C THR D 694 67.74 -0.60 2.54
N SER D 695 68.10 -1.26 1.43
CA SER D 695 67.19 -2.10 0.68
C SER D 695 67.83 -3.45 0.44
N VAL D 696 67.12 -4.52 0.76
CA VAL D 696 67.62 -5.88 0.61
C VAL D 696 66.70 -6.65 -0.30
N SER D 697 67.28 -7.34 -1.27
CA SER D 697 66.53 -8.09 -2.28
C SER D 697 66.99 -9.54 -2.21
N MET D 698 66.21 -10.39 -1.54
CA MET D 698 66.57 -11.78 -1.37
C MET D 698 65.79 -12.65 -2.35
N THR D 699 66.48 -13.66 -2.88
CA THR D 699 65.99 -14.46 -4.00
C THR D 699 65.58 -15.84 -3.50
N ILE D 700 64.29 -15.99 -3.19
CA ILE D 700 63.70 -17.29 -2.90
C ILE D 700 62.19 -17.16 -3.01
N ASN D 701 61.52 -18.27 -3.27
CA ASN D 701 60.07 -18.28 -3.44
C ASN D 701 59.35 -19.21 -2.47
N GLY D 702 59.78 -20.46 -2.35
CA GLY D 702 59.01 -21.47 -1.67
C GLY D 702 58.86 -21.26 -0.17
N PRO D 703 59.96 -21.37 0.56
CA PRO D 703 59.89 -21.23 2.02
C PRO D 703 59.87 -19.78 2.47
N ALA D 704 59.54 -18.88 1.55
CA ALA D 704 59.66 -17.44 1.80
C ALA D 704 58.99 -16.99 3.09
N PRO D 705 57.78 -17.43 3.46
CA PRO D 705 57.25 -17.00 4.77
C PRO D 705 58.14 -17.36 5.94
N THR D 706 58.83 -18.51 5.88
CA THR D 706 59.68 -18.91 6.98
C THR D 706 60.81 -17.92 7.20
N ILE D 707 61.57 -17.61 6.15
CA ILE D 707 62.70 -16.71 6.30
C ILE D 707 62.20 -15.28 6.46
N LEU D 708 60.98 -15.01 6.01
CA LEU D 708 60.36 -13.72 6.28
C LEU D 708 60.13 -13.54 7.78
N ALA D 709 59.55 -14.54 8.43
CA ALA D 709 59.39 -14.50 9.87
C ALA D 709 60.76 -14.45 10.55
N MET D 710 61.74 -15.13 9.97
CA MET D 710 63.10 -15.04 10.48
C MET D 710 63.61 -13.59 10.48
N PHE D 711 63.42 -12.90 9.35
CA PHE D 711 63.84 -11.50 9.24
C PHE D 711 63.08 -10.64 10.22
N MET D 712 61.78 -10.90 10.40
CA MET D 712 61.00 -10.17 11.39
C MET D 712 61.57 -10.37 12.79
N ASN D 713 61.91 -11.61 13.13
CA ASN D 713 62.50 -11.88 14.43
C ASN D 713 63.84 -11.18 14.59
N THR D 714 64.64 -11.13 13.52
CA THR D 714 65.91 -10.40 13.57
C THR D 714 65.67 -8.91 13.84
N ALA D 715 64.68 -8.33 13.17
CA ALA D 715 64.36 -6.92 13.37
C ALA D 715 63.92 -6.67 14.81
N ILE D 716 63.11 -7.58 15.36
CA ILE D 716 62.71 -7.47 16.76
C ILE D 716 63.94 -7.60 17.66
N ASP D 717 64.83 -8.53 17.34
CA ASP D 717 66.00 -8.78 18.17
C ASP D 717 66.89 -7.55 18.24
N GLN D 718 67.12 -6.89 17.10
CA GLN D 718 67.97 -5.72 17.08
C GLN D 718 67.46 -4.67 18.06
N GLN D 719 66.20 -4.29 17.93
CA GLN D 719 65.62 -3.28 18.81
C GLN D 719 65.58 -3.73 20.26
N ILE D 720 65.13 -4.95 20.52
CA ILE D 720 64.97 -5.43 21.89
C ILE D 720 66.33 -5.52 22.58
N ASP D 721 67.33 -6.07 21.89
CA ASP D 721 68.66 -6.19 22.47
C ASP D 721 69.32 -4.84 22.66
N ARG D 722 69.12 -3.92 21.72
CA ARG D 722 69.65 -2.58 21.90
C ARG D 722 69.04 -1.92 23.13
N PHE D 723 67.73 -2.09 23.31
CA PHE D 723 67.07 -1.55 24.50
C PHE D 723 67.56 -2.24 25.76
N ARG D 724 67.84 -3.54 25.67
CA ARG D 724 68.40 -4.25 26.81
C ARG D 724 69.78 -3.71 27.18
N ALA D 725 70.62 -3.44 26.19
CA ALA D 725 71.93 -2.84 26.45
C ALA D 725 71.79 -1.45 27.03
N ASP D 726 70.85 -0.66 26.53
CA ASP D 726 70.66 0.71 26.98
C ASP D 726 70.08 0.80 28.38
N ASN D 727 69.19 -0.12 28.76
CA ASN D 727 68.54 -0.07 30.06
C ASN D 727 68.94 -1.18 31.01
N GLY D 728 69.68 -2.18 30.56
CA GLY D 728 70.07 -3.28 31.43
C GLY D 728 68.91 -4.15 31.87
N ARG D 729 67.87 -4.27 31.05
CA ARG D 729 66.73 -5.10 31.41
C ARG D 729 66.01 -5.55 30.15
N ASP D 730 65.22 -6.61 30.29
CA ASP D 730 64.41 -7.09 29.19
C ASP D 730 63.28 -6.11 28.89
N PRO D 731 63.11 -5.71 27.63
CA PRO D 731 61.94 -4.91 27.28
C PRO D 731 60.66 -5.68 27.55
N THR D 732 59.66 -4.97 28.07
CA THR D 732 58.46 -5.61 28.58
C THR D 732 57.45 -5.89 27.47
N ALA D 733 56.30 -6.43 27.86
CA ALA D 733 55.23 -6.70 26.90
C ALA D 733 54.73 -5.42 26.25
N ASP D 734 54.69 -4.31 26.98
CA ASP D 734 54.41 -3.03 26.36
C ASP D 734 55.50 -2.67 25.36
N GLU D 735 56.75 -2.83 25.76
CA GLU D 735 57.86 -2.63 24.83
C GLU D 735 57.83 -3.67 23.72
N GLU D 736 57.35 -4.88 24.02
CA GLU D 736 57.18 -5.89 22.98
C GLU D 736 56.20 -5.41 21.92
N ALA D 737 55.05 -4.88 22.34
CA ALA D 737 54.06 -4.38 21.39
C ALA D 737 54.60 -3.16 20.65
N LYS D 738 55.39 -2.33 21.33
CA LYS D 738 56.01 -1.19 20.66
C LYS D 738 56.96 -1.65 19.56
N ILE D 739 57.79 -2.66 19.86
CA ILE D 739 58.68 -3.22 18.84
C ILE D 739 57.86 -3.79 17.70
N ARG D 740 56.76 -4.47 18.01
CA ARG D 740 55.86 -4.98 16.99
C ARG D 740 55.39 -3.87 16.06
N ALA D 741 54.87 -2.79 16.65
CA ALA D 741 54.36 -1.69 15.84
C ALA D 741 55.46 -1.03 15.02
N TRP D 742 56.66 -0.88 15.60
CA TRP D 742 57.73 -0.20 14.89
C TRP D 742 58.27 -1.05 13.76
N VAL D 743 58.33 -2.37 13.95
CA VAL D 743 58.75 -3.25 12.85
C VAL D 743 57.68 -3.26 11.76
N LEU D 744 56.40 -3.24 12.16
CA LEU D 744 55.33 -3.14 11.17
C LEU D 744 55.43 -1.85 10.36
N GLN D 745 55.76 -0.75 11.02
CA GLN D 745 55.88 0.52 10.32
C GLN D 745 57.16 0.58 9.49
N ASN D 746 58.18 -0.18 9.89
CA ASN D 746 59.49 -0.10 9.26
C ASN D 746 59.95 -1.39 8.63
N VAL D 747 59.04 -2.31 8.31
CA VAL D 747 59.41 -3.54 7.62
C VAL D 747 59.78 -3.20 6.18
N ARG D 748 61.06 -3.33 5.84
CA ARG D 748 61.56 -2.95 4.53
C ARG D 748 62.35 -4.10 3.93
N GLY D 749 62.11 -4.40 2.66
CA GLY D 749 62.84 -5.45 1.99
C GLY D 749 62.14 -5.86 0.72
N THR D 750 62.83 -6.74 -0.01
CA THR D 750 62.31 -7.24 -1.28
C THR D 750 62.57 -8.74 -1.37
N VAL D 751 61.55 -9.48 -1.78
CA VAL D 751 61.60 -10.94 -1.89
C VAL D 751 61.34 -11.32 -3.33
N GLN D 752 62.22 -12.16 -3.89
CA GLN D 752 62.08 -12.58 -5.28
C GLN D 752 61.37 -13.94 -5.31
N ALA D 753 60.07 -13.89 -5.06
CA ALA D 753 59.24 -15.07 -4.90
C ALA D 753 58.29 -15.21 -6.07
N ASP D 754 58.51 -16.24 -6.89
CA ASP D 754 57.55 -16.66 -7.92
C ASP D 754 57.55 -18.18 -7.98
N ILE D 755 56.47 -18.78 -7.49
CA ILE D 755 56.33 -20.22 -7.54
C ILE D 755 56.08 -20.70 -8.97
N LEU D 756 55.29 -19.94 -9.72
CA LEU D 756 54.75 -20.43 -10.98
C LEU D 756 55.84 -20.78 -11.98
N LYS D 757 56.84 -19.90 -12.13
CA LYS D 757 57.83 -20.09 -13.19
C LYS D 757 58.65 -21.35 -12.98
N GLU D 758 58.82 -21.79 -11.73
CA GLU D 758 59.58 -23.01 -11.46
C GLU D 758 58.93 -24.23 -12.09
N ASP D 759 57.60 -24.35 -11.99
CA ASP D 759 56.89 -25.45 -12.60
C ASP D 759 56.96 -25.44 -14.12
N GLN D 760 57.08 -24.25 -14.72
CA GLN D 760 56.93 -24.14 -16.17
C GLN D 760 58.04 -24.87 -16.91
N GLY D 761 59.30 -24.64 -16.53
CA GLY D 761 60.41 -25.27 -17.23
C GLY D 761 61.24 -26.23 -16.41
N GLN D 762 61.35 -25.96 -15.11
CA GLN D 762 62.08 -26.84 -14.22
C GLN D 762 61.27 -28.08 -13.84
N ASN D 763 59.97 -27.91 -13.62
CA ASN D 763 59.06 -29.01 -13.29
C ASN D 763 59.53 -29.76 -12.04
N THR D 764 60.35 -29.09 -11.23
CA THR D 764 60.85 -29.65 -9.99
C THR D 764 59.96 -29.33 -8.80
N CYS D 765 58.75 -28.84 -9.07
CA CYS D 765 57.86 -28.42 -7.98
C CYS D 765 57.53 -29.61 -7.08
N ILE D 766 57.57 -29.36 -5.77
CA ILE D 766 57.15 -30.35 -4.80
C ILE D 766 55.84 -29.95 -4.12
N PHE D 767 55.38 -28.73 -4.29
CA PHE D 767 54.16 -28.27 -3.66
C PHE D 767 53.02 -28.18 -4.67
N SER D 768 51.80 -28.40 -4.18
CA SER D 768 50.63 -28.02 -4.94
C SER D 768 50.56 -26.50 -5.00
N THR D 769 50.46 -25.96 -6.21
CA THR D 769 50.44 -24.51 -6.37
C THR D 769 49.21 -23.91 -5.69
N GLU D 770 48.13 -24.68 -5.59
CA GLU D 770 46.92 -24.16 -4.99
C GLU D 770 47.13 -23.83 -3.51
N PHE D 771 47.65 -24.78 -2.73
CA PHE D 771 47.91 -24.50 -1.33
C PHE D 771 48.98 -23.43 -1.16
N SER D 772 49.93 -23.40 -2.10
CA SER D 772 50.95 -22.36 -2.07
C SER D 772 50.31 -20.98 -2.19
N LEU D 773 49.41 -20.80 -3.15
CA LEU D 773 48.73 -19.53 -3.29
C LEU D 773 47.79 -19.28 -2.12
N LYS D 774 47.27 -20.35 -1.52
CA LYS D 774 46.47 -20.19 -0.31
C LYS D 774 47.28 -19.53 0.79
N VAL D 775 48.49 -20.04 1.02
CA VAL D 775 49.37 -19.46 2.04
C VAL D 775 49.78 -18.05 1.63
N MET D 776 49.98 -17.82 0.33
CA MET D 776 50.31 -16.48 -0.14
C MET D 776 49.20 -15.50 0.20
N GLY D 777 47.95 -15.88 -0.05
CA GLY D 777 46.83 -15.06 0.35
C GLY D 777 46.73 -14.91 1.84
N ASP D 778 47.10 -15.95 2.58
CA ASP D 778 47.12 -15.87 4.04
C ASP D 778 48.07 -14.77 4.51
N ILE D 779 49.30 -14.78 3.99
CA ILE D 779 50.29 -13.82 4.44
C ILE D 779 49.94 -12.42 3.94
N GLN D 780 49.32 -12.34 2.76
CA GLN D 780 48.82 -11.05 2.27
C GLN D 780 47.74 -10.51 3.19
N GLU D 781 46.81 -11.37 3.61
CA GLU D 781 45.77 -10.97 4.54
C GLU D 781 46.37 -10.57 5.88
N TYR D 782 47.46 -11.23 6.28
CA TYR D 782 48.16 -10.85 7.50
C TYR D 782 48.75 -9.46 7.38
N PHE D 783 49.39 -9.18 6.24
CA PHE D 783 49.90 -7.83 5.99
C PHE D 783 48.78 -6.81 6.07
N VAL D 784 47.63 -7.14 5.50
CA VAL D 784 46.47 -6.25 5.62
C VAL D 784 46.09 -6.07 7.08
N HIS D 785 46.02 -7.18 7.83
CA HIS D 785 45.69 -7.12 9.24
C HIS D 785 46.78 -6.42 10.04
N HIS D 786 47.96 -6.29 9.46
CA HIS D 786 49.09 -5.67 10.13
C HIS D 786 49.64 -4.47 9.36
N GLN D 787 48.94 -4.03 8.31
CA GLN D 787 49.16 -2.74 7.67
C GLN D 787 50.61 -2.60 7.18
N VAL D 788 51.10 -3.68 6.56
CA VAL D 788 52.45 -3.68 6.01
C VAL D 788 52.45 -2.91 4.70
N ARG D 789 53.01 -1.70 4.72
CA ARG D 789 53.02 -0.82 3.57
C ARG D 789 54.43 -0.62 3.00
N ASN D 790 55.46 -1.06 3.72
CA ASN D 790 56.84 -0.75 3.37
C ASN D 790 57.59 -1.96 2.82
N PHE D 791 56.90 -3.01 2.42
CA PHE D 791 57.57 -4.23 1.99
C PHE D 791 57.16 -4.63 0.58
N TYR D 792 58.07 -5.34 -0.10
CA TYR D 792 57.83 -5.91 -1.42
C TYR D 792 58.09 -7.40 -1.33
N SER D 793 57.03 -8.19 -1.50
CA SER D 793 57.13 -9.63 -1.31
C SER D 793 56.86 -10.44 -2.57
N VAL D 794 55.93 -10.04 -3.42
CA VAL D 794 55.53 -10.81 -4.58
C VAL D 794 56.39 -10.39 -5.76
N SER D 795 56.95 -11.38 -6.46
CA SER D 795 57.83 -11.16 -7.60
C SER D 795 57.27 -11.93 -8.79
N ILE D 796 57.02 -11.23 -9.90
CA ILE D 796 56.56 -11.87 -11.12
C ILE D 796 57.50 -11.51 -12.26
N SER D 797 57.96 -12.52 -12.99
CA SER D 797 58.96 -12.34 -14.02
C SER D 797 58.62 -13.15 -15.27
N GLY D 798 59.46 -13.00 -16.28
CA GLY D 798 59.41 -13.84 -17.47
C GLY D 798 60.81 -14.24 -17.89
N TYR D 799 61.76 -14.14 -16.94
CA TYR D 799 63.16 -14.33 -17.28
C TYR D 799 63.45 -15.74 -17.76
N HIS D 800 63.04 -16.75 -16.97
CA HIS D 800 63.24 -18.13 -17.40
C HIS D 800 62.38 -18.46 -18.60
N ILE D 801 61.24 -17.79 -18.74
CA ILE D 801 60.41 -17.96 -19.93
C ILE D 801 61.19 -17.52 -21.16
N ALA D 802 61.85 -16.35 -21.07
CA ALA D 802 62.64 -15.86 -22.20
C ALA D 802 63.86 -16.76 -22.45
N GLU D 803 64.55 -17.16 -21.38
CA GLU D 803 65.67 -18.08 -21.54
C GLU D 803 65.23 -19.38 -22.19
N ALA D 804 63.98 -19.79 -21.96
CA ALA D 804 63.41 -20.91 -22.66
C ALA D 804 63.29 -20.67 -24.16
N GLY D 805 63.38 -19.41 -24.59
CA GLY D 805 63.30 -19.09 -25.99
C GLY D 805 61.92 -18.65 -26.41
N ALA D 806 61.01 -18.54 -25.44
CA ALA D 806 59.61 -18.27 -25.72
C ALA D 806 59.44 -16.98 -26.51
N ASN D 807 58.48 -16.99 -27.43
CA ASN D 807 58.17 -15.82 -28.23
C ASN D 807 57.73 -14.66 -27.32
N PRO D 808 58.16 -13.44 -27.65
CA PRO D 808 57.83 -12.30 -26.79
C PRO D 808 56.34 -12.13 -26.56
N ILE D 809 55.64 -12.27 -27.65
CA ILE D 809 54.22 -12.20 -27.67
C ILE D 809 53.79 -13.24 -26.69
N SER D 810 54.30 -14.41 -26.94
CA SER D 810 53.90 -15.56 -26.16
C SER D 810 54.19 -15.41 -24.68
N GLN D 811 55.42 -15.04 -24.36
CA GLN D 811 55.75 -14.97 -22.95
C GLN D 811 54.95 -13.89 -22.28
N LEU D 812 54.81 -12.75 -22.96
CA LEU D 812 54.11 -11.67 -22.34
C LEU D 812 52.69 -12.02 -22.08
N ALA D 813 52.05 -12.64 -23.05
CA ALA D 813 50.67 -12.93 -22.92
C ALA D 813 50.44 -13.88 -21.79
N PHE D 814 51.27 -14.91 -21.76
CA PHE D 814 51.08 -15.88 -20.74
C PHE D 814 51.28 -15.33 -19.36
N THR D 815 52.34 -14.56 -19.16
CA THR D 815 52.55 -14.04 -17.84
C THR D 815 51.49 -13.07 -17.42
N LEU D 816 51.05 -12.27 -18.36
CA LEU D 816 50.05 -11.30 -18.07
C LEU D 816 48.80 -11.95 -17.63
N ALA D 817 48.40 -12.97 -18.36
CA ALA D 817 47.19 -13.64 -18.01
C ALA D 817 47.30 -14.29 -16.65
N ASN D 818 48.43 -14.93 -16.40
CA ASN D 818 48.55 -15.61 -15.11
C ASN D 818 48.52 -14.63 -13.95
N GLY D 819 49.16 -13.49 -14.13
CA GLY D 819 49.25 -12.49 -13.12
C GLY D 819 47.87 -12.07 -12.81
N PHE D 820 47.12 -11.66 -13.83
CA PHE D 820 45.78 -11.18 -13.48
C PHE D 820 44.87 -12.22 -12.81
N THR D 821 45.12 -13.48 -13.05
CA THR D 821 44.38 -14.49 -12.36
C THR D 821 44.76 -14.42 -10.88
N TYR D 822 46.08 -14.24 -10.58
CA TYR D 822 46.62 -14.14 -9.19
C TYR D 822 45.71 -13.16 -8.48
N VAL D 823 45.57 -12.00 -9.12
CA VAL D 823 44.60 -10.98 -8.70
C VAL D 823 43.25 -11.61 -8.41
N GLU D 824 42.77 -12.44 -9.33
CA GLU D 824 41.47 -13.08 -9.16
C GLU D 824 41.43 -13.93 -7.90
N ALA D 825 42.50 -14.67 -7.63
CA ALA D 825 42.56 -15.45 -6.41
C ALA D 825 42.51 -14.56 -5.18
N TYR D 826 43.28 -13.48 -5.18
CA TYR D 826 43.23 -12.55 -4.06
C TYR D 826 41.86 -11.88 -3.97
N LEU D 827 41.28 -11.52 -5.11
CA LEU D 827 39.92 -10.99 -5.10
C LEU D 827 38.91 -12.05 -4.66
N ALA D 828 39.16 -13.31 -5.03
CA ALA D 828 38.32 -14.39 -4.54
C ALA D 828 38.38 -14.53 -3.02
N ARG D 829 39.49 -14.13 -2.40
CA ARG D 829 39.61 -14.09 -0.95
C ARG D 829 38.79 -12.97 -0.34
N GLY D 830 38.09 -12.19 -1.14
CA GLY D 830 37.37 -11.05 -0.64
C GLY D 830 38.23 -9.82 -0.42
N MET D 831 39.52 -9.91 -0.72
CA MET D 831 40.44 -8.80 -0.57
C MET D 831 40.17 -7.76 -1.65
N HIS D 832 40.06 -6.50 -1.21
CA HIS D 832 39.85 -5.42 -2.16
C HIS D 832 41.07 -5.25 -3.04
N ILE D 833 40.84 -5.11 -4.34
CA ILE D 833 41.93 -5.15 -5.31
C ILE D 833 42.98 -4.09 -5.00
N ASP D 834 42.53 -2.89 -4.65
CA ASP D 834 43.41 -1.76 -4.40
C ASP D 834 44.33 -1.97 -3.21
N ASP D 835 44.02 -2.93 -2.35
CA ASP D 835 44.78 -3.13 -1.12
C ASP D 835 46.22 -3.57 -1.36
N PHE D 836 46.53 -4.09 -2.54
CA PHE D 836 47.83 -4.70 -2.78
C PHE D 836 48.43 -4.34 -4.13
N ALA D 837 47.68 -3.72 -5.03
CA ALA D 837 48.19 -3.47 -6.37
C ALA D 837 49.51 -2.71 -6.39
N PRO D 838 49.73 -1.65 -5.61
CA PRO D 838 51.06 -1.03 -5.61
C PRO D 838 52.17 -1.96 -5.19
N ASN D 839 51.87 -2.93 -4.32
CA ASN D 839 52.86 -3.92 -3.93
C ASN D 839 53.18 -4.92 -5.03
N LEU D 840 52.37 -4.98 -6.07
CA LEU D 840 52.55 -5.95 -7.14
C LEU D 840 53.61 -5.45 -8.11
N SER D 841 54.65 -6.25 -8.31
CA SER D 841 55.78 -5.88 -9.14
C SER D 841 55.81 -6.74 -10.40
N PHE D 842 56.78 -6.46 -11.26
CA PHE D 842 56.96 -7.20 -12.50
C PHE D 842 58.41 -7.28 -12.89
N PHE D 843 58.69 -8.14 -13.87
CA PHE D 843 60.03 -8.31 -14.38
C PHE D 843 59.94 -8.80 -15.82
N PHE D 844 60.71 -8.17 -16.70
CA PHE D 844 60.68 -8.46 -18.12
C PHE D 844 62.06 -8.93 -18.59
N SER D 845 62.08 -9.50 -19.79
CA SER D 845 63.33 -9.85 -20.47
C SER D 845 63.18 -9.56 -21.95
N ASN D 846 63.93 -8.57 -22.43
CA ASN D 846 63.78 -8.02 -23.78
C ASN D 846 64.81 -8.63 -24.71
N GLY D 847 64.35 -9.20 -25.82
CA GLY D 847 65.20 -9.79 -26.82
C GLY D 847 65.46 -8.88 -27.99
N MET D 848 66.04 -9.45 -29.04
CA MET D 848 66.51 -8.69 -30.20
C MET D 848 65.38 -8.24 -31.12
N ASP D 849 64.25 -8.93 -31.12
CA ASP D 849 63.25 -8.73 -32.15
C ASP D 849 62.70 -7.31 -32.11
N PRO D 850 62.34 -6.75 -33.26
CA PRO D 850 61.72 -5.41 -33.28
C PRO D 850 60.38 -5.36 -32.56
N GLU D 851 59.77 -6.51 -32.29
CA GLU D 851 58.57 -6.53 -31.46
C GLU D 851 58.85 -5.97 -30.07
N TYR D 852 60.06 -6.18 -29.56
CA TYR D 852 60.42 -5.68 -28.25
C TYR D 852 60.46 -4.16 -28.21
N SER D 853 60.42 -3.51 -29.37
CA SER D 853 60.64 -2.07 -29.43
C SER D 853 59.58 -1.31 -28.64
N VAL D 854 58.32 -1.67 -28.76
CA VAL D 854 57.24 -1.01 -28.06
C VAL D 854 56.38 -1.98 -27.27
N LEU D 855 56.82 -3.23 -27.15
CA LEU D 855 56.05 -4.25 -26.44
C LEU D 855 55.80 -3.82 -25.00
N GLY D 856 56.83 -3.26 -24.35
CA GLY D 856 56.65 -2.76 -23.01
C GLY D 856 55.60 -1.67 -22.93
N ARG D 857 55.57 -0.78 -23.93
CA ARG D 857 54.54 0.25 -23.95
C ARG D 857 53.15 -0.34 -24.15
N VAL D 858 53.05 -1.39 -24.96
CA VAL D 858 51.75 -2.07 -25.13
C VAL D 858 51.29 -2.63 -23.80
N ALA D 859 52.20 -3.30 -23.08
CA ALA D 859 51.86 -3.83 -21.77
C ALA D 859 51.46 -2.71 -20.82
N ARG D 860 52.16 -1.57 -20.88
CA ARG D 860 51.78 -0.43 -20.07
C ARG D 860 50.36 0.02 -20.37
N ARG D 861 50.03 0.17 -21.65
CA ARG D 861 48.72 0.69 -22.04
C ARG D 861 47.61 -0.25 -21.61
N ILE D 862 47.78 -1.55 -21.85
CA ILE D 862 46.71 -2.49 -21.55
C ILE D 862 46.51 -2.61 -20.04
N TRP D 863 47.58 -2.54 -19.27
CA TRP D 863 47.50 -2.75 -17.83
C TRP D 863 46.58 -1.73 -17.18
N ALA D 864 46.70 -0.46 -17.58
CA ALA D 864 45.92 0.60 -16.94
C ALA D 864 44.43 0.40 -17.18
N VAL D 865 44.03 0.11 -18.41
CA VAL D 865 42.62 -0.06 -18.69
C VAL D 865 42.10 -1.32 -18.01
N THR D 866 42.91 -2.38 -17.96
CA THR D 866 42.50 -3.58 -17.24
C THR D 866 42.23 -3.25 -15.77
N MET D 867 43.12 -2.49 -15.14
CA MET D 867 42.90 -2.12 -13.75
C MET D 867 41.66 -1.24 -13.59
N ARG D 868 41.48 -0.28 -14.49
CA ARG D 868 40.47 0.75 -14.29
C ARG D 868 39.07 0.26 -14.63
N ASP D 869 38.87 -0.20 -15.86
CA ASP D 869 37.51 -0.40 -16.38
C ASP D 869 36.76 -1.45 -15.57
N LYS D 870 37.44 -2.55 -15.21
CA LYS D 870 36.77 -3.61 -14.48
C LYS D 870 36.38 -3.15 -13.08
N TYR D 871 37.27 -2.43 -12.40
CA TYR D 871 37.11 -2.18 -10.97
C TYR D 871 37.12 -0.70 -10.59
N GLY D 872 37.74 0.16 -11.39
CA GLY D 872 37.86 1.55 -10.99
C GLY D 872 38.68 1.74 -9.73
N ALA D 873 39.77 0.99 -9.60
CA ALA D 873 40.64 1.11 -8.45
C ALA D 873 41.36 2.47 -8.46
N ASN D 874 41.97 2.80 -7.33
CA ASN D 874 42.66 4.07 -7.20
C ASN D 874 43.85 4.12 -8.15
N ASP D 875 44.23 5.36 -8.51
CA ASP D 875 45.31 5.55 -9.47
C ASP D 875 46.61 4.96 -8.98
N ARG D 876 46.92 5.12 -7.68
CA ARG D 876 48.12 4.55 -7.11
C ARG D 876 48.15 3.04 -7.25
N SER D 877 46.99 2.39 -7.18
CA SER D 877 46.92 0.96 -7.46
C SER D 877 47.21 0.65 -8.91
N GLN D 878 46.77 1.50 -9.83
CA GLN D 878 46.95 1.29 -11.26
C GLN D 878 48.41 1.38 -11.70
N LYS D 879 49.27 1.96 -10.87
CA LYS D 879 50.66 2.21 -11.25
C LYS D 879 51.41 0.88 -11.33
N LEU D 880 51.84 0.51 -12.53
CA LEU D 880 52.59 -0.73 -12.73
C LEU D 880 54.07 -0.47 -12.49
N LYS D 881 54.74 -1.44 -11.88
CA LYS D 881 56.18 -1.43 -11.68
C LYS D 881 56.79 -2.71 -12.24
N TYR D 882 58.02 -2.61 -12.74
CA TYR D 882 58.67 -3.74 -13.38
C TYR D 882 60.18 -3.59 -13.35
N HIS D 883 60.86 -4.67 -13.72
CA HIS D 883 62.30 -4.67 -13.93
C HIS D 883 62.60 -5.32 -15.28
N ILE D 884 63.50 -4.72 -16.05
CA ILE D 884 63.85 -5.20 -17.38
C ILE D 884 65.27 -5.72 -17.37
N GLN D 885 65.45 -6.92 -17.93
CA GLN D 885 66.78 -7.51 -18.14
C GLN D 885 66.97 -7.76 -19.62
N THR D 886 68.20 -7.61 -20.09
CA THR D 886 68.50 -7.76 -21.51
C THR D 886 68.25 -9.19 -21.97
N SER D 887 68.42 -9.41 -23.27
CA SER D 887 68.20 -10.72 -23.87
C SER D 887 69.21 -11.73 -23.33
N GLY D 888 68.71 -12.88 -22.89
CA GLY D 888 69.57 -13.94 -22.42
C GLY D 888 69.81 -15.02 -23.45
N ARG D 889 68.75 -15.40 -24.18
CA ARG D 889 68.90 -16.41 -25.22
C ARG D 889 69.79 -15.91 -26.35
N SER D 890 69.67 -14.63 -26.72
CA SER D 890 70.56 -14.07 -27.72
C SER D 890 71.98 -13.95 -27.19
N LEU D 891 72.14 -13.82 -25.88
CA LEU D 891 73.47 -13.72 -25.27
C LEU D 891 74.13 -15.09 -25.24
N HIS D 892 75.24 -15.23 -25.96
CA HIS D 892 76.00 -16.47 -25.99
C HIS D 892 77.47 -16.18 -25.80
N ALA D 893 78.18 -17.14 -25.23
CA ALA D 893 79.62 -16.99 -25.03
C ALA D 893 80.35 -16.90 -26.36
N GLN D 894 79.78 -17.45 -27.43
CA GLN D 894 80.41 -17.37 -28.73
C GLN D 894 80.38 -15.93 -29.24
N GLU D 895 81.58 -15.35 -29.41
CA GLU D 895 81.75 -13.98 -29.85
C GLU D 895 80.89 -13.02 -29.01
N ILE D 896 81.23 -12.93 -27.72
CA ILE D 896 80.55 -12.00 -26.84
C ILE D 896 80.85 -10.55 -27.20
N ASP D 897 81.93 -10.29 -27.93
CA ASP D 897 82.32 -8.91 -28.22
C ASP D 897 81.24 -8.21 -29.04
N PHE D 898 80.81 -8.81 -30.14
CA PHE D 898 79.75 -8.22 -30.93
C PHE D 898 78.40 -8.40 -30.24
N ASN D 899 78.31 -9.38 -29.34
CA ASN D 899 77.11 -9.52 -28.53
C ASN D 899 76.91 -8.33 -27.62
N ASP D 900 78.00 -7.68 -27.19
CA ASP D 900 77.88 -6.45 -26.44
C ASP D 900 77.22 -5.36 -27.26
N ILE D 901 77.60 -5.23 -28.53
CA ILE D 901 77.03 -4.20 -29.39
C ILE D 901 75.57 -4.52 -29.68
N ARG D 902 75.24 -5.81 -29.80
CA ARG D 902 73.83 -6.18 -29.81
C ARG D 902 73.15 -5.71 -28.53
N THR D 903 73.79 -5.94 -27.39
CA THR D 903 73.26 -5.53 -26.11
C THR D 903 73.15 -4.01 -26.01
N THR D 904 73.93 -3.27 -26.79
CA THR D 904 73.72 -1.84 -26.89
C THR D 904 72.30 -1.55 -27.36
N LEU D 905 71.89 -2.17 -28.48
CA LEU D 905 70.53 -2.00 -28.95
C LEU D 905 69.53 -2.55 -27.95
N GLN D 906 69.86 -3.69 -27.33
CA GLN D 906 68.96 -4.29 -26.35
C GLN D 906 68.66 -3.32 -25.21
N ALA D 907 69.69 -2.64 -24.71
CA ALA D 907 69.45 -1.60 -23.71
C ALA D 907 68.70 -0.42 -24.30
N LEU D 908 68.98 -0.08 -25.56
CA LEU D 908 68.34 1.07 -26.18
C LEU D 908 66.82 0.93 -26.21
N ILE D 909 66.33 -0.29 -26.44
CA ILE D 909 64.89 -0.46 -26.55
C ILE D 909 64.20 -0.17 -25.22
N ALA D 910 64.80 -0.61 -24.11
CA ALA D 910 64.24 -0.29 -22.80
C ALA D 910 64.46 1.18 -22.46
N ILE D 911 65.54 1.76 -22.97
CA ILE D 911 65.81 3.17 -22.73
C ILE D 911 64.70 4.02 -23.33
N TYR D 912 64.38 3.78 -24.61
CA TYR D 912 63.33 4.54 -25.25
C TYR D 912 61.94 4.08 -24.79
N ASP D 913 61.84 2.83 -24.32
CA ASP D 913 60.64 2.39 -23.62
C ASP D 913 60.54 2.97 -22.22
N ASN D 914 61.52 3.78 -21.81
CA ASN D 914 61.52 4.46 -20.52
C ASN D 914 61.44 3.45 -19.37
N CYS D 915 62.39 2.52 -19.40
CA CYS D 915 62.43 1.48 -18.38
C CYS D 915 62.75 2.08 -17.02
N ASN D 916 62.11 1.53 -15.99
CA ASN D 916 62.38 1.93 -14.61
C ASN D 916 63.50 1.12 -13.97
N SER D 917 63.76 -0.08 -14.47
CA SER D 917 64.80 -0.93 -13.91
C SER D 917 65.47 -1.72 -15.03
N LEU D 918 66.77 -1.51 -15.19
CA LEU D 918 67.57 -2.15 -16.23
C LEU D 918 68.53 -3.13 -15.58
N HIS D 919 68.64 -4.33 -16.15
CA HIS D 919 69.48 -5.38 -15.60
C HIS D 919 70.40 -5.95 -16.66
N THR D 920 71.65 -6.19 -16.27
CA THR D 920 72.60 -6.97 -17.05
C THR D 920 72.86 -8.29 -16.35
N ASN D 921 72.93 -9.37 -17.13
CA ASN D 921 73.01 -10.71 -16.59
C ASN D 921 74.27 -10.90 -15.75
N ALA D 922 74.15 -11.68 -14.68
CA ALA D 922 75.27 -12.00 -13.79
C ALA D 922 75.51 -13.51 -13.77
N TYR D 923 76.79 -13.88 -13.64
CA TYR D 923 77.17 -15.28 -13.69
C TYR D 923 77.12 -15.96 -12.32
N ASP D 924 76.80 -15.23 -11.27
CA ASP D 924 76.73 -15.80 -9.92
C ASP D 924 75.58 -16.79 -9.81
N ILE D 927 79.25 -22.83 -12.40
CA ILE D 927 79.26 -21.58 -13.16
C ILE D 927 80.39 -20.68 -12.68
N THR D 928 80.94 -19.90 -13.60
CA THR D 928 82.03 -18.99 -13.26
C THR D 928 81.50 -17.77 -12.52
N THR D 929 82.41 -17.03 -11.90
CA THR D 929 82.03 -15.85 -11.15
C THR D 929 81.68 -14.70 -12.10
N PRO D 930 80.74 -13.84 -11.71
CA PRO D 930 80.42 -12.67 -12.54
C PRO D 930 81.49 -11.59 -12.44
N THR D 931 82.53 -11.70 -13.27
CA THR D 931 83.67 -10.80 -13.18
C THR D 931 83.23 -9.35 -13.27
N ALA D 932 83.99 -8.49 -12.59
CA ALA D 932 83.66 -7.08 -12.52
C ALA D 932 83.87 -6.36 -13.85
N GLU D 933 84.51 -7.01 -14.82
CA GLU D 933 84.66 -6.39 -16.13
C GLU D 933 83.32 -6.14 -16.79
N SER D 934 82.41 -7.12 -16.73
CA SER D 934 81.08 -6.92 -17.29
C SER D 934 80.33 -5.80 -16.57
N VAL D 935 80.51 -5.71 -15.25
CA VAL D 935 79.84 -4.64 -14.52
C VAL D 935 80.42 -3.27 -14.89
N ARG D 936 81.74 -3.21 -15.14
CA ARG D 936 82.32 -1.96 -15.62
C ARG D 936 81.78 -1.60 -17.00
N ARG D 937 81.62 -2.60 -17.87
CA ARG D 937 81.05 -2.35 -19.18
C ARG D 937 79.62 -1.82 -19.07
N ALA D 938 78.82 -2.42 -18.20
CA ALA D 938 77.44 -1.96 -18.00
C ALA D 938 77.41 -0.55 -17.42
N LEU D 939 78.33 -0.26 -16.49
CA LEU D 939 78.44 1.08 -15.94
C LEU D 939 78.78 2.10 -17.02
N ALA D 940 79.73 1.77 -17.90
CA ALA D 940 80.04 2.65 -19.01
C ALA D 940 78.83 2.83 -19.93
N ILE D 941 78.09 1.74 -20.15
CA ILE D 941 76.89 1.82 -20.98
C ILE D 941 75.90 2.82 -20.39
N GLN D 942 75.61 2.69 -19.10
CA GLN D 942 74.63 3.58 -18.48
C GLN D 942 75.15 5.01 -18.41
N LEU D 943 76.45 5.19 -18.21
CA LEU D 943 77.02 6.53 -18.20
C LEU D 943 76.88 7.18 -19.57
N ILE D 944 77.13 6.42 -20.64
CA ILE D 944 76.93 6.92 -21.99
C ILE D 944 75.46 7.25 -22.21
N ILE D 945 74.57 6.40 -21.70
CA ILE D 945 73.14 6.66 -21.78
C ILE D 945 72.82 8.03 -21.19
N ASN D 946 73.21 8.25 -19.94
CA ASN D 946 72.79 9.45 -19.23
C ASN D 946 73.48 10.69 -19.78
N ARG D 947 74.79 10.63 -19.99
CA ARG D 947 75.58 11.81 -20.30
C ARG D 947 75.81 12.00 -21.80
N GLU D 948 76.02 10.92 -22.55
CA GLU D 948 76.58 11.06 -23.89
C GLU D 948 75.53 11.14 -24.98
N TRP D 949 74.53 10.26 -24.96
CA TRP D 949 73.66 10.12 -26.12
C TRP D 949 72.66 11.28 -26.20
N GLY D 950 72.42 11.74 -27.43
CA GLY D 950 71.54 12.88 -27.63
C GLY D 950 70.07 12.54 -27.52
N VAL D 951 69.64 11.46 -28.19
CA VAL D 951 68.24 11.07 -28.11
C VAL D 951 67.88 10.63 -26.70
N ALA D 952 68.88 10.32 -25.89
CA ALA D 952 68.66 10.05 -24.48
C ALA D 952 68.14 11.28 -23.74
N LYS D 953 68.32 12.48 -24.31
CA LYS D 953 67.82 13.69 -23.68
C LYS D 953 66.31 13.84 -23.81
N CYS D 954 65.67 13.10 -24.70
CA CYS D 954 64.23 13.17 -24.89
C CYS D 954 63.54 12.06 -24.10
N GLU D 955 62.56 12.45 -23.29
CA GLU D 955 61.80 11.49 -22.50
C GLU D 955 60.78 10.73 -23.31
N ASN D 956 60.45 11.22 -24.52
CA ASN D 956 59.45 10.58 -25.37
C ASN D 956 59.96 10.48 -26.81
N PRO D 957 60.97 9.63 -27.06
CA PRO D 957 61.41 9.42 -28.45
C PRO D 957 60.47 8.52 -29.24
N ASN D 958 59.26 8.27 -28.75
CA ASN D 958 58.42 7.21 -29.30
C ASN D 958 57.38 7.75 -30.29
N GLN D 959 56.56 8.71 -29.87
CA GLN D 959 55.40 9.10 -30.64
C GLN D 959 55.76 10.02 -31.80
N GLY D 960 55.02 9.88 -32.89
CA GLY D 960 55.23 10.71 -34.07
C GLY D 960 55.18 9.96 -35.38
N SER D 961 55.57 8.69 -35.38
CA SER D 961 55.62 7.91 -36.61
C SER D 961 54.41 6.98 -36.71
N PHE D 962 53.78 6.96 -37.89
CA PHE D 962 52.59 6.13 -38.10
C PHE D 962 52.90 4.65 -37.90
N LEU D 963 54.04 4.20 -38.41
CA LEU D 963 54.38 2.78 -38.34
C LEU D 963 54.41 2.30 -36.90
N ILE D 964 54.83 3.16 -35.97
CA ILE D 964 54.97 2.74 -34.57
C ILE D 964 53.59 2.43 -33.99
N GLU D 965 52.64 3.35 -34.12
CA GLU D 965 51.31 3.11 -33.59
C GLU D 965 50.61 1.99 -34.34
N GLU D 966 50.88 1.86 -35.63
CA GLU D 966 50.36 0.73 -36.38
C GLU D 966 50.84 -0.60 -35.78
N LEU D 967 52.15 -0.69 -35.52
CA LEU D 967 52.70 -1.85 -34.85
C LEU D 967 52.05 -2.05 -33.50
N THR D 968 51.81 -0.96 -32.78
CA THR D 968 51.20 -1.04 -31.46
C THR D 968 49.83 -1.70 -31.54
N ASP D 969 49.00 -1.23 -32.46
CA ASP D 969 47.67 -1.79 -32.60
C ASP D 969 47.73 -3.24 -33.05
N LEU D 970 48.65 -3.56 -33.95
CA LEU D 970 48.82 -4.95 -34.38
C LEU D 970 49.14 -5.84 -33.19
N VAL D 971 50.07 -5.41 -32.34
CA VAL D 971 50.44 -6.18 -31.17
C VAL D 971 49.25 -6.33 -30.24
N GLU D 972 48.51 -5.24 -30.03
CA GLU D 972 47.33 -5.32 -29.18
C GLU D 972 46.35 -6.36 -29.69
N GLU D 973 46.09 -6.34 -30.99
CA GLU D 973 45.17 -7.30 -31.59
C GLU D 973 45.66 -8.72 -31.38
N ALA D 974 46.93 -8.98 -31.69
CA ALA D 974 47.45 -10.34 -31.58
C ALA D 974 47.43 -10.83 -30.15
N VAL D 975 47.74 -9.95 -29.20
CA VAL D 975 47.69 -10.33 -27.79
C VAL D 975 46.27 -10.69 -27.40
N LEU D 976 45.29 -9.88 -27.84
CA LEU D 976 43.90 -10.22 -27.59
C LEU D 976 43.57 -11.59 -28.15
N GLN D 977 44.03 -11.89 -29.36
CA GLN D 977 43.71 -13.16 -30.00
C GLN D 977 44.27 -14.33 -29.22
N GLU D 978 45.55 -14.25 -28.83
CA GLU D 978 46.13 -15.34 -28.06
C GLU D 978 45.43 -15.48 -26.70
N PHE D 979 45.03 -14.36 -26.10
CA PHE D 979 44.29 -14.42 -24.85
C PHE D 979 42.97 -15.15 -25.04
N GLU D 980 42.25 -14.83 -26.12
CA GLU D 980 41.00 -15.53 -26.41
C GLU D 980 41.25 -17.02 -26.58
N ARG D 981 42.30 -17.38 -27.30
CA ARG D 981 42.63 -18.80 -27.47
C ARG D 981 42.86 -19.46 -26.12
N ILE D 982 43.65 -18.82 -25.25
CA ILE D 982 43.90 -19.38 -23.94
C ILE D 982 42.66 -19.32 -23.08
N ALA D 983 41.90 -18.22 -23.16
CA ALA D 983 40.65 -18.13 -22.42
C ALA D 983 39.68 -19.24 -22.84
N GLU D 984 39.76 -19.67 -24.10
CA GLU D 984 38.92 -20.74 -24.58
C GLU D 984 39.34 -22.11 -24.09
N ARG D 985 40.61 -22.28 -23.74
CA ARG D 985 41.15 -23.59 -23.40
C ARG D 985 40.84 -24.02 -21.97
N GLY D 986 39.94 -23.32 -21.30
CA GLY D 986 39.55 -23.70 -19.96
C GLY D 986 40.22 -22.94 -18.84
N GLY D 987 41.01 -21.92 -19.14
CA GLY D 987 41.62 -21.11 -18.13
C GLY D 987 43.03 -21.54 -17.75
N VAL D 988 43.59 -20.79 -16.80
CA VAL D 988 44.99 -20.97 -16.42
C VAL D 988 45.19 -22.35 -15.80
N LEU D 989 44.27 -22.78 -14.93
CA LEU D 989 44.41 -24.08 -14.28
C LEU D 989 44.36 -25.20 -15.32
N GLY D 990 43.43 -25.11 -16.27
CA GLY D 990 43.39 -26.09 -17.33
C GLY D 990 44.65 -26.12 -18.17
N ALA D 991 45.18 -24.94 -18.50
CA ALA D 991 46.42 -24.89 -19.28
C ALA D 991 47.58 -25.51 -18.52
N MET D 992 47.68 -25.22 -17.22
CA MET D 992 48.75 -25.81 -16.41
C MET D 992 48.60 -27.32 -16.32
N GLU D 993 47.38 -27.82 -16.15
CA GLU D 993 47.15 -29.25 -16.18
C GLU D 993 47.54 -29.82 -17.54
N THR D 994 47.36 -29.03 -18.60
CA THR D 994 47.58 -29.47 -19.96
C THR D 994 49.06 -29.60 -20.32
N GLY D 995 49.91 -28.72 -19.81
CA GLY D 995 51.21 -28.53 -20.40
C GLY D 995 51.13 -27.87 -21.75
N TYR D 996 50.09 -27.07 -21.99
CA TYR D 996 49.94 -26.39 -23.27
C TYR D 996 51.10 -25.45 -23.53
N GLN D 997 51.52 -24.71 -22.50
CA GLN D 997 52.69 -23.86 -22.61
C GLN D 997 53.94 -24.66 -22.97
N ARG D 998 54.00 -25.91 -22.50
CA ARG D 998 55.12 -26.78 -22.89
C ARG D 998 55.13 -26.97 -24.39
N GLY D 999 53.96 -27.26 -24.98
CA GLY D 999 53.90 -27.38 -26.43
C GLY D 999 54.26 -26.08 -27.12
N LYS D 1000 53.81 -24.95 -26.56
CA LYS D 1000 54.16 -23.66 -27.12
C LYS D 1000 55.67 -23.47 -27.20
N ILE D 1001 56.36 -23.67 -26.08
CA ILE D 1001 57.80 -23.46 -26.06
C ILE D 1001 58.51 -24.50 -26.91
N GLN D 1002 57.99 -25.73 -26.93
CA GLN D 1002 58.60 -26.77 -27.76
C GLN D 1002 58.55 -26.39 -29.24
N GLU D 1003 57.38 -25.93 -29.70
CA GLU D 1003 57.27 -25.49 -31.08
C GLU D 1003 58.15 -24.28 -31.35
N GLU D 1004 58.20 -23.34 -30.40
CA GLU D 1004 59.04 -22.17 -30.59
C GLU D 1004 60.50 -22.55 -30.77
N SER D 1005 61.02 -23.39 -29.87
CA SER D 1005 62.40 -23.82 -29.96
C SER D 1005 62.66 -24.61 -31.23
N LEU D 1006 61.74 -25.51 -31.59
CA LEU D 1006 61.93 -26.32 -32.79
C LEU D 1006 61.97 -25.46 -34.04
N TYR D 1007 61.07 -24.47 -34.14
CA TYR D 1007 61.09 -23.60 -35.31
C TYR D 1007 62.31 -22.71 -35.32
N TYR D 1008 62.74 -22.24 -34.14
CA TYR D 1008 63.93 -21.40 -34.08
C TYR D 1008 65.16 -22.16 -34.54
N GLU D 1009 65.31 -23.41 -34.07
CA GLU D 1009 66.46 -24.19 -34.51
C GLU D 1009 66.31 -24.63 -35.97
N GLN D 1010 65.07 -24.76 -36.44
CA GLN D 1010 64.85 -24.97 -37.88
C GLN D 1010 65.41 -23.81 -38.68
N LEU D 1011 65.11 -22.59 -38.25
CA LEU D 1011 65.67 -21.40 -38.90
C LEU D 1011 67.18 -21.36 -38.79
N LYS D 1012 67.71 -21.71 -37.62
CA LYS D 1012 69.15 -21.66 -37.38
C LYS D 1012 69.88 -22.64 -38.29
N HIS D 1013 69.46 -23.91 -38.29
CA HIS D 1013 70.08 -24.90 -39.16
C HIS D 1013 69.84 -24.58 -40.63
N ASP D 1014 68.71 -23.95 -40.94
CA ASP D 1014 68.43 -23.53 -42.30
C ASP D 1014 69.40 -22.44 -42.75
N GLY D 1015 69.84 -21.59 -41.82
CA GLY D 1015 70.67 -20.47 -42.17
C GLY D 1015 69.90 -19.27 -42.69
N THR D 1016 68.60 -19.43 -42.96
CA THR D 1016 67.78 -18.30 -43.39
C THR D 1016 67.63 -17.27 -42.29
N LEU D 1017 67.69 -17.69 -41.02
CA LEU D 1017 67.66 -16.76 -39.91
C LEU D 1017 68.99 -16.04 -39.86
N PRO D 1018 69.05 -14.72 -40.01
CA PRO D 1018 70.34 -14.03 -40.04
C PRO D 1018 70.97 -13.98 -38.66
N ILE D 1019 72.15 -14.57 -38.54
CA ILE D 1019 72.94 -14.55 -37.31
C ILE D 1019 74.29 -13.94 -37.67
N ILE D 1020 74.48 -12.68 -37.32
CA ILE D 1020 75.75 -12.01 -37.62
C ILE D 1020 76.85 -12.62 -36.76
N GLY D 1021 77.94 -13.02 -37.39
CA GLY D 1021 79.06 -13.62 -36.71
C GLY D 1021 79.01 -15.12 -36.56
N VAL D 1022 77.88 -15.76 -36.88
CA VAL D 1022 77.78 -17.21 -36.77
C VAL D 1022 77.45 -17.82 -38.13
N ASN D 1023 76.29 -17.48 -38.67
CA ASN D 1023 75.91 -17.93 -40.01
C ASN D 1023 76.56 -17.10 -41.11
N THR D 1024 77.05 -15.90 -40.77
CA THR D 1024 77.73 -15.05 -41.71
C THR D 1024 78.75 -14.23 -40.94
N PHE D 1025 79.57 -13.48 -41.67
CA PHE D 1025 80.65 -12.70 -41.06
C PHE D 1025 81.53 -13.58 -40.19
N ARG D 1026 81.84 -14.78 -40.69
CA ARG D 1026 82.66 -15.72 -39.95
C ARG D 1026 84.05 -15.14 -39.71
N ASN D 1027 84.63 -15.48 -38.57
CA ASN D 1027 85.98 -15.04 -38.26
C ASN D 1027 86.95 -15.63 -39.26
N PRO D 1028 87.77 -14.81 -39.94
CA PRO D 1028 88.67 -15.34 -40.96
C PRO D 1028 89.67 -16.37 -40.44
N ASN D 1029 90.12 -16.24 -39.20
CA ASN D 1029 91.06 -17.18 -38.61
C ASN D 1029 90.40 -18.20 -37.70
N GLY D 1030 89.49 -17.78 -36.83
CA GLY D 1030 88.82 -18.68 -35.93
C GLY D 1030 87.79 -19.56 -36.61
N LEU D 1039 82.39 -21.24 -9.47
CA LEU D 1039 83.26 -22.30 -9.01
C LEU D 1039 83.67 -22.09 -7.56
N ALA D 1040 82.69 -21.78 -6.71
CA ALA D 1040 82.94 -21.54 -5.31
C ALA D 1040 82.83 -22.85 -4.52
N ARG D 1041 83.86 -23.11 -3.71
CA ARG D 1041 83.91 -24.31 -2.89
C ARG D 1041 84.10 -23.91 -1.44
N SER D 1042 83.56 -24.74 -0.55
CA SER D 1042 83.72 -24.54 0.88
C SER D 1042 84.46 -25.75 1.45
N SER D 1043 85.34 -25.48 2.42
CA SER D 1043 86.03 -26.56 3.09
C SER D 1043 85.03 -27.44 3.83
N GLU D 1044 85.32 -28.74 3.86
CA GLU D 1044 84.45 -29.67 4.57
C GLU D 1044 84.28 -29.28 6.03
N ASP D 1045 85.30 -28.65 6.61
CA ASP D 1045 85.24 -28.29 8.02
C ASP D 1045 84.16 -27.26 8.29
N GLU D 1046 84.00 -26.28 7.40
CA GLU D 1046 82.92 -25.30 7.58
C GLU D 1046 81.56 -25.98 7.56
N LYS D 1047 81.36 -26.89 6.61
CA LYS D 1047 80.10 -27.63 6.53
C LYS D 1047 79.88 -28.48 7.77
N GLN D 1048 80.93 -29.13 8.26
CA GLN D 1048 80.81 -29.94 9.46
C GLN D 1048 80.48 -29.10 10.68
N SER D 1049 81.09 -27.93 10.81
CA SER D 1049 80.77 -27.04 11.91
C SER D 1049 79.33 -26.55 11.83
N GLN D 1050 78.87 -26.21 10.62
CA GLN D 1050 77.48 -25.78 10.46
C GLN D 1050 76.51 -26.91 10.78
N LEU D 1051 76.82 -28.13 10.35
CA LEU D 1051 75.98 -29.28 10.67
C LEU D 1051 75.97 -29.56 12.17
N HIS D 1052 77.13 -29.39 12.81
CA HIS D 1052 77.20 -29.55 14.26
C HIS D 1052 76.34 -28.50 14.96
N ARG D 1053 76.34 -27.26 14.45
CA ARG D 1053 75.44 -26.24 14.98
C ARG D 1053 73.99 -26.64 14.77
N LEU D 1054 73.67 -27.22 13.61
CA LEU D 1054 72.30 -27.68 13.36
C LEU D 1054 71.88 -28.72 14.39
N THR D 1055 72.74 -29.72 14.62
CA THR D 1055 72.45 -30.75 15.60
C THR D 1055 72.36 -30.18 17.01
N GLU D 1056 73.22 -29.22 17.34
CA GLU D 1056 73.17 -28.56 18.63
C GLU D 1056 71.83 -27.83 18.82
N PHE D 1057 71.36 -27.17 17.76
CA PHE D 1057 70.01 -26.61 17.79
C PHE D 1057 68.98 -27.70 18.00
N HIS D 1058 69.14 -28.82 17.32
CA HIS D 1058 68.32 -29.99 17.60
C HIS D 1058 68.55 -30.46 19.03
N GLY D 1059 69.82 -30.49 19.47
CA GLY D 1059 70.12 -30.78 20.85
C GLY D 1059 69.70 -29.69 21.81
N ALA D 1060 69.55 -28.45 21.32
CA ALA D 1060 68.99 -27.40 22.16
C ALA D 1060 67.49 -27.53 22.27
N HIS D 1061 66.83 -28.04 21.22
CA HIS D 1061 65.38 -28.07 21.14
C HIS D 1061 64.82 -29.49 21.20
N GLN D 1062 65.68 -30.47 21.53
CA GLN D 1062 65.25 -31.86 21.55
C GLN D 1062 64.15 -32.10 22.58
N ALA D 1063 64.35 -31.63 23.81
CA ALA D 1063 63.36 -31.87 24.86
C ALA D 1063 62.06 -31.15 24.55
N ASP D 1064 62.14 -29.99 23.90
CA ASP D 1064 60.97 -29.22 23.51
C ASP D 1064 60.50 -29.53 22.10
N ALA D 1065 61.16 -30.46 21.40
CA ALA D 1065 60.80 -30.76 20.01
C ALA D 1065 59.37 -31.25 19.91
N GLU D 1066 58.90 -32.02 20.88
CA GLU D 1066 57.54 -32.54 20.84
C GLU D 1066 56.52 -31.40 20.82
N ALA D 1067 56.80 -30.32 21.55
CA ALA D 1067 55.93 -29.15 21.50
C ALA D 1067 55.88 -28.60 20.08
N MET D 1068 57.03 -28.54 19.41
CA MET D 1068 57.07 -28.05 18.04
C MET D 1068 56.26 -28.94 17.11
N LEU D 1069 56.38 -30.26 17.29
CA LEU D 1069 55.62 -31.18 16.44
C LEU D 1069 54.13 -31.06 16.69
N ALA D 1070 53.74 -30.89 17.96
CA ALA D 1070 52.34 -30.67 18.29
C ALA D 1070 51.83 -29.40 17.63
N ARG D 1071 52.63 -28.33 17.69
CA ARG D 1071 52.28 -27.08 17.03
C ARG D 1071 52.10 -27.30 15.53
N LEU D 1072 53.02 -28.03 14.91
CA LEU D 1072 52.93 -28.30 13.48
C LEU D 1072 51.63 -29.02 13.15
N ARG D 1073 51.31 -30.08 13.90
CA ARG D 1073 50.16 -30.89 13.54
C ARG D 1073 48.86 -30.15 13.83
N GLN D 1074 48.84 -29.33 14.89
CA GLN D 1074 47.66 -28.53 15.18
C GLN D 1074 47.44 -27.49 14.09
N ALA D 1075 48.51 -26.83 13.63
CA ALA D 1075 48.37 -25.96 12.46
C ALA D 1075 47.92 -26.74 11.24
N VAL D 1076 48.35 -27.99 11.14
CA VAL D 1076 48.03 -28.83 9.98
C VAL D 1076 46.54 -29.09 9.91
N ILE D 1077 45.94 -29.55 11.01
CA ILE D 1077 44.58 -30.05 10.96
C ILE D 1077 43.60 -28.93 10.64
N ASP D 1078 43.77 -27.78 11.27
CA ASP D 1078 42.78 -26.69 11.15
C ASP D 1078 42.86 -25.97 9.81
N ASN D 1079 43.98 -26.09 9.09
CA ASN D 1079 44.10 -25.52 7.75
C ASN D 1079 43.88 -24.01 7.77
N ARG D 1080 44.37 -23.36 8.82
CA ARG D 1080 44.21 -21.92 8.96
C ARG D 1080 45.49 -21.21 8.50
N ASN D 1081 45.57 -19.91 8.73
CA ASN D 1081 46.76 -19.14 8.36
C ASN D 1081 47.96 -19.70 9.10
N VAL D 1082 48.98 -20.08 8.34
CA VAL D 1082 50.11 -20.79 8.95
C VAL D 1082 51.10 -19.83 9.57
N PHE D 1083 51.20 -18.60 9.05
CA PHE D 1083 52.26 -17.70 9.50
C PHE D 1083 52.19 -17.45 11.00
N ALA D 1084 50.99 -17.34 11.57
CA ALA D 1084 50.88 -17.21 13.01
C ALA D 1084 51.56 -18.36 13.71
N VAL D 1085 51.38 -19.58 13.18
CA VAL D 1085 52.16 -20.71 13.65
C VAL D 1085 53.61 -20.57 13.23
N LEU D 1086 53.86 -20.11 12.00
CA LEU D 1086 55.23 -19.97 11.52
C LEU D 1086 55.98 -18.87 12.26
N MET D 1087 55.30 -17.79 12.64
CA MET D 1087 55.95 -16.68 13.31
C MET D 1087 56.62 -17.10 14.62
N ASP D 1088 56.15 -18.18 15.23
CA ASP D 1088 56.72 -18.67 16.48
C ASP D 1088 57.49 -19.98 16.31
N ALA D 1089 56.99 -20.90 15.47
CA ALA D 1089 57.65 -22.19 15.33
C ALA D 1089 59.08 -22.04 14.83
N VAL D 1090 59.28 -21.24 13.77
CA VAL D 1090 60.61 -21.07 13.20
C VAL D 1090 61.61 -20.51 14.21
N ARG D 1091 61.15 -19.76 15.20
CA ARG D 1091 62.00 -19.36 16.32
C ARG D 1091 62.56 -20.56 17.07
N VAL D 1092 61.87 -21.71 16.97
CA VAL D 1092 62.36 -22.95 17.57
C VAL D 1092 62.39 -24.10 16.57
N CYS D 1093 62.17 -23.84 15.29
CA CYS D 1093 62.19 -24.88 14.26
C CYS D 1093 63.12 -24.46 13.13
N SER D 1094 63.88 -25.43 12.64
CA SER D 1094 64.70 -25.22 11.46
C SER D 1094 63.87 -25.48 10.21
N LEU D 1095 64.30 -24.85 9.10
CA LEU D 1095 63.51 -24.88 7.88
C LEU D 1095 63.37 -26.29 7.33
N GLY D 1096 64.45 -27.07 7.36
CA GLY D 1096 64.39 -28.41 6.79
C GLY D 1096 63.40 -29.31 7.50
N GLN D 1097 63.36 -29.21 8.83
CA GLN D 1097 62.38 -29.98 9.60
C GLN D 1097 60.96 -29.57 9.21
N ILE D 1098 60.74 -28.27 9.03
CA ILE D 1098 59.42 -27.78 8.62
C ILE D 1098 59.04 -28.34 7.27
N THR D 1099 59.99 -28.34 6.33
CA THR D 1099 59.72 -28.90 5.00
C THR D 1099 59.41 -30.39 5.09
N HIS D 1100 60.16 -31.12 5.92
CA HIS D 1100 59.89 -32.54 6.07
C HIS D 1100 58.50 -32.77 6.66
N ALA D 1101 58.10 -31.96 7.63
CA ALA D 1101 56.75 -32.05 8.17
C ALA D 1101 55.71 -31.69 7.12
N LEU D 1102 56.04 -30.76 6.23
CA LEU D 1102 55.12 -30.41 5.15
C LEU D 1102 54.96 -31.57 4.18
N PHE D 1103 56.05 -32.25 3.86
CA PHE D 1103 55.93 -33.47 3.06
C PHE D 1103 55.06 -34.49 3.80
N GLU D 1104 55.21 -34.53 5.12
CA GLU D 1104 54.35 -35.37 5.95
C GLU D 1104 52.89 -34.99 5.83
N VAL D 1105 52.58 -33.70 5.65
CA VAL D 1105 51.18 -33.28 5.54
C VAL D 1105 50.52 -33.72 4.24
N GLY D 1106 51.31 -34.13 3.25
CA GLY D 1106 50.77 -34.49 1.96
C GLY D 1106 50.79 -33.37 0.93
N GLY D 1107 51.36 -32.22 1.26
CA GLY D 1107 51.53 -31.16 0.30
C GLY D 1107 52.54 -31.45 -0.79
N GLN D 1108 53.25 -32.57 -0.66
CA GLN D 1108 54.18 -33.01 -1.68
C GLN D 1108 53.46 -33.21 -3.01
N TYR D 1109 54.02 -32.64 -4.07
CA TYR D 1109 53.50 -32.86 -5.40
C TYR D 1109 53.79 -34.30 -5.84
N ARG D 1110 52.85 -34.90 -6.56
CA ARG D 1110 52.96 -36.27 -7.02
C ARG D 1110 53.15 -36.30 -8.53
N ARG D 1111 54.07 -37.12 -8.99
CA ARG D 1111 54.39 -37.24 -10.41
C ARG D 1111 53.30 -38.07 -11.08
N ASN D 1112 52.17 -37.42 -11.37
CA ASN D 1112 51.07 -38.05 -12.09
C ASN D 1112 50.83 -37.41 -13.45
N MET D 1113 51.76 -36.57 -13.90
CA MET D 1113 51.63 -35.91 -15.20
C MET D 1113 52.39 -36.70 -16.26
#